data_2K5U
#
_entry.id   2K5U
#
loop_
_entity.id
_entity.type
_entity.pdbx_description
1 polymer 'ADP-ribosylation factor 1'
2 non-polymer "GUANOSINE-5'-DIPHOSPHATE"
#
_entity_poly.entity_id   1
_entity_poly.type   'polypeptide(L)'
_entity_poly.pdbx_seq_one_letter_code
;(MYR)GLFASKLFSNLFGNKEMRILMVGLDGAGKTTVLYKLKLGEVITTIPTIGFNVETVQYKNISFTVWDVGGQDRIRS
LWRHYYRNTEGVIFVVDSNDRSRIGEAREVMQRMLNEDELRNAAWLVFANKQDLPEAMSAAEITEKLGLHSIRNRPWFIQ
ATCATSGEGLYEGLEWLSNSLKNST
;
_entity_poly.pdbx_strand_id   A
#
loop_
_chem_comp.id
_chem_comp.type
_chem_comp.name
_chem_comp.formula
GDP RNA linking GUANOSINE-5'-DIPHOSPHATE 'C10 H15 N5 O11 P2'
MYR non-polymer 'MYRISTIC ACID' 'C14 H28 O2'
#
# COMPACT_ATOMS: atom_id res chain seq x y z
C1 MYR A 1 11.94 2.66 -14.74
O1 MYR A 1 12.22 1.49 -14.51
C2 MYR A 1 12.01 3.70 -13.63
C3 MYR A 1 10.81 3.66 -12.71
C4 MYR A 1 11.04 2.72 -11.53
C5 MYR A 1 9.76 1.99 -11.15
C6 MYR A 1 8.88 2.85 -10.25
C7 MYR A 1 8.52 2.12 -8.97
C8 MYR A 1 7.84 3.05 -7.97
C9 MYR A 1 7.11 2.29 -6.88
C10 MYR A 1 5.71 1.90 -7.32
C11 MYR A 1 5.68 0.50 -7.92
C12 MYR A 1 4.28 -0.09 -7.89
C13 MYR A 1 3.36 0.58 -8.89
C14 MYR A 1 2.79 -0.36 -9.93
H21 MYR A 1 12.07 4.68 -14.09
H22 MYR A 1 12.91 3.53 -13.05
H31 MYR A 1 9.95 3.32 -13.27
H32 MYR A 1 10.62 4.66 -12.33
H41 MYR A 1 11.39 3.30 -10.69
H42 MYR A 1 11.79 2.00 -11.81
H51 MYR A 1 10.04 1.10 -10.61
H52 MYR A 1 9.22 1.73 -12.04
H61 MYR A 1 7.98 3.09 -10.79
H62 MYR A 1 9.41 3.76 -10.00
H71 MYR A 1 9.41 1.73 -8.52
H72 MYR A 1 7.84 1.31 -9.20
H81 MYR A 1 7.13 3.68 -8.50
H82 MYR A 1 8.59 3.68 -7.52
H91 MYR A 1 7.05 2.90 -6.00
H92 MYR A 1 7.67 1.39 -6.66
H101 MYR A 1 5.36 2.61 -8.05
H102 MYR A 1 5.06 1.92 -6.46
H111 MYR A 1 6.35 -0.14 -7.37
H112 MYR A 1 6.01 0.56 -8.96
H121 MYR A 1 3.88 0.03 -6.89
H122 MYR A 1 4.34 -1.15 -8.12
H131 MYR A 1 3.90 1.37 -9.40
H132 MYR A 1 2.53 1.01 -8.35
H141 MYR A 1 3.02 0.03 -10.91
H142 MYR A 1 1.72 -0.43 -9.81
H143 MYR A 1 3.23 -1.33 -9.81
N GLY A 2 11.56 3.11 -15.94
CA GLY A 2 11.45 2.19 -17.06
C GLY A 2 12.79 1.60 -17.44
N LEU A 3 13.79 2.44 -17.61
CA LEU A 3 15.13 1.99 -17.98
C LEU A 3 16.06 1.98 -16.77
N PHE A 4 16.51 3.17 -16.38
CA PHE A 4 17.41 3.30 -15.22
C PHE A 4 18.69 2.50 -15.45
N ALA A 5 19.71 3.17 -15.98
CA ALA A 5 20.99 2.52 -16.24
C ALA A 5 20.82 1.34 -17.20
N SER A 6 19.88 1.47 -18.11
CA SER A 6 19.61 0.42 -19.10
C SER A 6 19.16 -0.86 -18.41
N LYS A 7 20.13 -1.65 -17.92
CA LYS A 7 19.82 -2.91 -17.24
C LYS A 7 19.12 -3.88 -18.18
N LEU A 8 17.81 -3.69 -18.35
CA LEU A 8 17.01 -4.54 -19.23
C LEU A 8 15.87 -3.77 -19.86
N PHE A 9 15.67 -3.96 -21.16
CA PHE A 9 14.60 -3.28 -21.88
C PHE A 9 13.24 -3.61 -21.29
N SER A 10 12.58 -2.58 -20.75
CA SER A 10 11.26 -2.75 -20.15
C SER A 10 10.16 -2.64 -21.21
N ASN A 11 8.93 -2.96 -20.82
CA ASN A 11 7.80 -2.89 -21.75
C ASN A 11 6.64 -2.11 -21.15
N LEU A 12 6.80 -1.60 -19.93
CA LEU A 12 5.74 -0.85 -19.27
C LEU A 12 5.42 0.43 -20.04
N PHE A 13 4.22 0.49 -20.59
CA PHE A 13 3.77 1.66 -21.35
C PHE A 13 2.50 2.26 -20.76
N GLY A 14 1.93 1.60 -19.75
CA GLY A 14 0.71 2.09 -19.14
C GLY A 14 0.91 3.40 -18.40
N ASN A 15 -0.15 4.20 -18.33
CA ASN A 15 -0.10 5.49 -17.66
C ASN A 15 -1.50 6.05 -17.48
N LYS A 16 -2.47 5.17 -17.29
CA LYS A 16 -3.86 5.57 -17.11
C LYS A 16 -4.14 6.05 -15.69
N GLU A 17 -3.36 7.04 -15.24
CA GLU A 17 -3.53 7.59 -13.91
C GLU A 17 -3.28 6.54 -12.82
N MET A 18 -2.19 6.71 -12.09
CA MET A 18 -1.82 5.79 -11.02
C MET A 18 -1.19 6.53 -9.85
N ARG A 19 -1.70 6.28 -8.64
CA ARG A 19 -1.16 6.94 -7.45
C ARG A 19 -1.19 5.98 -6.26
N ILE A 20 -0.05 5.33 -6.03
CA ILE A 20 0.06 4.35 -4.95
C ILE A 20 0.27 5.00 -3.59
N LEU A 21 -0.60 4.66 -2.64
CA LEU A 21 -0.52 5.19 -1.29
C LEU A 21 -0.42 4.05 -0.28
N MET A 22 0.20 4.32 0.86
CA MET A 22 0.36 3.31 1.90
C MET A 22 -0.73 3.44 2.96
N VAL A 23 -1.63 2.46 2.99
CA VAL A 23 -2.73 2.46 3.95
C VAL A 23 -2.68 1.21 4.83
N GLY A 24 -3.03 1.37 6.10
CA GLY A 24 -3.03 0.25 7.01
C GLY A 24 -2.77 0.66 8.45
N LEU A 25 -2.49 -0.31 9.30
CA LEU A 25 -2.23 -0.04 10.71
C LEU A 25 -0.85 0.56 10.90
N ASP A 26 -0.71 1.36 11.96
CA ASP A 26 0.57 1.99 12.26
C ASP A 26 1.62 0.94 12.63
N GLY A 27 2.87 1.21 12.28
CA GLY A 27 3.93 0.28 12.60
C GLY A 27 3.97 -0.92 11.67
N ALA A 28 3.05 -0.97 10.70
CA ALA A 28 3.00 -2.09 9.76
C ALA A 28 4.30 -2.21 8.97
N GLY A 29 4.98 -1.09 8.77
CA GLY A 29 6.23 -1.10 8.02
C GLY A 29 6.27 -0.06 6.92
N LYS A 30 5.59 1.06 7.14
CA LYS A 30 5.57 2.15 6.15
C LYS A 30 6.91 2.88 6.15
N THR A 31 7.53 2.95 7.33
CA THR A 31 8.82 3.63 7.48
C THR A 31 9.89 2.94 6.65
N THR A 32 9.98 1.62 6.76
CA THR A 32 10.97 0.86 6.02
C THR A 32 10.68 0.90 4.52
N VAL A 33 9.41 0.72 4.17
CA VAL A 33 9.00 0.73 2.77
C VAL A 33 9.18 2.11 2.17
N LEU A 34 8.91 3.15 2.96
CA LEU A 34 9.05 4.52 2.48
C LEU A 34 10.46 4.76 1.94
N TYR A 35 11.45 4.40 2.74
CA TYR A 35 12.84 4.56 2.35
C TYR A 35 13.13 3.79 1.07
N LYS A 36 12.52 2.61 0.94
CA LYS A 36 12.71 1.78 -0.24
C LYS A 36 12.27 2.51 -1.51
N LEU A 37 11.16 3.22 -1.42
CA LEU A 37 10.62 3.97 -2.55
C LEU A 37 11.52 5.15 -2.92
N LYS A 38 12.46 5.48 -2.03
CA LYS A 38 13.39 6.59 -2.26
C LYS A 38 12.77 7.93 -1.84
N LEU A 39 11.46 8.08 -2.06
CA LEU A 39 10.75 9.31 -1.71
C LEU A 39 10.97 10.41 -2.75
N GLY A 40 10.22 10.33 -3.84
CA GLY A 40 10.33 11.32 -4.90
C GLY A 40 10.43 12.74 -4.39
N GLU A 41 9.30 13.42 -4.29
CA GLU A 41 9.31 14.80 -3.79
C GLU A 41 8.96 14.83 -2.31
N VAL A 42 9.96 15.15 -1.50
CA VAL A 42 9.76 15.20 -0.05
C VAL A 42 8.85 16.36 0.34
N ILE A 43 7.59 16.04 0.63
CA ILE A 43 6.61 17.05 1.03
C ILE A 43 6.02 16.72 2.41
N THR A 44 5.91 17.75 3.24
CA THR A 44 5.37 17.57 4.58
C THR A 44 4.23 18.55 4.84
N THR A 45 3.03 18.02 5.03
CA THR A 45 1.85 18.85 5.27
C THR A 45 1.01 18.31 6.43
N ILE A 46 0.08 19.12 6.90
CA ILE A 46 -0.80 18.74 8.00
C ILE A 46 -2.25 19.09 7.67
N PRO A 47 -3.15 18.07 7.60
CA PRO A 47 -4.55 18.29 7.29
C PRO A 47 -5.28 19.08 8.38
N THR A 48 -5.00 18.77 9.64
CA THR A 48 -5.65 19.45 10.74
C THR A 48 -5.04 19.03 12.10
N ILE A 49 -5.28 19.85 13.12
CA ILE A 49 -4.78 19.61 14.47
C ILE A 49 -3.35 19.02 14.45
N GLY A 50 -3.21 17.73 14.79
CA GLY A 50 -1.90 17.12 14.83
C GLY A 50 -1.80 15.87 13.96
N PHE A 51 -2.03 16.02 12.67
CA PHE A 51 -1.94 14.91 11.74
C PHE A 51 -0.75 15.07 10.80
N ASN A 52 0.11 14.07 10.76
CA ASN A 52 1.29 14.12 9.91
C ASN A 52 1.12 13.25 8.66
N VAL A 53 1.18 13.89 7.50
CA VAL A 53 1.03 13.16 6.24
C VAL A 53 2.18 13.51 5.28
N GLU A 54 2.62 12.52 4.52
CA GLU A 54 3.71 12.72 3.57
C GLU A 54 3.22 12.55 2.13
N THR A 55 3.77 13.35 1.23
CA THR A 55 3.39 13.29 -0.17
C THR A 55 4.61 13.40 -1.08
N VAL A 56 4.65 12.58 -2.12
CA VAL A 56 5.76 12.58 -3.07
C VAL A 56 5.27 12.37 -4.50
N GLN A 57 5.95 12.98 -5.45
CA GLN A 57 5.58 12.86 -6.86
C GLN A 57 6.72 12.26 -7.67
N TYR A 58 6.39 11.36 -8.58
CA TYR A 58 7.39 10.72 -9.43
C TYR A 58 6.96 10.74 -10.89
N LYS A 59 7.44 11.74 -11.63
CA LYS A 59 7.11 11.88 -13.04
C LYS A 59 5.60 12.00 -13.24
N ASN A 60 4.92 10.86 -13.30
CA ASN A 60 3.47 10.85 -13.48
C ASN A 60 2.78 10.13 -12.33
N ILE A 61 3.40 9.06 -11.85
CA ILE A 61 2.83 8.29 -10.74
C ILE A 61 3.10 8.97 -9.40
N SER A 62 2.03 9.21 -8.66
CA SER A 62 2.13 9.87 -7.36
C SER A 62 2.12 8.85 -6.22
N PHE A 63 2.65 9.25 -5.07
CA PHE A 63 2.70 8.36 -3.91
C PHE A 63 2.47 9.14 -2.62
N THR A 64 1.70 8.56 -1.71
CA THR A 64 1.40 9.20 -0.44
C THR A 64 1.29 8.18 0.69
N VAL A 65 1.95 8.46 1.81
CA VAL A 65 1.95 7.56 2.96
C VAL A 65 1.25 8.19 4.16
N TRP A 66 0.51 7.37 4.91
CA TRP A 66 -0.20 7.84 6.10
C TRP A 66 -0.85 6.66 6.83
N ASP A 67 -0.85 6.74 8.16
CA ASP A 67 -1.43 5.68 8.98
C ASP A 67 -2.94 5.84 9.12
N VAL A 68 -3.59 4.80 9.60
CA VAL A 68 -5.04 4.81 9.79
C VAL A 68 -5.46 3.85 10.90
N GLY A 69 -6.58 4.16 11.55
CA GLY A 69 -7.06 3.32 12.63
C GLY A 69 -8.33 3.88 13.24
N GLY A 70 -8.96 3.12 14.14
CA GLY A 70 -10.18 3.60 14.78
C GLY A 70 -9.93 4.81 15.63
N GLN A 71 -8.96 4.70 16.53
CA GLN A 71 -8.60 5.80 17.42
C GLN A 71 -8.21 7.05 16.63
N ASP A 72 -7.85 6.86 15.36
CA ASP A 72 -7.45 7.96 14.51
C ASP A 72 -8.66 8.73 13.99
N ARG A 73 -8.52 10.04 13.87
CA ARG A 73 -9.60 10.89 13.39
C ARG A 73 -9.51 11.09 11.87
N ILE A 74 -10.41 11.90 11.32
CA ILE A 74 -10.42 12.17 9.89
C ILE A 74 -10.73 13.64 9.60
N ARG A 75 -10.66 14.00 8.33
CA ARG A 75 -10.93 15.38 7.91
C ARG A 75 -11.38 15.41 6.45
N SER A 76 -11.08 16.51 5.75
CA SER A 76 -11.47 16.65 4.34
C SER A 76 -10.26 16.53 3.42
N LEU A 77 -9.05 16.49 4.00
CA LEU A 77 -7.83 16.39 3.22
C LEU A 77 -7.62 14.97 2.70
N TRP A 78 -7.93 13.99 3.56
CA TRP A 78 -7.77 12.59 3.19
C TRP A 78 -8.74 12.20 2.08
N ARG A 79 -9.93 12.79 2.11
CA ARG A 79 -10.96 12.51 1.11
C ARG A 79 -10.53 13.01 -0.26
N HIS A 80 -10.09 14.27 -0.32
CA HIS A 80 -9.65 14.88 -1.57
C HIS A 80 -8.65 13.98 -2.30
N TYR A 81 -7.57 13.63 -1.61
CA TYR A 81 -6.55 12.78 -2.19
C TYR A 81 -7.07 11.35 -2.37
N TYR A 82 -8.10 10.99 -1.62
CA TYR A 82 -8.68 9.66 -1.69
C TYR A 82 -9.09 9.31 -3.12
N ARG A 83 -10.02 10.08 -3.69
CA ARG A 83 -10.47 9.82 -5.05
C ARG A 83 -9.30 9.95 -6.02
N ASN A 84 -8.55 11.04 -5.89
CA ASN A 84 -7.42 11.32 -6.76
C ASN A 84 -6.42 10.17 -6.76
N THR A 85 -6.37 9.43 -5.65
CA THR A 85 -5.47 8.29 -5.53
C THR A 85 -5.87 7.20 -6.53
N GLU A 86 -4.88 6.52 -7.11
CA GLU A 86 -5.16 5.47 -8.09
C GLU A 86 -4.45 4.17 -7.74
N GLY A 87 -3.76 4.15 -6.60
CA GLY A 87 -3.05 2.96 -6.19
C GLY A 87 -3.23 2.68 -4.70
N VAL A 88 -3.94 1.61 -4.39
CA VAL A 88 -4.19 1.24 -3.00
C VAL A 88 -3.39 0.02 -2.59
N ILE A 89 -2.40 0.23 -1.70
CA ILE A 89 -1.56 -0.86 -1.22
C ILE A 89 -1.63 -0.97 0.29
N PHE A 90 -2.21 -2.07 0.78
CA PHE A 90 -2.34 -2.30 2.21
C PHE A 90 -1.17 -3.10 2.75
N VAL A 91 -0.54 -2.60 3.80
CA VAL A 91 0.59 -3.28 4.41
C VAL A 91 0.37 -3.47 5.91
N VAL A 92 0.40 -4.72 6.35
CA VAL A 92 0.19 -5.04 7.76
C VAL A 92 1.44 -5.70 8.35
N ASP A 93 1.49 -5.77 9.69
CA ASP A 93 2.63 -6.39 10.37
C ASP A 93 2.40 -7.88 10.55
N SER A 94 3.36 -8.67 10.09
CA SER A 94 3.26 -10.12 10.19
C SER A 94 3.48 -10.61 11.60
N ASN A 95 4.08 -9.77 12.44
CA ASN A 95 4.34 -10.15 13.82
C ASN A 95 3.34 -9.50 14.78
N ASP A 96 2.36 -8.79 14.24
CA ASP A 96 1.34 -8.15 15.08
C ASP A 96 -0.04 -8.77 14.83
N ARG A 97 -0.17 -10.05 15.19
CA ARG A 97 -1.43 -10.76 15.04
C ARG A 97 -2.51 -10.13 15.91
N SER A 98 -2.13 -9.74 17.12
CA SER A 98 -3.07 -9.12 18.05
C SER A 98 -3.73 -7.89 17.46
N ARG A 99 -3.11 -7.32 16.43
CA ARG A 99 -3.66 -6.13 15.78
C ARG A 99 -4.06 -6.41 14.33
N ILE A 100 -3.90 -7.65 13.90
CA ILE A 100 -4.25 -8.04 12.54
C ILE A 100 -5.72 -7.75 12.26
N GLY A 101 -6.55 -7.92 13.28
CA GLY A 101 -7.95 -7.64 13.15
C GLY A 101 -8.17 -6.16 12.95
N GLU A 102 -7.35 -5.37 13.64
CA GLU A 102 -7.42 -3.92 13.55
C GLU A 102 -7.16 -3.48 12.12
N ALA A 103 -6.21 -4.16 11.47
CA ALA A 103 -5.86 -3.86 10.09
C ALA A 103 -7.02 -4.23 9.17
N ARG A 104 -7.62 -5.39 9.43
CA ARG A 104 -8.75 -5.87 8.64
C ARG A 104 -9.91 -4.87 8.65
N GLU A 105 -10.23 -4.37 9.84
CA GLU A 105 -11.33 -3.42 9.99
C GLU A 105 -11.05 -2.14 9.22
N VAL A 106 -9.82 -1.64 9.35
CA VAL A 106 -9.42 -0.43 8.65
C VAL A 106 -9.52 -0.63 7.14
N MET A 107 -9.10 -1.81 6.70
CA MET A 107 -9.15 -2.16 5.29
C MET A 107 -10.61 -2.32 4.84
N GLN A 108 -11.42 -2.89 5.72
CA GLN A 108 -12.82 -3.13 5.42
C GLN A 108 -13.54 -1.82 5.14
N ARG A 109 -13.31 -0.82 5.98
CA ARG A 109 -13.95 0.48 5.82
C ARG A 109 -13.37 1.21 4.61
N MET A 110 -12.07 1.06 4.41
CA MET A 110 -11.39 1.70 3.29
C MET A 110 -11.86 1.13 1.95
N LEU A 111 -11.97 -0.19 1.88
CA LEU A 111 -12.40 -0.86 0.66
C LEU A 111 -13.87 -0.57 0.35
N ASN A 112 -14.60 -0.04 1.34
CA ASN A 112 -16.01 0.26 1.15
C ASN A 112 -16.21 1.59 0.40
N GLU A 113 -15.11 2.21 -0.03
CA GLU A 113 -15.19 3.48 -0.75
C GLU A 113 -15.55 3.25 -2.21
N ASP A 114 -16.77 3.66 -2.58
CA ASP A 114 -17.26 3.51 -3.95
C ASP A 114 -16.27 4.11 -4.96
N GLU A 115 -15.59 5.17 -4.55
CA GLU A 115 -14.63 5.84 -5.42
C GLU A 115 -13.34 5.03 -5.57
N LEU A 116 -13.19 4.01 -4.73
CA LEU A 116 -12.01 3.15 -4.77
C LEU A 116 -12.37 1.73 -5.23
N ARG A 117 -13.63 1.55 -5.61
CA ARG A 117 -14.11 0.23 -6.06
C ARG A 117 -13.39 -0.21 -7.34
N ASN A 118 -12.83 0.73 -8.09
CA ASN A 118 -12.13 0.41 -9.32
C ASN A 118 -10.62 0.52 -9.16
N ALA A 119 -10.16 0.71 -7.92
CA ALA A 119 -8.74 0.84 -7.64
C ALA A 119 -8.09 -0.51 -7.39
N ALA A 120 -6.83 -0.65 -7.81
CA ALA A 120 -6.09 -1.89 -7.61
C ALA A 120 -5.67 -2.02 -6.16
N TRP A 121 -6.04 -3.13 -5.53
CA TRP A 121 -5.70 -3.34 -4.13
C TRP A 121 -4.67 -4.46 -3.95
N LEU A 122 -3.68 -4.21 -3.11
CA LEU A 122 -2.63 -5.20 -2.87
C LEU A 122 -2.28 -5.27 -1.39
N VAL A 123 -2.06 -6.49 -0.91
CA VAL A 123 -1.69 -6.72 0.47
C VAL A 123 -0.24 -7.18 0.57
N PHE A 124 0.51 -6.62 1.50
CA PHE A 124 1.90 -6.99 1.67
C PHE A 124 2.19 -7.34 3.12
N ALA A 125 2.84 -8.49 3.32
CA ALA A 125 3.21 -8.92 4.66
C ALA A 125 4.63 -8.46 4.93
N ASN A 126 4.82 -7.67 6.00
CA ASN A 126 6.14 -7.16 6.32
C ASN A 126 6.62 -7.68 7.66
N LYS A 127 7.62 -8.56 7.61
CA LYS A 127 8.25 -9.17 8.78
C LYS A 127 8.38 -10.68 8.60
N GLN A 128 8.58 -11.11 7.36
CA GLN A 128 8.71 -12.53 7.07
C GLN A 128 10.06 -13.07 7.53
N ASP A 129 10.98 -12.17 7.84
CA ASP A 129 12.30 -12.57 8.32
C ASP A 129 12.23 -13.04 9.76
N LEU A 130 11.22 -12.56 10.49
CA LEU A 130 11.03 -12.94 11.87
C LEU A 130 10.67 -14.42 12.00
N PRO A 131 11.28 -15.13 12.97
CA PRO A 131 11.02 -16.56 13.17
C PRO A 131 9.61 -16.84 13.70
N GLU A 132 9.01 -15.84 14.34
CA GLU A 132 7.67 -15.99 14.89
C GLU A 132 6.66 -15.16 14.10
N ALA A 133 6.99 -14.86 12.85
CA ALA A 133 6.11 -14.06 12.00
C ALA A 133 5.09 -14.95 11.29
N MET A 134 3.89 -14.42 11.07
CA MET A 134 2.84 -15.15 10.38
C MET A 134 3.11 -15.23 8.88
N SER A 135 2.68 -16.33 8.27
CA SER A 135 2.88 -16.52 6.83
C SER A 135 1.76 -15.86 6.05
N ALA A 136 2.02 -15.57 4.78
CA ALA A 136 1.02 -14.93 3.93
C ALA A 136 -0.27 -15.75 3.91
N ALA A 137 -0.14 -17.07 3.96
CA ALA A 137 -1.30 -17.94 3.93
C ALA A 137 -2.15 -17.79 5.19
N GLU A 138 -1.50 -17.86 6.35
CA GLU A 138 -2.22 -17.72 7.62
C GLU A 138 -2.70 -16.28 7.79
N ILE A 139 -1.91 -15.34 7.29
CA ILE A 139 -2.27 -13.93 7.37
C ILE A 139 -3.45 -13.65 6.45
N THR A 140 -3.41 -14.25 5.27
CA THR A 140 -4.47 -14.08 4.29
C THR A 140 -5.81 -14.53 4.87
N GLU A 141 -5.80 -15.69 5.51
CA GLU A 141 -7.01 -16.25 6.12
C GLU A 141 -7.36 -15.51 7.41
N LYS A 142 -6.34 -15.08 8.15
CA LYS A 142 -6.54 -14.40 9.42
C LYS A 142 -7.18 -13.03 9.24
N LEU A 143 -6.73 -12.29 8.24
CA LEU A 143 -7.27 -10.95 8.00
C LEU A 143 -8.54 -10.99 7.15
N GLY A 144 -9.07 -12.20 6.93
CA GLY A 144 -10.27 -12.33 6.14
C GLY A 144 -10.05 -12.05 4.68
N LEU A 145 -8.80 -12.16 4.22
CA LEU A 145 -8.49 -11.94 2.82
C LEU A 145 -9.32 -12.87 1.97
N HIS A 146 -9.69 -14.00 2.54
CA HIS A 146 -10.51 -14.98 1.86
C HIS A 146 -11.97 -14.52 1.80
N SER A 147 -12.32 -13.65 2.74
CA SER A 147 -13.67 -13.14 2.83
C SER A 147 -13.96 -12.11 1.73
N ILE A 148 -12.92 -11.64 1.06
CA ILE A 148 -13.12 -10.66 0.01
C ILE A 148 -13.12 -11.32 -1.36
N ARG A 149 -14.04 -10.88 -2.21
CA ARG A 149 -14.18 -11.43 -3.55
C ARG A 149 -12.82 -11.60 -4.21
N ASN A 150 -12.72 -12.53 -5.14
CA ASN A 150 -11.46 -12.81 -5.84
C ASN A 150 -11.24 -11.86 -7.00
N ARG A 151 -10.06 -11.23 -7.01
CA ARG A 151 -9.63 -10.26 -8.04
C ARG A 151 -9.24 -8.92 -7.40
N PRO A 152 -10.08 -8.40 -6.48
CA PRO A 152 -9.83 -7.12 -5.80
C PRO A 152 -8.36 -6.93 -5.43
N TRP A 153 -7.84 -7.76 -4.52
CA TRP A 153 -6.45 -7.63 -4.11
C TRP A 153 -5.68 -8.94 -4.10
N PHE A 154 -4.35 -8.80 -4.10
CA PHE A 154 -3.45 -9.95 -4.05
C PHE A 154 -2.66 -9.92 -2.75
N ILE A 155 -2.17 -11.07 -2.30
CA ILE A 155 -1.41 -11.13 -1.06
C ILE A 155 -0.01 -11.71 -1.27
N GLN A 156 0.98 -11.13 -0.59
CA GLN A 156 2.36 -11.60 -0.70
C GLN A 156 3.15 -11.35 0.59
N ALA A 157 3.89 -12.36 1.02
CA ALA A 157 4.71 -12.27 2.22
C ALA A 157 6.08 -11.68 1.89
N THR A 158 6.59 -10.81 2.75
CA THR A 158 7.90 -10.21 2.51
C THR A 158 8.60 -9.87 3.82
N CYS A 159 9.85 -9.42 3.68
CA CYS A 159 10.64 -9.00 4.82
C CYS A 159 11.28 -7.66 4.46
N ALA A 160 10.82 -6.61 5.11
CA ALA A 160 11.30 -5.26 4.82
C ALA A 160 12.80 -5.07 5.09
N THR A 161 13.34 -5.83 6.03
CA THR A 161 14.75 -5.69 6.41
C THR A 161 15.72 -6.24 5.36
N SER A 162 15.52 -7.50 4.98
CA SER A 162 16.41 -8.14 4.00
C SER A 162 16.03 -7.77 2.56
N GLY A 163 14.86 -7.16 2.41
CA GLY A 163 14.40 -6.79 1.08
C GLY A 163 13.88 -7.99 0.31
N GLU A 164 13.86 -9.15 0.95
CA GLU A 164 13.39 -10.37 0.31
C GLU A 164 11.87 -10.36 0.18
N GLY A 165 11.41 -10.37 -1.06
CA GLY A 165 9.98 -10.34 -1.30
C GLY A 165 9.50 -8.97 -1.71
N LEU A 166 10.25 -7.93 -1.36
CA LEU A 166 9.88 -6.57 -1.69
C LEU A 166 10.02 -6.31 -3.20
N TYR A 167 11.13 -6.75 -3.78
CA TYR A 167 11.36 -6.57 -5.21
C TYR A 167 10.38 -7.37 -6.04
N GLU A 168 10.22 -8.65 -5.69
CA GLU A 168 9.30 -9.54 -6.40
C GLU A 168 7.85 -9.07 -6.25
N GLY A 169 7.57 -8.37 -5.16
CA GLY A 169 6.21 -7.89 -4.92
C GLY A 169 5.84 -6.73 -5.82
N LEU A 170 6.77 -5.80 -6.00
CA LEU A 170 6.53 -4.64 -6.85
C LEU A 170 6.57 -5.06 -8.31
N GLU A 171 7.59 -5.84 -8.66
CA GLU A 171 7.75 -6.32 -10.03
C GLU A 171 6.45 -6.98 -10.50
N TRP A 172 5.91 -7.85 -9.65
CA TRP A 172 4.67 -8.55 -9.96
C TRP A 172 3.51 -7.56 -10.09
N LEU A 173 3.44 -6.64 -9.13
CA LEU A 173 2.39 -5.62 -9.13
C LEU A 173 2.46 -4.77 -10.39
N SER A 174 3.68 -4.51 -10.85
CA SER A 174 3.89 -3.70 -12.06
C SER A 174 3.22 -4.36 -13.26
N ASN A 175 3.37 -5.67 -13.38
CA ASN A 175 2.79 -6.41 -14.49
C ASN A 175 1.28 -6.25 -14.53
N SER A 176 0.65 -6.40 -13.37
CA SER A 176 -0.80 -6.27 -13.27
C SER A 176 -1.23 -4.86 -13.68
N LEU A 177 -0.38 -3.89 -13.38
CA LEU A 177 -0.66 -2.49 -13.72
C LEU A 177 -0.33 -2.22 -15.18
N LYS A 178 0.54 -3.04 -15.76
CA LYS A 178 0.94 -2.89 -17.15
C LYS A 178 -0.15 -3.36 -18.10
N ASN A 179 -0.86 -4.41 -17.70
CA ASN A 179 -1.94 -4.96 -18.52
C ASN A 179 -3.30 -4.54 -17.98
N SER A 180 -3.91 -3.56 -18.66
CA SER A 180 -5.22 -3.06 -18.24
C SER A 180 -6.34 -3.76 -19.02
N THR A 181 -7.40 -4.12 -18.32
CA THR A 181 -8.53 -4.79 -18.95
C THR A 181 -9.31 -3.83 -19.84
PB GDP B . 5.58 2.06 10.56
O1B GDP B . 4.21 1.52 9.97
O2B GDP B . 6.38 2.95 9.51
O3B GDP B . 5.41 2.79 11.96
O3A GDP B . 6.49 0.76 10.83
PA GDP B . 8.08 0.82 10.61
O1A GDP B . 8.66 2.13 11.31
O2A GDP B . 8.40 0.71 9.06
O5' GDP B . 8.66 -0.46 11.36
C5' GDP B . 8.24 -0.78 12.69
C4' GDP B . 9.36 -1.44 13.45
O4' GDP B . 9.52 -2.80 12.95
C3' GDP B . 10.73 -0.79 13.27
O3' GDP B . 11.54 -0.94 14.42
C2' GDP B . 11.31 -1.52 12.07
O2' GDP B . 12.72 -1.56 12.12
C1' GDP B . 10.77 -2.93 12.31
N9 GDP B . 10.57 -3.69 11.07
C8 GDP B . 10.13 -3.21 9.86
N7 GDP B . 10.04 -4.14 8.94
C5 GDP B . 10.44 -5.31 9.59
C6 GDP B . 10.55 -6.63 9.10
O6 GDP B . 10.30 -7.05 7.97
N1 GDP B . 10.98 -7.50 10.09
C2 GDP B . 11.28 -7.15 11.38
N2 GDP B . 11.70 -8.14 12.19
N3 GDP B . 11.18 -5.91 11.85
C4 GDP B . 10.76 -5.05 10.90
H5' GDP B . 7.38 -1.47 12.65
H5'' GDP B . 7.94 0.13 13.22
H4' GDP B . 9.13 -1.38 14.51
H3' GDP B . 10.65 0.29 13.10
HO3' GDP B . 12.16 -1.64 14.25
H2' GDP B . 10.93 -1.10 11.13
HO2' GDP B . 13.01 -2.26 11.52
H1' GDP B . 11.42 -3.51 12.96
H8 GDP B . 9.90 -2.18 9.69
HN1 GDP B . 11.08 -8.48 9.85
HN21 GDP B . 11.93 -7.94 13.15
HN22 GDP B . 11.77 -9.08 11.83
C1 MYR A 1 14.31 2.65 -7.84
O1 MYR A 1 14.57 1.47 -7.61
C2 MYR A 1 13.81 3.56 -6.73
C3 MYR A 1 12.31 3.85 -6.85
C4 MYR A 1 11.49 2.85 -6.06
C5 MYR A 1 10.02 2.91 -6.45
C6 MYR A 1 9.40 1.52 -6.50
C7 MYR A 1 7.90 1.58 -6.33
C8 MYR A 1 7.27 0.20 -6.41
C9 MYR A 1 5.77 0.27 -6.65
C10 MYR A 1 5.42 -0.03 -8.09
C11 MYR A 1 5.49 1.22 -8.96
C12 MYR A 1 5.55 0.87 -10.44
C13 MYR A 1 4.18 1.01 -11.10
C14 MYR A 1 3.24 -0.13 -10.79
H21 MYR A 1 14.34 4.51 -6.78
H22 MYR A 1 13.99 3.08 -5.78
H31 MYR A 1 12.02 3.80 -7.88
H32 MYR A 1 12.12 4.84 -6.46
H41 MYR A 1 11.59 3.07 -5.01
H42 MYR A 1 11.86 1.85 -6.26
H51 MYR A 1 9.94 3.37 -7.42
H52 MYR A 1 9.50 3.50 -5.71
H61 MYR A 1 9.83 0.92 -5.70
H62 MYR A 1 9.63 1.07 -7.45
H71 MYR A 1 7.47 2.21 -7.10
H72 MYR A 1 7.67 2.00 -5.36
H81 MYR A 1 7.46 -0.33 -5.48
H82 MYR A 1 7.73 -0.34 -7.23
H91 MYR A 1 5.42 1.27 -6.41
H92 MYR A 1 5.27 -0.45 -6.01
H101 MYR A 1 4.42 -0.43 -8.13
H102 MYR A 1 6.11 -0.76 -8.48
H111 MYR A 1 6.38 1.77 -8.70
H112 MYR A 1 4.62 1.82 -8.78
H121 MYR A 1 5.89 -0.15 -10.55
H122 MYR A 1 6.25 1.52 -10.93
H131 MYR A 1 4.32 1.05 -12.17
H132 MYR A 1 3.73 1.92 -10.76
H141 MYR A 1 3.81 -1.01 -10.53
H142 MYR A 1 2.62 -0.34 -11.65
H143 MYR A 1 2.61 0.14 -9.96
N GLY A 2 14.45 3.21 -9.04
CA GLY A 2 14.93 2.43 -10.16
C GLY A 2 16.43 2.22 -10.13
N LEU A 3 16.96 1.61 -11.18
CA LEU A 3 18.39 1.35 -11.27
C LEU A 3 19.10 2.46 -12.04
N PHE A 4 18.64 2.71 -13.26
CA PHE A 4 19.24 3.75 -14.09
C PHE A 4 20.71 3.45 -14.37
N ALA A 5 20.97 2.86 -15.53
CA ALA A 5 22.33 2.52 -15.91
C ALA A 5 22.56 2.75 -17.40
N SER A 6 22.72 4.02 -17.78
CA SER A 6 22.96 4.37 -19.17
C SER A 6 21.77 3.95 -20.05
N LYS A 7 20.94 4.90 -20.42
CA LYS A 7 19.78 4.64 -21.25
C LYS A 7 18.83 3.63 -20.58
N LEU A 8 17.58 3.63 -21.02
CA LEU A 8 16.59 2.72 -20.46
C LEU A 8 16.08 1.75 -21.53
N PHE A 9 15.66 0.57 -21.11
CA PHE A 9 15.16 -0.43 -22.04
C PHE A 9 14.05 -1.27 -21.41
N SER A 10 14.44 -2.23 -20.57
CA SER A 10 13.48 -3.10 -19.90
C SER A 10 13.27 -2.68 -18.45
N ASN A 11 12.25 -1.87 -18.21
CA ASN A 11 11.94 -1.42 -16.85
C ASN A 11 10.45 -1.12 -16.69
N LEU A 12 9.63 -1.69 -17.57
CA LEU A 12 8.19 -1.48 -17.53
C LEU A 12 7.85 -0.02 -17.79
N PHE A 13 6.85 0.22 -18.63
CA PHE A 13 6.44 1.56 -18.97
C PHE A 13 4.91 1.69 -18.87
N GLY A 14 4.37 2.64 -19.61
CA GLY A 14 2.93 2.87 -19.59
C GLY A 14 2.49 3.57 -18.31
N ASN A 15 2.04 4.81 -18.44
CA ASN A 15 1.61 5.59 -17.28
C ASN A 15 0.18 6.09 -17.46
N LYS A 16 -0.77 5.17 -17.55
CA LYS A 16 -2.18 5.54 -17.70
C LYS A 16 -2.73 6.08 -16.39
N GLU A 17 -2.19 7.22 -15.96
CA GLU A 17 -2.62 7.85 -14.72
C GLU A 17 -2.63 6.84 -13.56
N MET A 18 -1.50 6.74 -12.87
CA MET A 18 -1.36 5.82 -11.75
C MET A 18 -0.80 6.52 -10.52
N ARG A 19 -1.51 6.41 -9.39
CA ARG A 19 -1.05 7.04 -8.15
C ARG A 19 -1.22 6.08 -6.99
N ILE A 20 -0.15 5.38 -6.65
CA ILE A 20 -0.18 4.39 -5.58
C ILE A 20 -0.09 5.03 -4.19
N LEU A 21 -1.07 4.71 -3.36
CA LEU A 21 -1.13 5.23 -2.00
C LEU A 21 -0.81 4.11 -1.01
N MET A 22 -0.01 4.42 0.01
CA MET A 22 0.37 3.43 1.01
C MET A 22 -0.40 3.63 2.30
N VAL A 23 -1.07 2.58 2.76
CA VAL A 23 -1.84 2.63 3.99
C VAL A 23 -1.67 1.35 4.79
N GLY A 24 -1.90 1.45 6.10
CA GLY A 24 -1.77 0.28 6.96
C GLY A 24 -1.55 0.66 8.40
N LEU A 25 -1.34 -0.34 9.25
CA LEU A 25 -1.12 -0.09 10.67
C LEU A 25 0.24 0.58 10.88
N ASP A 26 0.34 1.39 11.93
CA ASP A 26 1.58 2.07 12.24
C ASP A 26 2.64 1.07 12.66
N GLY A 27 3.89 1.37 12.36
CA GLY A 27 4.98 0.47 12.72
C GLY A 27 5.08 -0.74 11.82
N ALA A 28 4.16 -0.87 10.86
CA ALA A 28 4.18 -2.01 9.94
C ALA A 28 5.44 -2.03 9.08
N GLY A 29 6.12 -0.89 9.01
CA GLY A 29 7.33 -0.81 8.22
C GLY A 29 7.29 0.31 7.18
N LYS A 30 6.55 1.37 7.49
CA LYS A 30 6.44 2.50 6.58
C LYS A 30 7.74 3.30 6.55
N THR A 31 8.50 3.23 7.64
CA THR A 31 9.77 3.94 7.73
C THR A 31 10.85 3.22 6.92
N THR A 32 10.90 1.91 7.05
CA THR A 32 11.88 1.11 6.34
C THR A 32 11.60 1.10 4.84
N VAL A 33 10.35 0.85 4.48
CA VAL A 33 9.95 0.81 3.08
C VAL A 33 10.07 2.19 2.43
N LEU A 34 9.71 3.24 3.17
CA LEU A 34 9.77 4.59 2.64
C LEU A 34 11.18 4.89 2.13
N TYR A 35 12.18 4.62 2.96
CA TYR A 35 13.57 4.86 2.60
C TYR A 35 13.94 4.07 1.35
N LYS A 36 13.41 2.85 1.25
CA LYS A 36 13.69 1.98 0.12
C LYS A 36 13.11 2.55 -1.17
N LEU A 37 11.94 3.19 -1.07
CA LEU A 37 11.27 3.77 -2.22
C LEU A 37 11.95 5.06 -2.68
N LYS A 38 13.00 5.48 -1.96
CA LYS A 38 13.74 6.70 -2.30
C LYS A 38 12.99 7.95 -1.83
N LEU A 39 11.72 8.07 -2.24
CA LEU A 39 10.89 9.21 -1.86
C LEU A 39 11.09 10.37 -2.81
N GLY A 40 10.35 10.37 -3.91
CA GLY A 40 10.45 11.43 -4.91
C GLY A 40 10.49 12.82 -4.28
N GLU A 41 9.31 13.43 -4.08
CA GLU A 41 9.24 14.75 -3.48
C GLU A 41 8.87 14.64 -2.00
N VAL A 42 9.84 14.94 -1.15
CA VAL A 42 9.61 14.88 0.29
C VAL A 42 8.70 16.01 0.75
N ILE A 43 7.42 15.67 1.00
CA ILE A 43 6.45 16.66 1.46
C ILE A 43 5.84 16.24 2.79
N THR A 44 5.73 17.20 3.71
CA THR A 44 5.16 16.93 5.03
C THR A 44 3.93 17.81 5.29
N THR A 45 2.78 17.17 5.43
CA THR A 45 1.53 17.88 5.69
C THR A 45 0.81 17.31 6.91
N ILE A 46 0.40 18.19 7.82
CA ILE A 46 -0.29 17.76 9.03
C ILE A 46 -1.47 18.69 9.36
N PRO A 47 -2.57 18.59 8.59
CA PRO A 47 -3.75 19.41 8.81
C PRO A 47 -4.64 18.86 9.93
N THR A 48 -4.69 17.54 10.01
CA THR A 48 -5.49 16.86 11.03
C THR A 48 -4.72 16.77 12.34
N ILE A 49 -4.97 17.73 13.23
CA ILE A 49 -4.33 17.85 14.55
C ILE A 49 -3.54 16.60 14.98
N GLY A 50 -4.15 15.42 14.88
CA GLY A 50 -3.47 14.20 15.29
C GLY A 50 -3.21 13.24 14.14
N PHE A 51 -2.67 13.74 13.04
CA PHE A 51 -2.37 12.91 11.89
C PHE A 51 -1.06 13.32 11.22
N ASN A 52 -0.40 12.36 10.59
CA ASN A 52 0.87 12.62 9.90
C ASN A 52 0.85 11.96 8.53
N VAL A 53 0.67 12.77 7.49
CA VAL A 53 0.63 12.25 6.13
C VAL A 53 1.77 12.79 5.27
N GLU A 54 2.36 11.91 4.47
CA GLU A 54 3.46 12.29 3.59
C GLU A 54 3.00 12.29 2.14
N THR A 55 3.54 13.20 1.35
CA THR A 55 3.19 13.30 -0.06
C THR A 55 4.44 13.26 -0.93
N VAL A 56 4.43 12.38 -1.92
CA VAL A 56 5.57 12.23 -2.82
C VAL A 56 5.12 12.24 -4.27
N GLN A 57 5.88 12.96 -5.12
CA GLN A 57 5.56 13.05 -6.53
C GLN A 57 6.69 12.48 -7.38
N TYR A 58 6.40 11.38 -8.07
CA TYR A 58 7.40 10.73 -8.92
C TYR A 58 7.18 11.09 -10.39
N LYS A 59 8.14 10.73 -11.23
CA LYS A 59 8.05 11.02 -12.66
C LYS A 59 6.90 10.25 -13.30
N ASN A 60 5.87 10.98 -13.71
CA ASN A 60 4.69 10.37 -14.33
C ASN A 60 4.01 9.39 -13.37
N ILE A 61 4.30 9.52 -12.09
CA ILE A 61 3.70 8.65 -11.08
C ILE A 61 3.60 9.37 -9.74
N SER A 62 2.54 9.07 -9.00
CA SER A 62 2.32 9.70 -7.70
C SER A 62 2.36 8.66 -6.57
N PHE A 63 2.86 9.07 -5.41
CA PHE A 63 2.95 8.19 -4.26
C PHE A 63 2.71 8.96 -2.97
N THR A 64 1.81 8.44 -2.13
CA THR A 64 1.49 9.10 -0.86
C THR A 64 1.20 8.08 0.23
N VAL A 65 1.78 8.29 1.42
CA VAL A 65 1.58 7.38 2.54
C VAL A 65 0.58 7.94 3.55
N TRP A 66 -0.34 7.07 4.00
CA TRP A 66 -1.34 7.46 4.98
C TRP A 66 -1.57 6.33 5.99
N ASP A 67 -1.22 6.56 7.24
CA ASP A 67 -1.40 5.56 8.29
C ASP A 67 -2.88 5.23 8.48
N VAL A 68 -3.18 4.26 9.35
CA VAL A 68 -4.56 3.88 9.61
C VAL A 68 -5.43 5.09 9.92
N GLY A 69 -5.00 5.90 10.88
CA GLY A 69 -5.74 7.09 11.26
C GLY A 69 -5.99 7.18 12.74
N GLY A 70 -5.31 8.12 13.40
CA GLY A 70 -5.49 8.29 14.83
C GLY A 70 -6.94 8.52 15.20
N GLN A 71 -7.65 7.43 15.50
CA GLN A 71 -9.06 7.50 15.88
C GLN A 71 -9.82 8.47 14.99
N ASP A 72 -9.40 8.58 13.73
CA ASP A 72 -10.04 9.48 12.78
C ASP A 72 -10.89 8.71 11.77
N ARG A 73 -11.49 9.45 10.84
CA ARG A 73 -12.34 8.84 9.82
C ARG A 73 -12.21 9.59 8.49
N ILE A 74 -12.99 9.16 7.50
CA ILE A 74 -12.97 9.78 6.18
C ILE A 74 -14.22 10.62 5.96
N ARG A 75 -14.01 11.89 5.59
CA ARG A 75 -15.13 12.80 5.33
C ARG A 75 -14.64 14.22 5.08
N SER A 76 -13.63 14.35 4.21
CA SER A 76 -13.09 15.67 3.88
C SER A 76 -11.98 15.55 2.82
N LEU A 77 -10.73 15.53 3.27
CA LEU A 77 -9.60 15.43 2.35
C LEU A 77 -9.37 13.99 1.90
N TRP A 78 -9.62 13.06 2.81
CA TRP A 78 -9.45 11.64 2.51
C TRP A 78 -10.32 11.22 1.33
N ARG A 79 -11.38 11.99 1.08
CA ARG A 79 -12.29 11.69 -0.03
C ARG A 79 -11.86 12.41 -1.30
N HIS A 80 -11.72 13.73 -1.21
CA HIS A 80 -11.33 14.54 -2.36
C HIS A 80 -9.93 14.18 -2.86
N TYR A 81 -9.17 13.44 -2.05
CA TYR A 81 -7.81 13.06 -2.43
C TYR A 81 -7.75 11.60 -2.89
N TYR A 82 -8.31 10.70 -2.10
CA TYR A 82 -8.26 9.28 -2.41
C TYR A 82 -8.82 8.96 -3.80
N ARG A 83 -9.84 9.70 -4.24
CA ARG A 83 -10.41 9.45 -5.55
C ARG A 83 -9.39 9.73 -6.65
N ASN A 84 -8.74 10.89 -6.57
CA ASN A 84 -7.77 11.31 -7.57
C ASN A 84 -6.66 10.27 -7.72
N THR A 85 -6.34 9.56 -6.64
CA THR A 85 -5.30 8.55 -6.68
C THR A 85 -5.71 7.43 -7.65
N GLU A 86 -4.72 6.76 -8.25
CA GLU A 86 -5.00 5.68 -9.19
C GLU A 86 -4.40 4.37 -8.71
N GLY A 87 -3.87 4.35 -7.49
CA GLY A 87 -3.26 3.16 -6.96
C GLY A 87 -3.42 3.05 -5.46
N VAL A 88 -3.49 1.83 -4.94
CA VAL A 88 -3.65 1.63 -3.51
C VAL A 88 -2.96 0.35 -3.03
N ILE A 89 -2.06 0.49 -2.07
CA ILE A 89 -1.34 -0.64 -1.52
C ILE A 89 -1.40 -0.63 0.01
N PHE A 90 -1.87 -1.72 0.59
CA PHE A 90 -1.99 -1.84 2.04
C PHE A 90 -0.87 -2.69 2.63
N VAL A 91 -0.27 -2.20 3.71
CA VAL A 91 0.82 -2.93 4.36
C VAL A 91 0.53 -3.12 5.85
N VAL A 92 0.47 -4.38 6.28
CA VAL A 92 0.20 -4.70 7.68
C VAL A 92 1.39 -5.38 8.32
N ASP A 93 1.41 -5.41 9.66
CA ASP A 93 2.50 -6.06 10.39
C ASP A 93 2.25 -7.55 10.53
N SER A 94 3.15 -8.34 9.97
CA SER A 94 3.03 -9.79 10.01
C SER A 94 3.32 -10.35 11.39
N ASN A 95 4.03 -9.60 12.22
CA ASN A 95 4.35 -10.04 13.57
C ASN A 95 3.46 -9.38 14.61
N ASP A 96 2.45 -8.63 14.14
CA ASP A 96 1.51 -7.96 15.04
C ASP A 96 0.11 -8.55 14.90
N ARG A 97 -0.05 -9.79 15.33
CA ARG A 97 -1.33 -10.47 15.28
C ARG A 97 -2.34 -9.77 16.20
N SER A 98 -1.88 -9.41 17.38
CA SER A 98 -2.72 -8.74 18.38
C SER A 98 -3.40 -7.51 17.78
N ARG A 99 -2.81 -6.94 16.74
CA ARG A 99 -3.38 -5.76 16.09
C ARG A 99 -3.91 -6.08 14.70
N ILE A 100 -3.83 -7.34 14.31
CA ILE A 100 -4.29 -7.77 12.99
C ILE A 100 -5.76 -7.43 12.80
N GLY A 101 -6.53 -7.53 13.87
CA GLY A 101 -7.93 -7.20 13.81
C GLY A 101 -8.11 -5.71 13.66
N GLU A 102 -7.26 -4.97 14.35
CA GLU A 102 -7.29 -3.51 14.31
C GLU A 102 -6.83 -3.03 12.93
N ALA A 103 -5.88 -3.76 12.36
CA ALA A 103 -5.35 -3.44 11.05
C ALA A 103 -6.37 -3.74 9.96
N ARG A 104 -7.01 -4.90 10.06
CA ARG A 104 -7.99 -5.31 9.07
C ARG A 104 -9.24 -4.42 9.14
N GLU A 105 -9.60 -3.99 10.34
CA GLU A 105 -10.77 -3.14 10.53
C GLU A 105 -10.58 -1.82 9.79
N VAL A 106 -9.39 -1.26 9.92
CA VAL A 106 -9.07 0.01 9.26
C VAL A 106 -9.05 -0.18 7.75
N MET A 107 -8.50 -1.30 7.32
CA MET A 107 -8.42 -1.64 5.90
C MET A 107 -9.81 -1.91 5.35
N GLN A 108 -10.64 -2.53 6.16
CA GLN A 108 -12.01 -2.88 5.77
C GLN A 108 -12.85 -1.64 5.58
N ARG A 109 -12.74 -0.71 6.53
CA ARG A 109 -13.49 0.54 6.47
C ARG A 109 -13.12 1.32 5.20
N MET A 110 -11.84 1.33 4.88
CA MET A 110 -11.34 2.03 3.71
C MET A 110 -11.83 1.34 2.43
N LEU A 111 -11.81 0.01 2.43
CA LEU A 111 -12.24 -0.77 1.28
C LEU A 111 -13.72 -0.53 0.97
N ASN A 112 -14.45 -0.03 1.96
CA ASN A 112 -15.89 0.22 1.79
C ASN A 112 -16.16 1.51 1.00
N GLU A 113 -15.11 2.12 0.44
CA GLU A 113 -15.25 3.35 -0.33
C GLU A 113 -15.63 3.06 -1.77
N ASP A 114 -16.84 3.43 -2.15
CA ASP A 114 -17.34 3.23 -3.50
C ASP A 114 -16.38 3.82 -4.54
N GLU A 115 -15.68 4.87 -4.14
CA GLU A 115 -14.74 5.56 -5.02
C GLU A 115 -13.50 4.71 -5.30
N LEU A 116 -13.34 3.61 -4.56
CA LEU A 116 -12.21 2.72 -4.75
C LEU A 116 -12.64 1.27 -4.87
N ARG A 117 -13.95 1.05 -5.01
CA ARG A 117 -14.48 -0.30 -5.13
C ARG A 117 -13.88 -1.04 -6.33
N ASN A 118 -13.34 -0.29 -7.29
CA ASN A 118 -12.74 -0.89 -8.47
C ASN A 118 -11.24 -0.58 -8.56
N ALA A 119 -10.71 0.03 -7.51
CA ALA A 119 -9.29 0.39 -7.47
C ALA A 119 -8.42 -0.84 -7.26
N ALA A 120 -7.17 -0.76 -7.69
CA ALA A 120 -6.24 -1.88 -7.54
C ALA A 120 -5.68 -1.90 -6.12
N TRP A 121 -5.88 -3.01 -5.41
CA TRP A 121 -5.41 -3.13 -4.05
C TRP A 121 -4.40 -4.26 -3.88
N LEU A 122 -3.31 -3.96 -3.18
CA LEU A 122 -2.26 -4.93 -2.94
C LEU A 122 -2.03 -5.09 -1.44
N VAL A 123 -1.90 -6.33 -0.99
CA VAL A 123 -1.67 -6.60 0.42
C VAL A 123 -0.23 -7.02 0.65
N PHE A 124 0.56 -6.12 1.22
CA PHE A 124 1.97 -6.39 1.48
C PHE A 124 2.19 -6.79 2.93
N ALA A 125 2.74 -7.99 3.11
CA ALA A 125 3.06 -8.48 4.45
C ALA A 125 4.49 -8.10 4.78
N ASN A 126 4.70 -7.43 5.90
CA ASN A 126 6.05 -6.99 6.27
C ASN A 126 6.49 -7.53 7.61
N LYS A 127 7.46 -8.45 7.55
CA LYS A 127 8.07 -9.09 8.73
C LYS A 127 8.15 -10.60 8.56
N GLN A 128 8.36 -11.06 7.33
CA GLN A 128 8.44 -12.48 7.06
C GLN A 128 9.78 -13.07 7.50
N ASP A 129 10.72 -12.20 7.86
CA ASP A 129 12.03 -12.65 8.31
C ASP A 129 11.97 -13.17 9.75
N LEU A 130 10.96 -12.70 10.49
CA LEU A 130 10.77 -13.11 11.88
C LEU A 130 10.32 -14.57 11.95
N PRO A 131 10.90 -15.36 12.87
CA PRO A 131 10.54 -16.78 13.02
C PRO A 131 9.16 -16.97 13.65
N GLU A 132 8.56 -15.88 14.13
CA GLU A 132 7.25 -15.95 14.75
C GLU A 132 6.23 -15.09 14.01
N ALA A 133 6.55 -14.73 12.76
CA ALA A 133 5.66 -13.90 11.96
C ALA A 133 4.63 -14.75 11.23
N MET A 134 3.43 -14.20 11.05
CA MET A 134 2.36 -14.91 10.37
C MET A 134 2.62 -14.97 8.87
N SER A 135 2.19 -16.07 8.25
CA SER A 135 2.37 -16.26 6.81
C SER A 135 1.35 -15.46 6.03
N ALA A 136 1.68 -15.12 4.79
CA ALA A 136 0.79 -14.35 3.93
C ALA A 136 -0.58 -15.02 3.84
N ALA A 137 -0.58 -16.34 3.72
CA ALA A 137 -1.82 -17.09 3.62
C ALA A 137 -2.66 -17.00 4.89
N GLU A 138 -2.05 -17.26 6.03
CA GLU A 138 -2.75 -17.20 7.30
C GLU A 138 -3.16 -15.77 7.62
N ILE A 139 -2.33 -14.82 7.19
CA ILE A 139 -2.61 -13.42 7.42
C ILE A 139 -3.83 -12.97 6.60
N THR A 140 -3.86 -13.37 5.33
CA THR A 140 -4.97 -13.01 4.46
C THR A 140 -6.30 -13.48 5.02
N GLU A 141 -6.29 -14.67 5.61
CA GLU A 141 -7.51 -15.23 6.20
C GLU A 141 -7.90 -14.47 7.46
N LYS A 142 -6.89 -13.93 8.15
CA LYS A 142 -7.11 -13.19 9.37
C LYS A 142 -7.79 -11.85 9.07
N LEU A 143 -7.37 -11.20 7.98
CA LEU A 143 -7.94 -9.91 7.60
C LEU A 143 -9.23 -10.11 6.80
N GLY A 144 -9.66 -11.35 6.64
CA GLY A 144 -10.87 -11.61 5.88
C GLY A 144 -10.67 -11.29 4.42
N LEU A 145 -9.43 -11.39 3.95
CA LEU A 145 -9.12 -11.13 2.56
C LEU A 145 -9.78 -12.19 1.69
N HIS A 146 -10.07 -13.33 2.29
CA HIS A 146 -10.73 -14.41 1.57
C HIS A 146 -12.21 -14.11 1.40
N SER A 147 -12.73 -13.26 2.28
CA SER A 147 -14.13 -12.89 2.26
C SER A 147 -14.43 -11.84 1.21
N ILE A 148 -13.39 -11.32 0.55
CA ILE A 148 -13.63 -10.31 -0.47
C ILE A 148 -13.59 -10.93 -1.87
N ARG A 149 -14.48 -10.44 -2.72
CA ARG A 149 -14.58 -10.94 -4.09
C ARG A 149 -13.18 -11.10 -4.70
N ASN A 150 -13.02 -12.12 -5.54
CA ASN A 150 -11.73 -12.39 -6.17
C ASN A 150 -11.46 -11.45 -7.34
N ARG A 151 -10.25 -10.88 -7.36
CA ARG A 151 -9.78 -9.95 -8.40
C ARG A 151 -9.33 -8.62 -7.78
N PRO A 152 -10.13 -8.07 -6.84
CA PRO A 152 -9.83 -6.80 -6.18
C PRO A 152 -8.36 -6.66 -5.78
N TRP A 153 -7.89 -7.51 -4.86
CA TRP A 153 -6.51 -7.42 -4.41
C TRP A 153 -5.79 -8.76 -4.34
N PHE A 154 -4.48 -8.67 -4.15
CA PHE A 154 -3.62 -9.86 -4.03
C PHE A 154 -2.71 -9.70 -2.82
N ILE A 155 -2.15 -10.80 -2.32
CA ILE A 155 -1.27 -10.73 -1.15
C ILE A 155 0.11 -11.33 -1.43
N GLN A 156 1.12 -10.79 -0.75
CA GLN A 156 2.49 -11.26 -0.90
C GLN A 156 3.30 -11.09 0.38
N ALA A 157 4.01 -12.15 0.76
CA ALA A 157 4.85 -12.13 1.96
C ALA A 157 6.23 -11.56 1.65
N THR A 158 6.77 -10.74 2.54
CA THR A 158 8.08 -10.15 2.32
C THR A 158 8.85 -9.89 3.61
N CYS A 159 10.09 -9.45 3.44
CA CYS A 159 10.96 -9.11 4.56
C CYS A 159 11.53 -7.73 4.29
N ALA A 160 11.03 -6.74 5.00
CA ALA A 160 11.47 -5.36 4.79
C ALA A 160 12.96 -5.14 5.06
N THR A 161 13.51 -5.86 6.02
CA THR A 161 14.91 -5.69 6.40
C THR A 161 15.89 -6.26 5.37
N SER A 162 15.71 -7.52 5.00
CA SER A 162 16.62 -8.17 4.04
C SER A 162 16.25 -7.82 2.60
N GLY A 163 15.12 -7.16 2.42
CA GLY A 163 14.66 -6.80 1.10
C GLY A 163 14.13 -8.00 0.33
N GLU A 164 14.08 -9.16 1.00
CA GLU A 164 13.59 -10.37 0.37
C GLU A 164 12.08 -10.33 0.21
N GLY A 165 11.64 -10.35 -1.04
CA GLY A 165 10.21 -10.30 -1.31
C GLY A 165 9.75 -8.92 -1.71
N LEU A 166 10.52 -7.90 -1.34
CA LEU A 166 10.16 -6.52 -1.67
C LEU A 166 10.25 -6.28 -3.17
N TYR A 167 11.33 -6.74 -3.79
CA TYR A 167 11.54 -6.58 -5.22
C TYR A 167 10.50 -7.38 -6.01
N GLU A 168 10.31 -8.63 -5.63
CA GLU A 168 9.36 -9.51 -6.31
C GLU A 168 7.91 -9.04 -6.11
N GLY A 169 7.66 -8.35 -5.00
CA GLY A 169 6.32 -7.87 -4.72
C GLY A 169 5.91 -6.70 -5.60
N LEU A 170 6.85 -5.79 -5.84
CA LEU A 170 6.58 -4.63 -6.68
C LEU A 170 6.55 -5.05 -8.15
N GLU A 171 7.50 -5.89 -8.53
CA GLU A 171 7.58 -6.38 -9.89
C GLU A 171 6.27 -7.04 -10.28
N TRP A 172 5.77 -7.89 -9.40
CA TRP A 172 4.51 -8.59 -9.63
C TRP A 172 3.36 -7.59 -9.72
N LEU A 173 3.29 -6.70 -8.73
CA LEU A 173 2.25 -5.68 -8.68
C LEU A 173 2.28 -4.82 -9.94
N SER A 174 3.49 -4.56 -10.44
CA SER A 174 3.67 -3.75 -11.64
C SER A 174 2.98 -4.39 -12.84
N ASN A 175 3.11 -5.72 -12.95
CA ASN A 175 2.49 -6.45 -14.06
C ASN A 175 0.98 -6.27 -14.05
N SER A 176 0.37 -6.40 -12.88
CA SER A 176 -1.07 -6.24 -12.74
C SER A 176 -1.49 -4.83 -13.12
N LEU A 177 -0.61 -3.87 -12.83
CA LEU A 177 -0.88 -2.47 -13.16
C LEU A 177 -0.58 -2.19 -14.63
N LYS A 178 0.28 -3.01 -15.22
CA LYS A 178 0.65 -2.85 -16.63
C LYS A 178 -0.53 -3.19 -17.55
N ASN A 179 -1.26 -4.25 -17.20
CA ASN A 179 -2.40 -4.68 -18.00
C ASN A 179 -3.71 -4.48 -17.23
N SER A 180 -4.05 -3.21 -16.97
CA SER A 180 -5.28 -2.89 -16.24
C SER A 180 -5.88 -1.59 -16.76
N THR A 181 -7.20 -1.49 -16.70
CA THR A 181 -7.91 -0.30 -17.15
C THR A 181 -7.57 0.01 -18.61
PB GDP B . 6.28 2.36 10.63
O1B GDP B . 4.98 1.72 9.98
O2B GDP B . 7.04 3.35 9.64
O3B GDP B . 5.97 3.05 12.04
O3A GDP B . 7.27 1.15 10.94
PA GDP B . 8.86 1.35 10.83
O1A GDP B . 9.27 2.69 11.62
O2A GDP B . 9.29 1.33 9.31
O5' GDP B . 9.49 0.10 11.58
C5' GDP B . 8.79 -0.57 12.61
C4' GDP B . 9.74 -1.38 13.45
O4' GDP B . 9.74 -2.75 12.97
C3' GDP B . 11.20 -0.94 13.40
O3' GDP B . 11.87 -1.21 14.62
C2' GDP B . 11.75 -1.76 12.24
O2' GDP B . 13.13 -2.01 12.41
C1' GDP B . 10.99 -3.07 12.42
N9 GDP B . 10.77 -3.80 11.17
C8 GDP B . 10.47 -3.26 9.94
N7 GDP B . 10.33 -4.16 9.01
C5 GDP B . 10.57 -5.37 9.66
C6 GDP B . 10.56 -6.70 9.16
O6 GDP B . 10.34 -7.09 8.01
N1 GDP B . 10.85 -7.62 10.17
C2 GDP B . 11.12 -7.31 11.48
N2 GDP B . 11.37 -8.35 12.28
N3 GDP B . 11.12 -6.07 11.94
C4 GDP B . 10.85 -5.16 11.00
H5' GDP B . 8.04 -1.24 12.17
H5'' GDP B . 8.28 0.15 13.25
H4' GDP B . 9.42 -1.28 14.49
H3' GDP B . 11.28 0.13 13.24
HO3' GDP B . 12.70 -1.65 14.40
H2' GDP B . 11.52 -1.28 11.28
HO2' GDP B . 13.40 -2.60 11.70
H1' GDP B . 11.49 -3.74 13.12
H8 GDP B . 10.35 -2.21 9.77
HN1 GDP B . 10.86 -8.60 9.91
HN21 GDP B . 11.58 -8.18 13.26
HN22 GDP B . 11.37 -9.28 11.92
C1 MYR A 1 12.72 0.69 -15.47
O1 MYR A 1 12.91 -0.51 -15.29
C2 MYR A 1 11.67 1.43 -14.67
C3 MYR A 1 10.25 1.03 -15.05
C4 MYR A 1 9.21 1.85 -14.29
C5 MYR A 1 8.13 0.95 -13.69
C6 MYR A 1 8.43 0.64 -12.24
C7 MYR A 1 7.61 1.52 -11.30
C8 MYR A 1 6.66 0.71 -10.43
C9 MYR A 1 6.96 0.90 -8.95
C10 MYR A 1 6.88 -0.42 -8.19
C11 MYR A 1 5.64 -0.48 -7.32
C12 MYR A 1 4.41 -0.87 -8.13
C13 MYR A 1 3.66 0.36 -8.62
C14 MYR A 1 2.54 0.04 -9.59
H21 MYR A 1 11.78 2.48 -14.84
H22 MYR A 1 11.81 1.22 -13.63
H31 MYR A 1 10.11 -0.02 -14.83
H32 MYR A 1 10.12 1.19 -16.12
H41 MYR A 1 8.75 2.54 -14.98
H42 MYR A 1 9.71 2.38 -13.50
H51 MYR A 1 8.10 0.02 -14.25
H52 MYR A 1 7.18 1.45 -13.77
H61 MYR A 1 9.47 0.81 -12.04
H62 MYR A 1 8.18 -0.39 -12.04
H71 MYR A 1 7.04 2.23 -11.90
H72 MYR A 1 8.29 2.07 -10.67
H81 MYR A 1 6.77 -0.34 -10.68
H82 MYR A 1 5.65 1.03 -10.62
H91 MYR A 1 6.24 1.59 -8.53
H92 MYR A 1 7.96 1.30 -8.85
H101 MYR A 1 7.76 -0.51 -7.57
H102 MYR A 1 6.86 -1.23 -8.91
H111 MYR A 1 5.47 0.49 -6.87
H112 MYR A 1 5.80 -1.22 -6.55
H121 MYR A 1 3.75 -1.46 -7.50
H122 MYR A 1 4.72 -1.45 -8.98
H131 MYR A 1 4.36 1.02 -9.12
H132 MYR A 1 3.22 0.86 -7.77
H141 MYR A 1 2.73 0.54 -10.53
H142 MYR A 1 1.61 0.37 -9.19
H143 MYR A 1 2.51 -1.03 -9.76
N GLY A 2 13.40 1.41 -16.36
CA GLY A 2 14.43 0.80 -17.17
C GLY A 2 15.83 1.17 -16.71
N LEU A 3 16.60 1.78 -17.61
CA LEU A 3 17.96 2.19 -17.29
C LEU A 3 17.98 3.56 -16.61
N PHE A 4 19.17 4.02 -16.24
CA PHE A 4 19.31 5.31 -15.59
C PHE A 4 19.08 6.45 -16.57
N ALA A 5 19.59 6.29 -17.78
CA ALA A 5 19.44 7.31 -18.81
C ALA A 5 17.99 7.40 -19.28
N SER A 6 17.36 8.54 -19.00
CA SER A 6 15.97 8.75 -19.39
C SER A 6 15.62 10.25 -19.36
N LYS A 7 14.71 10.65 -20.22
CA LYS A 7 14.28 12.05 -20.29
C LYS A 7 12.83 12.20 -19.85
N LEU A 8 11.92 11.60 -20.62
CA LEU A 8 10.50 11.67 -20.32
C LEU A 8 9.97 10.31 -19.85
N PHE A 9 9.92 9.35 -20.78
CA PHE A 9 9.44 8.02 -20.47
C PHE A 9 7.99 8.05 -20.00
N SER A 10 7.08 7.56 -20.84
CA SER A 10 5.66 7.54 -20.51
C SER A 10 4.90 6.61 -21.44
N ASN A 11 4.12 5.71 -20.87
CA ASN A 11 3.35 4.76 -21.65
C ASN A 11 1.97 4.52 -21.03
N LEU A 12 1.96 4.15 -19.76
CA LEU A 12 0.70 3.89 -19.04
C LEU A 12 -0.29 5.02 -19.24
N PHE A 13 -1.57 4.67 -19.24
CA PHE A 13 -2.64 5.65 -19.41
C PHE A 13 -4.01 4.97 -19.36
N GLY A 14 -4.14 3.99 -18.47
CA GLY A 14 -5.40 3.27 -18.34
C GLY A 14 -6.46 4.08 -17.61
N ASN A 15 -6.21 4.39 -16.35
CA ASN A 15 -7.16 5.17 -15.55
C ASN A 15 -6.80 6.64 -15.54
N LYS A 16 -6.15 7.11 -16.60
CA LYS A 16 -5.74 8.50 -16.71
C LYS A 16 -5.06 8.98 -15.43
N GLU A 17 -3.74 8.87 -15.40
CA GLU A 17 -2.96 9.29 -14.24
C GLU A 17 -3.40 8.54 -12.99
N MET A 18 -2.55 7.62 -12.53
CA MET A 18 -2.86 6.82 -11.34
C MET A 18 -2.13 7.38 -10.12
N ARG A 19 -2.50 6.90 -8.93
CA ARG A 19 -1.85 7.36 -7.70
C ARG A 19 -1.96 6.30 -6.61
N ILE A 20 -0.88 5.53 -6.46
CA ILE A 20 -0.85 4.45 -5.48
C ILE A 20 -0.52 4.95 -4.07
N LEU A 21 -1.33 4.52 -3.12
CA LEU A 21 -1.15 4.89 -1.72
C LEU A 21 -0.93 3.64 -0.88
N MET A 22 -0.20 3.76 0.22
CA MET A 22 0.06 2.61 1.08
C MET A 22 -0.50 2.84 2.48
N VAL A 23 -1.52 2.08 2.84
CA VAL A 23 -2.15 2.19 4.15
C VAL A 23 -1.84 0.96 4.99
N GLY A 24 -1.94 1.13 6.31
CA GLY A 24 -1.67 0.02 7.20
C GLY A 24 -1.45 0.49 8.63
N LEU A 25 -1.25 -0.46 9.53
CA LEU A 25 -1.04 -0.14 10.93
C LEU A 25 0.24 0.69 11.09
N ASP A 26 0.25 1.58 12.09
CA ASP A 26 1.41 2.42 12.34
C ASP A 26 2.65 1.56 12.58
N GLY A 27 3.81 2.08 12.18
CA GLY A 27 5.05 1.33 12.36
C GLY A 27 5.05 0.00 11.63
N ALA A 28 4.10 -0.20 10.73
CA ALA A 28 4.00 -1.44 9.98
C ALA A 28 5.25 -1.71 9.16
N GLY A 29 5.85 -0.65 8.64
CA GLY A 29 7.06 -0.81 7.84
C GLY A 29 7.07 0.11 6.64
N LYS A 30 6.45 1.27 6.77
CA LYS A 30 6.41 2.25 5.68
C LYS A 30 7.77 2.92 5.52
N THR A 31 8.36 3.29 6.65
CA THR A 31 9.65 3.96 6.65
C THR A 31 10.71 3.14 5.93
N THR A 32 10.70 1.83 6.14
CA THR A 32 11.67 0.94 5.49
C THR A 32 11.42 0.87 3.99
N VAL A 33 10.16 0.64 3.61
CA VAL A 33 9.80 0.55 2.20
C VAL A 33 10.02 1.89 1.50
N LEU A 34 9.76 2.98 2.23
CA LEU A 34 9.92 4.32 1.67
C LEU A 34 11.35 4.50 1.15
N TYR A 35 12.32 4.16 1.99
CA TYR A 35 13.72 4.28 1.61
C TYR A 35 14.00 3.45 0.36
N LYS A 36 13.37 2.28 0.27
CA LYS A 36 13.55 1.40 -0.87
C LYS A 36 13.13 2.11 -2.17
N LEU A 37 12.08 2.92 -2.07
CA LEU A 37 11.58 3.66 -3.23
C LEU A 37 12.46 4.85 -3.58
N LYS A 38 13.52 5.08 -2.78
CA LYS A 38 14.45 6.19 -3.00
C LYS A 38 13.96 7.46 -2.33
N LEU A 39 12.68 7.80 -2.55
CA LEU A 39 12.09 9.00 -1.97
C LEU A 39 12.59 10.26 -2.67
N GLY A 40 12.02 10.54 -3.84
CA GLY A 40 12.42 11.72 -4.58
C GLY A 40 12.19 13.00 -3.82
N GLU A 41 10.94 13.43 -3.76
CA GLU A 41 10.57 14.65 -3.05
C GLU A 41 9.99 14.34 -1.67
N VAL A 42 9.86 15.37 -0.84
CA VAL A 42 9.31 15.19 0.51
C VAL A 42 8.04 16.00 0.70
N ILE A 43 6.89 15.33 0.67
CA ILE A 43 5.62 16.01 0.88
C ILE A 43 5.12 15.82 2.30
N THR A 44 4.99 16.93 3.02
CA THR A 44 4.52 16.88 4.41
C THR A 44 3.34 17.82 4.63
N THR A 45 2.15 17.25 4.73
CA THR A 45 0.94 18.02 4.95
C THR A 45 0.32 17.71 6.31
N ILE A 46 -0.36 18.70 6.87
CA ILE A 46 -1.00 18.54 8.17
C ILE A 46 -2.52 18.67 8.05
N PRO A 47 -3.26 17.57 8.17
CA PRO A 47 -4.73 17.58 8.07
C PRO A 47 -5.38 18.41 9.16
N THR A 48 -5.04 18.12 10.42
CA THR A 48 -5.61 18.84 11.54
C THR A 48 -5.03 18.35 12.86
N ILE A 49 -5.27 19.11 13.93
CA ILE A 49 -4.78 18.78 15.27
C ILE A 49 -3.37 18.17 15.25
N GLY A 50 -3.25 16.87 15.55
CA GLY A 50 -1.95 16.24 15.57
C GLY A 50 -1.85 15.04 14.63
N PHE A 51 -2.05 15.27 13.34
CA PHE A 51 -1.97 14.21 12.35
C PHE A 51 -0.90 14.52 11.32
N ASN A 52 -0.18 13.49 10.88
CA ASN A 52 0.89 13.67 9.90
C ASN A 52 0.65 12.82 8.65
N VAL A 53 0.82 13.42 7.48
CA VAL A 53 0.63 12.73 6.22
C VAL A 53 1.81 12.96 5.29
N GLU A 54 2.18 11.94 4.52
CA GLU A 54 3.30 12.04 3.60
C GLU A 54 2.86 11.76 2.16
N THR A 55 3.67 12.21 1.21
CA THR A 55 3.36 12.01 -0.21
C THR A 55 4.62 12.04 -1.05
N VAL A 56 4.68 11.19 -2.06
CA VAL A 56 5.83 11.13 -2.96
C VAL A 56 5.40 11.18 -4.41
N GLN A 57 6.16 11.90 -5.23
CA GLN A 57 5.86 12.03 -6.65
C GLN A 57 6.97 11.45 -7.51
N TYR A 58 6.65 10.38 -8.24
CA TYR A 58 7.63 9.74 -9.11
C TYR A 58 7.24 9.90 -10.57
N LYS A 59 8.15 10.46 -11.36
CA LYS A 59 7.92 10.67 -12.79
C LYS A 59 6.52 11.24 -13.06
N ASN A 60 5.56 10.35 -13.34
CA ASN A 60 4.18 10.77 -13.62
C ASN A 60 3.22 10.21 -12.57
N ILE A 61 3.54 9.04 -12.03
CA ILE A 61 2.71 8.40 -11.03
C ILE A 61 2.85 9.08 -9.68
N SER A 62 1.74 9.24 -8.97
CA SER A 62 1.75 9.88 -7.65
C SER A 62 1.62 8.84 -6.54
N PHE A 63 2.15 9.18 -5.36
CA PHE A 63 2.10 8.28 -4.22
C PHE A 63 1.78 9.04 -2.94
N THR A 64 0.99 8.41 -2.06
CA THR A 64 0.61 9.03 -0.79
C THR A 64 0.50 7.98 0.31
N VAL A 65 1.15 8.24 1.44
CA VAL A 65 1.13 7.31 2.57
C VAL A 65 0.42 7.89 3.79
N TRP A 66 -0.21 7.01 4.56
CA TRP A 66 -0.94 7.42 5.77
C TRP A 66 -1.37 6.20 6.58
N ASP A 67 -1.28 6.30 7.90
CA ASP A 67 -1.67 5.19 8.78
C ASP A 67 -3.14 4.82 8.61
N VAL A 68 -3.55 3.73 9.25
CA VAL A 68 -4.92 3.26 9.17
C VAL A 68 -5.90 4.31 9.69
N GLY A 69 -5.56 4.90 10.84
CA GLY A 69 -6.43 5.92 11.42
C GLY A 69 -6.51 5.81 12.93
N GLY A 70 -5.70 6.61 13.63
CA GLY A 70 -5.70 6.59 15.08
C GLY A 70 -7.08 6.85 15.65
N GLN A 71 -7.72 5.81 16.17
CA GLN A 71 -9.05 5.94 16.76
C GLN A 71 -10.05 6.50 15.74
N ASP A 72 -9.80 6.21 14.47
CA ASP A 72 -10.68 6.68 13.40
C ASP A 72 -10.73 8.20 13.36
N ARG A 73 -11.03 8.75 12.19
CA ARG A 73 -11.12 10.19 12.02
C ARG A 73 -11.52 10.55 10.60
N ILE A 74 -12.19 11.70 10.45
CA ILE A 74 -12.63 12.16 9.14
C ILE A 74 -12.36 13.64 8.95
N ARG A 75 -11.77 14.00 7.81
CA ARG A 75 -11.45 15.39 7.51
C ARG A 75 -11.70 15.71 6.04
N SER A 76 -11.39 16.93 5.65
CA SER A 76 -11.58 17.37 4.27
C SER A 76 -10.38 16.99 3.41
N LEU A 77 -9.20 16.98 4.01
CA LEU A 77 -7.97 16.63 3.30
C LEU A 77 -8.08 15.24 2.67
N TRP A 78 -8.68 14.31 3.41
CA TRP A 78 -8.85 12.94 2.94
C TRP A 78 -9.64 12.91 1.64
N ARG A 79 -10.71 13.72 1.58
CA ARG A 79 -11.56 13.77 0.40
C ARG A 79 -10.76 14.22 -0.82
N HIS A 80 -9.95 15.26 -0.65
CA HIS A 80 -9.14 15.78 -1.74
C HIS A 80 -8.30 14.68 -2.38
N TYR A 81 -7.53 13.98 -1.55
CA TYR A 81 -6.68 12.89 -2.02
C TYR A 81 -7.51 11.64 -2.28
N TYR A 82 -8.70 11.58 -1.70
CA TYR A 82 -9.58 10.42 -1.87
C TYR A 82 -9.82 10.17 -3.35
N ARG A 83 -10.59 11.03 -3.99
CA ARG A 83 -10.87 10.86 -5.42
C ARG A 83 -9.56 10.88 -6.21
N ASN A 84 -8.68 11.81 -5.85
CA ASN A 84 -7.40 11.97 -6.53
C ASN A 84 -6.60 10.67 -6.54
N THR A 85 -6.55 9.98 -5.41
CA THR A 85 -5.80 8.72 -5.33
C THR A 85 -6.37 7.69 -6.30
N GLU A 86 -5.50 7.08 -7.08
CA GLU A 86 -5.93 6.07 -8.05
C GLU A 86 -5.33 4.72 -7.75
N GLY A 87 -4.76 4.56 -6.57
CA GLY A 87 -4.14 3.31 -6.18
C GLY A 87 -4.31 3.02 -4.70
N VAL A 88 -4.34 1.74 -4.34
CA VAL A 88 -4.50 1.37 -2.94
C VAL A 88 -3.70 0.12 -2.57
N ILE A 89 -2.73 0.30 -1.67
CA ILE A 89 -1.89 -0.79 -1.22
C ILE A 89 -1.99 -0.95 0.30
N PHE A 90 -2.39 -2.13 0.75
CA PHE A 90 -2.53 -2.39 2.18
C PHE A 90 -1.33 -3.17 2.72
N VAL A 91 -0.68 -2.63 3.73
CA VAL A 91 0.47 -3.28 4.35
C VAL A 91 0.26 -3.47 5.85
N VAL A 92 0.14 -4.72 6.27
CA VAL A 92 -0.06 -5.04 7.68
C VAL A 92 1.17 -5.70 8.28
N ASP A 93 1.22 -5.76 9.61
CA ASP A 93 2.34 -6.38 10.29
C ASP A 93 2.12 -7.88 10.43
N SER A 94 3.04 -8.67 9.89
CA SER A 94 2.94 -10.12 9.92
C SER A 94 3.13 -10.67 11.34
N ASN A 95 3.81 -9.91 12.19
CA ASN A 95 4.05 -10.36 13.56
C ASN A 95 3.14 -9.63 14.54
N ASP A 96 2.18 -8.85 14.02
CA ASP A 96 1.26 -8.10 14.88
C ASP A 96 -0.15 -8.65 14.73
N ARG A 97 -0.35 -9.89 15.19
CA ARG A 97 -1.65 -10.53 15.13
C ARG A 97 -2.65 -9.79 16.00
N SER A 98 -2.19 -9.34 17.16
CA SER A 98 -3.05 -8.62 18.10
C SER A 98 -3.69 -7.40 17.45
N ARG A 99 -3.07 -6.91 16.38
CA ARG A 99 -3.59 -5.73 15.68
C ARG A 99 -4.05 -6.07 14.27
N ILE A 100 -3.92 -7.34 13.88
CA ILE A 100 -4.33 -7.78 12.55
C ILE A 100 -5.80 -7.46 12.31
N GLY A 101 -6.59 -7.59 13.37
CA GLY A 101 -7.99 -7.28 13.25
C GLY A 101 -8.19 -5.80 13.01
N GLU A 102 -7.33 -5.01 13.65
CA GLU A 102 -7.39 -3.56 13.51
C GLU A 102 -7.22 -3.18 12.04
N ALA A 103 -6.39 -3.95 11.34
CA ALA A 103 -6.15 -3.71 9.93
C ALA A 103 -7.35 -4.18 9.11
N ARG A 104 -7.95 -5.29 9.53
CA ARG A 104 -9.11 -5.85 8.85
C ARG A 104 -10.28 -4.87 8.84
N GLU A 105 -10.57 -4.28 9.99
CA GLU A 105 -11.69 -3.34 10.12
C GLU A 105 -11.43 -2.05 9.37
N VAL A 106 -10.22 -1.52 9.50
CA VAL A 106 -9.85 -0.28 8.82
C VAL A 106 -9.77 -0.51 7.32
N MET A 107 -9.18 -1.63 6.92
CA MET A 107 -9.05 -1.96 5.50
C MET A 107 -10.42 -2.28 4.91
N GLN A 108 -11.22 -3.02 5.66
CA GLN A 108 -12.56 -3.40 5.22
C GLN A 108 -13.45 -2.17 5.06
N ARG A 109 -13.38 -1.27 6.03
CA ARG A 109 -14.17 -0.05 6.00
C ARG A 109 -13.75 0.82 4.82
N MET A 110 -12.45 0.86 4.57
CA MET A 110 -11.92 1.65 3.47
C MET A 110 -12.32 1.07 2.12
N LEU A 111 -12.32 -0.26 2.03
CA LEU A 111 -12.70 -0.93 0.79
C LEU A 111 -14.18 -0.78 0.49
N ASN A 112 -14.95 -0.38 1.49
CA ASN A 112 -16.39 -0.18 1.33
C ASN A 112 -16.68 1.12 0.58
N GLU A 113 -15.62 1.78 0.10
CA GLU A 113 -15.75 3.03 -0.63
C GLU A 113 -16.19 2.78 -2.08
N ASP A 114 -17.42 3.15 -2.40
CA ASP A 114 -17.97 2.96 -3.74
C ASP A 114 -17.07 3.60 -4.79
N GLU A 115 -16.46 4.74 -4.44
CA GLU A 115 -15.57 5.45 -5.34
C GLU A 115 -14.24 4.71 -5.49
N LEU A 116 -14.01 3.73 -4.63
CA LEU A 116 -12.80 2.94 -4.67
C LEU A 116 -13.08 1.55 -5.23
N ARG A 117 -14.32 1.34 -5.69
CA ARG A 117 -14.71 0.05 -6.26
C ARG A 117 -13.93 -0.27 -7.53
N ASN A 118 -13.30 0.74 -8.11
CA ASN A 118 -12.52 0.56 -9.33
C ASN A 118 -11.02 0.66 -9.05
N ALA A 119 -10.65 0.66 -7.78
CA ALA A 119 -9.26 0.76 -7.39
C ALA A 119 -8.63 -0.62 -7.17
N ALA A 120 -7.38 -0.76 -7.60
CA ALA A 120 -6.66 -2.03 -7.44
C ALA A 120 -6.05 -2.12 -6.05
N TRP A 121 -6.45 -3.14 -5.29
CA TRP A 121 -5.95 -3.31 -3.93
C TRP A 121 -4.84 -4.37 -3.89
N LEU A 122 -3.85 -4.14 -3.03
CA LEU A 122 -2.74 -5.08 -2.90
C LEU A 122 -2.29 -5.19 -1.45
N VAL A 123 -2.41 -6.40 -0.89
CA VAL A 123 -1.99 -6.63 0.48
C VAL A 123 -0.52 -7.01 0.52
N PHE A 124 0.22 -6.44 1.46
CA PHE A 124 1.64 -6.72 1.59
C PHE A 124 1.98 -7.12 3.01
N ALA A 125 2.62 -8.27 3.18
CA ALA A 125 3.02 -8.75 4.49
C ALA A 125 4.42 -8.27 4.81
N ASN A 126 4.59 -7.59 5.93
CA ASN A 126 5.90 -7.07 6.32
C ASN A 126 6.34 -7.62 7.67
N LYS A 127 7.36 -8.49 7.63
CA LYS A 127 7.95 -9.12 8.83
C LYS A 127 8.07 -10.63 8.64
N GLN A 128 8.36 -11.06 7.41
CA GLN A 128 8.49 -12.49 7.13
C GLN A 128 9.84 -13.04 7.60
N ASP A 129 10.75 -12.14 7.95
CA ASP A 129 12.07 -12.56 8.43
C ASP A 129 12.02 -12.97 9.89
N LEU A 130 11.02 -12.46 10.61
CA LEU A 130 10.85 -12.77 12.02
C LEU A 130 10.64 -14.27 12.23
N PRO A 131 11.38 -14.88 13.16
CA PRO A 131 11.26 -16.33 13.44
C PRO A 131 9.87 -16.70 13.93
N GLU A 132 9.25 -15.81 14.69
CA GLU A 132 7.92 -16.04 15.23
C GLU A 132 6.87 -15.25 14.45
N ALA A 133 7.18 -14.91 13.21
CA ALA A 133 6.25 -14.15 12.38
C ALA A 133 5.25 -15.08 11.69
N MET A 134 4.05 -14.56 11.45
CA MET A 134 3.01 -15.35 10.80
C MET A 134 3.21 -15.35 9.29
N SER A 135 2.71 -16.40 8.63
CA SER A 135 2.83 -16.52 7.19
C SER A 135 1.75 -15.72 6.47
N ALA A 136 2.05 -15.26 5.26
CA ALA A 136 1.07 -14.49 4.49
C ALA A 136 -0.23 -15.26 4.35
N ALA A 137 -0.13 -16.58 4.28
CA ALA A 137 -1.31 -17.41 4.14
C ALA A 137 -2.18 -17.38 5.40
N GLU A 138 -1.57 -17.58 6.55
CA GLU A 138 -2.30 -17.55 7.82
C GLU A 138 -2.74 -16.13 8.13
N ILE A 139 -1.93 -15.16 7.71
CA ILE A 139 -2.24 -13.76 7.93
C ILE A 139 -3.42 -13.35 7.06
N THR A 140 -3.39 -13.77 5.79
CA THR A 140 -4.45 -13.44 4.85
C THR A 140 -5.80 -13.94 5.34
N GLU A 141 -5.82 -15.11 5.92
CA GLU A 141 -7.07 -15.68 6.43
C GLU A 141 -7.50 -14.96 7.72
N LYS A 142 -6.50 -14.49 8.47
CA LYS A 142 -6.76 -13.79 9.72
C LYS A 142 -7.38 -12.42 9.46
N LEU A 143 -6.92 -11.76 8.41
CA LEU A 143 -7.44 -10.44 8.08
C LEU A 143 -8.66 -10.52 7.17
N GLY A 144 -9.10 -11.74 6.88
CA GLY A 144 -10.26 -11.92 6.03
C GLY A 144 -9.96 -11.65 4.57
N LEU A 145 -8.69 -11.76 4.18
CA LEU A 145 -8.31 -11.55 2.79
C LEU A 145 -9.07 -12.53 1.91
N HIS A 146 -9.42 -13.67 2.49
CA HIS A 146 -10.18 -14.69 1.76
C HIS A 146 -11.64 -14.28 1.64
N SER A 147 -12.09 -13.44 2.56
CA SER A 147 -13.46 -12.97 2.55
C SER A 147 -13.71 -12.01 1.39
N ILE A 148 -12.64 -11.62 0.69
CA ILE A 148 -12.77 -10.72 -0.45
C ILE A 148 -12.86 -11.51 -1.75
N ARG A 149 -13.82 -11.12 -2.58
CA ARG A 149 -14.02 -11.78 -3.87
C ARG A 149 -12.68 -11.97 -4.58
N ASN A 150 -12.66 -12.80 -5.63
CA ASN A 150 -11.44 -13.08 -6.37
C ASN A 150 -11.22 -12.08 -7.49
N ARG A 151 -10.03 -11.45 -7.49
CA ARG A 151 -9.62 -10.46 -8.50
C ARG A 151 -9.34 -9.08 -7.86
N PRO A 152 -10.20 -8.63 -6.92
CA PRO A 152 -10.03 -7.33 -6.27
C PRO A 152 -8.59 -6.99 -5.90
N TRP A 153 -7.93 -7.88 -5.15
CA TRP A 153 -6.55 -7.62 -4.74
C TRP A 153 -5.70 -8.88 -4.68
N PHE A 154 -4.43 -8.68 -4.38
CA PHE A 154 -3.47 -9.78 -4.27
C PHE A 154 -2.62 -9.60 -3.00
N ILE A 155 -2.15 -10.70 -2.43
CA ILE A 155 -1.33 -10.64 -1.22
C ILE A 155 0.03 -11.28 -1.42
N GLN A 156 1.03 -10.76 -0.70
CA GLN A 156 2.40 -11.27 -0.81
C GLN A 156 3.16 -11.11 0.50
N ALA A 157 3.88 -12.17 0.90
CA ALA A 157 4.68 -12.15 2.12
C ALA A 157 6.08 -11.61 1.82
N THR A 158 6.60 -10.76 2.70
CA THR A 158 7.93 -10.20 2.50
C THR A 158 8.62 -9.87 3.82
N CYS A 159 9.87 -9.46 3.70
CA CYS A 159 10.66 -9.04 4.85
C CYS A 159 11.31 -7.72 4.51
N ALA A 160 10.87 -6.66 5.16
CA ALA A 160 11.37 -5.31 4.87
C ALA A 160 12.86 -5.13 5.19
N THR A 161 13.37 -5.86 6.17
CA THR A 161 14.76 -5.73 6.59
C THR A 161 15.76 -6.29 5.56
N SER A 162 15.58 -7.54 5.18
CA SER A 162 16.49 -8.18 4.22
C SER A 162 16.13 -7.82 2.78
N GLY A 163 14.97 -7.22 2.60
CA GLY A 163 14.52 -6.86 1.28
C GLY A 163 14.04 -8.06 0.48
N GLU A 164 13.99 -9.21 1.13
CA GLU A 164 13.56 -10.44 0.47
C GLU A 164 12.05 -10.44 0.29
N GLY A 165 11.61 -10.43 -0.95
CA GLY A 165 10.19 -10.42 -1.23
C GLY A 165 9.71 -9.04 -1.63
N LEU A 166 10.46 -8.01 -1.25
CA LEU A 166 10.10 -6.64 -1.57
C LEU A 166 10.19 -6.40 -3.07
N TYR A 167 11.28 -6.84 -3.68
CA TYR A 167 11.49 -6.68 -5.11
C TYR A 167 10.48 -7.48 -5.91
N GLU A 168 10.30 -8.74 -5.54
CA GLU A 168 9.37 -9.63 -6.22
C GLU A 168 7.93 -9.12 -6.08
N GLY A 169 7.66 -8.37 -5.02
CA GLY A 169 6.33 -7.84 -4.80
C GLY A 169 6.06 -6.60 -5.62
N LEU A 170 7.02 -5.70 -5.64
CA LEU A 170 6.89 -4.47 -6.41
C LEU A 170 6.97 -4.78 -7.91
N GLU A 171 8.01 -5.51 -8.29
CA GLU A 171 8.20 -5.88 -9.69
C GLU A 171 6.93 -6.53 -10.23
N TRP A 172 6.39 -7.47 -9.46
CA TRP A 172 5.16 -8.16 -9.86
C TRP A 172 4.00 -7.17 -9.94
N LEU A 173 3.93 -6.30 -8.95
CA LEU A 173 2.87 -5.29 -8.90
C LEU A 173 2.94 -4.38 -10.12
N SER A 174 4.16 -4.07 -10.56
CA SER A 174 4.37 -3.22 -11.72
C SER A 174 3.73 -3.82 -12.96
N ASN A 175 3.90 -5.13 -13.13
CA ASN A 175 3.35 -5.82 -14.29
C ASN A 175 1.83 -5.70 -14.32
N SER A 176 1.19 -5.92 -13.18
CA SER A 176 -0.25 -5.83 -13.08
C SER A 176 -0.73 -4.42 -13.38
N LEU A 177 0.06 -3.43 -12.96
CA LEU A 177 -0.26 -2.03 -13.20
C LEU A 177 0.18 -1.62 -14.60
N LYS A 178 1.06 -2.42 -15.20
CA LYS A 178 1.58 -2.13 -16.53
C LYS A 178 0.67 -2.68 -17.64
N ASN A 179 0.78 -3.97 -17.92
CA ASN A 179 -0.03 -4.59 -18.97
C ASN A 179 -0.91 -5.72 -18.45
N SER A 180 -0.29 -6.82 -18.04
CA SER A 180 -1.04 -7.97 -17.54
C SER A 180 -1.54 -7.74 -16.13
N THR A 181 -2.70 -7.08 -16.02
CA THR A 181 -3.31 -6.81 -14.73
C THR A 181 -3.64 -8.11 -13.99
PB GDP B . 6.23 2.93 9.71
O1B GDP B . 5.01 2.20 8.98
O2B GDP B . 7.09 3.80 8.70
O3B GDP B . 5.76 3.77 10.98
O3A GDP B . 7.18 1.76 10.25
PA GDP B . 8.78 1.91 10.17
O1A GDP B . 9.18 3.42 10.49
O2A GDP B . 9.28 1.39 8.75
O5' GDP B . 9.35 0.97 11.32
C5' GDP B . 8.61 -0.16 11.77
C4' GDP B . 9.40 -0.89 12.83
O4' GDP B . 9.31 -2.33 12.56
C3' GDP B . 10.88 -0.59 12.86
O3' GDP B . 11.43 -0.78 14.17
C2' GDP B . 11.46 -1.59 11.86
O2' GDP B . 12.79 -1.93 12.19
C1' GDP B . 10.56 -2.80 12.11
N9 GDP B . 10.34 -3.61 10.92
C8 GDP B . 9.84 -3.19 9.71
N7 GDP B . 9.74 -4.16 8.83
C5 GDP B . 10.21 -5.28 9.50
C6 GDP B . 10.35 -6.61 9.05
O6 GDP B . 10.07 -7.10 7.95
N1 GDP B . 10.87 -7.44 10.06
C2 GDP B . 11.20 -7.03 11.32
N2 GDP B . 11.69 -7.96 12.13
N3 GDP B . 11.08 -5.77 11.75
C4 GDP B . 10.59 -4.96 10.79
H5' GDP B . 8.42 -0.84 10.94
H5'' GDP B . 7.66 0.16 12.19
H4' GDP B . 8.99 -0.61 13.80
H3' GDP B . 11.09 0.45 12.60
HO3' GDP B . 12.25 -1.26 14.08
H2' GDP B . 11.35 -1.21 10.85
HO2' GDP B . 13.04 -2.67 11.63
H1' GDP B . 10.96 -3.45 12.89
H8 GDP B . 9.55 -2.17 9.51
HN1 GDP B . 10.98 -8.41 9.84
HN21 GDP B . 11.97 -7.72 13.08
HN22 GDP B . 11.78 -8.91 11.81
C1 MYR A 1 13.00 -0.51 -7.42
O1 MYR A 1 13.21 -1.32 -8.32
C2 MYR A 1 11.57 -0.06 -7.10
C3 MYR A 1 11.35 1.42 -7.33
C4 MYR A 1 10.25 1.66 -8.36
C5 MYR A 1 8.89 1.77 -7.69
C6 MYR A 1 8.64 3.16 -7.15
C7 MYR A 1 8.22 4.12 -8.25
C8 MYR A 1 6.79 4.59 -8.07
C9 MYR A 1 5.84 3.90 -9.04
C10 MYR A 1 5.05 2.80 -8.37
C11 MYR A 1 5.60 1.43 -8.68
C12 MYR A 1 4.50 0.40 -8.87
C13 MYR A 1 3.81 0.56 -10.21
C14 MYR A 1 2.54 -0.26 -10.35
H21 MYR A 1 11.37 -0.28 -6.05
H22 MYR A 1 10.89 -0.63 -7.71
H31 MYR A 1 12.27 1.85 -7.70
H32 MYR A 1 11.07 1.89 -6.41
H41 MYR A 1 10.24 0.84 -9.06
H42 MYR A 1 10.45 2.58 -8.89
H51 MYR A 1 8.84 1.05 -6.89
H52 MYR A 1 8.12 1.53 -8.42
H61 MYR A 1 9.55 3.52 -6.69
H62 MYR A 1 7.85 3.11 -6.41
H71 MYR A 1 8.31 3.63 -9.21
H72 MYR A 1 8.87 4.99 -8.23
H81 MYR A 1 6.74 5.65 -8.24
H82 MYR A 1 6.46 4.37 -7.06
H91 MYR A 1 6.43 3.47 -9.85
H92 MYR A 1 5.16 4.63 -9.45
H101 MYR A 1 4.02 2.85 -8.72
H102 MYR A 1 5.07 2.95 -7.29
H111 MYR A 1 6.24 1.11 -7.87
H112 MYR A 1 6.19 1.48 -9.60
H121 MYR A 1 3.77 0.53 -8.08
H122 MYR A 1 4.92 -0.59 -8.81
H131 MYR A 1 4.49 0.25 -10.99
H132 MYR A 1 3.55 1.60 -10.35
H141 MYR A 1 2.80 -1.31 -10.43
H142 MYR A 1 2.01 0.05 -11.23
H143 MYR A 1 1.92 -0.11 -9.48
N GLY A 2 13.95 0.03 -6.68
CA GLY A 2 15.34 -0.32 -6.89
C GLY A 2 16.10 0.76 -7.64
N LEU A 3 17.43 0.68 -7.60
CA LEU A 3 18.27 1.65 -8.28
C LEU A 3 18.84 1.08 -9.58
N PHE A 4 19.06 -0.22 -9.60
CA PHE A 4 19.60 -0.88 -10.77
C PHE A 4 18.56 -0.95 -11.89
N ALA A 5 18.92 -1.60 -12.99
CA ALA A 5 18.02 -1.72 -14.13
C ALA A 5 17.69 -0.36 -14.73
N SER A 6 18.63 0.57 -14.61
CA SER A 6 18.43 1.92 -15.14
C SER A 6 17.21 2.58 -14.52
N LYS A 7 16.91 3.80 -14.95
CA LYS A 7 15.77 4.54 -14.44
C LYS A 7 15.19 5.48 -15.50
N LEU A 8 15.23 5.03 -16.75
CA LEU A 8 14.72 5.82 -17.86
C LEU A 8 13.23 6.14 -17.66
N PHE A 9 12.77 7.19 -18.32
CA PHE A 9 11.36 7.59 -18.22
C PHE A 9 10.57 7.11 -19.43
N SER A 10 10.91 5.91 -19.91
CA SER A 10 10.22 5.34 -21.06
C SER A 10 9.69 3.95 -20.74
N ASN A 11 8.43 3.89 -20.32
CA ASN A 11 7.80 2.62 -19.97
C ASN A 11 6.28 2.71 -20.08
N LEU A 12 5.61 1.56 -19.98
CA LEU A 12 4.15 1.50 -20.06
C LEU A 12 3.57 2.36 -21.19
N PHE A 13 4.41 2.70 -22.18
CA PHE A 13 3.98 3.52 -23.33
C PHE A 13 2.89 4.51 -22.92
N GLY A 14 3.04 5.11 -21.75
CA GLY A 14 2.05 6.06 -21.27
C GLY A 14 1.53 5.69 -19.88
N ASN A 15 0.86 6.63 -19.24
CA ASN A 15 0.31 6.40 -17.90
C ASN A 15 -1.12 6.90 -17.78
N LYS A 16 -2.05 5.97 -17.58
CA LYS A 16 -3.46 6.32 -17.45
C LYS A 16 -3.79 6.76 -16.02
N GLU A 17 -3.06 7.76 -15.54
CA GLU A 17 -3.27 8.28 -14.19
C GLU A 17 -3.11 7.19 -13.14
N MET A 18 -2.04 7.27 -12.36
CA MET A 18 -1.77 6.29 -11.31
C MET A 18 -1.16 6.96 -10.09
N ARG A 19 -1.75 6.75 -8.92
CA ARG A 19 -1.22 7.35 -7.69
C ARG A 19 -1.31 6.37 -6.54
N ILE A 20 -0.20 5.71 -6.24
CA ILE A 20 -0.16 4.72 -5.18
C ILE A 20 0.04 5.34 -3.81
N LEU A 21 -0.84 4.96 -2.87
CA LEU A 21 -0.78 5.45 -1.51
C LEU A 21 -0.44 4.33 -0.53
N MET A 22 0.33 4.64 0.49
CA MET A 22 0.70 3.64 1.48
C MET A 22 -0.22 3.70 2.69
N VAL A 23 -1.07 2.70 2.84
CA VAL A 23 -2.01 2.64 3.95
C VAL A 23 -1.83 1.33 4.73
N GLY A 24 -2.04 1.39 6.03
CA GLY A 24 -1.90 0.21 6.86
C GLY A 24 -1.62 0.55 8.30
N LEU A 25 -1.30 -0.45 9.10
CA LEU A 25 -0.99 -0.24 10.51
C LEU A 25 0.30 0.53 10.68
N ASP A 26 0.34 1.39 11.68
CA ASP A 26 1.54 2.19 11.94
C ASP A 26 2.69 1.27 12.34
N GLY A 27 3.91 1.67 12.00
CA GLY A 27 5.08 0.87 12.33
C GLY A 27 5.21 -0.37 11.46
N ALA A 28 4.32 -0.52 10.48
CA ALA A 28 4.35 -1.67 9.58
C ALA A 28 5.58 -1.66 8.69
N GLY A 29 6.20 -0.49 8.53
CA GLY A 29 7.38 -0.39 7.70
C GLY A 29 7.28 0.68 6.64
N LYS A 30 6.49 1.72 6.90
CA LYS A 30 6.33 2.82 5.96
C LYS A 30 7.63 3.61 5.84
N THR A 31 8.41 3.61 6.92
CA THR A 31 9.69 4.31 6.94
C THR A 31 10.76 3.49 6.20
N THR A 32 10.77 2.18 6.46
CA THR A 32 11.73 1.29 5.83
C THR A 32 11.49 1.20 4.33
N VAL A 33 10.23 0.96 3.95
CA VAL A 33 9.87 0.86 2.54
C VAL A 33 10.11 2.19 1.82
N LEU A 34 9.86 3.29 2.52
CA LEU A 34 10.05 4.61 1.93
C LEU A 34 11.46 4.75 1.38
N TYR A 35 12.44 4.41 2.21
CA TYR A 35 13.84 4.49 1.80
C TYR A 35 14.09 3.60 0.58
N LYS A 36 13.48 2.42 0.56
CA LYS A 36 13.65 1.49 -0.55
C LYS A 36 13.24 2.15 -1.87
N LEU A 37 12.19 2.97 -1.81
CA LEU A 37 11.70 3.67 -2.99
C LEU A 37 12.49 4.95 -3.23
N LYS A 38 13.03 5.51 -2.14
CA LYS A 38 13.82 6.73 -2.22
C LYS A 38 12.99 7.87 -2.81
N LEU A 39 12.93 7.93 -4.13
CA LEU A 39 12.17 8.97 -4.84
C LEU A 39 12.86 10.33 -4.74
N GLY A 40 13.87 10.45 -3.87
CA GLY A 40 14.56 11.71 -3.71
C GLY A 40 14.24 12.37 -2.38
N GLU A 41 13.08 13.02 -2.32
CA GLU A 41 12.65 13.69 -1.10
C GLU A 41 11.14 13.60 -0.94
N VAL A 42 10.69 13.16 0.22
CA VAL A 42 9.27 13.02 0.50
C VAL A 42 8.70 14.30 1.13
N ILE A 43 7.49 14.66 0.71
CA ILE A 43 6.83 15.85 1.25
C ILE A 43 5.91 15.49 2.41
N THR A 44 6.05 16.22 3.51
CA THR A 44 5.23 15.98 4.68
C THR A 44 3.98 16.86 4.66
N THR A 45 2.81 16.24 4.67
CA THR A 45 1.56 16.97 4.62
C THR A 45 0.94 17.09 6.01
N ILE A 46 0.92 18.31 6.54
CA ILE A 46 0.36 18.58 7.85
C ILE A 46 -0.99 19.27 7.73
N PRO A 47 -2.04 18.51 7.37
CA PRO A 47 -3.40 19.06 7.22
C PRO A 47 -3.84 19.82 8.46
N THR A 48 -3.37 19.37 9.62
CA THR A 48 -3.71 20.01 10.89
C THR A 48 -2.86 19.39 12.00
N ILE A 49 -2.85 20.04 13.16
CA ILE A 49 -2.07 19.53 14.28
C ILE A 49 -2.57 18.14 14.67
N GLY A 50 -3.84 18.07 15.03
CA GLY A 50 -4.47 16.82 15.45
C GLY A 50 -4.03 15.60 14.65
N PHE A 51 -3.60 15.79 13.39
CA PHE A 51 -3.19 14.66 12.57
C PHE A 51 -1.98 14.97 11.69
N ASN A 52 -1.32 13.92 11.20
CA ASN A 52 -0.16 14.07 10.34
C ASN A 52 -0.27 13.15 9.12
N VAL A 53 0.08 13.66 7.94
CA VAL A 53 0.00 12.88 6.72
C VAL A 53 1.24 13.07 5.85
N GLU A 54 1.66 12.00 5.18
CA GLU A 54 2.82 12.06 4.30
C GLU A 54 2.39 11.92 2.85
N THR A 55 3.25 12.36 1.93
CA THR A 55 2.93 12.28 0.51
C THR A 55 4.18 12.47 -0.35
N VAL A 56 4.32 11.62 -1.36
CA VAL A 56 5.46 11.68 -2.26
C VAL A 56 5.02 11.89 -3.71
N GLN A 57 5.77 12.70 -4.45
CA GLN A 57 5.43 12.98 -5.84
C GLN A 57 6.52 12.47 -6.78
N TYR A 58 6.17 11.48 -7.60
CA TYR A 58 7.11 10.90 -8.55
C TYR A 58 6.65 11.15 -9.98
N LYS A 59 7.55 10.90 -10.94
CA LYS A 59 7.25 11.10 -12.35
C LYS A 59 6.04 10.27 -12.80
N ASN A 60 5.08 10.93 -13.44
CA ASN A 60 3.88 10.27 -13.96
C ASN A 60 3.29 9.28 -12.94
N ILE A 61 3.33 9.64 -11.67
CA ILE A 61 2.80 8.78 -10.62
C ILE A 61 2.92 9.46 -9.25
N SER A 62 1.78 9.70 -8.61
CA SER A 62 1.76 10.35 -7.30
C SER A 62 1.70 9.34 -6.17
N PHE A 63 2.09 9.79 -4.97
CA PHE A 63 2.08 8.93 -3.80
C PHE A 63 1.49 9.64 -2.59
N THR A 64 0.78 8.88 -1.75
CA THR A 64 0.14 9.42 -0.56
C THR A 64 0.24 8.44 0.61
N VAL A 65 0.54 8.96 1.80
CA VAL A 65 0.66 8.11 2.98
C VAL A 65 -0.40 8.45 4.03
N TRP A 66 -1.17 7.43 4.42
CA TRP A 66 -2.22 7.60 5.41
C TRP A 66 -2.40 6.32 6.24
N ASP A 67 -2.07 6.39 7.53
CA ASP A 67 -2.18 5.24 8.43
C ASP A 67 -3.58 4.65 8.38
N VAL A 68 -3.82 3.63 9.21
CA VAL A 68 -5.13 2.98 9.26
C VAL A 68 -6.21 3.92 9.77
N GLY A 69 -5.98 4.54 10.92
CA GLY A 69 -6.96 5.45 11.49
C GLY A 69 -8.28 4.74 11.71
N GLY A 70 -8.35 3.92 12.75
CA GLY A 70 -9.55 3.17 13.04
C GLY A 70 -10.67 4.01 13.64
N GLN A 71 -10.52 5.33 13.63
CA GLN A 71 -11.54 6.21 14.19
C GLN A 71 -11.60 7.51 13.41
N ASP A 72 -11.08 7.51 12.19
CA ASP A 72 -11.07 8.70 11.35
C ASP A 72 -12.13 8.61 10.26
N ARG A 73 -12.73 9.76 9.92
CA ARG A 73 -13.76 9.81 8.90
C ARG A 73 -14.22 11.23 8.65
N ILE A 74 -14.40 11.99 9.74
CA ILE A 74 -14.85 13.38 9.64
C ILE A 74 -13.74 14.27 9.10
N ARG A 75 -13.70 14.43 7.78
CA ARG A 75 -12.69 15.26 7.14
C ARG A 75 -12.99 15.42 5.64
N SER A 76 -12.83 16.64 5.15
CA SER A 76 -13.09 16.94 3.75
C SER A 76 -11.81 16.81 2.91
N LEU A 77 -10.67 16.70 3.58
CA LEU A 77 -9.39 16.57 2.90
C LEU A 77 -9.12 15.11 2.54
N TRP A 78 -9.32 14.21 3.51
CA TRP A 78 -9.09 12.79 3.31
C TRP A 78 -10.00 12.22 2.22
N ARG A 79 -11.10 12.92 1.94
CA ARG A 79 -12.04 12.47 0.92
C ARG A 79 -11.67 12.99 -0.47
N HIS A 80 -11.43 14.31 -0.55
CA HIS A 80 -11.07 14.93 -1.81
C HIS A 80 -9.67 14.53 -2.27
N TYR A 81 -8.92 13.84 -1.41
CA TYR A 81 -7.57 13.41 -1.75
C TYR A 81 -7.51 11.92 -2.07
N TYR A 82 -8.04 11.09 -1.19
CA TYR A 82 -8.01 9.66 -1.38
C TYR A 82 -8.66 9.23 -2.69
N ARG A 83 -9.76 9.87 -3.08
CA ARG A 83 -10.42 9.51 -4.32
C ARG A 83 -9.51 9.80 -5.52
N ASN A 84 -8.94 11.00 -5.54
CA ASN A 84 -8.07 11.40 -6.63
C ASN A 84 -6.92 10.42 -6.85
N THR A 85 -6.53 9.72 -5.80
CA THR A 85 -5.46 8.72 -5.90
C THR A 85 -5.88 7.61 -6.86
N GLU A 86 -4.92 6.99 -7.53
CA GLU A 86 -5.22 5.92 -8.47
C GLU A 86 -4.57 4.61 -8.05
N GLY A 87 -4.00 4.58 -6.84
CA GLY A 87 -3.33 3.38 -6.36
C GLY A 87 -3.62 3.12 -4.90
N VAL A 88 -3.77 1.84 -4.54
CA VAL A 88 -4.05 1.48 -3.15
C VAL A 88 -3.24 0.26 -2.71
N ILE A 89 -2.31 0.49 -1.79
CA ILE A 89 -1.47 -0.58 -1.27
C ILE A 89 -1.59 -0.68 0.25
N PHE A 90 -2.07 -1.82 0.72
CA PHE A 90 -2.24 -2.05 2.15
C PHE A 90 -1.12 -2.90 2.71
N VAL A 91 -0.52 -2.44 3.81
CA VAL A 91 0.57 -3.16 4.45
C VAL A 91 0.28 -3.37 5.93
N VAL A 92 0.40 -4.63 6.38
CA VAL A 92 0.14 -4.97 7.77
C VAL A 92 1.39 -5.57 8.43
N ASP A 93 1.42 -5.55 9.76
CA ASP A 93 2.54 -6.09 10.50
C ASP A 93 2.37 -7.59 10.70
N SER A 94 3.34 -8.35 10.19
CA SER A 94 3.31 -9.81 10.29
C SER A 94 3.61 -10.29 11.70
N ASN A 95 4.26 -9.45 12.50
CA ASN A 95 4.58 -9.82 13.87
C ASN A 95 3.58 -9.22 14.85
N ASP A 96 2.51 -8.62 14.32
CA ASP A 96 1.48 -8.01 15.15
C ASP A 96 0.12 -8.63 14.88
N ARG A 97 -0.03 -9.90 15.24
CA ARG A 97 -1.28 -10.62 15.05
C ARG A 97 -2.39 -9.98 15.89
N SER A 98 -2.00 -9.49 17.06
CA SER A 98 -2.95 -8.87 17.98
C SER A 98 -3.62 -7.65 17.33
N ARG A 99 -3.03 -7.13 16.26
CA ARG A 99 -3.59 -5.98 15.57
C ARG A 99 -4.00 -6.32 14.14
N ILE A 100 -3.84 -7.57 13.75
CA ILE A 100 -4.19 -8.02 12.41
C ILE A 100 -5.68 -7.83 12.17
N GLY A 101 -6.48 -8.03 13.21
CA GLY A 101 -7.90 -7.85 13.09
C GLY A 101 -8.24 -6.40 12.84
N GLU A 102 -7.44 -5.52 13.45
CA GLU A 102 -7.63 -4.09 13.30
C GLU A 102 -7.26 -3.66 11.89
N ALA A 103 -6.22 -4.28 11.36
CA ALA A 103 -5.77 -3.98 10.01
C ALA A 103 -6.84 -4.34 8.99
N ARG A 104 -7.47 -5.49 9.19
CA ARG A 104 -8.50 -5.95 8.27
C ARG A 104 -9.72 -5.02 8.29
N GLU A 105 -10.05 -4.48 9.46
CA GLU A 105 -11.19 -3.59 9.61
C GLU A 105 -11.01 -2.33 8.78
N VAL A 106 -9.82 -1.74 8.85
CA VAL A 106 -9.54 -0.52 8.09
C VAL A 106 -9.60 -0.81 6.60
N MET A 107 -9.12 -1.98 6.20
CA MET A 107 -9.14 -2.39 4.80
C MET A 107 -10.57 -2.64 4.34
N GLN A 108 -11.37 -3.24 5.21
CA GLN A 108 -12.76 -3.54 4.90
C GLN A 108 -13.59 -2.28 4.75
N ARG A 109 -13.42 -1.36 5.71
CA ARG A 109 -14.16 -0.11 5.68
C ARG A 109 -13.71 0.78 4.52
N MET A 110 -12.39 0.83 4.30
CA MET A 110 -11.85 1.65 3.22
C MET A 110 -12.23 1.08 1.85
N LEU A 111 -12.31 -0.25 1.76
CA LEU A 111 -12.67 -0.90 0.50
C LEU A 111 -14.15 -0.73 0.19
N ASN A 112 -14.91 -0.23 1.16
CA ASN A 112 -16.34 0.00 0.99
C ASN A 112 -16.61 1.32 0.25
N GLU A 113 -15.54 1.99 -0.19
CA GLU A 113 -15.68 3.25 -0.90
C GLU A 113 -16.09 3.02 -2.36
N ASP A 114 -17.32 3.41 -2.69
CA ASP A 114 -17.84 3.23 -4.04
C ASP A 114 -16.92 3.86 -5.09
N GLU A 115 -16.30 4.98 -4.72
CA GLU A 115 -15.39 5.68 -5.63
C GLU A 115 -14.08 4.90 -5.82
N LEU A 116 -13.87 3.88 -4.99
CA LEU A 116 -12.68 3.07 -5.08
C LEU A 116 -13.02 1.59 -5.31
N ARG A 117 -14.30 1.32 -5.56
CA ARG A 117 -14.75 -0.05 -5.80
C ARG A 117 -13.99 -0.71 -6.95
N ASN A 118 -13.39 0.10 -7.82
CA ASN A 118 -12.64 -0.43 -8.95
C ASN A 118 -11.14 -0.18 -8.79
N ALA A 119 -10.72 0.12 -7.56
CA ALA A 119 -9.31 0.39 -7.29
C ALA A 119 -8.55 -0.90 -7.04
N ALA A 120 -7.28 -0.93 -7.47
CA ALA A 120 -6.44 -2.11 -7.28
C ALA A 120 -5.80 -2.08 -5.90
N TRP A 121 -6.07 -3.12 -5.12
CA TRP A 121 -5.52 -3.21 -3.76
C TRP A 121 -4.48 -4.31 -3.65
N LEU A 122 -3.41 -4.03 -2.92
CA LEU A 122 -2.34 -5.00 -2.73
C LEU A 122 -2.02 -5.15 -1.25
N VAL A 123 -1.79 -6.39 -0.82
CA VAL A 123 -1.47 -6.66 0.57
C VAL A 123 -0.02 -7.10 0.68
N PHE A 124 0.72 -6.48 1.59
CA PHE A 124 2.12 -6.82 1.79
C PHE A 124 2.38 -7.18 3.24
N ALA A 125 2.96 -8.37 3.45
CA ALA A 125 3.30 -8.80 4.79
C ALA A 125 4.73 -8.35 5.10
N ASN A 126 4.90 -7.55 6.15
CA ASN A 126 6.22 -7.05 6.48
C ASN A 126 6.70 -7.57 7.83
N LYS A 127 7.68 -8.47 7.78
CA LYS A 127 8.30 -9.08 8.96
C LYS A 127 8.46 -10.58 8.78
N GLN A 128 8.65 -11.02 7.54
CA GLN A 128 8.80 -12.45 7.27
C GLN A 128 10.16 -12.95 7.74
N ASP A 129 11.06 -12.03 8.01
CA ASP A 129 12.39 -12.41 8.50
C ASP A 129 12.34 -12.83 9.96
N LEU A 130 11.31 -12.36 10.66
CA LEU A 130 11.13 -12.70 12.07
C LEU A 130 10.80 -14.18 12.23
N PRO A 131 11.41 -14.86 13.21
CA PRO A 131 11.16 -16.29 13.45
C PRO A 131 9.78 -16.55 14.02
N GLU A 132 9.15 -15.50 14.56
CA GLU A 132 7.81 -15.63 15.14
C GLU A 132 6.77 -14.90 14.30
N ALA A 133 7.07 -14.70 13.02
CA ALA A 133 6.15 -14.01 12.12
C ALA A 133 5.19 -15.00 11.47
N MET A 134 3.97 -14.54 11.21
CA MET A 134 2.95 -15.38 10.59
C MET A 134 3.15 -15.45 9.08
N SER A 135 2.71 -16.53 8.47
CA SER A 135 2.83 -16.72 7.03
C SER A 135 1.77 -15.90 6.31
N ALA A 136 2.09 -15.46 5.09
CA ALA A 136 1.15 -14.67 4.30
C ALA A 136 -0.22 -15.35 4.20
N ALA A 137 -0.20 -16.67 4.07
CA ALA A 137 -1.43 -17.44 3.97
C ALA A 137 -2.27 -17.32 5.24
N GLU A 138 -1.62 -17.39 6.40
CA GLU A 138 -2.31 -17.29 7.67
C GLU A 138 -2.85 -15.88 7.89
N ILE A 139 -2.10 -14.89 7.39
CA ILE A 139 -2.53 -13.50 7.53
C ILE A 139 -3.75 -13.23 6.68
N THR A 140 -3.74 -13.74 5.45
CA THR A 140 -4.86 -13.55 4.54
C THR A 140 -6.15 -14.10 5.14
N GLU A 141 -6.04 -15.23 5.81
CA GLU A 141 -7.20 -15.85 6.44
C GLU A 141 -7.59 -15.10 7.71
N LYS A 142 -6.59 -14.61 8.42
CA LYS A 142 -6.82 -13.87 9.67
C LYS A 142 -7.48 -12.53 9.40
N LEU A 143 -7.03 -11.85 8.35
CA LEU A 143 -7.57 -10.54 7.99
C LEU A 143 -8.83 -10.68 7.12
N GLY A 144 -9.27 -11.93 6.91
CA GLY A 144 -10.44 -12.17 6.12
C GLY A 144 -10.24 -11.76 4.67
N LEU A 145 -8.99 -11.77 4.23
CA LEU A 145 -8.66 -11.43 2.85
C LEU A 145 -9.22 -12.49 1.91
N HIS A 146 -9.48 -13.67 2.47
CA HIS A 146 -10.03 -14.78 1.70
C HIS A 146 -11.52 -14.55 1.44
N SER A 147 -12.14 -13.75 2.31
CA SER A 147 -13.55 -13.44 2.18
C SER A 147 -13.81 -12.49 1.02
N ILE A 148 -12.75 -12.03 0.35
CA ILE A 148 -12.92 -11.13 -0.78
C ILE A 148 -13.13 -11.92 -2.08
N ARG A 149 -14.28 -11.70 -2.70
CA ARG A 149 -14.61 -12.38 -3.94
C ARG A 149 -14.79 -11.39 -5.09
N ASN A 150 -13.85 -11.41 -6.03
CA ASN A 150 -13.87 -10.52 -7.21
C ASN A 150 -12.45 -10.22 -7.70
N ARG A 151 -11.47 -11.05 -7.33
CA ARG A 151 -10.08 -10.85 -7.73
C ARG A 151 -9.71 -9.36 -7.74
N PRO A 152 -9.94 -8.66 -6.62
CA PRO A 152 -9.65 -7.23 -6.51
C PRO A 152 -8.24 -6.93 -6.00
N TRP A 153 -7.66 -7.85 -5.22
CA TRP A 153 -6.34 -7.61 -4.66
C TRP A 153 -5.46 -8.87 -4.67
N PHE A 154 -4.20 -8.66 -4.30
CA PHE A 154 -3.23 -9.76 -4.22
C PHE A 154 -2.47 -9.67 -2.90
N ILE A 155 -1.94 -10.80 -2.42
CA ILE A 155 -1.21 -10.81 -1.16
C ILE A 155 0.18 -11.44 -1.32
N GLN A 156 1.16 -10.89 -0.60
CA GLN A 156 2.52 -11.40 -0.66
C GLN A 156 3.28 -11.19 0.65
N ALA A 157 4.01 -12.21 1.09
CA ALA A 157 4.79 -12.14 2.32
C ALA A 157 6.18 -11.58 2.02
N THR A 158 6.69 -10.72 2.89
CA THR A 158 8.00 -10.14 2.67
C THR A 158 8.71 -9.80 3.99
N CYS A 159 9.95 -9.37 3.84
CA CYS A 159 10.77 -8.94 4.96
C CYS A 159 11.39 -7.61 4.60
N ALA A 160 10.93 -6.55 5.25
CA ALA A 160 11.39 -5.20 4.95
C ALA A 160 12.89 -4.99 5.17
N THR A 161 13.48 -5.74 6.10
CA THR A 161 14.90 -5.58 6.42
C THR A 161 15.84 -6.14 5.35
N SER A 162 15.64 -7.39 4.96
CA SER A 162 16.51 -8.02 3.97
C SER A 162 16.08 -7.67 2.55
N GLY A 163 14.91 -7.07 2.42
CA GLY A 163 14.40 -6.71 1.10
C GLY A 163 13.87 -7.92 0.35
N GLU A 164 13.88 -9.08 1.01
CA GLU A 164 13.41 -10.31 0.40
C GLU A 164 11.89 -10.32 0.32
N GLY A 165 11.37 -10.34 -0.90
CA GLY A 165 9.94 -10.34 -1.11
C GLY A 165 9.43 -8.97 -1.53
N LEU A 166 10.18 -7.92 -1.20
CA LEU A 166 9.78 -6.57 -1.54
C LEU A 166 9.89 -6.33 -3.04
N TYR A 167 11.02 -6.74 -3.63
CA TYR A 167 11.24 -6.57 -5.06
C TYR A 167 10.27 -7.42 -5.88
N GLU A 168 10.20 -8.71 -5.55
CA GLU A 168 9.33 -9.63 -6.25
C GLU A 168 7.85 -9.25 -6.09
N GLY A 169 7.53 -8.59 -4.99
CA GLY A 169 6.17 -8.18 -4.74
C GLY A 169 5.77 -6.98 -5.58
N LEU A 170 6.68 -6.03 -5.68
CA LEU A 170 6.44 -4.82 -6.47
C LEU A 170 6.44 -5.16 -7.95
N GLU A 171 7.44 -5.93 -8.37
CA GLU A 171 7.56 -6.33 -9.76
C GLU A 171 6.25 -6.97 -10.23
N TRP A 172 5.72 -7.86 -9.40
CA TRP A 172 4.47 -8.55 -9.71
C TRP A 172 3.33 -7.54 -9.85
N LEU A 173 3.29 -6.58 -8.93
CA LEU A 173 2.25 -5.55 -8.94
C LEU A 173 2.30 -4.75 -10.23
N SER A 174 3.51 -4.51 -10.74
CA SER A 174 3.69 -3.75 -11.97
C SER A 174 3.02 -4.46 -13.14
N ASN A 175 3.17 -5.77 -13.21
CA ASN A 175 2.58 -6.57 -14.29
C ASN A 175 1.07 -6.41 -14.31
N SER A 176 0.45 -6.49 -13.15
CA SER A 176 -1.00 -6.37 -13.04
C SER A 176 -1.47 -4.98 -13.45
N LEU A 177 -0.66 -3.97 -13.15
CA LEU A 177 -1.00 -2.59 -13.48
C LEU A 177 -0.66 -2.26 -14.94
N LYS A 178 0.30 -2.98 -15.50
CA LYS A 178 0.72 -2.75 -16.89
C LYS A 178 -0.11 -3.57 -17.89
N ASN A 179 -0.76 -4.63 -17.40
CA ASN A 179 -1.56 -5.48 -18.26
C ASN A 179 -3.05 -5.22 -18.07
N SER A 180 -3.51 -4.09 -18.56
CA SER A 180 -4.93 -3.73 -18.45
C SER A 180 -5.75 -4.42 -19.53
N THR A 181 -6.41 -5.51 -19.16
CA THR A 181 -7.24 -6.28 -20.10
C THR A 181 -6.51 -6.49 -21.42
PB GDP B . 6.19 2.61 10.05
O1B GDP B . 4.82 2.01 9.49
O2B GDP B . 6.97 3.44 8.94
O3B GDP B . 6.00 3.43 11.39
O3A GDP B . 7.12 1.35 10.41
PA GDP B . 8.72 1.50 10.44
O1A GDP B . 9.10 2.75 11.35
O2A GDP B . 9.26 1.56 8.95
O5' GDP B . 9.24 0.17 11.14
C5' GDP B . 8.64 -0.32 12.34
C4' GDP B . 9.67 -0.98 13.21
O4' GDP B . 9.76 -2.38 12.87
C3' GDP B . 11.09 -0.44 13.04
O3' GDP B . 11.84 -0.58 14.24
C2' GDP B . 11.64 -1.30 11.91
O2' GDP B . 13.04 -1.44 12.01
C1' GDP B . 10.99 -2.65 12.23
N9 GDP B . 10.73 -3.47 11.05
C8 GDP B . 10.25 -3.04 9.83
N7 GDP B . 10.10 -4.00 8.97
C5 GDP B . 10.51 -5.14 9.65
C6 GDP B . 10.58 -6.48 9.22
O6 GDP B . 10.28 -6.96 8.12
N1 GDP B . 11.04 -7.32 10.23
C2 GDP B . 11.41 -6.91 11.49
N2 GDP B . 11.85 -7.86 12.33
N3 GDP B . 11.36 -5.64 11.90
C4 GDP B . 10.90 -4.82 10.94
H5' GDP B . 7.87 -1.06 12.09
H5'' GDP B . 8.17 0.50 12.88
H4' GDP B . 9.40 -0.79 14.25
H3' GDP B . 11.10 0.62 12.80
HO3' GDP B . 12.77 -0.69 13.98
H2' GDP B . 11.32 -0.92 10.94
HO2' GDP B . 13.33 -1.99 11.28
H1' GDP B . 11.59 -3.24 12.92
H8 GDP B . 10.02 -2.00 9.62
HN1 GDP B . 11.13 -8.30 10.03
HN21 GDP B . 12.13 -7.62 13.27
HN22 GDP B . 11.89 -8.82 12.01
C1 MYR A 1 8.96 -0.16 -16.70
O1 MYR A 1 9.22 -1.03 -17.52
C2 MYR A 1 9.08 -0.42 -15.21
C3 MYR A 1 7.76 -0.30 -14.48
C4 MYR A 1 7.75 0.90 -13.53
C5 MYR A 1 7.83 0.46 -12.07
C6 MYR A 1 8.83 1.29 -11.29
C7 MYR A 1 8.77 0.98 -9.80
C8 MYR A 1 8.00 2.04 -9.05
C9 MYR A 1 7.63 1.58 -7.64
C10 MYR A 1 6.37 0.72 -7.66
C11 MYR A 1 5.12 1.55 -7.91
C12 MYR A 1 4.01 0.72 -8.52
C13 MYR A 1 4.10 0.71 -10.04
C14 MYR A 1 2.80 0.30 -10.72
H21 MYR A 1 9.78 0.30 -14.78
H22 MYR A 1 9.47 -1.42 -15.06
H31 MYR A 1 7.58 -1.19 -13.90
H32 MYR A 1 6.98 -0.17 -15.20
H41 MYR A 1 6.84 1.46 -13.67
H42 MYR A 1 8.60 1.53 -13.75
H51 MYR A 1 8.14 -0.58 -12.03
H52 MYR A 1 6.86 0.57 -11.62
H61 MYR A 1 8.61 2.33 -11.44
H62 MYR A 1 9.83 1.07 -11.65
H71 MYR A 1 9.78 0.94 -9.42
H72 MYR A 1 8.29 0.02 -9.66
H81 MYR A 1 7.09 2.28 -9.59
H82 MYR A 1 8.60 2.94 -8.96
H91 MYR A 1 7.45 2.44 -7.02
H92 MYR A 1 8.44 1.00 -7.24
H101 MYR A 1 6.28 0.22 -6.71
H102 MYR A 1 6.46 -0.02 -8.45
H111 MYR A 1 5.37 2.36 -8.58
H112 MYR A 1 4.78 1.95 -6.96
H121 MYR A 1 3.06 1.13 -8.23
H122 MYR A 1 4.10 -0.30 -8.16
H131 MYR A 1 4.87 0.01 -10.34
H132 MYR A 1 4.35 1.70 -10.38
H141 MYR A 1 2.70 -0.77 -10.67
H142 MYR A 1 2.83 0.62 -11.76
H143 MYR A 1 1.98 0.77 -10.22
N GLY A 2 8.56 1.06 -17.04
CA GLY A 2 8.40 1.42 -18.44
C GLY A 2 9.71 1.39 -19.20
N LEU A 3 10.60 2.34 -18.89
CA LEU A 3 11.89 2.41 -19.55
C LEU A 3 11.73 2.64 -21.05
N PHE A 4 12.84 2.83 -21.74
CA PHE A 4 12.82 3.05 -23.18
C PHE A 4 13.98 2.31 -23.87
N ALA A 5 13.72 1.07 -24.26
CA ALA A 5 14.74 0.26 -24.92
C ALA A 5 14.13 -1.01 -25.49
N SER A 6 13.49 -1.80 -24.63
CA SER A 6 12.86 -3.05 -25.05
C SER A 6 11.36 -3.02 -24.77
N LYS A 7 10.68 -4.11 -25.14
CA LYS A 7 9.24 -4.21 -24.93
C LYS A 7 8.49 -3.16 -25.74
N LEU A 8 7.43 -3.59 -26.43
CA LEU A 8 6.64 -2.68 -27.25
C LEU A 8 5.34 -2.31 -26.55
N PHE A 9 4.73 -3.31 -25.90
CA PHE A 9 3.47 -3.09 -25.19
C PHE A 9 3.71 -2.32 -23.90
N SER A 10 3.58 -1.00 -23.96
CA SER A 10 3.77 -0.15 -22.79
C SER A 10 3.70 1.33 -23.17
N ASN A 11 2.55 1.94 -22.94
CA ASN A 11 2.35 3.35 -23.26
C ASN A 11 1.37 4.01 -22.29
N LEU A 12 1.19 3.40 -21.13
CA LEU A 12 0.26 3.93 -20.13
C LEU A 12 0.81 5.19 -19.48
N PHE A 13 0.39 6.35 -19.98
CA PHE A 13 0.83 7.62 -19.43
C PHE A 13 -0.30 8.65 -19.46
N GLY A 14 -0.90 8.85 -20.63
CA GLY A 14 -1.98 9.80 -20.76
C GLY A 14 -3.34 9.14 -20.84
N ASN A 15 -3.59 8.17 -19.97
CA ASN A 15 -4.86 7.46 -19.97
C ASN A 15 -5.29 7.16 -18.52
N LYS A 16 -5.30 5.88 -18.15
CA LYS A 16 -5.72 5.49 -16.80
C LYS A 16 -4.62 5.82 -15.78
N GLU A 17 -4.59 7.08 -15.35
CA GLU A 17 -3.60 7.52 -14.38
C GLU A 17 -3.62 6.64 -13.14
N MET A 18 -2.47 6.51 -12.48
CA MET A 18 -2.36 5.69 -11.28
C MET A 18 -1.82 6.49 -10.11
N ARG A 19 -2.44 6.33 -8.94
CA ARG A 19 -2.01 7.04 -7.75
C ARG A 19 -2.13 6.15 -6.52
N ILE A 20 -1.01 5.57 -6.12
CA ILE A 20 -0.98 4.65 -4.99
C ILE A 20 -1.00 5.38 -3.65
N LEU A 21 -1.67 4.76 -2.68
CA LEU A 21 -1.77 5.31 -1.34
C LEU A 21 -1.40 4.25 -0.31
N MET A 22 -0.56 4.62 0.66
CA MET A 22 -0.14 3.69 1.68
C MET A 22 -1.03 3.78 2.92
N VAL A 23 -1.84 2.75 3.14
CA VAL A 23 -2.74 2.71 4.28
C VAL A 23 -2.63 1.38 5.01
N GLY A 24 -2.87 1.40 6.32
CA GLY A 24 -2.80 0.19 7.11
C GLY A 24 -2.26 0.46 8.49
N LEU A 25 -1.77 -0.58 9.16
CA LEU A 25 -1.24 -0.43 10.50
C LEU A 25 -0.01 0.47 10.50
N ASP A 26 -0.05 1.52 11.32
CA ASP A 26 1.06 2.43 11.42
C ASP A 26 2.24 1.71 12.06
N GLY A 27 3.45 2.19 11.82
CA GLY A 27 4.62 1.57 12.40
C GLY A 27 5.00 0.28 11.71
N ALA A 28 4.16 -0.19 10.79
CA ALA A 28 4.46 -1.42 10.06
C ALA A 28 5.77 -1.26 9.29
N GLY A 29 5.67 -1.02 7.99
CA GLY A 29 6.86 -0.88 7.17
C GLY A 29 6.69 0.13 6.04
N LYS A 30 5.89 1.15 6.29
CA LYS A 30 5.66 2.19 5.29
C LYS A 30 6.87 3.09 5.14
N THR A 31 7.64 3.20 6.23
CA THR A 31 8.85 4.03 6.24
C THR A 31 10.01 3.31 5.55
N THR A 32 10.20 2.04 5.89
CA THR A 32 11.28 1.24 5.31
C THR A 32 11.06 1.02 3.82
N VAL A 33 9.82 0.73 3.45
CA VAL A 33 9.48 0.49 2.06
C VAL A 33 9.59 1.77 1.24
N LEU A 34 9.21 2.90 1.85
CA LEU A 34 9.26 4.19 1.16
C LEU A 34 10.67 4.45 0.62
N TYR A 35 11.67 4.29 1.49
CA TYR A 35 13.06 4.51 1.09
C TYR A 35 13.47 3.53 -0.01
N LYS A 36 12.98 2.29 0.10
CA LYS A 36 13.31 1.27 -0.90
C LYS A 36 12.65 1.57 -2.23
N LEU A 37 11.43 2.10 -2.18
CA LEU A 37 10.69 2.44 -3.40
C LEU A 37 11.49 3.42 -4.25
N LYS A 38 12.41 4.15 -3.62
CA LYS A 38 13.22 5.13 -4.33
C LYS A 38 12.36 6.23 -4.92
N LEU A 39 12.13 7.29 -4.14
CA LEU A 39 11.31 8.41 -4.59
C LEU A 39 12.05 9.73 -4.41
N GLY A 40 12.93 9.80 -3.41
CA GLY A 40 13.67 11.02 -3.15
C GLY A 40 13.45 11.55 -1.75
N GLU A 41 12.51 12.48 -1.62
CA GLU A 41 12.19 13.08 -0.33
C GLU A 41 10.69 13.32 -0.19
N VAL A 42 10.09 12.77 0.84
CA VAL A 42 8.66 12.92 1.08
C VAL A 42 8.36 14.08 2.02
N ILE A 43 7.29 14.82 1.71
CA ILE A 43 6.90 15.97 2.53
C ILE A 43 5.97 15.53 3.65
N THR A 44 6.21 16.04 4.85
CA THR A 44 5.40 15.71 6.01
C THR A 44 4.35 16.79 6.28
N THR A 45 3.13 16.36 6.60
CA THR A 45 2.04 17.29 6.87
C THR A 45 1.08 16.71 7.91
N ILE A 46 0.57 17.58 8.78
CA ILE A 46 -0.37 17.17 9.81
C ILE A 46 -1.81 17.45 9.40
N PRO A 47 -2.63 16.39 9.20
CA PRO A 47 -4.03 16.55 8.80
C PRO A 47 -4.88 17.21 9.88
N THR A 48 -4.67 16.81 11.14
CA THR A 48 -5.43 17.37 12.25
C THR A 48 -4.82 16.96 13.58
N ILE A 49 -5.03 17.80 14.60
CA ILE A 49 -4.52 17.54 15.96
C ILE A 49 -3.11 16.93 15.94
N GLY A 50 -2.99 15.65 16.33
CA GLY A 50 -1.69 15.01 16.35
C GLY A 50 -1.57 13.88 15.36
N PHE A 51 -1.72 14.20 14.08
CA PHE A 51 -1.63 13.19 13.03
C PHE A 51 -0.52 13.56 12.04
N ASN A 52 -0.01 12.57 11.32
CA ASN A 52 1.04 12.80 10.34
C ASN A 52 0.74 12.11 9.02
N VAL A 53 0.91 12.83 7.91
CA VAL A 53 0.65 12.28 6.58
C VAL A 53 1.79 12.62 5.63
N GLU A 54 2.21 11.63 4.86
CA GLU A 54 3.30 11.81 3.90
C GLU A 54 2.76 11.87 2.47
N THR A 55 3.47 12.59 1.61
CA THR A 55 3.06 12.72 0.20
C THR A 55 4.28 12.71 -0.72
N VAL A 56 4.28 11.80 -1.68
CA VAL A 56 5.38 11.69 -2.63
C VAL A 56 4.89 11.66 -4.07
N GLN A 57 5.62 12.32 -4.96
CA GLN A 57 5.27 12.37 -6.38
C GLN A 57 6.38 11.78 -7.23
N TYR A 58 6.00 10.93 -8.18
CA TYR A 58 6.96 10.29 -9.07
C TYR A 58 6.46 10.23 -10.51
N LYS A 59 6.87 11.22 -11.32
CA LYS A 59 6.47 11.30 -12.71
C LYS A 59 5.04 10.81 -12.93
N ASN A 60 4.07 11.71 -12.78
CA ASN A 60 2.66 11.38 -12.96
C ASN A 60 2.15 10.52 -11.80
N ILE A 61 2.82 9.41 -11.52
CA ILE A 61 2.41 8.52 -10.44
C ILE A 61 2.36 9.28 -9.11
N SER A 62 1.23 9.20 -8.42
CA SER A 62 1.07 9.89 -7.15
C SER A 62 1.19 8.92 -5.97
N PHE A 63 1.74 9.40 -4.87
CA PHE A 63 1.91 8.59 -3.67
C PHE A 63 1.48 9.36 -2.43
N THR A 64 0.72 8.72 -1.55
CA THR A 64 0.26 9.35 -0.32
C THR A 64 0.17 8.36 0.83
N VAL A 65 0.83 8.70 1.94
CA VAL A 65 0.84 7.84 3.11
C VAL A 65 -0.15 8.33 4.16
N TRP A 66 -0.89 7.40 4.75
CA TRP A 66 -1.87 7.73 5.78
C TRP A 66 -1.97 6.61 6.81
N ASP A 67 -1.53 6.89 8.03
CA ASP A 67 -1.57 5.92 9.11
C ASP A 67 -3.01 5.55 9.48
N VAL A 68 -3.36 4.29 9.27
CA VAL A 68 -4.70 3.78 9.57
C VAL A 68 -5.79 4.84 9.35
N GLY A 69 -6.16 5.05 8.08
CA GLY A 69 -7.20 6.02 7.77
C GLY A 69 -8.57 5.40 7.73
N GLY A 70 -8.76 4.37 8.55
CA GLY A 70 -10.04 3.67 8.61
C GLY A 70 -11.10 4.43 9.36
N GLN A 71 -10.97 5.75 9.45
CA GLN A 71 -11.94 6.59 10.14
C GLN A 71 -11.81 8.04 9.69
N ASP A 72 -11.28 8.25 8.49
CA ASP A 72 -11.10 9.61 7.96
C ASP A 72 -12.41 10.40 8.02
N ARG A 73 -12.36 11.56 8.67
CA ARG A 73 -13.53 12.41 8.80
C ARG A 73 -13.33 13.74 8.08
N ILE A 74 -12.11 14.26 8.12
CA ILE A 74 -11.79 15.53 7.48
C ILE A 74 -12.16 15.50 6.00
N ARG A 75 -12.60 16.64 5.48
CA ARG A 75 -12.98 16.75 4.08
C ARG A 75 -12.16 17.82 3.36
N SER A 76 -12.55 18.12 2.12
CA SER A 76 -11.86 19.13 1.32
C SER A 76 -10.51 18.61 0.82
N LEU A 77 -9.60 18.35 1.76
CA LEU A 77 -8.27 17.86 1.41
C LEU A 77 -8.34 16.40 0.95
N TRP A 78 -8.83 15.53 1.83
CA TRP A 78 -8.95 14.12 1.51
C TRP A 78 -9.76 13.90 0.24
N ARG A 79 -10.73 14.77 0.01
CA ARG A 79 -11.58 14.68 -1.18
C ARG A 79 -10.75 14.81 -2.45
N HIS A 80 -9.96 15.87 -2.53
CA HIS A 80 -9.11 16.11 -3.69
C HIS A 80 -8.28 14.87 -4.01
N TYR A 81 -7.56 14.37 -3.01
CA TYR A 81 -6.74 13.18 -3.18
C TYR A 81 -7.62 11.93 -3.34
N TYR A 82 -8.88 12.04 -2.90
CA TYR A 82 -9.80 10.92 -2.99
C TYR A 82 -9.91 10.44 -4.42
N ARG A 83 -10.53 11.25 -5.28
CA ARG A 83 -10.68 10.88 -6.69
C ARG A 83 -9.30 10.71 -7.34
N ASN A 84 -8.37 11.58 -6.97
CA ASN A 84 -7.03 11.56 -7.54
C ASN A 84 -6.37 10.20 -7.32
N THR A 85 -6.64 9.57 -6.19
CA THR A 85 -6.07 8.26 -5.87
C THR A 85 -6.54 7.21 -6.88
N GLU A 86 -5.58 6.55 -7.53
CA GLU A 86 -5.90 5.52 -8.50
C GLU A 86 -5.25 4.20 -8.13
N GLY A 87 -4.63 4.15 -6.96
CA GLY A 87 -3.97 2.94 -6.49
C GLY A 87 -4.06 2.79 -4.99
N VAL A 88 -4.24 1.56 -4.52
CA VAL A 88 -4.35 1.32 -3.08
C VAL A 88 -3.49 0.14 -2.63
N ILE A 89 -2.46 0.43 -1.85
CA ILE A 89 -1.58 -0.61 -1.35
C ILE A 89 -1.64 -0.67 0.18
N PHE A 90 -2.10 -1.81 0.69
CA PHE A 90 -2.24 -2.00 2.12
C PHE A 90 -1.08 -2.81 2.69
N VAL A 91 -0.43 -2.27 3.72
CA VAL A 91 0.70 -2.95 4.35
C VAL A 91 0.45 -3.11 5.85
N VAL A 92 0.39 -4.36 6.29
CA VAL A 92 0.15 -4.65 7.70
C VAL A 92 1.38 -5.28 8.34
N ASP A 93 1.45 -5.23 9.68
CA ASP A 93 2.58 -5.79 10.41
C ASP A 93 2.38 -7.29 10.61
N SER A 94 3.31 -8.08 10.06
CA SER A 94 3.22 -9.54 10.16
C SER A 94 3.49 -10.02 11.58
N ASN A 95 4.25 -9.24 12.35
CA ASN A 95 4.56 -9.63 13.72
C ASN A 95 3.59 -8.98 14.71
N ASP A 96 2.53 -8.36 14.18
CA ASP A 96 1.53 -7.72 15.03
C ASP A 96 0.15 -8.34 14.80
N ARG A 97 0.02 -9.60 15.18
CA ARG A 97 -1.25 -10.32 15.06
C ARG A 97 -2.32 -9.67 15.92
N SER A 98 -1.92 -9.22 17.10
CA SER A 98 -2.82 -8.57 18.03
C SER A 98 -3.55 -7.39 17.39
N ARG A 99 -2.98 -6.88 16.29
CA ARG A 99 -3.59 -5.75 15.59
C ARG A 99 -4.17 -6.17 14.24
N ILE A 100 -4.07 -7.46 13.93
CA ILE A 100 -4.57 -7.99 12.66
C ILE A 100 -6.05 -7.63 12.48
N GLY A 101 -6.79 -7.69 13.58
CA GLY A 101 -8.20 -7.33 13.52
C GLY A 101 -8.36 -5.87 13.18
N GLU A 102 -7.43 -5.08 13.68
CA GLU A 102 -7.44 -3.64 13.45
C GLU A 102 -7.08 -3.35 11.99
N ALA A 103 -6.13 -4.13 11.47
CA ALA A 103 -5.70 -3.98 10.10
C ALA A 103 -6.81 -4.37 9.13
N ARG A 104 -7.47 -5.49 9.41
CA ARG A 104 -8.54 -5.98 8.54
C ARG A 104 -9.75 -5.04 8.57
N GLU A 105 -10.02 -4.45 9.74
CA GLU A 105 -11.15 -3.55 9.90
C GLU A 105 -10.92 -2.26 9.13
N VAL A 106 -9.70 -1.75 9.22
CA VAL A 106 -9.34 -0.51 8.54
C VAL A 106 -9.37 -0.71 7.02
N MET A 107 -8.84 -1.85 6.57
CA MET A 107 -8.83 -2.15 5.14
C MET A 107 -10.24 -2.41 4.62
N GLN A 108 -11.05 -3.04 5.45
CA GLN A 108 -12.44 -3.36 5.09
C GLN A 108 -13.24 -2.09 4.84
N ARG A 109 -13.03 -1.09 5.70
CA ARG A 109 -13.73 0.18 5.56
C ARG A 109 -13.23 0.96 4.36
N MET A 110 -11.92 0.83 4.09
CA MET A 110 -11.31 1.53 2.97
C MET A 110 -11.81 0.98 1.63
N LEU A 111 -11.93 -0.33 1.54
CA LEU A 111 -12.40 -0.97 0.31
C LEU A 111 -13.90 -0.75 0.09
N ASN A 112 -14.58 -0.24 1.12
CA ASN A 112 -16.02 0.02 1.03
C ASN A 112 -16.29 1.34 0.27
N GLU A 113 -15.22 1.99 -0.21
CA GLU A 113 -15.36 3.23 -0.94
C GLU A 113 -15.83 2.98 -2.38
N ASP A 114 -17.05 3.41 -2.67
CA ASP A 114 -17.64 3.24 -4.00
C ASP A 114 -16.72 3.79 -5.09
N GLU A 115 -16.05 4.90 -4.78
CA GLU A 115 -15.14 5.54 -5.73
C GLU A 115 -13.86 4.73 -5.92
N LEU A 116 -13.64 3.74 -5.04
CA LEU A 116 -12.45 2.90 -5.12
C LEU A 116 -12.83 1.44 -5.32
N ARG A 117 -14.11 1.19 -5.55
CA ARG A 117 -14.61 -0.16 -5.75
C ARG A 117 -13.90 -0.86 -6.91
N ASN A 118 -13.31 -0.08 -7.81
CA ASN A 118 -12.61 -0.66 -8.96
C ASN A 118 -11.11 -0.46 -8.83
N ALA A 119 -10.64 -0.20 -7.61
CA ALA A 119 -9.22 0.02 -7.36
C ALA A 119 -8.51 -1.29 -7.05
N ALA A 120 -7.25 -1.39 -7.47
CA ALA A 120 -6.45 -2.58 -7.22
C ALA A 120 -5.83 -2.53 -5.83
N TRP A 121 -6.12 -3.55 -5.02
CA TRP A 121 -5.59 -3.59 -3.65
C TRP A 121 -4.46 -4.60 -3.52
N LEU A 122 -3.45 -4.24 -2.76
CA LEU A 122 -2.30 -5.11 -2.53
C LEU A 122 -1.99 -5.19 -1.04
N VAL A 123 -1.86 -6.41 -0.53
CA VAL A 123 -1.56 -6.60 0.88
C VAL A 123 -0.11 -7.03 1.07
N PHE A 124 0.71 -6.10 1.55
CA PHE A 124 2.12 -6.38 1.77
C PHE A 124 2.39 -6.74 3.22
N ALA A 125 2.93 -7.93 3.43
CA ALA A 125 3.28 -8.38 4.76
C ALA A 125 4.70 -7.92 5.07
N ASN A 126 4.88 -7.22 6.19
CA ASN A 126 6.20 -6.70 6.52
C ASN A 126 6.69 -7.20 7.87
N LYS A 127 7.70 -8.07 7.81
CA LYS A 127 8.34 -8.66 9.00
C LYS A 127 8.45 -10.18 8.85
N GLN A 128 8.66 -10.65 7.63
CA GLN A 128 8.76 -12.08 7.39
C GLN A 128 10.10 -12.66 7.85
N ASP A 129 11.06 -11.78 8.15
CA ASP A 129 12.37 -12.23 8.61
C ASP A 129 12.28 -12.75 10.04
N LEU A 130 11.26 -12.30 10.76
CA LEU A 130 11.04 -12.74 12.13
C LEU A 130 10.59 -14.19 12.17
N PRO A 131 11.25 -15.04 12.98
CA PRO A 131 10.90 -16.46 13.10
C PRO A 131 9.49 -16.67 13.65
N GLU A 132 8.92 -15.64 14.24
CA GLU A 132 7.57 -15.73 14.80
C GLU A 132 6.60 -14.84 14.04
N ALA A 133 6.91 -14.55 12.77
CA ALA A 133 6.04 -13.72 11.95
C ALA A 133 4.98 -14.56 11.24
N MET A 134 3.80 -13.97 11.05
CA MET A 134 2.71 -14.68 10.38
C MET A 134 2.96 -14.78 8.89
N SER A 135 2.57 -15.93 8.31
CA SER A 135 2.74 -16.16 6.89
C SER A 135 1.65 -15.44 6.10
N ALA A 136 1.91 -15.19 4.82
CA ALA A 136 0.94 -14.51 3.98
C ALA A 136 -0.38 -15.26 3.93
N ALA A 137 -0.31 -16.59 3.93
CA ALA A 137 -1.51 -17.41 3.88
C ALA A 137 -2.34 -17.28 5.16
N GLU A 138 -1.71 -17.45 6.31
CA GLU A 138 -2.41 -17.35 7.58
C GLU A 138 -2.86 -15.91 7.82
N ILE A 139 -2.06 -14.97 7.33
CA ILE A 139 -2.37 -13.56 7.49
C ILE A 139 -3.62 -13.22 6.66
N THR A 140 -3.66 -13.71 5.44
CA THR A 140 -4.78 -13.46 4.54
C THR A 140 -6.09 -13.97 5.16
N GLU A 141 -6.03 -15.13 5.81
CA GLU A 141 -7.21 -15.71 6.44
C GLU A 141 -7.56 -14.98 7.73
N LYS A 142 -6.53 -14.51 8.42
CA LYS A 142 -6.71 -13.80 9.68
C LYS A 142 -7.36 -12.44 9.46
N LEU A 143 -6.94 -11.74 8.42
CA LEU A 143 -7.49 -10.42 8.12
C LEU A 143 -8.79 -10.52 7.32
N GLY A 144 -9.31 -11.73 7.16
CA GLY A 144 -10.54 -11.92 6.43
C GLY A 144 -10.42 -11.54 4.96
N LEU A 145 -9.19 -11.59 4.44
CA LEU A 145 -8.96 -11.27 3.05
C LEU A 145 -9.57 -12.35 2.16
N HIS A 146 -9.81 -13.51 2.74
CA HIS A 146 -10.39 -14.62 1.99
C HIS A 146 -11.90 -14.40 1.82
N SER A 147 -12.47 -13.62 2.72
CA SER A 147 -13.90 -13.33 2.68
C SER A 147 -14.20 -12.15 1.75
N ILE A 148 -13.14 -11.62 1.12
CA ILE A 148 -13.31 -10.50 0.22
C ILE A 148 -13.23 -10.98 -1.24
N ARG A 149 -14.05 -10.37 -2.09
CA ARG A 149 -14.11 -10.76 -3.51
C ARG A 149 -12.70 -10.97 -4.09
N ASN A 150 -12.35 -12.22 -4.35
CA ASN A 150 -11.04 -12.58 -4.88
C ASN A 150 -10.82 -12.08 -6.31
N ARG A 151 -9.58 -11.65 -6.58
CA ARG A 151 -9.14 -11.17 -7.89
C ARG A 151 -8.46 -9.80 -7.81
N PRO A 152 -9.06 -8.84 -7.09
CA PRO A 152 -8.52 -7.48 -6.97
C PRO A 152 -7.42 -7.35 -5.92
N TRP A 153 -7.53 -8.09 -4.82
CA TRP A 153 -6.52 -8.02 -3.75
C TRP A 153 -5.59 -9.23 -3.75
N PHE A 154 -4.30 -8.95 -3.63
CA PHE A 154 -3.28 -10.01 -3.60
C PHE A 154 -2.45 -9.89 -2.33
N ILE A 155 -1.96 -11.02 -1.82
CA ILE A 155 -1.15 -11.02 -0.61
C ILE A 155 0.26 -11.54 -0.88
N GLN A 156 1.26 -10.89 -0.28
CA GLN A 156 2.65 -11.29 -0.47
C GLN A 156 3.48 -11.03 0.79
N ALA A 157 4.21 -12.05 1.23
CA ALA A 157 5.06 -11.93 2.41
C ALA A 157 6.44 -11.39 2.02
N THR A 158 7.00 -10.52 2.86
CA THR A 158 8.30 -9.95 2.56
C THR A 158 9.11 -9.63 3.81
N CYS A 159 10.35 -9.22 3.59
CA CYS A 159 11.24 -8.83 4.66
C CYS A 159 11.81 -7.46 4.32
N ALA A 160 11.32 -6.43 5.00
CA ALA A 160 11.74 -5.06 4.72
C ALA A 160 13.24 -4.84 4.96
N THR A 161 13.80 -5.53 5.94
CA THR A 161 15.22 -5.35 6.29
C THR A 161 16.18 -5.96 5.26
N SER A 162 15.99 -7.23 4.95
CA SER A 162 16.87 -7.91 3.99
C SER A 162 16.47 -7.61 2.54
N GLY A 163 15.35 -6.93 2.38
CA GLY A 163 14.87 -6.62 1.04
C GLY A 163 14.31 -7.84 0.32
N GLU A 164 14.28 -8.98 1.03
CA GLU A 164 13.78 -10.21 0.45
C GLU A 164 12.27 -10.17 0.31
N GLY A 165 11.80 -10.23 -0.92
CA GLY A 165 10.37 -10.19 -1.16
C GLY A 165 9.90 -8.82 -1.60
N LEU A 166 10.68 -7.79 -1.30
CA LEU A 166 10.33 -6.43 -1.66
C LEU A 166 10.43 -6.22 -3.17
N TYR A 167 11.50 -6.70 -3.78
CA TYR A 167 11.71 -6.56 -5.22
C TYR A 167 10.65 -7.33 -6.00
N GLU A 168 10.47 -8.60 -5.65
CA GLU A 168 9.49 -9.45 -6.33
C GLU A 168 8.08 -8.96 -6.10
N GLY A 169 7.84 -8.27 -4.98
CA GLY A 169 6.52 -7.78 -4.66
C GLY A 169 6.14 -6.56 -5.50
N LEU A 170 7.09 -5.67 -5.71
CA LEU A 170 6.84 -4.47 -6.51
C LEU A 170 6.81 -4.82 -7.98
N GLU A 171 7.77 -5.63 -8.41
CA GLU A 171 7.84 -6.06 -9.80
C GLU A 171 6.50 -6.66 -10.22
N TRP A 172 5.97 -7.53 -9.38
CA TRP A 172 4.69 -8.18 -9.65
C TRP A 172 3.58 -7.13 -9.76
N LEU A 173 3.60 -6.17 -8.85
CA LEU A 173 2.60 -5.10 -8.82
C LEU A 173 2.64 -4.32 -10.13
N SER A 174 3.83 -4.11 -10.67
CA SER A 174 4.00 -3.38 -11.92
C SER A 174 3.25 -4.08 -13.05
N ASN A 175 3.35 -5.40 -13.10
CA ASN A 175 2.69 -6.18 -14.14
C ASN A 175 1.17 -5.98 -14.10
N SER A 176 0.62 -6.09 -12.90
CA SER A 176 -0.82 -5.92 -12.71
C SER A 176 -1.25 -4.52 -13.14
N LEU A 177 -0.37 -3.54 -12.93
CA LEU A 177 -0.66 -2.16 -13.30
C LEU A 177 -0.41 -1.95 -14.79
N LYS A 178 0.45 -2.78 -15.38
CA LYS A 178 0.76 -2.69 -16.79
C LYS A 178 -0.22 -3.51 -17.63
N ASN A 179 -0.11 -4.84 -17.53
CA ASN A 179 -0.97 -5.73 -18.27
C ASN A 179 -0.76 -5.59 -19.77
N SER A 180 -1.32 -4.54 -20.35
CA SER A 180 -1.19 -4.28 -21.78
C SER A 180 -1.82 -5.40 -22.59
N THR A 181 -1.10 -6.51 -22.75
CA THR A 181 -1.59 -7.65 -23.51
C THR A 181 -1.03 -8.96 -22.95
PB GDP B . 5.73 2.61 9.58
O1B GDP B . 4.63 1.59 9.04
O2B GDP B . 6.48 3.37 8.40
O3B GDP B . 5.15 3.60 10.67
O3A GDP B . 6.84 1.72 10.33
PA GDP B . 8.36 1.72 9.82
O1A GDP B . 9.09 3.02 10.37
O2A GDP B . 8.39 1.56 8.24
O5' GDP B . 9.02 0.44 10.49
C5' GDP B . 10.28 0.52 11.15
C4' GDP B . 10.27 -0.32 12.41
O4' GDP B . 9.76 -1.64 12.08
C3' GDP B . 11.64 -0.57 13.02
O3' GDP B . 11.54 -0.79 14.42
C2' GDP B . 12.12 -1.80 12.29
O2' GDP B . 13.00 -2.57 13.09
C1' GDP B . 10.82 -2.58 12.13
N9 GDP B . 10.76 -3.39 10.90
C8 GDP B . 10.55 -2.93 9.62
N7 GDP B . 10.55 -3.88 8.73
C5 GDP B . 10.79 -5.04 9.47
C6 GDP B . 10.89 -6.39 9.04
O6 GDP B . 10.80 -6.85 7.90
N1 GDP B . 11.13 -7.24 10.11
C2 GDP B . 11.25 -6.84 11.43
N2 GDP B . 11.49 -7.82 12.31
N3 GDP B . 11.16 -5.59 11.83
C4 GDP B . 10.91 -4.74 10.81
H5' GDP B . 10.48 1.56 11.42
H5'' GDP B . 11.07 0.17 10.49
H4' GDP B . 9.67 0.20 13.15
H3' GDP B . 12.30 0.28 12.90
HO3' GDP B . 12.18 -1.47 14.66
H2' GDP B . 12.56 -1.53 11.33
HO2' GDP B . 13.20 -3.37 12.61
H1' GDP B . 10.63 -3.24 12.97
H8 GDP B . 10.39 -1.89 9.38
HN1 GDP B . 11.22 -8.23 9.92
HN21 GDP B . 11.59 -7.60 13.29
HN22 GDP B . 11.56 -8.78 12.00
C1 MYR A 1 11.53 2.38 -11.08
O1 MYR A 1 12.19 3.32 -11.51
C2 MYR A 1 10.02 2.46 -10.99
C3 MYR A 1 9.49 2.21 -9.59
C4 MYR A 1 9.10 3.51 -8.89
C5 MYR A 1 9.01 3.32 -7.39
C6 MYR A 1 8.18 4.43 -6.75
C7 MYR A 1 6.79 3.95 -6.36
C8 MYR A 1 5.70 4.72 -7.07
C9 MYR A 1 4.41 3.94 -7.14
C10 MYR A 1 4.17 3.38 -8.54
C11 MYR A 1 4.99 2.11 -8.77
C12 MYR A 1 4.35 0.91 -8.07
C13 MYR A 1 4.14 -0.24 -9.04
C14 MYR A 1 2.96 -0.05 -9.96
H21 MYR A 1 9.58 1.73 -11.66
H22 MYR A 1 9.71 3.45 -11.31
H31 MYR A 1 10.26 1.72 -9.02
H32 MYR A 1 8.61 1.57 -9.65
H41 MYR A 1 8.14 3.84 -9.27
H42 MYR A 1 9.85 4.25 -9.11
H51 MYR A 1 10.01 3.34 -6.97
H52 MYR A 1 8.54 2.38 -7.18
H61 MYR A 1 8.09 5.24 -7.44
H62 MYR A 1 8.69 4.77 -5.85
H71 MYR A 1 6.66 4.06 -5.29
H72 MYR A 1 6.70 2.91 -6.62
H81 MYR A 1 6.04 4.95 -8.08
H82 MYR A 1 5.52 5.65 -6.54
H91 MYR A 1 3.58 4.60 -6.90
H92 MYR A 1 4.44 3.13 -6.44
H101 MYR A 1 4.47 4.12 -9.27
H102 MYR A 1 3.12 3.15 -8.66
H111 MYR A 1 5.98 2.26 -8.37
H112 MYR A 1 5.04 1.92 -9.82
H121 MYR A 1 3.40 1.21 -7.66
H122 MYR A 1 5.01 0.58 -7.28
H131 MYR A 1 3.98 -1.14 -8.47
H132 MYR A 1 5.02 -0.35 -9.65
H141 MYR A 1 3.27 0.46 -10.87
H142 MYR A 1 2.20 0.54 -9.47
H143 MYR A 1 2.55 -1.01 -10.22
N GLY A 2 12.07 1.25 -10.65
CA GLY A 2 13.51 1.06 -10.68
C GLY A 2 14.02 0.67 -12.05
N LEU A 3 14.65 -0.49 -12.15
CA LEU A 3 15.18 -0.97 -13.41
C LEU A 3 16.25 -0.03 -13.95
N PHE A 4 17.48 -0.52 -14.07
CA PHE A 4 18.59 0.28 -14.57
C PHE A 4 18.47 0.48 -16.08
N ALA A 5 18.62 1.73 -16.52
CA ALA A 5 18.53 2.06 -17.94
C ALA A 5 17.16 1.67 -18.50
N SER A 6 16.96 1.94 -19.78
CA SER A 6 15.71 1.62 -20.45
C SER A 6 15.60 0.14 -20.74
N LYS A 7 16.51 -0.37 -21.56
CA LYS A 7 16.53 -1.79 -21.91
C LYS A 7 15.24 -2.19 -22.62
N LEU A 8 15.27 -2.14 -23.95
CA LEU A 8 14.10 -2.50 -24.75
C LEU A 8 12.91 -1.58 -24.42
N PHE A 9 13.22 -0.31 -24.17
CA PHE A 9 12.17 0.67 -23.86
C PHE A 9 11.45 0.30 -22.56
N SER A 10 11.42 1.23 -21.62
CA SER A 10 10.76 1.00 -20.33
C SER A 10 10.54 2.33 -19.60
N ASN A 11 9.37 2.91 -19.79
CA ASN A 11 9.03 4.17 -19.13
C ASN A 11 7.52 4.35 -19.04
N LEU A 12 6.82 3.26 -18.73
CA LEU A 12 5.37 3.30 -18.60
C LEU A 12 4.72 4.03 -19.78
N PHE A 13 4.33 3.27 -20.80
CA PHE A 13 3.69 3.85 -21.98
C PHE A 13 2.24 4.22 -21.69
N GLY A 14 1.56 3.34 -20.96
CA GLY A 14 0.17 3.58 -20.63
C GLY A 14 -0.01 4.11 -19.22
N ASN A 15 -0.24 5.42 -19.12
CA ASN A 15 -0.42 6.06 -17.82
C ASN A 15 -1.86 6.54 -17.65
N LYS A 16 -2.78 5.60 -17.46
CA LYS A 16 -4.19 5.92 -17.29
C LYS A 16 -4.48 6.36 -15.86
N GLU A 17 -3.76 7.36 -15.38
CA GLU A 17 -3.94 7.87 -14.03
C GLU A 17 -3.65 6.78 -12.99
N MET A 18 -2.55 6.97 -12.26
CA MET A 18 -2.15 6.02 -11.23
C MET A 18 -1.61 6.76 -10.01
N ARG A 19 -2.26 6.57 -8.86
CA ARG A 19 -1.84 7.24 -7.64
C ARG A 19 -2.05 6.34 -6.43
N ILE A 20 -1.01 5.62 -6.05
CA ILE A 20 -1.08 4.69 -4.93
C ILE A 20 -0.97 5.39 -3.58
N LEU A 21 -1.67 4.82 -2.59
CA LEU A 21 -1.68 5.35 -1.24
C LEU A 21 -1.36 4.24 -0.24
N MET A 22 -0.63 4.57 0.81
CA MET A 22 -0.26 3.59 1.82
C MET A 22 -1.14 3.71 3.05
N VAL A 23 -2.02 2.73 3.25
CA VAL A 23 -2.91 2.72 4.39
C VAL A 23 -2.79 1.42 5.17
N GLY A 24 -3.08 1.48 6.46
CA GLY A 24 -3.00 0.29 7.29
C GLY A 24 -2.63 0.62 8.72
N LEU A 25 -2.19 -0.39 9.47
CA LEU A 25 -1.80 -0.20 10.86
C LEU A 25 -0.55 0.66 10.96
N ASP A 26 -0.53 1.56 11.94
CA ASP A 26 0.61 2.43 12.16
C ASP A 26 1.86 1.62 12.52
N GLY A 27 3.03 2.16 12.19
CA GLY A 27 4.27 1.47 12.50
C GLY A 27 4.37 0.10 11.86
N ALA A 28 3.42 -0.25 11.00
CA ALA A 28 3.41 -1.55 10.34
C ALA A 28 4.69 -1.77 9.54
N GLY A 29 5.26 -0.69 9.02
CA GLY A 29 6.47 -0.78 8.24
C GLY A 29 6.45 0.14 7.03
N LYS A 30 5.80 1.28 7.18
CA LYS A 30 5.71 2.26 6.10
C LYS A 30 7.04 2.99 5.95
N THR A 31 7.60 3.43 7.07
CA THR A 31 8.87 4.14 7.08
C THR A 31 9.96 3.32 6.42
N THR A 32 9.99 2.03 6.71
CA THR A 32 11.00 1.14 6.14
C THR A 32 10.83 0.99 4.63
N VAL A 33 9.61 0.70 4.21
CA VAL A 33 9.33 0.54 2.78
C VAL A 33 9.50 1.86 2.04
N LEU A 34 9.15 2.96 2.70
CA LEU A 34 9.27 4.29 2.11
C LEU A 34 10.70 4.52 1.62
N TYR A 35 11.67 4.27 2.49
CA TYR A 35 13.07 4.44 2.14
C TYR A 35 13.43 3.56 0.95
N LYS A 36 12.93 2.33 0.95
CA LYS A 36 13.20 1.40 -0.14
C LYS A 36 12.82 2.00 -1.49
N LEU A 37 11.81 2.86 -1.48
CA LEU A 37 11.36 3.53 -2.69
C LEU A 37 12.16 4.80 -2.93
N LYS A 38 12.55 5.44 -1.84
CA LYS A 38 13.34 6.67 -1.91
C LYS A 38 12.59 7.76 -2.68
N LEU A 39 12.68 7.70 -4.01
CA LEU A 39 12.02 8.68 -4.88
C LEU A 39 12.65 10.06 -4.76
N GLY A 40 13.67 10.19 -3.91
CA GLY A 40 14.34 11.47 -3.72
C GLY A 40 14.06 12.07 -2.36
N GLU A 41 13.01 12.89 -2.28
CA GLU A 41 12.64 13.53 -1.02
C GLU A 41 11.13 13.66 -0.92
N VAL A 42 10.57 13.23 0.21
CA VAL A 42 9.13 13.30 0.42
C VAL A 42 8.75 14.51 1.28
N ILE A 43 7.66 15.16 0.93
CA ILE A 43 7.19 16.33 1.67
C ILE A 43 6.24 15.93 2.79
N THR A 44 6.44 16.51 3.97
CA THR A 44 5.60 16.22 5.12
C THR A 44 4.60 17.34 5.37
N THR A 45 3.36 16.96 5.66
CA THR A 45 2.30 17.94 5.91
C THR A 45 1.30 17.41 6.94
N ILE A 46 0.82 18.30 7.80
CA ILE A 46 -0.14 17.93 8.82
C ILE A 46 -1.57 18.23 8.36
N PRO A 47 -2.41 17.18 8.24
CA PRO A 47 -3.80 17.35 7.80
C PRO A 47 -4.67 18.01 8.85
N THR A 48 -4.45 17.65 10.12
CA THR A 48 -5.23 18.21 11.22
C THR A 48 -4.59 17.88 12.56
N ILE A 49 -4.85 18.72 13.56
CA ILE A 49 -4.32 18.54 14.92
C ILE A 49 -2.88 17.99 14.91
N GLY A 50 -2.72 16.71 15.26
CA GLY A 50 -1.40 16.11 15.28
C GLY A 50 -1.27 14.92 14.36
N PHE A 51 -1.43 15.16 13.06
CA PHE A 51 -1.33 14.11 12.06
C PHE A 51 -0.20 14.40 11.08
N ASN A 52 0.38 13.35 10.51
CA ASN A 52 1.47 13.50 9.56
C ASN A 52 1.16 12.78 8.25
N VAL A 53 1.27 13.51 7.14
CA VAL A 53 1.00 12.93 5.82
C VAL A 53 2.18 13.16 4.88
N GLU A 54 2.52 12.14 4.12
CA GLU A 54 3.63 12.24 3.16
C GLU A 54 3.13 12.15 1.73
N THR A 55 3.80 12.84 0.83
CA THR A 55 3.43 12.85 -0.58
C THR A 55 4.66 12.94 -1.48
N VAL A 56 4.74 12.04 -2.45
CA VAL A 56 5.88 12.02 -3.37
C VAL A 56 5.40 12.02 -4.82
N GLN A 57 6.13 12.75 -5.67
CA GLN A 57 5.79 12.83 -7.09
C GLN A 57 6.90 12.26 -7.95
N TYR A 58 6.61 11.16 -8.64
CA TYR A 58 7.60 10.52 -9.50
C TYR A 58 6.97 10.11 -10.83
N LYS A 59 7.48 10.68 -11.92
CA LYS A 59 6.99 10.38 -13.25
C LYS A 59 5.46 10.39 -13.30
N ASN A 60 4.87 11.45 -12.74
CA ASN A 60 3.41 11.61 -12.71
C ASN A 60 2.77 10.77 -11.60
N ILE A 61 3.22 9.54 -11.44
CA ILE A 61 2.68 8.65 -10.41
C ILE A 61 2.74 9.30 -9.04
N SER A 62 1.64 9.21 -8.29
CA SER A 62 1.58 9.80 -6.96
C SER A 62 1.68 8.73 -5.88
N PHE A 63 2.31 9.09 -4.75
CA PHE A 63 2.47 8.17 -3.64
C PHE A 63 2.38 8.91 -2.31
N THR A 64 1.36 8.56 -1.52
CA THR A 64 1.16 9.20 -0.22
C THR A 64 0.93 8.15 0.87
N VAL A 65 1.57 8.36 2.02
CA VAL A 65 1.43 7.42 3.14
C VAL A 65 0.68 8.06 4.31
N TRP A 66 -0.10 7.25 5.01
CA TRP A 66 -0.88 7.73 6.16
C TRP A 66 -1.26 6.57 7.07
N ASP A 67 -1.11 6.77 8.37
CA ASP A 67 -1.43 5.74 9.36
C ASP A 67 -2.94 5.58 9.54
N VAL A 68 -3.40 4.33 9.51
CA VAL A 68 -4.81 3.97 9.67
C VAL A 68 -5.76 5.15 9.40
N GLY A 69 -5.92 5.49 8.13
CA GLY A 69 -6.81 6.59 7.77
C GLY A 69 -8.23 6.14 7.54
N GLY A 70 -8.58 4.95 8.06
CA GLY A 70 -9.92 4.43 7.90
C GLY A 70 -10.94 5.10 8.80
N GLN A 71 -10.76 6.39 9.06
CA GLN A 71 -11.67 7.16 9.90
C GLN A 71 -11.45 8.65 9.70
N ASP A 72 -10.93 9.01 8.53
CA ASP A 72 -10.66 10.42 8.21
C ASP A 72 -11.95 11.22 8.12
N ARG A 73 -13.06 10.55 7.83
CA ARG A 73 -14.35 11.22 7.70
C ARG A 73 -14.39 12.08 6.45
N ILE A 74 -14.98 11.56 5.37
CA ILE A 74 -15.08 12.29 4.11
C ILE A 74 -15.65 13.69 4.33
N ARG A 75 -14.88 14.70 3.93
CA ARG A 75 -15.31 16.09 4.06
C ARG A 75 -14.65 16.98 3.02
N SER A 76 -13.35 17.23 3.19
CA SER A 76 -12.61 18.07 2.26
C SER A 76 -11.32 17.39 1.81
N LEU A 77 -10.38 17.23 2.74
CA LEU A 77 -9.11 16.60 2.44
C LEU A 77 -9.31 15.22 1.81
N TRP A 78 -9.99 14.34 2.54
CA TRP A 78 -10.26 12.99 2.06
C TRP A 78 -10.81 12.99 0.63
N ARG A 79 -11.58 14.03 0.29
CA ARG A 79 -12.16 14.15 -1.04
C ARG A 79 -11.09 14.43 -2.08
N HIS A 80 -10.30 15.47 -1.85
CA HIS A 80 -9.24 15.86 -2.78
C HIS A 80 -8.42 14.65 -3.21
N TYR A 81 -7.82 13.98 -2.22
CA TYR A 81 -7.02 12.80 -2.50
C TYR A 81 -7.89 11.64 -2.99
N TYR A 82 -9.19 11.73 -2.74
CA TYR A 82 -10.12 10.69 -3.16
C TYR A 82 -10.02 10.47 -4.65
N ARG A 83 -10.51 11.42 -5.44
CA ARG A 83 -10.45 11.31 -6.89
C ARG A 83 -9.00 11.15 -7.34
N ASN A 84 -8.12 11.96 -6.75
CA ASN A 84 -6.70 11.95 -7.11
C ASN A 84 -6.07 10.57 -6.93
N THR A 85 -6.45 9.87 -5.87
CA THR A 85 -5.89 8.54 -5.61
C THR A 85 -6.37 7.52 -6.63
N GLU A 86 -5.42 6.84 -7.27
CA GLU A 86 -5.73 5.83 -8.27
C GLU A 86 -5.12 4.48 -7.91
N GLY A 87 -4.55 4.39 -6.71
CA GLY A 87 -3.92 3.16 -6.26
C GLY A 87 -4.15 2.91 -4.78
N VAL A 88 -4.29 1.65 -4.40
CA VAL A 88 -4.51 1.30 -3.01
C VAL A 88 -3.68 0.11 -2.56
N ILE A 89 -2.70 0.37 -1.70
CA ILE A 89 -1.83 -0.68 -1.19
C ILE A 89 -1.93 -0.75 0.33
N PHE A 90 -2.34 -1.91 0.83
CA PHE A 90 -2.48 -2.11 2.27
C PHE A 90 -1.31 -2.91 2.83
N VAL A 91 -0.71 -2.39 3.89
CA VAL A 91 0.43 -3.04 4.53
C VAL A 91 0.17 -3.30 6.00
N VAL A 92 0.32 -4.55 6.43
CA VAL A 92 0.10 -4.93 7.82
C VAL A 92 1.36 -5.54 8.42
N ASP A 93 1.42 -5.58 9.75
CA ASP A 93 2.57 -6.14 10.44
C ASP A 93 2.43 -7.66 10.57
N SER A 94 3.40 -8.40 10.03
CA SER A 94 3.38 -9.85 10.07
C SER A 94 3.75 -10.38 11.44
N ASN A 95 4.33 -9.53 12.29
CA ASN A 95 4.71 -9.94 13.63
C ASN A 95 3.74 -9.36 14.67
N ASP A 96 2.67 -8.73 14.19
CA ASP A 96 1.68 -8.14 15.07
C ASP A 96 0.29 -8.73 14.80
N ARG A 97 0.14 -10.01 15.11
CA ARG A 97 -1.13 -10.70 14.92
C ARG A 97 -2.20 -10.09 15.82
N SER A 98 -1.80 -9.74 17.03
CA SER A 98 -2.72 -9.15 18.01
C SER A 98 -3.41 -7.91 17.45
N ARG A 99 -2.82 -7.31 16.42
CA ARG A 99 -3.40 -6.12 15.81
C ARG A 99 -3.81 -6.37 14.36
N ILE A 100 -3.62 -7.60 13.89
CA ILE A 100 -3.97 -7.96 12.52
C ILE A 100 -5.45 -7.72 12.27
N GLY A 101 -6.25 -7.94 13.30
CA GLY A 101 -7.68 -7.71 13.17
C GLY A 101 -7.96 -6.23 12.99
N GLU A 102 -7.14 -5.42 13.65
CA GLU A 102 -7.28 -3.97 13.56
C GLU A 102 -7.02 -3.52 12.13
N ALA A 103 -6.10 -4.21 11.47
CA ALA A 103 -5.75 -3.91 10.09
C ALA A 103 -6.88 -4.33 9.16
N ARG A 104 -7.44 -5.51 9.44
CA ARG A 104 -8.53 -6.06 8.65
C ARG A 104 -9.73 -5.11 8.63
N GLU A 105 -10.06 -4.55 9.79
CA GLU A 105 -11.20 -3.65 9.91
C GLU A 105 -10.93 -2.34 9.18
N VAL A 106 -9.71 -1.83 9.31
CA VAL A 106 -9.32 -0.59 8.64
C VAL A 106 -9.39 -0.78 7.14
N MET A 107 -8.89 -1.92 6.67
CA MET A 107 -8.90 -2.24 5.25
C MET A 107 -10.32 -2.48 4.77
N GLN A 108 -11.12 -3.12 5.62
CA GLN A 108 -12.50 -3.44 5.30
C GLN A 108 -13.34 -2.18 5.15
N ARG A 109 -13.19 -1.26 6.10
CA ARG A 109 -13.94 -0.01 6.07
C ARG A 109 -13.52 0.84 4.87
N MET A 110 -12.22 0.84 4.59
CA MET A 110 -11.68 1.61 3.47
C MET A 110 -12.15 1.03 2.13
N LEU A 111 -12.21 -0.29 2.04
CA LEU A 111 -12.63 -0.96 0.82
C LEU A 111 -14.13 -0.79 0.57
N ASN A 112 -14.86 -0.36 1.61
CA ASN A 112 -16.30 -0.16 1.49
C ASN A 112 -16.62 1.13 0.73
N GLU A 113 -15.60 1.82 0.25
CA GLU A 113 -15.79 3.06 -0.50
C GLU A 113 -16.20 2.76 -1.94
N ASP A 114 -17.45 3.09 -2.27
CA ASP A 114 -17.98 2.86 -3.61
C ASP A 114 -17.08 3.50 -4.67
N GLU A 115 -16.48 4.62 -4.33
CA GLU A 115 -15.59 5.34 -5.24
C GLU A 115 -14.28 4.59 -5.46
N LEU A 116 -14.04 3.58 -4.64
CA LEU A 116 -12.82 2.78 -4.75
C LEU A 116 -13.14 1.30 -4.92
N ARG A 117 -14.42 0.99 -5.13
CA ARG A 117 -14.85 -0.39 -5.30
C ARG A 117 -14.12 -1.08 -6.45
N ASN A 118 -13.56 -0.28 -7.36
CA ASN A 118 -12.84 -0.84 -8.51
C ASN A 118 -11.33 -0.59 -8.39
N ALA A 119 -10.87 -0.27 -7.19
CA ALA A 119 -9.47 0.00 -6.94
C ALA A 119 -8.69 -1.29 -6.70
N ALA A 120 -7.42 -1.29 -7.12
CA ALA A 120 -6.56 -2.46 -6.94
C ALA A 120 -5.97 -2.47 -5.54
N TRP A 121 -6.23 -3.54 -4.79
CA TRP A 121 -5.73 -3.65 -3.42
C TRP A 121 -4.56 -4.63 -3.34
N LEU A 122 -3.50 -4.21 -2.68
CA LEU A 122 -2.33 -5.04 -2.49
C LEU A 122 -2.05 -5.23 -1.01
N VAL A 123 -1.93 -6.48 -0.58
CA VAL A 123 -1.66 -6.78 0.81
C VAL A 123 -0.19 -7.11 1.00
N PHE A 124 0.54 -6.17 1.57
CA PHE A 124 1.97 -6.36 1.80
C PHE A 124 2.25 -6.77 3.24
N ALA A 125 2.86 -7.93 3.41
CA ALA A 125 3.22 -8.41 4.72
C ALA A 125 4.67 -8.05 5.00
N ASN A 126 4.90 -7.31 6.07
CA ASN A 126 6.26 -6.88 6.41
C ASN A 126 6.71 -7.43 7.76
N LYS A 127 7.66 -8.37 7.68
CA LYS A 127 8.27 -9.01 8.86
C LYS A 127 8.36 -10.52 8.68
N GLN A 128 8.55 -10.96 7.44
CA GLN A 128 8.65 -12.38 7.15
C GLN A 128 10.00 -12.94 7.57
N ASP A 129 10.93 -12.06 7.93
CA ASP A 129 12.25 -12.48 8.37
C ASP A 129 12.20 -12.97 9.82
N LEU A 130 11.20 -12.50 10.55
CA LEU A 130 11.02 -12.89 11.95
C LEU A 130 10.67 -14.38 12.05
N PRO A 131 11.35 -15.13 12.93
CA PRO A 131 11.09 -16.56 13.11
C PRO A 131 9.69 -16.85 13.64
N GLU A 132 9.05 -15.83 14.20
CA GLU A 132 7.71 -15.99 14.75
C GLU A 132 6.69 -15.18 13.95
N ALA A 133 7.00 -14.90 12.69
CA ALA A 133 6.09 -14.14 11.84
C ALA A 133 5.12 -15.06 11.12
N MET A 134 3.90 -14.58 10.90
CA MET A 134 2.88 -15.37 10.22
C MET A 134 3.10 -15.36 8.71
N SER A 135 2.71 -16.46 8.06
CA SER A 135 2.85 -16.58 6.61
C SER A 135 1.81 -15.74 5.89
N ALA A 136 2.14 -15.25 4.70
CA ALA A 136 1.22 -14.42 3.92
C ALA A 136 -0.14 -15.08 3.78
N ALA A 137 -0.14 -16.38 3.55
CA ALA A 137 -1.38 -17.13 3.39
C ALA A 137 -2.21 -17.09 4.67
N GLU A 138 -1.53 -17.14 5.81
CA GLU A 138 -2.21 -17.10 7.10
C GLU A 138 -2.75 -15.70 7.37
N ILE A 139 -1.99 -14.70 6.94
CA ILE A 139 -2.40 -13.31 7.14
C ILE A 139 -3.60 -12.97 6.26
N THR A 140 -3.54 -13.36 4.99
CA THR A 140 -4.63 -13.08 4.07
C THR A 140 -5.93 -13.69 4.55
N GLU A 141 -5.85 -14.91 5.09
CA GLU A 141 -7.02 -15.59 5.60
C GLU A 141 -7.45 -14.99 6.94
N LYS A 142 -6.47 -14.51 7.69
CA LYS A 142 -6.72 -13.92 9.01
C LYS A 142 -7.46 -12.60 8.88
N LEU A 143 -7.07 -11.79 7.91
CA LEU A 143 -7.69 -10.49 7.70
C LEU A 143 -8.98 -10.61 6.86
N GLY A 144 -9.44 -11.83 6.65
CA GLY A 144 -10.65 -12.05 5.88
C GLY A 144 -10.47 -11.67 4.43
N LEU A 145 -9.23 -11.73 3.96
CA LEU A 145 -8.93 -11.42 2.57
C LEU A 145 -9.52 -12.48 1.65
N HIS A 146 -9.71 -13.68 2.20
CA HIS A 146 -10.28 -14.78 1.42
C HIS A 146 -11.79 -14.62 1.31
N SER A 147 -12.37 -13.91 2.26
CA SER A 147 -13.81 -13.70 2.28
C SER A 147 -14.19 -12.53 1.38
N ILE A 148 -13.20 -11.92 0.74
CA ILE A 148 -13.47 -10.79 -0.12
C ILE A 148 -13.37 -11.20 -1.60
N ARG A 149 -14.25 -10.62 -2.41
CA ARG A 149 -14.32 -10.97 -3.83
C ARG A 149 -12.91 -11.06 -4.44
N ASN A 150 -12.49 -12.28 -4.77
CA ASN A 150 -11.17 -12.52 -5.33
C ASN A 150 -10.99 -11.93 -6.72
N ARG A 151 -9.80 -11.36 -6.95
CA ARG A 151 -9.42 -10.77 -8.24
C ARG A 151 -8.61 -9.48 -8.05
N PRO A 152 -9.14 -8.50 -7.31
CA PRO A 152 -8.48 -7.21 -7.10
C PRO A 152 -7.43 -7.21 -5.99
N TRP A 153 -7.65 -7.99 -4.94
CA TRP A 153 -6.69 -8.01 -3.83
C TRP A 153 -5.78 -9.23 -3.86
N PHE A 154 -4.49 -9.02 -3.59
CA PHE A 154 -3.51 -10.09 -3.57
C PHE A 154 -2.63 -9.97 -2.31
N ILE A 155 -2.09 -11.09 -1.85
CA ILE A 155 -1.24 -11.09 -0.67
C ILE A 155 0.18 -11.57 -1.00
N GLN A 156 1.16 -10.89 -0.40
CA GLN A 156 2.56 -11.24 -0.63
C GLN A 156 3.40 -11.07 0.63
N ALA A 157 4.15 -12.12 0.97
CA ALA A 157 5.02 -12.11 2.14
C ALA A 157 6.38 -11.50 1.80
N THR A 158 6.90 -10.66 2.69
CA THR A 158 8.20 -10.03 2.42
C THR A 158 8.99 -9.75 3.70
N CYS A 159 10.21 -9.28 3.51
CA CYS A 159 11.08 -8.93 4.61
C CYS A 159 11.62 -7.54 4.34
N ALA A 160 11.10 -6.56 5.06
CA ALA A 160 11.50 -5.16 4.85
C ALA A 160 12.98 -4.90 5.11
N THR A 161 13.56 -5.63 6.07
CA THR A 161 14.97 -5.42 6.45
C THR A 161 15.95 -5.95 5.40
N SER A 162 15.80 -7.22 5.01
CA SER A 162 16.71 -7.81 4.04
C SER A 162 16.33 -7.47 2.60
N GLY A 163 15.17 -6.84 2.44
CA GLY A 163 14.70 -6.48 1.12
C GLY A 163 14.18 -7.68 0.35
N GLU A 164 14.16 -8.84 1.01
CA GLU A 164 13.70 -10.06 0.38
C GLU A 164 12.18 -10.05 0.23
N GLY A 165 11.73 -10.07 -1.02
CA GLY A 165 10.30 -10.05 -1.29
C GLY A 165 9.81 -8.67 -1.66
N LEU A 166 10.56 -7.64 -1.28
CA LEU A 166 10.16 -6.27 -1.59
C LEU A 166 10.21 -6.01 -3.08
N TYR A 167 11.32 -6.40 -3.72
CA TYR A 167 11.48 -6.22 -5.15
C TYR A 167 10.49 -7.06 -5.94
N GLU A 168 10.36 -8.33 -5.58
CA GLU A 168 9.46 -9.24 -6.25
C GLU A 168 8.00 -8.83 -6.07
N GLY A 169 7.71 -8.13 -4.97
CA GLY A 169 6.34 -7.70 -4.72
C GLY A 169 5.95 -6.54 -5.60
N LEU A 170 6.90 -5.66 -5.87
CA LEU A 170 6.65 -4.50 -6.72
C LEU A 170 6.61 -4.93 -8.18
N GLU A 171 7.57 -5.76 -8.57
CA GLU A 171 7.64 -6.26 -9.94
C GLU A 171 6.34 -6.95 -10.32
N TRP A 172 5.86 -7.81 -9.43
CA TRP A 172 4.61 -8.54 -9.67
C TRP A 172 3.43 -7.56 -9.73
N LEU A 173 3.34 -6.69 -8.74
CA LEU A 173 2.27 -5.69 -8.68
C LEU A 173 2.28 -4.82 -9.92
N SER A 174 3.48 -4.50 -10.40
CA SER A 174 3.63 -3.67 -11.59
C SER A 174 2.98 -4.31 -12.80
N ASN A 175 3.15 -5.62 -12.94
CA ASN A 175 2.57 -6.36 -14.06
C ASN A 175 1.05 -6.23 -14.08
N SER A 176 0.45 -6.37 -12.89
CA SER A 176 -1.00 -6.26 -12.78
C SER A 176 -1.47 -4.85 -13.11
N LEU A 177 -0.65 -3.87 -12.75
CA LEU A 177 -0.96 -2.47 -13.03
C LEU A 177 -0.59 -2.11 -14.47
N LYS A 178 0.34 -2.86 -15.04
CA LYS A 178 0.80 -2.61 -16.40
C LYS A 178 -0.06 -3.35 -17.43
N ASN A 179 -0.67 -4.45 -17.02
CA ASN A 179 -1.50 -5.23 -17.92
C ASN A 179 -2.98 -4.94 -17.70
N SER A 180 -3.60 -5.64 -16.74
CA SER A 180 -5.02 -5.45 -16.44
C SER A 180 -5.52 -6.55 -15.52
N THR A 181 -6.81 -6.50 -15.17
CA THR A 181 -7.40 -7.50 -14.30
C THR A 181 -8.71 -8.02 -14.90
PB GDP B . 5.78 3.31 10.14
O1B GDP B . 5.43 1.80 9.80
O2B GDP B . 6.03 4.19 8.84
O3B GDP B . 4.73 3.98 11.13
O3A GDP B . 7.17 3.27 10.95
PA GDP B . 8.28 2.16 10.61
O1A GDP B . 9.72 2.69 11.05
O2A GDP B . 8.16 1.75 9.07
O5' GDP B . 7.89 0.91 11.52
C5' GDP B . 8.38 -0.40 11.23
C4' GDP B . 9.45 -0.78 12.22
O4' GDP B . 9.27 -2.19 12.57
C3' GDP B . 10.88 -0.67 11.70
O3' GDP B . 11.47 0.58 12.06
C2' GDP B . 11.59 -1.85 12.37
O2' GDP B . 11.94 -1.55 13.70
C1' GDP B . 10.47 -2.89 12.37
N9 GDP B . 10.36 -3.65 11.12
C8 GDP B . 9.98 -3.17 9.89
N7 GDP B . 9.97 -4.08 8.96
C5 GDP B . 10.37 -5.24 9.62
C6 GDP B . 10.54 -6.56 9.13
O6 GDP B . 10.37 -6.98 7.99
N1 GDP B . 10.95 -7.43 10.14
C2 GDP B . 11.17 -7.07 11.45
N2 GDP B . 11.57 -8.07 12.26
N3 GDP B . 11.01 -5.84 11.92
C4 GDP B . 10.61 -4.99 10.96
H5' GDP B . 8.80 -0.40 10.22
H5'' GDP B . 7.57 -1.12 11.28
H4' GDP B . 9.38 -0.11 13.07
H3' GDP B . 10.92 -0.72 10.61
HO3' GDP B . 12.41 0.51 11.88
H2' GDP B . 12.44 -2.17 11.77
HO2' GDP B . 11.52 -0.72 13.93
H1' GDP B . 10.58 -3.59 13.19
H8 GDP B . 9.73 -2.13 9.72
HN1 GDP B . 11.10 -8.40 9.89
HN21 GDP B . 11.75 -7.86 13.24
HN22 GDP B . 11.69 -9.00 11.91
C1 MYR A 1 14.36 0.37 -8.66
O1 MYR A 1 13.56 -0.40 -8.15
C2 MYR A 1 14.39 1.83 -8.27
C3 MYR A 1 13.28 2.21 -7.31
C4 MYR A 1 11.93 2.26 -8.01
C5 MYR A 1 10.95 3.15 -7.27
C6 MYR A 1 9.54 2.59 -7.32
C7 MYR A 1 8.49 3.70 -7.30
C8 MYR A 1 7.33 3.37 -6.38
C9 MYR A 1 6.23 2.62 -7.12
C10 MYR A 1 6.20 1.15 -6.75
C11 MYR A 1 5.42 0.33 -7.76
C12 MYR A 1 3.95 0.24 -7.41
C13 MYR A 1 3.10 -0.14 -8.60
C14 MYR A 1 1.96 -1.08 -8.28
H21 MYR A 1 14.29 2.43 -9.16
H22 MYR A 1 15.34 2.05 -7.80
H31 MYR A 1 13.49 3.17 -6.88
H32 MYR A 1 13.22 1.46 -6.53
H41 MYR A 1 11.52 1.27 -8.07
H42 MYR A 1 12.07 2.66 -9.01
H51 MYR A 1 10.95 4.14 -7.71
H52 MYR A 1 11.25 3.22 -6.23
H61 MYR A 1 9.38 1.95 -6.47
H62 MYR A 1 9.42 2.02 -8.23
H71 MYR A 1 8.12 3.85 -8.30
H72 MYR A 1 8.96 4.61 -6.95
H81 MYR A 1 6.93 4.28 -5.97
H82 MYR A 1 7.70 2.74 -5.57
H91 MYR A 1 6.41 2.71 -8.18
H92 MYR A 1 5.28 3.07 -6.87
H101 MYR A 1 5.72 1.05 -5.78
H102 MYR A 1 7.21 0.77 -6.70
H111 MYR A 1 5.83 -0.67 -7.80
H112 MYR A 1 5.52 0.80 -8.73
H121 MYR A 1 3.62 1.20 -7.03
H122 MYR A 1 3.82 -0.51 -6.63
H131 MYR A 1 3.73 -0.62 -9.34
H132 MYR A 1 2.68 0.76 -9.03
H141 MYR A 1 1.02 -0.55 -8.37
H142 MYR A 1 2.07 -1.44 -7.27
H143 MYR A 1 1.97 -1.91 -8.97
N GLY A 2 15.25 -0.01 -9.58
CA GLY A 2 15.31 -1.38 -10.03
C GLY A 2 16.43 -1.62 -11.02
N LEU A 3 17.62 -1.89 -10.51
CA LEU A 3 18.78 -2.14 -11.36
C LEU A 3 19.11 -0.91 -12.20
N PHE A 4 20.13 -0.18 -11.80
CA PHE A 4 20.54 1.02 -12.52
C PHE A 4 21.68 0.71 -13.50
N ALA A 5 21.43 0.99 -14.78
CA ALA A 5 22.42 0.73 -15.82
C ALA A 5 22.01 1.39 -17.13
N SER A 6 20.94 0.88 -17.73
CA SER A 6 20.46 1.41 -19.00
C SER A 6 19.13 0.77 -19.39
N LYS A 7 18.03 1.47 -19.14
CA LYS A 7 16.71 0.96 -19.46
C LYS A 7 15.75 2.10 -19.81
N LEU A 8 14.96 1.90 -20.86
CA LEU A 8 14.01 2.92 -21.29
C LEU A 8 12.86 2.28 -22.07
N PHE A 9 12.51 1.06 -21.69
CA PHE A 9 11.42 0.34 -22.35
C PHE A 9 10.08 0.64 -21.68
N SER A 10 9.93 0.18 -20.44
CA SER A 10 8.70 0.40 -19.69
C SER A 10 8.88 0.00 -18.24
N ASN A 11 8.28 0.77 -17.33
CA ASN A 11 8.37 0.49 -15.90
C ASN A 11 7.23 1.16 -15.14
N LEU A 12 7.23 2.49 -15.13
CA LEU A 12 6.18 3.24 -14.44
C LEU A 12 5.93 4.58 -15.13
N PHE A 13 4.97 4.59 -16.04
CA PHE A 13 4.62 5.81 -16.77
C PHE A 13 3.15 6.17 -16.59
N GLY A 14 2.39 5.29 -15.94
CA GLY A 14 0.98 5.55 -15.72
C GLY A 14 0.22 5.74 -17.03
N ASN A 15 -1.10 5.60 -16.97
CA ASN A 15 -1.93 5.76 -18.15
C ASN A 15 -3.31 6.31 -17.80
N LYS A 16 -4.22 5.42 -17.41
CA LYS A 16 -5.59 5.83 -17.06
C LYS A 16 -5.68 6.26 -15.60
N GLU A 17 -4.78 7.15 -15.18
CA GLU A 17 -4.78 7.66 -13.81
C GLU A 17 -4.48 6.54 -12.80
N MET A 18 -3.36 6.69 -12.11
CA MET A 18 -2.95 5.71 -11.10
C MET A 18 -2.28 6.41 -9.92
N ARG A 19 -2.85 6.24 -8.72
CA ARG A 19 -2.29 6.87 -7.53
C ARG A 19 -2.50 5.98 -6.32
N ILE A 20 -1.45 5.27 -5.94
CA ILE A 20 -1.52 4.34 -4.81
C ILE A 20 -1.38 5.06 -3.47
N LEU A 21 -2.22 4.66 -2.52
CA LEU A 21 -2.21 5.25 -1.19
C LEU A 21 -1.74 4.22 -0.16
N MET A 22 -0.85 4.64 0.73
CA MET A 22 -0.32 3.76 1.76
C MET A 22 -1.16 3.82 3.03
N VAL A 23 -1.91 2.75 3.29
CA VAL A 23 -2.77 2.68 4.46
C VAL A 23 -2.47 1.42 5.27
N GLY A 24 -2.52 1.54 6.59
CA GLY A 24 -2.25 0.40 7.45
C GLY A 24 -1.78 0.81 8.83
N LEU A 25 -1.33 -0.16 9.61
CA LEU A 25 -0.84 0.09 10.96
C LEU A 25 0.45 0.88 10.94
N ASP A 26 0.56 1.86 11.83
CA ASP A 26 1.76 2.68 11.93
C ASP A 26 2.97 1.81 12.25
N GLY A 27 4.15 2.27 11.83
CA GLY A 27 5.37 1.52 12.09
C GLY A 27 5.37 0.15 11.44
N ALA A 28 4.38 -0.13 10.58
CA ALA A 28 4.29 -1.41 9.91
C ALA A 28 5.49 -1.66 8.99
N GLY A 29 6.09 -0.57 8.51
CA GLY A 29 7.24 -0.69 7.63
C GLY A 29 7.22 0.31 6.49
N LYS A 30 6.59 1.46 6.71
CA LYS A 30 6.52 2.51 5.70
C LYS A 30 7.87 3.22 5.57
N THR A 31 8.64 3.21 6.65
CA THR A 31 9.94 3.85 6.67
C THR A 31 10.99 2.98 5.97
N THR A 32 10.97 1.68 6.27
CA THR A 32 11.91 0.74 5.67
C THR A 32 11.66 0.63 4.16
N VAL A 33 10.42 0.39 3.79
CA VAL A 33 10.06 0.25 2.39
C VAL A 33 10.25 1.55 1.62
N LEU A 34 9.98 2.67 2.29
CA LEU A 34 10.13 3.99 1.67
C LEU A 34 11.54 4.16 1.11
N TYR A 35 12.55 3.87 1.93
CA TYR A 35 13.93 3.99 1.50
C TYR A 35 14.24 3.04 0.35
N LYS A 36 13.67 1.84 0.42
CA LYS A 36 13.88 0.83 -0.61
C LYS A 36 13.44 1.35 -1.98
N LEU A 37 12.43 2.22 -1.97
CA LEU A 37 11.92 2.80 -3.19
C LEU A 37 12.76 3.98 -3.64
N LYS A 38 13.32 4.71 -2.67
CA LYS A 38 14.16 5.88 -2.96
C LYS A 38 14.25 6.80 -1.75
N LEU A 39 13.14 7.44 -1.43
CA LEU A 39 13.06 8.38 -0.30
C LEU A 39 13.76 9.69 -0.63
N GLY A 40 13.28 10.38 -1.65
CA GLY A 40 13.86 11.65 -2.04
C GLY A 40 13.45 12.78 -1.11
N GLU A 41 12.26 13.32 -1.35
CA GLU A 41 11.74 14.41 -0.53
C GLU A 41 10.22 14.29 -0.39
N VAL A 42 9.75 14.01 0.83
CA VAL A 42 8.33 13.88 1.08
C VAL A 42 7.78 15.14 1.73
N ILE A 43 6.58 15.53 1.31
CA ILE A 43 5.94 16.72 1.86
C ILE A 43 5.16 16.40 3.12
N THR A 44 5.32 17.26 4.12
CA THR A 44 4.63 17.08 5.40
C THR A 44 3.37 17.92 5.47
N THR A 45 2.22 17.26 5.33
CA THR A 45 0.94 17.94 5.38
C THR A 45 0.22 17.67 6.70
N ILE A 46 -0.22 18.72 7.37
CA ILE A 46 -0.92 18.58 8.64
C ILE A 46 -2.43 18.74 8.45
N PRO A 47 -3.14 17.63 8.19
CA PRO A 47 -4.59 17.64 7.99
C PRO A 47 -5.32 18.37 9.11
N THR A 48 -5.09 17.96 10.35
CA THR A 48 -5.71 18.59 11.51
C THR A 48 -5.01 18.17 12.80
N ILE A 49 -5.15 18.99 13.83
CA ILE A 49 -4.52 18.72 15.12
C ILE A 49 -4.66 17.25 15.53
N GLY A 50 -3.54 16.54 15.53
CA GLY A 50 -3.55 15.14 15.91
C GLY A 50 -3.54 14.19 14.72
N PHE A 51 -3.17 14.71 13.56
CA PHE A 51 -3.12 13.89 12.34
C PHE A 51 -1.93 14.28 11.47
N ASN A 52 -1.24 13.27 10.94
CA ASN A 52 -0.07 13.50 10.09
C ASN A 52 -0.14 12.63 8.84
N VAL A 53 0.11 13.23 7.69
CA VAL A 53 0.08 12.51 6.42
C VAL A 53 1.27 12.89 5.53
N GLU A 54 1.81 11.90 4.82
CA GLU A 54 2.94 12.12 3.94
C GLU A 54 2.50 12.05 2.48
N THR A 55 3.14 12.84 1.61
CA THR A 55 2.79 12.85 0.19
C THR A 55 4.04 12.81 -0.67
N VAL A 56 4.10 11.83 -1.57
CA VAL A 56 5.23 11.68 -2.47
C VAL A 56 4.76 11.39 -3.90
N GLN A 57 5.50 11.90 -4.88
CA GLN A 57 5.15 11.70 -6.28
C GLN A 57 6.26 10.94 -7.01
N TYR A 58 5.88 10.03 -7.90
CA TYR A 58 6.84 9.25 -8.65
C TYR A 58 6.49 9.22 -10.14
N LYS A 59 7.15 10.10 -10.91
CA LYS A 59 6.93 10.19 -12.35
C LYS A 59 5.48 9.94 -12.73
N ASN A 60 4.66 10.98 -12.66
CA ASN A 60 3.23 10.87 -13.00
C ASN A 60 2.45 10.16 -11.89
N ILE A 61 2.88 8.96 -11.53
CA ILE A 61 2.19 8.20 -10.49
C ILE A 61 2.21 8.96 -9.16
N SER A 62 1.08 8.95 -8.47
CA SER A 62 0.97 9.63 -7.18
C SER A 62 0.97 8.63 -6.02
N PHE A 63 1.58 9.05 -4.91
CA PHE A 63 1.67 8.20 -3.73
C PHE A 63 1.44 9.02 -2.46
N THR A 64 0.37 8.68 -1.72
CA THR A 64 0.04 9.38 -0.49
C THR A 64 -0.02 8.40 0.68
N VAL A 65 0.67 8.74 1.76
CA VAL A 65 0.71 7.89 2.95
C VAL A 65 -0.25 8.38 4.04
N TRP A 66 -1.24 7.54 4.35
CA TRP A 66 -2.22 7.87 5.37
C TRP A 66 -2.36 6.71 6.35
N ASP A 67 -2.00 6.94 7.61
CA ASP A 67 -2.07 5.92 8.65
C ASP A 67 -3.43 5.21 8.65
N VAL A 68 -3.56 4.22 9.53
CA VAL A 68 -4.79 3.44 9.65
C VAL A 68 -6.04 4.30 9.51
N GLY A 69 -6.58 4.38 8.30
CA GLY A 69 -7.79 5.15 8.08
C GLY A 69 -8.91 4.70 8.98
N GLY A 70 -9.52 3.57 8.65
CA GLY A 70 -10.59 3.02 9.46
C GLY A 70 -11.83 3.89 9.54
N GLN A 71 -11.74 5.13 9.07
CA GLN A 71 -12.88 6.05 9.13
C GLN A 71 -12.51 7.39 8.48
N ASP A 72 -11.22 7.73 8.56
CA ASP A 72 -10.71 8.97 7.98
C ASP A 72 -11.46 10.19 8.52
N ARG A 73 -10.92 11.37 8.24
CA ARG A 73 -11.52 12.62 8.69
C ARG A 73 -11.27 13.73 7.68
N ILE A 74 -11.55 14.98 8.08
CA ILE A 74 -11.35 16.12 7.19
C ILE A 74 -12.41 16.15 6.09
N ARG A 75 -12.85 17.36 5.74
CA ARG A 75 -13.86 17.52 4.69
C ARG A 75 -13.32 18.41 3.57
N SER A 76 -12.09 18.15 3.15
CA SER A 76 -11.47 18.93 2.09
C SER A 76 -10.23 18.23 1.54
N LEU A 77 -9.25 18.02 2.41
CA LEU A 77 -8.00 17.37 2.01
C LEU A 77 -8.27 15.96 1.49
N TRP A 78 -8.93 15.15 2.31
CA TRP A 78 -9.25 13.77 1.93
C TRP A 78 -10.07 13.72 0.65
N ARG A 79 -11.05 14.61 0.54
CA ARG A 79 -11.92 14.66 -0.64
C ARG A 79 -11.09 14.77 -1.93
N HIS A 80 -10.21 15.76 -1.97
CA HIS A 80 -9.36 15.97 -3.14
C HIS A 80 -8.58 14.71 -3.49
N TYR A 81 -7.81 14.21 -2.53
CA TYR A 81 -7.01 13.02 -2.73
C TYR A 81 -7.90 11.79 -2.94
N TYR A 82 -9.13 11.86 -2.44
CA TYR A 82 -10.07 10.74 -2.57
C TYR A 82 -10.24 10.37 -4.03
N ARG A 83 -10.92 11.23 -4.78
CA ARG A 83 -11.13 10.97 -6.21
C ARG A 83 -9.78 10.80 -6.92
N ASN A 84 -8.84 11.67 -6.57
CA ASN A 84 -7.51 11.65 -7.18
C ASN A 84 -6.84 10.29 -7.02
N THR A 85 -6.97 9.69 -5.84
CA THR A 85 -6.37 8.39 -5.57
C THR A 85 -6.89 7.34 -6.56
N GLU A 86 -5.97 6.65 -7.24
CA GLU A 86 -6.34 5.62 -8.20
C GLU A 86 -5.76 4.27 -7.79
N GLY A 87 -5.15 4.21 -6.61
CA GLY A 87 -4.54 2.98 -6.14
C GLY A 87 -4.70 2.81 -4.64
N VAL A 88 -4.56 1.56 -4.17
CA VAL A 88 -4.69 1.28 -2.75
C VAL A 88 -3.80 0.12 -2.33
N ILE A 89 -2.71 0.43 -1.63
CA ILE A 89 -1.78 -0.58 -1.16
C ILE A 89 -1.82 -0.67 0.36
N PHE A 90 -2.23 -1.83 0.87
CA PHE A 90 -2.32 -2.03 2.31
C PHE A 90 -1.14 -2.84 2.84
N VAL A 91 -0.45 -2.29 3.83
CA VAL A 91 0.71 -2.96 4.42
C VAL A 91 0.52 -3.14 5.92
N VAL A 92 0.58 -4.39 6.38
CA VAL A 92 0.41 -4.70 7.78
C VAL A 92 1.67 -5.38 8.36
N ASP A 93 1.79 -5.37 9.68
CA ASP A 93 2.94 -5.98 10.34
C ASP A 93 2.70 -7.47 10.54
N SER A 94 3.61 -8.29 10.01
CA SER A 94 3.50 -9.74 10.11
C SER A 94 3.77 -10.24 11.52
N ASN A 95 4.51 -9.46 12.31
CA ASN A 95 4.81 -9.85 13.67
C ASN A 95 3.86 -9.19 14.66
N ASP A 96 2.84 -8.51 14.14
CA ASP A 96 1.85 -7.85 14.99
C ASP A 96 0.46 -8.44 14.76
N ARG A 97 0.29 -9.70 15.13
CA ARG A 97 -0.99 -10.39 14.98
C ARG A 97 -2.05 -9.72 15.84
N SER A 98 -1.64 -9.28 17.03
CA SER A 98 -2.55 -8.63 17.96
C SER A 98 -3.23 -7.43 17.32
N ARG A 99 -2.65 -6.91 16.25
CA ARG A 99 -3.21 -5.75 15.57
C ARG A 99 -3.75 -6.13 14.18
N ILE A 100 -3.72 -7.42 13.86
CA ILE A 100 -4.18 -7.90 12.58
C ILE A 100 -5.67 -7.62 12.40
N GLY A 101 -6.41 -7.68 13.49
CA GLY A 101 -7.82 -7.40 13.44
C GLY A 101 -8.06 -5.92 13.20
N GLU A 102 -7.23 -5.11 13.83
CA GLU A 102 -7.33 -3.65 13.68
C GLU A 102 -6.88 -3.24 12.30
N ALA A 103 -5.93 -3.97 11.75
CA ALA A 103 -5.41 -3.70 10.42
C ALA A 103 -6.44 -4.04 9.37
N ARG A 104 -7.10 -5.19 9.53
CA ARG A 104 -8.10 -5.64 8.58
C ARG A 104 -9.31 -4.71 8.59
N GLU A 105 -9.65 -4.17 9.76
CA GLU A 105 -10.79 -3.27 9.89
C GLU A 105 -10.56 -2.00 9.08
N VAL A 106 -9.33 -1.50 9.14
CA VAL A 106 -8.96 -0.30 8.41
C VAL A 106 -9.03 -0.55 6.91
N MET A 107 -8.55 -1.73 6.51
CA MET A 107 -8.55 -2.12 5.10
C MET A 107 -9.99 -2.35 4.63
N GLN A 108 -10.80 -2.92 5.51
CA GLN A 108 -12.19 -3.21 5.20
C GLN A 108 -13.00 -1.93 5.00
N ARG A 109 -12.82 -0.98 5.91
CA ARG A 109 -13.52 0.29 5.83
C ARG A 109 -13.18 1.01 4.53
N MET A 110 -11.92 0.92 4.13
CA MET A 110 -11.46 1.56 2.90
C MET A 110 -12.08 0.87 1.68
N LEU A 111 -12.21 -0.44 1.76
CA LEU A 111 -12.78 -1.23 0.66
C LEU A 111 -14.23 -0.83 0.37
N ASN A 112 -14.87 -0.20 1.35
CA ASN A 112 -16.26 0.22 1.20
C ASN A 112 -16.39 1.51 0.38
N GLU A 113 -15.26 2.02 -0.13
CA GLU A 113 -15.27 3.23 -0.92
C GLU A 113 -15.74 2.95 -2.36
N ASP A 114 -16.95 3.37 -2.67
CA ASP A 114 -17.53 3.17 -4.00
C ASP A 114 -16.61 3.69 -5.09
N GLU A 115 -15.88 4.76 -4.78
CA GLU A 115 -14.96 5.37 -5.74
C GLU A 115 -13.68 4.55 -5.86
N LEU A 116 -13.49 3.59 -4.96
CA LEU A 116 -12.31 2.73 -4.98
C LEU A 116 -12.68 1.30 -5.35
N ARG A 117 -13.95 1.08 -5.69
CA ARG A 117 -14.43 -0.24 -6.05
C ARG A 117 -13.70 -0.80 -7.27
N ASN A 118 -13.08 0.09 -8.05
CA ASN A 118 -12.35 -0.33 -9.25
C ASN A 118 -10.84 -0.13 -9.07
N ALA A 119 -10.41 0.09 -7.84
CA ALA A 119 -8.99 0.29 -7.55
C ALA A 119 -8.29 -1.03 -7.27
N ALA A 120 -7.03 -1.12 -7.68
CA ALA A 120 -6.24 -2.33 -7.46
C ALA A 120 -5.69 -2.37 -6.05
N TRP A 121 -6.11 -3.37 -5.27
CA TRP A 121 -5.66 -3.50 -3.89
C TRP A 121 -4.50 -4.49 -3.78
N LEU A 122 -3.61 -4.24 -2.83
CA LEU A 122 -2.47 -5.10 -2.61
C LEU A 122 -2.14 -5.17 -1.12
N VAL A 123 -1.97 -6.39 -0.61
CA VAL A 123 -1.64 -6.57 0.80
C VAL A 123 -0.18 -6.96 0.97
N PHE A 124 0.62 -6.01 1.43
CA PHE A 124 2.04 -6.24 1.62
C PHE A 124 2.36 -6.62 3.07
N ALA A 125 2.93 -7.80 3.26
CA ALA A 125 3.29 -8.26 4.60
C ALA A 125 4.77 -7.99 4.84
N ASN A 126 5.09 -7.31 5.93
CA ASN A 126 6.49 -6.98 6.24
C ASN A 126 6.91 -7.52 7.59
N LYS A 127 7.82 -8.51 7.54
CA LYS A 127 8.38 -9.15 8.75
C LYS A 127 8.43 -10.67 8.58
N GLN A 128 8.60 -11.13 7.35
CA GLN A 128 8.65 -12.56 7.09
C GLN A 128 9.97 -13.17 7.54
N ASP A 129 10.96 -12.32 7.83
CA ASP A 129 12.24 -12.83 8.28
C ASP A 129 12.15 -13.26 9.75
N LEU A 130 11.16 -12.71 10.45
CA LEU A 130 10.94 -13.06 11.85
C LEU A 130 10.50 -14.52 11.97
N PRO A 131 11.26 -15.35 12.71
CA PRO A 131 10.92 -16.77 12.89
C PRO A 131 9.56 -16.98 13.55
N GLU A 132 9.02 -15.90 14.13
CA GLU A 132 7.72 -15.97 14.81
C GLU A 132 6.66 -15.20 14.02
N ALA A 133 6.98 -14.79 12.80
CA ALA A 133 6.04 -14.06 11.96
C ALA A 133 5.04 -15.00 11.30
N MET A 134 3.83 -14.49 11.05
CA MET A 134 2.79 -15.28 10.41
C MET A 134 2.99 -15.32 8.90
N SER A 135 2.57 -16.43 8.29
CA SER A 135 2.71 -16.61 6.84
C SER A 135 1.66 -15.79 6.10
N ALA A 136 1.97 -15.41 4.86
CA ALA A 136 1.05 -14.63 4.04
C ALA A 136 -0.34 -15.24 4.02
N ALA A 137 -0.40 -16.57 3.89
CA ALA A 137 -1.66 -17.27 3.85
C ALA A 137 -2.39 -17.14 5.18
N GLU A 138 -1.63 -17.07 6.26
CA GLU A 138 -2.21 -16.93 7.59
C GLU A 138 -2.69 -15.50 7.80
N ILE A 139 -1.93 -14.54 7.28
CA ILE A 139 -2.29 -13.14 7.40
C ILE A 139 -3.52 -12.83 6.56
N THR A 140 -3.53 -13.35 5.33
CA THR A 140 -4.64 -13.12 4.41
C THR A 140 -5.95 -13.65 5.00
N GLU A 141 -5.88 -14.80 5.63
CA GLU A 141 -7.06 -15.41 6.25
C GLU A 141 -7.42 -14.70 7.55
N LYS A 142 -6.40 -14.27 8.27
CA LYS A 142 -6.60 -13.59 9.55
C LYS A 142 -7.23 -12.22 9.35
N LEU A 143 -6.78 -11.50 8.32
CA LEU A 143 -7.30 -10.18 8.03
C LEU A 143 -8.60 -10.24 7.21
N GLY A 144 -9.13 -11.45 7.04
CA GLY A 144 -10.36 -11.60 6.28
C GLY A 144 -10.17 -11.26 4.82
N LEU A 145 -8.94 -11.39 4.35
CA LEU A 145 -8.62 -11.12 2.96
C LEU A 145 -9.30 -12.15 2.06
N HIS A 146 -9.58 -13.32 2.63
CA HIS A 146 -10.24 -14.38 1.89
C HIS A 146 -11.74 -14.11 1.78
N SER A 147 -12.26 -13.33 2.71
CA SER A 147 -13.68 -12.98 2.72
C SER A 147 -13.96 -11.80 1.78
N ILE A 148 -12.91 -11.30 1.14
CA ILE A 148 -13.07 -10.18 0.24
C ILE A 148 -13.04 -10.66 -1.22
N ARG A 149 -13.90 -10.04 -2.04
CA ARG A 149 -14.04 -10.44 -3.44
C ARG A 149 -12.68 -10.67 -4.11
N ASN A 150 -12.38 -11.93 -4.40
CA ASN A 150 -11.12 -12.31 -5.02
C ASN A 150 -10.97 -11.79 -6.46
N ARG A 151 -9.76 -11.29 -6.75
CA ARG A 151 -9.39 -10.78 -8.09
C ARG A 151 -8.64 -9.45 -8.01
N PRO A 152 -9.19 -8.45 -7.28
CA PRO A 152 -8.59 -7.13 -7.18
C PRO A 152 -7.46 -7.05 -6.17
N TRP A 153 -7.57 -7.76 -5.05
CA TRP A 153 -6.52 -7.71 -4.02
C TRP A 153 -5.64 -8.95 -4.04
N PHE A 154 -4.33 -8.72 -3.96
CA PHE A 154 -3.36 -9.80 -3.94
C PHE A 154 -2.60 -9.79 -2.62
N ILE A 155 -2.19 -10.96 -2.15
CA ILE A 155 -1.45 -11.05 -0.89
C ILE A 155 -0.08 -11.68 -1.10
N GLN A 156 0.94 -11.09 -0.48
CA GLN A 156 2.31 -11.59 -0.60
C GLN A 156 3.13 -11.30 0.65
N ALA A 157 3.86 -12.32 1.11
CA ALA A 157 4.71 -12.19 2.29
C ALA A 157 6.10 -11.72 1.89
N THR A 158 6.69 -10.85 2.70
CA THR A 158 8.03 -10.36 2.42
C THR A 158 8.80 -10.01 3.69
N CYS A 159 10.06 -9.66 3.52
CA CYS A 159 10.90 -9.26 4.62
C CYS A 159 11.60 -7.96 4.24
N ALA A 160 11.21 -6.89 4.89
CA ALA A 160 11.76 -5.57 4.57
C ALA A 160 13.27 -5.45 4.80
N THR A 161 13.80 -6.22 5.75
CA THR A 161 15.23 -6.15 6.08
C THR A 161 16.13 -6.76 5.01
N SER A 162 15.89 -8.02 4.67
CA SER A 162 16.71 -8.70 3.67
C SER A 162 16.30 -8.35 2.24
N GLY A 163 15.17 -7.68 2.10
CA GLY A 163 14.68 -7.30 0.79
C GLY A 163 14.10 -8.49 0.03
N GLU A 164 14.03 -9.63 0.71
CA GLU A 164 13.51 -10.85 0.10
C GLU A 164 11.99 -10.77 0.01
N GLY A 165 11.48 -10.78 -1.21
CA GLY A 165 10.05 -10.69 -1.42
C GLY A 165 9.63 -9.30 -1.84
N LEU A 166 10.44 -8.30 -1.54
CA LEU A 166 10.14 -6.92 -1.88
C LEU A 166 10.26 -6.69 -3.38
N TYR A 167 11.35 -7.17 -3.98
CA TYR A 167 11.57 -7.01 -5.41
C TYR A 167 10.54 -7.77 -6.23
N GLU A 168 10.34 -9.03 -5.90
CA GLU A 168 9.38 -9.87 -6.61
C GLU A 168 7.94 -9.39 -6.39
N GLY A 169 7.71 -8.73 -5.26
CA GLY A 169 6.37 -8.24 -4.96
C GLY A 169 6.00 -7.03 -5.78
N LEU A 170 6.94 -6.12 -5.97
CA LEU A 170 6.71 -4.92 -6.74
C LEU A 170 6.71 -5.26 -8.23
N GLU A 171 7.69 -6.04 -8.64
CA GLU A 171 7.81 -6.46 -10.04
C GLU A 171 6.48 -7.06 -10.51
N TRP A 172 5.93 -7.95 -9.68
CA TRP A 172 4.67 -8.59 -10.01
C TRP A 172 3.55 -7.55 -10.09
N LEU A 173 3.56 -6.62 -9.13
CA LEU A 173 2.56 -5.55 -9.09
C LEU A 173 2.62 -4.70 -10.36
N SER A 174 3.84 -4.49 -10.86
CA SER A 174 4.04 -3.69 -12.06
C SER A 174 3.33 -4.32 -13.25
N ASN A 175 3.42 -5.65 -13.35
CA ASN A 175 2.78 -6.36 -14.45
C ASN A 175 1.28 -6.14 -14.44
N SER A 176 0.68 -6.19 -13.25
CA SER A 176 -0.75 -5.98 -13.10
C SER A 176 -1.13 -4.55 -13.48
N LEU A 177 -0.24 -3.62 -13.17
CA LEU A 177 -0.46 -2.22 -13.49
C LEU A 177 -0.12 -1.94 -14.95
N LYS A 178 0.75 -2.77 -15.53
CA LYS A 178 1.17 -2.61 -16.91
C LYS A 178 0.23 -3.36 -17.86
N ASN A 179 -0.44 -4.38 -17.34
CA ASN A 179 -1.36 -5.17 -18.15
C ASN A 179 -2.80 -4.68 -17.98
N SER A 180 -3.34 -4.85 -16.78
CA SER A 180 -4.71 -4.43 -16.49
C SER A 180 -5.71 -5.19 -17.36
N THR A 181 -5.37 -6.42 -17.69
CA THR A 181 -6.23 -7.26 -18.52
C THR A 181 -6.43 -8.64 -17.89
PB GDP B . 6.86 3.26 9.63
O1B GDP B . 6.49 1.76 9.27
O2B GDP B . 7.08 4.15 8.34
O3B GDP B . 5.85 3.91 10.66
O3A GDP B . 8.28 3.20 10.39
PA GDP B . 9.24 1.92 10.23
O1A GDP B . 10.68 2.28 10.78
O2A GDP B . 9.21 1.43 8.70
O5' GDP B . 8.59 0.80 11.16
C5' GDP B . 8.91 -0.58 10.98
C4' GDP B . 10.12 -0.94 11.82
O4' GDP B . 10.02 -2.35 12.20
C3' GDP B . 11.46 -0.81 11.10
O3' GDP B . 12.06 0.46 11.35
C2' GDP B . 12.29 -1.95 11.69
O2' GDP B . 12.80 -1.60 12.96
C1' GDP B . 11.21 -3.01 11.87
N9 GDP B . 10.98 -3.83 10.68
C8 GDP B . 10.52 -3.40 9.46
N7 GDP B . 10.39 -4.35 8.58
C5 GDP B . 10.79 -5.50 9.27
C6 GDP B . 10.88 -6.84 8.84
O6 GDP B . 10.60 -7.31 7.73
N1 GDP B . 11.33 -7.68 9.85
C2 GDP B . 11.68 -7.26 11.12
N2 GDP B . 12.11 -8.22 11.95
N3 GDP B . 11.61 -6.01 11.53
C4 GDP B . 11.16 -5.19 10.56
H5' GDP B . 9.13 -0.77 9.93
H5'' GDP B . 8.08 -1.20 11.29
H4' GDP B . 10.14 -0.26 12.67
H3' GDP B . 11.35 -0.87 10.02
HO3' GDP B . 12.98 0.40 11.10
H2' GDP B . 13.05 -2.26 10.99
HO2' GDP B . 13.18 -2.40 13.33
H1' GDP B . 11.44 -3.69 12.69
H8 GDP B . 10.28 -2.36 9.25
HN1 GDP B . 11.41 -8.66 9.64
HN21 GDP B . 12.38 -7.98 12.89
HN22 GDP B . 12.16 -9.18 11.64
C1 MYR A 1 11.24 0.20 -15.63
O1 MYR A 1 10.47 -0.61 -15.11
C2 MYR A 1 11.41 1.59 -15.05
C3 MYR A 1 11.56 1.59 -13.54
C4 MYR A 1 10.85 2.78 -12.90
C5 MYR A 1 9.38 2.49 -12.67
C6 MYR A 1 9.13 1.88 -11.30
C7 MYR A 1 8.94 2.96 -10.25
C8 MYR A 1 7.87 2.57 -9.24
C9 MYR A 1 8.43 1.70 -8.13
C10 MYR A 1 7.47 0.58 -7.75
C11 MYR A 1 6.48 1.04 -6.70
C12 MYR A 1 5.29 1.77 -7.33
C13 MYR A 1 4.10 0.84 -7.52
C14 MYR A 1 3.54 0.86 -8.92
H21 MYR A 1 10.53 2.17 -15.30
H22 MYR A 1 12.28 2.05 -15.49
H31 MYR A 1 12.61 1.64 -13.30
H32 MYR A 1 11.13 0.68 -13.15
H41 MYR A 1 10.95 3.64 -13.55
H42 MYR A 1 11.32 3.00 -11.95
H51 MYR A 1 9.03 1.80 -13.43
H52 MYR A 1 8.83 3.42 -12.75
H61 MYR A 1 9.98 1.27 -11.03
H62 MYR A 1 8.25 1.27 -11.35
H71 MYR A 1 8.65 3.88 -10.73
H72 MYR A 1 9.88 3.11 -9.72
H81 MYR A 1 7.09 2.02 -9.76
H82 MYR A 1 7.45 3.47 -8.81
H91 MYR A 1 8.62 2.31 -7.27
H92 MYR A 1 9.36 1.26 -8.47
H101 MYR A 1 8.03 -0.25 -7.36
H102 MYR A 1 6.92 0.28 -8.63
H111 MYR A 1 6.97 1.71 -6.01
H112 MYR A 1 6.11 0.18 -6.16
H121 MYR A 1 5.59 2.17 -8.28
H122 MYR A 1 4.99 2.58 -6.68
H131 MYR A 1 3.32 1.13 -6.84
H132 MYR A 1 4.42 -0.18 -7.30
H141 MYR A 1 2.68 1.52 -8.95
H142 MYR A 1 3.24 -0.14 -9.21
H143 MYR A 1 4.30 1.22 -9.61
N GLY A 2 11.98 -0.08 -16.69
CA GLY A 2 11.91 -1.38 -17.32
C GLY A 2 12.89 -2.38 -16.71
N LEU A 3 13.95 -2.69 -17.44
CA LEU A 3 14.96 -3.63 -16.97
C LEU A 3 16.09 -2.90 -16.25
N PHE A 4 16.71 -1.95 -16.95
CA PHE A 4 17.80 -1.17 -16.38
C PHE A 4 17.66 0.31 -16.72
N ALA A 5 17.57 0.60 -18.02
CA ALA A 5 17.43 1.97 -18.47
C ALA A 5 15.98 2.43 -18.39
N SER A 6 15.78 3.75 -18.33
CA SER A 6 14.43 4.31 -18.24
C SER A 6 13.91 4.68 -19.63
N LYS A 7 14.81 5.16 -20.48
CA LYS A 7 14.43 5.54 -21.84
C LYS A 7 13.44 6.70 -21.82
N LEU A 8 13.75 7.75 -22.57
CA LEU A 8 12.88 8.92 -22.64
C LEU A 8 12.73 9.55 -21.24
N PHE A 9 11.64 10.28 -21.03
CA PHE A 9 11.40 10.93 -19.75
C PHE A 9 10.58 10.03 -18.83
N SER A 10 10.86 8.73 -18.87
CA SER A 10 10.15 7.76 -18.03
C SER A 10 8.65 7.80 -18.32
N ASN A 11 8.15 6.72 -18.93
CA ASN A 11 6.73 6.63 -19.26
C ASN A 11 6.20 5.22 -19.01
N LEU A 12 4.88 5.07 -19.15
CA LEU A 12 4.24 3.78 -18.95
C LEU A 12 3.28 3.45 -20.09
N PHE A 13 3.48 4.10 -21.23
CA PHE A 13 2.64 3.88 -22.40
C PHE A 13 1.20 4.28 -22.13
N GLY A 14 0.50 3.46 -21.36
CA GLY A 14 -0.90 3.74 -21.04
C GLY A 14 -1.09 4.15 -19.60
N ASN A 15 -0.95 5.44 -19.32
CA ASN A 15 -1.12 5.96 -17.97
C ASN A 15 -2.54 6.47 -17.76
N LYS A 16 -3.45 5.55 -17.46
CA LYS A 16 -4.86 5.90 -17.23
C LYS A 16 -5.09 6.34 -15.79
N GLU A 17 -4.28 7.29 -15.32
CA GLU A 17 -4.42 7.79 -13.96
C GLU A 17 -4.12 6.71 -12.93
N MET A 18 -3.02 6.87 -12.21
CA MET A 18 -2.62 5.90 -11.19
C MET A 18 -1.98 6.60 -9.99
N ARG A 19 -2.56 6.40 -8.81
CA ARG A 19 -2.02 7.03 -7.60
C ARG A 19 -2.10 6.06 -6.42
N ILE A 20 -1.01 5.36 -6.17
CA ILE A 20 -0.96 4.37 -5.11
C ILE A 20 -0.74 5.00 -3.74
N LEU A 21 -1.63 4.68 -2.81
CA LEU A 21 -1.55 5.19 -1.45
C LEU A 21 -1.08 4.09 -0.50
N MET A 22 -0.20 4.44 0.43
CA MET A 22 0.32 3.47 1.39
C MET A 22 -0.47 3.50 2.69
N VAL A 23 -1.26 2.46 2.93
CA VAL A 23 -2.06 2.36 4.13
C VAL A 23 -1.81 1.04 4.85
N GLY A 24 -1.92 1.05 6.16
CA GLY A 24 -1.69 -0.15 6.93
C GLY A 24 -1.41 0.15 8.39
N LEU A 25 -1.13 -0.90 9.16
CA LEU A 25 -0.84 -0.73 10.58
C LEU A 25 0.45 0.05 10.78
N ASP A 26 0.48 0.89 11.81
CA ASP A 26 1.66 1.69 12.11
C ASP A 26 2.82 0.79 12.51
N GLY A 27 4.03 1.19 12.15
CA GLY A 27 5.19 0.40 12.51
C GLY A 27 5.34 -0.85 11.66
N ALA A 28 4.46 -1.02 10.67
CA ALA A 28 4.51 -2.20 9.80
C ALA A 28 5.75 -2.21 8.93
N GLY A 29 6.40 -1.06 8.81
CA GLY A 29 7.60 -0.97 8.00
C GLY A 29 7.51 0.07 6.89
N LYS A 30 6.75 1.13 7.14
CA LYS A 30 6.60 2.20 6.15
C LYS A 30 7.88 3.04 6.06
N THR A 31 8.63 3.08 7.15
CA THR A 31 9.88 3.84 7.19
C THR A 31 11.00 3.07 6.48
N THR A 32 11.06 1.76 6.75
CA THR A 32 12.08 0.92 6.14
C THR A 32 11.89 0.84 4.63
N VAL A 33 10.67 0.54 4.21
CA VAL A 33 10.35 0.43 2.79
C VAL A 33 10.59 1.76 2.08
N LEU A 34 10.30 2.86 2.77
CA LEU A 34 10.49 4.18 2.20
C LEU A 34 11.93 4.36 1.72
N TYR A 35 12.87 4.05 2.59
CA TYR A 35 14.29 4.17 2.26
C TYR A 35 14.63 3.34 1.02
N LYS A 36 14.05 2.15 0.92
CA LYS A 36 14.29 1.28 -0.22
C LYS A 36 13.93 1.99 -1.53
N LEU A 37 12.90 2.84 -1.45
CA LEU A 37 12.45 3.59 -2.62
C LEU A 37 13.24 4.90 -2.78
N LYS A 38 14.16 5.16 -1.85
CA LYS A 38 14.97 6.38 -1.88
C LYS A 38 14.18 7.56 -1.33
N LEU A 39 13.16 7.98 -2.06
CA LEU A 39 12.33 9.10 -1.64
C LEU A 39 13.15 10.36 -1.44
N GLY A 40 14.02 10.66 -2.42
CA GLY A 40 14.87 11.84 -2.34
C GLY A 40 14.21 13.03 -1.66
N GLU A 41 12.98 13.34 -2.07
CA GLU A 41 12.25 14.45 -1.50
C GLU A 41 10.93 13.97 -0.89
N VAL A 42 10.59 14.48 0.28
CA VAL A 42 9.37 14.09 0.97
C VAL A 42 8.43 15.27 1.14
N ILE A 43 7.14 15.04 0.96
CA ILE A 43 6.15 16.09 1.11
C ILE A 43 5.38 15.95 2.42
N THR A 44 5.22 17.06 3.12
CA THR A 44 4.51 17.05 4.40
C THR A 44 3.41 18.10 4.43
N THR A 45 2.17 17.63 4.54
CA THR A 45 1.01 18.51 4.57
C THR A 45 0.10 18.17 5.76
N ILE A 46 -0.39 19.21 6.42
CA ILE A 46 -1.27 19.03 7.57
C ILE A 46 -2.73 19.31 7.19
N PRO A 47 -3.56 18.25 7.10
CA PRO A 47 -4.97 18.39 6.73
C PRO A 47 -5.76 19.17 7.78
N THR A 48 -5.50 18.90 9.06
CA THR A 48 -6.22 19.58 10.13
C THR A 48 -5.57 19.29 11.49
N ILE A 49 -5.81 20.18 12.45
CA ILE A 49 -5.28 20.05 13.80
C ILE A 49 -3.85 19.46 13.82
N GLY A 50 -3.72 18.19 14.22
CA GLY A 50 -2.40 17.58 14.28
C GLY A 50 -2.30 16.31 13.46
N PHE A 51 -2.50 16.44 12.15
CA PHE A 51 -2.43 15.29 11.26
C PHE A 51 -1.24 15.44 10.30
N ASN A 52 -0.47 14.36 10.16
CA ASN A 52 0.71 14.38 9.29
C ASN A 52 0.55 13.38 8.14
N VAL A 53 0.57 13.90 6.92
CA VAL A 53 0.45 13.06 5.73
C VAL A 53 1.68 13.22 4.84
N GLU A 54 2.10 12.13 4.21
CA GLU A 54 3.27 12.17 3.34
C GLU A 54 2.85 12.00 1.88
N THR A 55 3.59 12.63 0.98
CA THR A 55 3.30 12.55 -0.45
C THR A 55 4.58 12.50 -1.27
N VAL A 56 4.66 11.52 -2.16
CA VAL A 56 5.83 11.36 -3.01
C VAL A 56 5.43 11.27 -4.49
N GLN A 57 6.21 11.92 -5.34
CA GLN A 57 5.94 11.91 -6.78
C GLN A 57 7.08 11.25 -7.54
N TYR A 58 6.78 10.11 -8.15
CA TYR A 58 7.79 9.37 -8.92
C TYR A 58 7.53 9.50 -10.41
N LYS A 59 8.30 10.36 -11.06
CA LYS A 59 8.17 10.58 -12.50
C LYS A 59 6.79 11.12 -12.85
N ASN A 60 5.81 10.23 -12.94
CA ASN A 60 4.44 10.64 -13.27
C ASN A 60 3.44 10.07 -12.26
N ILE A 61 3.73 8.87 -11.76
CA ILE A 61 2.84 8.22 -10.79
C ILE A 61 2.80 9.00 -9.48
N SER A 62 1.62 9.06 -8.87
CA SER A 62 1.45 9.76 -7.61
C SER A 62 1.41 8.78 -6.44
N PHE A 63 1.91 9.21 -5.29
CA PHE A 63 1.94 8.38 -4.10
C PHE A 63 1.52 9.16 -2.86
N THR A 64 0.54 8.62 -2.13
CA THR A 64 0.04 9.23 -0.91
C THR A 64 0.31 8.32 0.28
N VAL A 65 0.72 8.90 1.41
CA VAL A 65 1.02 8.11 2.60
C VAL A 65 0.07 8.42 3.74
N TRP A 66 -0.58 7.37 4.27
CA TRP A 66 -1.51 7.52 5.37
C TRP A 66 -1.70 6.18 6.08
N ASP A 67 -1.25 6.10 7.33
CA ASP A 67 -1.35 4.87 8.11
C ASP A 67 -2.56 4.93 9.05
N VAL A 68 -2.84 3.80 9.69
CA VAL A 68 -3.97 3.70 10.62
C VAL A 68 -3.60 4.29 11.98
N GLY A 69 -4.50 5.11 12.54
CA GLY A 69 -4.23 5.72 13.84
C GLY A 69 -5.12 5.15 14.93
N GLY A 70 -5.52 3.90 14.77
CA GLY A 70 -6.37 3.24 15.76
C GLY A 70 -7.78 3.83 15.84
N GLN A 71 -7.95 5.06 15.36
CA GLN A 71 -9.25 5.72 15.38
C GLN A 71 -9.19 7.08 14.70
N ASP A 72 -8.02 7.72 14.76
CA ASP A 72 -7.84 9.04 14.14
C ASP A 72 -8.46 9.08 12.75
N ARG A 73 -9.63 9.71 12.65
CA ARG A 73 -10.34 9.82 11.38
C ARG A 73 -11.01 11.19 11.24
N ILE A 74 -11.33 11.56 10.00
CA ILE A 74 -11.97 12.84 9.74
C ILE A 74 -13.06 12.69 8.67
N ARG A 75 -13.75 13.79 8.38
CA ARG A 75 -14.81 13.79 7.38
C ARG A 75 -14.71 15.00 6.46
N SER A 76 -13.88 14.91 5.43
CA SER A 76 -13.70 16.00 4.49
C SER A 76 -12.60 15.66 3.48
N LEU A 77 -11.37 15.65 3.95
CA LEU A 77 -10.22 15.35 3.08
C LEU A 77 -10.28 13.90 2.61
N TRP A 78 -10.77 13.02 3.48
CA TRP A 78 -10.87 11.60 3.15
C TRP A 78 -11.65 11.38 1.85
N ARG A 79 -12.61 12.25 1.59
CA ARG A 79 -13.43 12.14 0.39
C ARG A 79 -12.75 12.79 -0.82
N HIS A 80 -12.57 14.10 -0.75
CA HIS A 80 -11.96 14.86 -1.84
C HIS A 80 -10.52 14.41 -2.13
N TYR A 81 -9.94 13.59 -1.26
CA TYR A 81 -8.57 13.14 -1.47
C TYR A 81 -8.51 11.66 -1.87
N TYR A 82 -9.04 10.78 -1.02
CA TYR A 82 -8.99 9.35 -1.28
C TYR A 82 -9.61 8.97 -2.63
N ARG A 83 -10.66 9.67 -3.05
CA ARG A 83 -11.28 9.34 -4.34
C ARG A 83 -10.31 9.58 -5.49
N ASN A 84 -9.67 10.75 -5.49
CA ASN A 84 -8.74 11.12 -6.56
C ASN A 84 -7.65 10.07 -6.72
N THR A 85 -7.31 9.37 -5.65
CA THR A 85 -6.28 8.34 -5.72
C THR A 85 -6.70 7.24 -6.70
N GLU A 86 -5.73 6.65 -7.39
CA GLU A 86 -6.02 5.61 -8.35
C GLU A 86 -5.35 4.30 -7.96
N GLY A 87 -4.71 4.29 -6.81
CA GLY A 87 -4.01 3.11 -6.33
C GLY A 87 -4.16 2.90 -4.84
N VAL A 88 -4.16 1.65 -4.40
CA VAL A 88 -4.31 1.34 -2.99
C VAL A 88 -3.54 0.07 -2.62
N ILE A 89 -2.52 0.22 -1.79
CA ILE A 89 -1.71 -0.92 -1.36
C ILE A 89 -1.72 -1.04 0.17
N PHE A 90 -2.38 -2.07 0.66
CA PHE A 90 -2.47 -2.30 2.10
C PHE A 90 -1.28 -3.13 2.60
N VAL A 91 -0.62 -2.63 3.63
CA VAL A 91 0.53 -3.31 4.21
C VAL A 91 0.35 -3.50 5.71
N VAL A 92 0.26 -4.77 6.13
CA VAL A 92 0.08 -5.08 7.54
C VAL A 92 1.33 -5.74 8.14
N ASP A 93 1.43 -5.71 9.46
CA ASP A 93 2.57 -6.30 10.16
C ASP A 93 2.34 -7.80 10.36
N SER A 94 3.25 -8.60 9.83
CA SER A 94 3.15 -10.05 9.94
C SER A 94 3.54 -10.54 11.32
N ASN A 95 4.07 -9.65 12.15
CA ASN A 95 4.47 -10.01 13.50
C ASN A 95 3.60 -9.30 14.54
N ASP A 96 2.62 -8.54 14.06
CA ASP A 96 1.72 -7.81 14.96
C ASP A 96 0.32 -8.40 14.92
N ARG A 97 0.17 -9.60 15.45
CA ARG A 97 -1.12 -10.28 15.49
C ARG A 97 -2.10 -9.51 16.36
N SER A 98 -1.62 -9.04 17.50
CA SER A 98 -2.46 -8.30 18.45
C SER A 98 -3.17 -7.13 17.76
N ARG A 99 -2.61 -6.66 16.66
CA ARG A 99 -3.21 -5.53 15.93
C ARG A 99 -3.71 -5.97 14.55
N ILE A 100 -3.57 -7.25 14.24
CA ILE A 100 -4.02 -7.78 12.96
C ILE A 100 -5.51 -7.54 12.76
N GLY A 101 -6.27 -7.67 13.85
CA GLY A 101 -7.70 -7.45 13.77
C GLY A 101 -7.99 -5.98 13.60
N GLU A 102 -7.20 -5.16 14.28
CA GLU A 102 -7.34 -3.72 14.21
C GLU A 102 -6.96 -3.23 12.82
N ALA A 103 -5.98 -3.90 12.23
CA ALA A 103 -5.52 -3.57 10.90
C ALA A 103 -6.55 -3.94 9.86
N ARG A 104 -7.15 -5.13 10.03
CA ARG A 104 -8.15 -5.62 9.10
C ARG A 104 -9.40 -4.72 9.08
N GLU A 105 -9.71 -4.12 10.21
CA GLU A 105 -10.87 -3.24 10.33
C GLU A 105 -10.64 -1.94 9.58
N VAL A 106 -9.44 -1.40 9.71
CA VAL A 106 -9.10 -0.15 9.05
C VAL A 106 -9.08 -0.31 7.53
N MET A 107 -8.51 -1.42 7.07
CA MET A 107 -8.45 -1.69 5.63
C MET A 107 -9.84 -1.98 5.07
N GLN A 108 -10.68 -2.58 5.90
CA GLN A 108 -12.04 -2.95 5.51
C GLN A 108 -12.91 -1.71 5.33
N ARG A 109 -12.77 -0.75 6.23
CA ARG A 109 -13.56 0.47 6.16
C ARG A 109 -13.15 1.31 4.95
N MET A 110 -11.86 1.35 4.67
CA MET A 110 -11.35 2.12 3.54
C MET A 110 -11.77 1.54 2.20
N LEU A 111 -11.76 0.21 2.10
CA LEU A 111 -12.15 -0.46 0.86
C LEU A 111 -13.65 -0.31 0.57
N ASN A 112 -14.39 0.18 1.55
CA ASN A 112 -15.83 0.37 1.39
C ASN A 112 -16.15 1.64 0.58
N GLU A 113 -15.11 2.28 0.03
CA GLU A 113 -15.29 3.49 -0.76
C GLU A 113 -15.66 3.14 -2.20
N ASP A 114 -16.88 3.49 -2.58
CA ASP A 114 -17.37 3.23 -3.93
C ASP A 114 -16.44 3.82 -4.99
N GLU A 115 -15.81 4.94 -4.65
CA GLU A 115 -14.91 5.63 -5.55
C GLU A 115 -13.61 4.85 -5.77
N LEU A 116 -13.38 3.82 -4.96
CA LEU A 116 -12.18 3.01 -5.08
C LEU A 116 -12.52 1.52 -5.08
N ARG A 117 -13.80 1.20 -5.23
CA ARG A 117 -14.25 -0.19 -5.24
C ARG A 117 -13.63 -0.97 -6.39
N ASN A 118 -13.09 -0.27 -7.39
CA ASN A 118 -12.48 -0.92 -8.54
C ASN A 118 -10.98 -0.62 -8.63
N ALA A 119 -10.45 0.02 -7.60
CA ALA A 119 -9.03 0.37 -7.57
C ALA A 119 -8.17 -0.87 -7.36
N ALA A 120 -6.93 -0.83 -7.86
CA ALA A 120 -6.01 -1.96 -7.71
C ALA A 120 -5.60 -2.12 -6.25
N TRP A 121 -6.13 -3.14 -5.60
CA TRP A 121 -5.83 -3.39 -4.20
C TRP A 121 -4.74 -4.45 -4.04
N LEU A 122 -3.78 -4.18 -3.16
CA LEU A 122 -2.69 -5.11 -2.92
C LEU A 122 -2.38 -5.24 -1.44
N VAL A 123 -2.22 -6.47 -0.99
CA VAL A 123 -1.90 -6.75 0.39
C VAL A 123 -0.43 -7.16 0.50
N PHE A 124 0.32 -6.48 1.35
CA PHE A 124 1.73 -6.78 1.52
C PHE A 124 2.03 -7.14 2.96
N ALA A 125 2.63 -8.31 3.16
CA ALA A 125 3.01 -8.76 4.50
C ALA A 125 4.48 -8.47 4.73
N ASN A 126 4.78 -7.71 5.78
CA ASN A 126 6.17 -7.36 6.07
C ASN A 126 6.62 -7.87 7.42
N LYS A 127 7.57 -8.81 7.38
CA LYS A 127 8.17 -9.43 8.57
C LYS A 127 8.27 -10.94 8.39
N GLN A 128 8.42 -11.41 7.16
CA GLN A 128 8.52 -12.84 6.91
C GLN A 128 9.85 -13.41 7.40
N ASP A 129 10.79 -12.53 7.70
CA ASP A 129 12.09 -12.96 8.19
C ASP A 129 11.99 -13.39 9.66
N LEU A 130 10.96 -12.89 10.34
CA LEU A 130 10.74 -13.22 11.74
C LEU A 130 10.37 -14.71 11.89
N PRO A 131 11.04 -15.43 12.80
CA PRO A 131 10.77 -16.86 13.03
C PRO A 131 9.35 -17.12 13.51
N GLU A 132 8.76 -16.13 14.16
CA GLU A 132 7.40 -16.27 14.69
C GLU A 132 6.43 -15.36 13.94
N ALA A 133 6.77 -15.00 12.72
CA ALA A 133 5.91 -14.14 11.90
C ALA A 133 4.87 -14.95 11.14
N MET A 134 3.68 -14.36 10.99
CA MET A 134 2.59 -15.03 10.29
C MET A 134 2.79 -15.02 8.79
N SER A 135 2.29 -16.07 8.13
CA SER A 135 2.40 -16.18 6.68
C SER A 135 1.33 -15.35 5.99
N ALA A 136 1.63 -14.88 4.78
CA ALA A 136 0.66 -14.07 4.04
C ALA A 136 -0.65 -14.82 3.86
N ALA A 137 -0.57 -16.14 3.78
CA ALA A 137 -1.76 -16.97 3.62
C ALA A 137 -2.62 -16.96 4.87
N GLU A 138 -2.01 -17.20 6.02
CA GLU A 138 -2.73 -17.21 7.29
C GLU A 138 -3.17 -15.79 7.63
N ILE A 139 -2.35 -14.82 7.25
CA ILE A 139 -2.63 -13.42 7.50
C ILE A 139 -3.85 -12.99 6.67
N THR A 140 -3.86 -13.38 5.41
CA THR A 140 -4.97 -13.03 4.51
C THR A 140 -6.30 -13.53 5.05
N GLU A 141 -6.28 -14.71 5.66
CA GLU A 141 -7.50 -15.29 6.23
C GLU A 141 -7.91 -14.53 7.48
N LYS A 142 -6.91 -14.00 8.19
CA LYS A 142 -7.16 -13.24 9.41
C LYS A 142 -7.82 -11.90 9.10
N LEU A 143 -7.38 -11.26 8.01
CA LEU A 143 -7.93 -9.97 7.62
C LEU A 143 -9.22 -10.15 6.81
N GLY A 144 -9.67 -11.39 6.68
CA GLY A 144 -10.88 -11.66 5.93
C GLY A 144 -10.70 -11.38 4.46
N LEU A 145 -9.46 -11.47 3.98
CA LEU A 145 -9.16 -11.24 2.58
C LEU A 145 -9.85 -12.32 1.75
N HIS A 146 -10.13 -13.45 2.38
CA HIS A 146 -10.81 -14.54 1.71
C HIS A 146 -12.29 -14.24 1.57
N SER A 147 -12.79 -13.36 2.44
CA SER A 147 -14.19 -12.98 2.45
C SER A 147 -14.51 -11.94 1.37
N ILE A 148 -13.48 -11.42 0.72
CA ILE A 148 -13.70 -10.42 -0.31
C ILE A 148 -13.64 -11.06 -1.70
N ARG A 149 -14.53 -10.59 -2.57
CA ARG A 149 -14.59 -11.12 -3.93
C ARG A 149 -13.18 -11.25 -4.50
N ASN A 150 -12.95 -12.32 -5.26
CA ASN A 150 -11.63 -12.58 -5.83
C ASN A 150 -11.34 -11.71 -7.03
N ARG A 151 -10.10 -11.17 -7.07
CA ARG A 151 -9.63 -10.29 -8.15
C ARG A 151 -9.19 -8.93 -7.60
N PRO A 152 -9.97 -8.33 -6.67
CA PRO A 152 -9.66 -7.03 -6.08
C PRO A 152 -8.21 -6.90 -5.64
N TRP A 153 -7.79 -7.68 -4.64
CA TRP A 153 -6.41 -7.58 -4.16
C TRP A 153 -5.66 -8.90 -4.16
N PHE A 154 -4.34 -8.78 -4.18
CA PHE A 154 -3.44 -9.94 -4.15
C PHE A 154 -2.60 -9.92 -2.87
N ILE A 155 -2.13 -11.09 -2.44
CA ILE A 155 -1.33 -11.17 -1.22
C ILE A 155 0.08 -11.69 -1.50
N GLN A 156 1.07 -11.07 -0.86
CA GLN A 156 2.46 -11.46 -1.03
C GLN A 156 3.25 -11.32 0.27
N ALA A 157 3.94 -12.40 0.66
CA ALA A 157 4.73 -12.40 1.89
C ALA A 157 6.16 -11.92 1.60
N THR A 158 6.69 -11.06 2.46
CA THR A 158 8.04 -10.55 2.27
C THR A 158 8.72 -10.21 3.59
N CYS A 159 9.99 -9.84 3.49
CA CYS A 159 10.77 -9.41 4.64
C CYS A 159 11.41 -8.06 4.30
N ALA A 160 10.93 -7.02 4.95
CA ALA A 160 11.41 -5.66 4.66
C ALA A 160 12.91 -5.46 4.93
N THR A 161 13.45 -6.19 5.90
CA THR A 161 14.85 -6.04 6.27
C THR A 161 15.83 -6.59 5.23
N SER A 162 15.65 -7.86 4.86
CA SER A 162 16.54 -8.49 3.89
C SER A 162 16.15 -8.13 2.46
N GLY A 163 15.02 -7.49 2.30
CA GLY A 163 14.55 -7.12 0.98
C GLY A 163 14.07 -8.34 0.19
N GLU A 164 14.04 -9.49 0.84
CA GLU A 164 13.62 -10.72 0.19
C GLU A 164 12.10 -10.74 0.03
N GLY A 165 11.66 -10.75 -1.21
CA GLY A 165 10.23 -10.75 -1.48
C GLY A 165 9.72 -9.37 -1.87
N LEU A 166 10.48 -8.32 -1.51
CA LEU A 166 10.08 -6.96 -1.82
C LEU A 166 10.19 -6.68 -3.32
N TYR A 167 11.27 -7.16 -3.93
CA TYR A 167 11.49 -6.97 -5.36
C TYR A 167 10.44 -7.71 -6.18
N GLU A 168 10.23 -8.97 -5.86
CA GLU A 168 9.26 -9.79 -6.57
C GLU A 168 7.86 -9.20 -6.49
N GLY A 169 7.47 -8.75 -5.30
CA GLY A 169 6.17 -8.16 -5.11
C GLY A 169 6.08 -6.75 -5.66
N LEU A 170 7.20 -6.04 -5.62
CA LEU A 170 7.26 -4.67 -6.12
C LEU A 170 7.26 -4.65 -7.65
N GLU A 171 7.90 -5.65 -8.25
CA GLU A 171 7.96 -5.76 -9.70
C GLU A 171 6.65 -6.29 -10.25
N TRP A 172 6.10 -7.29 -9.58
CA TRP A 172 4.84 -7.89 -9.99
C TRP A 172 3.72 -6.85 -9.98
N LEU A 173 3.74 -5.99 -8.97
CA LEU A 173 2.73 -4.94 -8.84
C LEU A 173 2.85 -3.93 -9.97
N SER A 174 4.09 -3.59 -10.32
CA SER A 174 4.33 -2.63 -11.40
C SER A 174 3.75 -3.14 -12.71
N ASN A 175 3.91 -4.43 -12.97
CA ASN A 175 3.42 -5.04 -14.20
C ASN A 175 1.89 -4.89 -14.30
N SER A 176 1.20 -5.18 -13.22
CA SER A 176 -0.25 -5.07 -13.19
C SER A 176 -0.70 -3.65 -13.51
N LEU A 177 0.12 -2.69 -13.12
CA LEU A 177 -0.17 -1.28 -13.39
C LEU A 177 0.24 -0.90 -14.81
N LYS A 178 1.21 -1.64 -15.34
CA LYS A 178 1.72 -1.40 -16.70
C LYS A 178 0.91 -2.18 -17.73
N ASN A 179 1.05 -3.50 -17.72
CA ASN A 179 0.35 -4.36 -18.65
C ASN A 179 0.81 -4.10 -20.09
N SER A 180 0.28 -3.05 -20.70
CA SER A 180 0.65 -2.69 -22.06
C SER A 180 -0.09 -1.44 -22.52
N THR A 181 -1.38 -1.57 -22.77
CA THR A 181 -2.20 -0.45 -23.21
C THR A 181 -2.41 0.54 -22.08
PB GDP B . 6.85 2.18 10.38
O1B GDP B . 5.61 1.63 9.56
O2B GDP B . 7.86 3.03 9.48
O3B GDP B . 6.42 2.97 11.70
O3A GDP B . 7.66 0.88 10.87
PA GDP B . 9.24 0.77 10.61
O1A GDP B . 10.00 1.84 11.50
O2A GDP B . 9.51 0.90 9.04
O5' GDP B . 9.64 -0.69 11.10
C5' GDP B . 9.32 -1.13 12.41
C4' GDP B . 10.55 -1.69 13.08
O4' GDP B . 10.72 -3.08 12.69
C3' GDP B . 11.86 -1.01 12.70
O3' GDP B . 12.83 -1.13 13.74
C2' GDP B . 12.27 -1.78 11.44
O2' GDP B . 13.68 -1.79 11.29
C1' GDP B . 11.81 -3.19 11.79
N9 GDP B . 11.38 -3.98 10.64
C8 GDP B . 10.91 -3.49 9.44
N7 GDP B . 10.59 -4.44 8.59
C5 GDP B . 10.87 -5.61 9.27
C6 GDP B . 10.72 -6.96 8.88
O6 GDP B . 10.30 -7.40 7.79
N1 GDP B . 11.13 -7.84 9.87
C2 GDP B . 11.60 -7.48 11.10
N2 GDP B . 11.94 -8.48 11.93
N3 GDP B . 11.75 -6.22 11.49
C4 GDP B . 11.35 -5.34 10.54
H5' GDP B . 8.56 -1.90 12.37
H5'' GDP B . 8.95 -0.30 13.00
H4' GDP B . 10.43 -1.55 14.16
H3' GDP B . 11.73 0.05 12.52
HO3' GDP B . 13.65 -0.77 13.40
H2' GDP B . 11.75 -1.39 10.57
HO2' GDP B . 13.87 -2.31 10.51
H1' GDP B . 12.59 -3.76 12.31
H8 GDP B . 10.81 -2.44 9.22
HN1 GDP B . 11.05 -8.83 9.68
HN21 GDP B . 12.30 -8.26 12.86
HN22 GDP B . 11.84 -9.43 11.63
C1 MYR A 1 12.70 1.11 -14.44
O1 MYR A 1 11.97 0.21 -14.03
C2 MYR A 1 12.23 2.54 -14.52
C3 MYR A 1 10.74 2.65 -14.80
C4 MYR A 1 9.91 1.98 -13.71
C5 MYR A 1 8.50 2.55 -13.66
C6 MYR A 1 7.96 2.56 -12.23
C7 MYR A 1 7.90 1.16 -11.64
C8 MYR A 1 7.11 1.13 -10.35
C9 MYR A 1 7.67 0.10 -9.37
C10 MYR A 1 7.51 0.56 -7.93
C11 MYR A 1 6.08 0.41 -7.45
C12 MYR A 1 5.28 1.67 -7.68
C13 MYR A 1 3.81 1.36 -7.96
C14 MYR A 1 3.56 0.76 -9.34
H21 MYR A 1 12.76 3.05 -15.31
H22 MYR A 1 12.44 3.02 -13.57
H31 MYR A 1 10.53 2.16 -15.74
H32 MYR A 1 10.46 3.69 -14.86
H41 MYR A 1 10.39 2.14 -12.76
H42 MYR A 1 9.85 0.92 -13.91
H51 MYR A 1 7.86 1.94 -14.26
H52 MYR A 1 8.51 3.56 -14.03
H61 MYR A 1 6.97 2.98 -12.23
H62 MYR A 1 8.61 3.17 -11.61
H71 MYR A 1 8.91 0.82 -11.45
H72 MYR A 1 7.44 0.50 -12.36
H81 MYR A 1 6.09 0.88 -10.57
H82 MYR A 1 7.15 2.11 -9.89
H91 MYR A 1 8.73 -0.04 -9.59
H92 MYR A 1 7.15 -0.83 -9.51
H101 MYR A 1 7.79 1.59 -7.85
H102 MYR A 1 8.15 -0.04 -7.30
H111 MYR A 1 6.08 0.18 -6.40
H112 MYR A 1 5.61 -0.41 -8.00
H121 MYR A 1 5.69 2.20 -8.54
H122 MYR A 1 5.35 2.29 -6.81
H131 MYR A 1 3.25 2.28 -7.89
H132 MYR A 1 3.46 0.66 -7.22
H141 MYR A 1 2.53 0.90 -9.59
H142 MYR A 1 3.79 -0.29 -9.31
H143 MYR A 1 4.19 1.26 -10.06
N GLY A 2 13.96 0.88 -14.85
CA GLY A 2 14.52 -0.45 -14.82
C GLY A 2 15.81 -0.55 -15.60
N LEU A 3 15.80 -1.31 -16.69
CA LEU A 3 16.99 -1.48 -17.51
C LEU A 3 16.61 -1.98 -18.91
N PHE A 4 15.42 -1.59 -19.36
CA PHE A 4 14.94 -2.00 -20.68
C PHE A 4 14.35 -0.82 -21.43
N ALA A 5 13.30 -0.23 -20.86
CA ALA A 5 12.65 0.92 -21.48
C ALA A 5 12.59 2.11 -20.53
N SER A 6 13.32 3.17 -20.88
CA SER A 6 13.35 4.38 -20.05
C SER A 6 14.21 5.46 -20.70
N LYS A 7 15.32 5.04 -21.29
CA LYS A 7 16.23 5.97 -21.95
C LYS A 7 15.77 6.27 -23.38
N LEU A 8 15.11 5.30 -24.00
CA LEU A 8 14.62 5.46 -25.36
C LEU A 8 13.13 5.13 -25.44
N PHE A 9 12.80 3.86 -25.24
CA PHE A 9 11.41 3.41 -25.30
C PHE A 9 10.71 3.66 -23.98
N SER A 10 9.40 3.42 -23.96
CA SER A 10 8.60 3.63 -22.75
C SER A 10 7.16 3.16 -22.96
N ASN A 11 6.63 2.43 -21.99
CA ASN A 11 5.26 1.93 -22.07
C ASN A 11 4.47 2.31 -20.83
N LEU A 12 4.77 3.47 -20.27
CA LEU A 12 4.08 3.96 -19.08
C LEU A 12 3.59 5.39 -19.26
N PHE A 13 3.22 5.72 -20.50
CA PHE A 13 2.73 7.06 -20.81
C PHE A 13 1.41 7.01 -21.59
N GLY A 14 0.89 5.80 -21.79
CA GLY A 14 -0.37 5.65 -22.52
C GLY A 14 -1.58 5.70 -21.61
N ASN A 15 -1.79 6.84 -20.96
CA ASN A 15 -2.92 7.01 -20.06
C ASN A 15 -2.85 6.02 -18.89
N LYS A 16 -1.79 6.12 -18.10
CA LYS A 16 -1.60 5.23 -16.96
C LYS A 16 -0.98 5.96 -15.78
N GLU A 17 -1.56 7.10 -15.42
CA GLU A 17 -1.07 7.88 -14.29
C GLU A 17 -1.85 7.55 -13.03
N MET A 18 -1.49 6.44 -12.40
CA MET A 18 -2.17 6.00 -11.18
C MET A 18 -1.62 6.72 -9.94
N ARG A 19 -2.20 6.41 -8.78
CA ARG A 19 -1.76 7.02 -7.53
C ARG A 19 -1.79 6.01 -6.40
N ILE A 20 -0.64 5.38 -6.16
CA ILE A 20 -0.53 4.36 -5.12
C ILE A 20 -0.29 4.94 -3.75
N LEU A 21 -1.14 4.55 -2.80
CA LEU A 21 -1.03 5.03 -1.42
C LEU A 21 -0.74 3.87 -0.49
N MET A 22 -0.07 4.14 0.62
CA MET A 22 0.26 3.10 1.60
C MET A 22 -0.57 3.25 2.86
N VAL A 23 -1.49 2.31 3.05
CA VAL A 23 -2.35 2.33 4.23
C VAL A 23 -2.16 1.05 5.05
N GLY A 24 -2.41 1.14 6.35
CA GLY A 24 -2.25 -0.02 7.21
C GLY A 24 -1.88 0.35 8.63
N LEU A 25 -1.44 -0.64 9.41
CA LEU A 25 -1.05 -0.41 10.79
C LEU A 25 0.23 0.41 10.86
N ASP A 26 0.30 1.31 11.83
CA ASP A 26 1.47 2.16 12.01
C ASP A 26 2.71 1.30 12.26
N GLY A 27 3.87 1.82 11.87
CA GLY A 27 5.11 1.09 12.06
C GLY A 27 5.19 -0.20 11.25
N ALA A 28 4.26 -0.38 10.31
CA ALA A 28 4.23 -1.57 9.48
C ALA A 28 5.50 -1.69 8.65
N GLY A 29 6.07 -0.56 8.25
CA GLY A 29 7.27 -0.56 7.45
C GLY A 29 7.24 0.42 6.30
N LYS A 30 6.51 1.52 6.48
CA LYS A 30 6.40 2.56 5.45
C LYS A 30 7.69 3.36 5.37
N THR A 31 8.42 3.42 6.49
CA THR A 31 9.67 4.17 6.55
C THR A 31 10.79 3.40 5.84
N THR A 32 10.84 2.10 6.07
CA THR A 32 11.87 1.26 5.45
C THR A 32 11.66 1.15 3.95
N VAL A 33 10.42 0.89 3.55
CA VAL A 33 10.09 0.75 2.13
C VAL A 33 10.20 2.08 1.40
N LEU A 34 9.81 3.16 2.06
CA LEU A 34 9.87 4.49 1.45
C LEU A 34 11.29 4.78 0.96
N TYR A 35 12.26 4.55 1.84
CA TYR A 35 13.66 4.78 1.48
C TYR A 35 14.08 3.87 0.33
N LYS A 36 13.59 2.64 0.32
CA LYS A 36 13.93 1.68 -0.72
C LYS A 36 13.37 2.14 -2.07
N LEU A 37 12.15 2.69 -2.05
CA LEU A 37 11.52 3.16 -3.27
C LEU A 37 12.41 4.19 -3.98
N LYS A 38 13.26 4.85 -3.21
CA LYS A 38 14.18 5.86 -3.76
C LYS A 38 13.41 6.91 -4.55
N LEU A 39 12.84 7.88 -3.84
CA LEU A 39 12.09 8.95 -4.48
C LEU A 39 12.79 10.30 -4.32
N GLY A 40 13.73 10.37 -3.39
CA GLY A 40 14.46 11.62 -3.16
C GLY A 40 14.07 12.28 -1.86
N GLU A 41 12.96 12.99 -1.87
CA GLU A 41 12.46 13.69 -0.68
C GLU A 41 10.95 13.63 -0.62
N VAL A 42 10.41 13.54 0.59
CA VAL A 42 8.97 13.48 0.78
C VAL A 42 8.46 14.71 1.54
N ILE A 43 7.31 15.21 1.12
CA ILE A 43 6.72 16.38 1.76
C ILE A 43 5.87 15.98 2.95
N THR A 44 6.03 16.73 4.04
CA THR A 44 5.28 16.46 5.26
C THR A 44 4.22 17.53 5.51
N THR A 45 3.00 17.09 5.76
CA THR A 45 1.88 18.01 6.01
C THR A 45 0.93 17.46 7.05
N ILE A 46 0.40 18.34 7.89
CA ILE A 46 -0.54 17.93 8.93
C ILE A 46 -1.97 18.29 8.54
N PRO A 47 -2.83 17.27 8.36
CA PRO A 47 -4.24 17.48 7.97
C PRO A 47 -5.03 18.20 9.06
N THR A 48 -4.78 17.86 10.31
CA THR A 48 -5.48 18.48 11.43
C THR A 48 -4.91 18.01 12.77
N ILE A 49 -5.18 18.78 13.82
CA ILE A 49 -4.71 18.46 15.17
C ILE A 49 -3.28 17.89 15.16
N GLY A 50 -3.13 16.60 15.46
CA GLY A 50 -1.81 15.99 15.48
C GLY A 50 -1.68 14.80 14.56
N PHE A 51 -1.85 15.04 13.26
CA PHE A 51 -1.75 13.99 12.26
C PHE A 51 -0.62 14.29 11.28
N ASN A 52 0.07 13.26 10.82
CA ASN A 52 1.17 13.42 9.87
C ASN A 52 0.92 12.61 8.60
N VAL A 53 1.09 13.26 7.45
CA VAL A 53 0.90 12.61 6.16
C VAL A 53 2.07 12.89 5.23
N GLU A 54 2.44 11.89 4.44
CA GLU A 54 3.55 12.03 3.50
C GLU A 54 3.08 11.83 2.06
N THR A 55 3.65 12.62 1.15
CA THR A 55 3.29 12.54 -0.27
C THR A 55 4.54 12.62 -1.15
N VAL A 56 4.68 11.65 -2.05
CA VAL A 56 5.83 11.62 -2.95
C VAL A 56 5.38 11.53 -4.41
N GLN A 57 6.11 12.21 -5.28
CA GLN A 57 5.79 12.20 -6.71
C GLN A 57 6.93 11.62 -7.52
N TYR A 58 6.66 10.50 -8.20
CA TYR A 58 7.67 9.84 -9.02
C TYR A 58 7.34 9.94 -10.50
N LYS A 59 8.07 10.79 -11.22
CA LYS A 59 7.86 10.97 -12.65
C LYS A 59 6.42 11.39 -12.95
N ASN A 60 5.53 10.41 -13.08
CA ASN A 60 4.12 10.68 -13.38
C ASN A 60 3.21 10.12 -12.29
N ILE A 61 3.58 8.95 -11.77
CA ILE A 61 2.80 8.31 -10.73
C ILE A 61 3.00 9.00 -9.38
N SER A 62 1.92 9.14 -8.61
CA SER A 62 2.00 9.78 -7.31
C SER A 62 1.90 8.76 -6.18
N PHE A 63 2.42 9.13 -5.01
CA PHE A 63 2.38 8.24 -3.85
C PHE A 63 2.02 9.01 -2.58
N THR A 64 1.29 8.35 -1.69
CA THR A 64 0.88 8.98 -0.43
C THR A 64 0.66 7.92 0.65
N VAL A 65 1.30 8.11 1.80
CA VAL A 65 1.17 7.17 2.90
C VAL A 65 0.54 7.82 4.13
N TRP A 66 -0.16 7.03 4.94
CA TRP A 66 -0.80 7.52 6.14
C TRP A 66 -1.25 6.35 7.03
N ASP A 67 -1.15 6.54 8.35
CA ASP A 67 -1.55 5.52 9.30
C ASP A 67 -3.03 5.19 9.17
N VAL A 68 -3.43 4.03 9.71
CA VAL A 68 -4.82 3.58 9.66
C VAL A 68 -5.77 4.63 10.25
N GLY A 69 -5.43 5.16 11.42
CA GLY A 69 -6.26 6.16 12.06
C GLY A 69 -7.15 5.55 13.13
N GLY A 70 -7.50 4.28 12.96
CA GLY A 70 -8.34 3.58 13.91
C GLY A 70 -9.77 4.12 13.97
N GLN A 71 -9.96 5.36 13.53
CA GLN A 71 -11.28 5.98 13.55
C GLN A 71 -11.26 7.27 12.73
N ASP A 72 -10.12 7.98 12.75
CA ASP A 72 -9.97 9.23 12.01
C ASP A 72 -10.66 10.39 12.72
N ARG A 73 -11.94 10.22 13.04
CA ARG A 73 -12.73 11.24 13.71
C ARG A 73 -13.19 12.33 12.73
N ILE A 74 -12.22 12.93 12.03
CA ILE A 74 -12.53 13.97 11.06
C ILE A 74 -12.23 13.50 9.64
N ARG A 75 -13.04 13.94 8.68
CA ARG A 75 -12.87 13.57 7.29
C ARG A 75 -13.25 14.71 6.36
N SER A 76 -12.48 14.88 5.29
CA SER A 76 -12.74 15.94 4.32
C SER A 76 -11.73 15.89 3.18
N LEU A 77 -10.47 16.18 3.49
CA LEU A 77 -9.41 16.17 2.49
C LEU A 77 -9.07 14.75 2.07
N TRP A 78 -9.26 13.80 2.98
CA TRP A 78 -8.98 12.39 2.71
C TRP A 78 -9.92 11.85 1.65
N ARG A 79 -11.10 12.46 1.53
CA ARG A 79 -12.10 12.02 0.57
C ARG A 79 -11.82 12.61 -0.82
N HIS A 80 -11.69 13.94 -0.88
CA HIS A 80 -11.42 14.62 -2.14
C HIS A 80 -10.22 14.01 -2.87
N TYR A 81 -9.24 13.55 -2.10
CA TYR A 81 -8.05 12.94 -2.67
C TYR A 81 -8.27 11.46 -2.94
N TYR A 82 -9.12 10.83 -2.14
CA TYR A 82 -9.38 9.40 -2.27
C TYR A 82 -9.84 9.04 -3.69
N ARG A 83 -10.83 9.75 -4.22
CA ARG A 83 -11.30 9.46 -5.58
C ARG A 83 -10.16 9.66 -6.58
N ASN A 84 -9.48 10.80 -6.47
CA ASN A 84 -8.37 11.12 -7.36
C ASN A 84 -7.30 10.04 -7.32
N THR A 85 -7.17 9.37 -6.18
CA THR A 85 -6.20 8.30 -6.02
C THR A 85 -6.49 7.18 -7.02
N GLU A 86 -5.43 6.53 -7.50
CA GLU A 86 -5.60 5.46 -8.48
C GLU A 86 -4.92 4.17 -8.01
N GLY A 87 -4.38 4.18 -6.81
CA GLY A 87 -3.70 3.01 -6.29
C GLY A 87 -3.92 2.84 -4.79
N VAL A 88 -4.04 1.59 -4.34
CA VAL A 88 -4.25 1.30 -2.94
C VAL A 88 -3.50 0.05 -2.50
N ILE A 89 -2.46 0.25 -1.69
CA ILE A 89 -1.66 -0.85 -1.19
C ILE A 89 -1.72 -0.92 0.33
N PHE A 90 -2.32 -1.99 0.85
CA PHE A 90 -2.45 -2.17 2.29
C PHE A 90 -1.28 -2.95 2.85
N VAL A 91 -0.66 -2.42 3.89
CA VAL A 91 0.49 -3.07 4.53
C VAL A 91 0.25 -3.23 6.02
N VAL A 92 0.21 -4.48 6.47
CA VAL A 92 -0.02 -4.77 7.88
C VAL A 92 1.22 -5.39 8.53
N ASP A 93 1.26 -5.38 9.85
CA ASP A 93 2.39 -5.95 10.59
C ASP A 93 2.20 -7.45 10.77
N SER A 94 3.15 -8.22 10.27
CA SER A 94 3.08 -9.67 10.35
C SER A 94 3.40 -10.18 11.75
N ASN A 95 3.96 -9.32 12.59
CA ASN A 95 4.31 -9.71 13.95
C ASN A 95 3.34 -9.10 14.96
N ASP A 96 2.31 -8.40 14.47
CA ASP A 96 1.33 -7.79 15.37
C ASP A 96 -0.06 -8.38 15.13
N ARG A 97 -0.22 -9.66 15.48
CA ARG A 97 -1.50 -10.34 15.34
C ARG A 97 -2.55 -9.70 16.22
N SER A 98 -2.14 -9.31 17.42
CA SER A 98 -3.04 -8.68 18.39
C SER A 98 -3.69 -7.44 17.80
N ARG A 99 -3.07 -6.85 16.77
CA ARG A 99 -3.62 -5.66 16.15
C ARG A 99 -4.01 -5.91 14.69
N ILE A 100 -3.81 -7.15 14.23
CA ILE A 100 -4.14 -7.51 12.86
C ILE A 100 -5.62 -7.28 12.60
N GLY A 101 -6.44 -7.46 13.63
CA GLY A 101 -7.85 -7.23 13.50
C GLY A 101 -8.13 -5.75 13.36
N GLU A 102 -7.34 -4.96 14.08
CA GLU A 102 -7.47 -3.51 14.04
C GLU A 102 -7.16 -3.01 12.64
N ALA A 103 -6.20 -3.66 11.99
CA ALA A 103 -5.81 -3.31 10.64
C ALA A 103 -6.89 -3.71 9.65
N ARG A 104 -7.47 -4.89 9.88
CA ARG A 104 -8.52 -5.42 9.01
C ARG A 104 -9.74 -4.50 9.00
N GLU A 105 -10.12 -4.00 10.17
CA GLU A 105 -11.27 -3.11 10.29
C GLU A 105 -11.03 -1.80 9.56
N VAL A 106 -9.83 -1.26 9.70
CA VAL A 106 -9.47 -0.02 9.05
C VAL A 106 -9.39 -0.22 7.55
N MET A 107 -8.78 -1.34 7.15
CA MET A 107 -8.64 -1.67 5.74
C MET A 107 -10.00 -1.98 5.14
N GLN A 108 -10.84 -2.64 5.93
CA GLN A 108 -12.17 -3.02 5.49
C GLN A 108 -13.03 -1.79 5.28
N ARG A 109 -12.93 -0.83 6.20
CA ARG A 109 -13.69 0.40 6.10
C ARG A 109 -13.35 1.13 4.80
N MET A 110 -12.06 1.15 4.47
CA MET A 110 -11.61 1.80 3.25
C MET A 110 -12.08 1.03 2.03
N LEU A 111 -12.08 -0.29 2.15
CA LEU A 111 -12.50 -1.17 1.07
C LEU A 111 -13.95 -0.93 0.67
N ASN A 112 -14.74 -0.37 1.58
CA ASN A 112 -16.15 -0.13 1.28
C ASN A 112 -16.37 1.24 0.62
N GLU A 113 -15.29 1.90 0.20
CA GLU A 113 -15.40 3.19 -0.46
C GLU A 113 -15.68 3.01 -1.95
N ASP A 114 -16.87 3.43 -2.37
CA ASP A 114 -17.29 3.30 -3.77
C ASP A 114 -16.30 3.95 -4.73
N GLU A 115 -15.64 5.01 -4.28
CA GLU A 115 -14.66 5.73 -5.10
C GLU A 115 -13.42 4.89 -5.39
N LEU A 116 -13.28 3.77 -4.69
CA LEU A 116 -12.13 2.89 -4.90
C LEU A 116 -12.55 1.44 -5.10
N ARG A 117 -13.85 1.22 -5.28
CA ARG A 117 -14.37 -0.12 -5.48
C ARG A 117 -13.70 -0.82 -6.67
N ASN A 118 -13.17 -0.05 -7.61
CA ASN A 118 -12.51 -0.61 -8.78
C ASN A 118 -11.00 -0.37 -8.76
N ALA A 119 -10.49 0.09 -7.63
CA ALA A 119 -9.06 0.37 -7.48
C ALA A 119 -8.27 -0.92 -7.27
N ALA A 120 -7.01 -0.90 -7.71
CA ALA A 120 -6.14 -2.07 -7.54
C ALA A 120 -5.72 -2.20 -6.09
N TRP A 121 -5.97 -3.37 -5.50
CA TRP A 121 -5.63 -3.59 -4.10
C TRP A 121 -4.54 -4.65 -3.94
N LEU A 122 -3.55 -4.34 -3.09
CA LEU A 122 -2.45 -5.24 -2.83
C LEU A 122 -2.23 -5.37 -1.33
N VAL A 123 -2.08 -6.61 -0.85
CA VAL A 123 -1.84 -6.85 0.56
C VAL A 123 -0.38 -7.18 0.80
N PHE A 124 0.35 -6.23 1.37
CA PHE A 124 1.77 -6.42 1.64
C PHE A 124 2.00 -6.81 3.09
N ALA A 125 2.61 -7.97 3.29
CA ALA A 125 2.94 -8.44 4.62
C ALA A 125 4.38 -8.04 4.95
N ASN A 126 4.57 -7.32 6.05
CA ASN A 126 5.91 -6.86 6.41
C ASN A 126 6.33 -7.37 7.78
N LYS A 127 7.30 -8.29 7.75
CA LYS A 127 7.88 -8.90 8.97
C LYS A 127 8.11 -10.39 8.77
N GLN A 128 8.39 -10.81 7.54
CA GLN A 128 8.60 -12.22 7.26
C GLN A 128 9.95 -12.69 7.77
N ASP A 129 10.83 -11.76 8.11
CA ASP A 129 12.15 -12.10 8.63
C ASP A 129 12.04 -12.62 10.07
N LEU A 130 10.99 -12.19 10.76
CA LEU A 130 10.76 -12.61 12.14
C LEU A 130 10.42 -14.10 12.21
N PRO A 131 11.02 -14.83 13.16
CA PRO A 131 10.78 -16.27 13.32
C PRO A 131 9.38 -16.58 13.83
N GLU A 132 8.75 -15.59 14.46
CA GLU A 132 7.41 -15.77 15.00
C GLU A 132 6.38 -14.93 14.24
N ALA A 133 6.71 -14.57 13.00
CA ALA A 133 5.82 -13.75 12.18
C ALA A 133 4.84 -14.62 11.42
N MET A 134 3.63 -14.10 11.20
CA MET A 134 2.59 -14.84 10.48
C MET A 134 2.85 -14.82 8.98
N SER A 135 2.45 -15.89 8.30
CA SER A 135 2.64 -16.00 6.87
C SER A 135 1.54 -15.24 6.13
N ALA A 136 1.83 -14.82 4.90
CA ALA A 136 0.86 -14.08 4.11
C ALA A 136 -0.43 -14.88 3.93
N ALA A 137 -0.30 -16.20 3.87
CA ALA A 137 -1.45 -17.07 3.72
C ALA A 137 -2.34 -17.06 4.96
N GLU A 138 -1.75 -17.26 6.12
CA GLU A 138 -2.50 -17.25 7.36
C GLU A 138 -2.98 -15.84 7.66
N ILE A 139 -2.17 -14.86 7.27
CA ILE A 139 -2.50 -13.46 7.48
C ILE A 139 -3.67 -13.05 6.59
N THR A 140 -3.60 -13.42 5.30
CA THR A 140 -4.66 -13.07 4.35
C THR A 140 -6.01 -13.61 4.80
N GLU A 141 -6.01 -14.80 5.37
CA GLU A 141 -7.24 -15.42 5.85
C GLU A 141 -7.73 -14.70 7.10
N LYS A 142 -6.78 -14.15 7.85
CA LYS A 142 -7.08 -13.44 9.08
C LYS A 142 -7.78 -12.11 8.79
N LEU A 143 -7.36 -11.44 7.71
CA LEU A 143 -7.96 -10.16 7.34
C LEU A 143 -9.23 -10.36 6.51
N GLY A 144 -9.63 -11.62 6.35
CA GLY A 144 -10.82 -11.90 5.57
C GLY A 144 -10.61 -11.59 4.10
N LEU A 145 -9.36 -11.66 3.66
CA LEU A 145 -9.05 -11.41 2.26
C LEU A 145 -9.70 -12.49 1.41
N HIS A 146 -9.95 -13.64 2.01
CA HIS A 146 -10.58 -14.75 1.31
C HIS A 146 -12.07 -14.49 1.15
N SER A 147 -12.61 -13.66 2.04
CA SER A 147 -14.03 -13.34 2.04
C SER A 147 -14.38 -12.32 0.97
N ILE A 148 -13.37 -11.77 0.31
CA ILE A 148 -13.63 -10.78 -0.73
C ILE A 148 -13.53 -11.41 -2.12
N ARG A 149 -14.41 -10.95 -3.01
CA ARG A 149 -14.45 -11.48 -4.37
C ARG A 149 -13.03 -11.59 -4.91
N ASN A 150 -12.77 -12.65 -5.68
CA ASN A 150 -11.44 -12.90 -6.23
C ASN A 150 -11.15 -12.01 -7.44
N ARG A 151 -9.92 -11.46 -7.48
CA ARG A 151 -9.45 -10.58 -8.54
C ARG A 151 -9.06 -9.20 -7.99
N PRO A 152 -9.87 -8.63 -7.08
CA PRO A 152 -9.60 -7.32 -6.49
C PRO A 152 -8.15 -7.14 -6.03
N TRP A 153 -7.71 -7.97 -5.08
CA TRP A 153 -6.34 -7.84 -4.57
C TRP A 153 -5.60 -9.16 -4.50
N PHE A 154 -4.30 -9.03 -4.25
CA PHE A 154 -3.40 -10.19 -4.12
C PHE A 154 -2.62 -10.09 -2.81
N ILE A 155 -2.09 -11.21 -2.33
CA ILE A 155 -1.32 -11.21 -1.08
C ILE A 155 0.11 -11.73 -1.31
N GLN A 156 1.06 -11.11 -0.63
CA GLN A 156 2.46 -11.50 -0.74
C GLN A 156 3.22 -11.23 0.55
N ALA A 157 3.99 -12.21 1.00
CA ALA A 157 4.78 -12.09 2.21
C ALA A 157 6.14 -11.48 1.90
N THR A 158 6.62 -10.60 2.77
CA THR A 158 7.92 -9.97 2.56
C THR A 158 8.61 -9.64 3.87
N CYS A 159 9.84 -9.17 3.76
CA CYS A 159 10.63 -8.76 4.89
C CYS A 159 11.26 -7.42 4.57
N ALA A 160 10.78 -6.37 5.22
CA ALA A 160 11.26 -5.01 4.96
C ALA A 160 12.75 -4.82 5.25
N THR A 161 13.30 -5.60 6.17
CA THR A 161 14.70 -5.47 6.55
C THR A 161 15.68 -5.98 5.49
N SER A 162 15.52 -7.23 5.07
CA SER A 162 16.42 -7.83 4.09
C SER A 162 16.02 -7.46 2.66
N GLY A 163 14.85 -6.86 2.51
CA GLY A 163 14.38 -6.48 1.19
C GLY A 163 13.86 -7.67 0.40
N GLU A 164 13.86 -8.85 1.04
CA GLU A 164 13.39 -10.06 0.38
C GLU A 164 11.88 -10.06 0.25
N GLY A 165 11.41 -10.06 -0.99
CA GLY A 165 9.98 -10.04 -1.23
C GLY A 165 9.48 -8.66 -1.62
N LEU A 166 10.22 -7.63 -1.24
CA LEU A 166 9.83 -6.26 -1.56
C LEU A 166 9.95 -5.99 -3.05
N TYR A 167 11.07 -6.41 -3.64
CA TYR A 167 11.30 -6.22 -5.07
C TYR A 167 10.31 -7.03 -5.90
N GLU A 168 10.15 -8.29 -5.56
CA GLU A 168 9.25 -9.18 -6.28
C GLU A 168 7.79 -8.75 -6.13
N GLY A 169 7.47 -8.08 -5.02
CA GLY A 169 6.11 -7.66 -4.78
C GLY A 169 5.71 -6.46 -5.62
N LEU A 170 6.64 -5.50 -5.75
CA LEU A 170 6.37 -4.30 -6.54
C LEU A 170 6.46 -4.64 -8.02
N GLU A 171 7.51 -5.36 -8.40
CA GLU A 171 7.70 -5.75 -9.79
C GLU A 171 6.45 -6.43 -10.32
N TRP A 172 5.92 -7.37 -9.54
CA TRP A 172 4.71 -8.09 -9.92
C TRP A 172 3.52 -7.13 -10.01
N LEU A 173 3.41 -6.25 -9.02
CA LEU A 173 2.33 -5.27 -8.99
C LEU A 173 2.39 -4.36 -10.21
N SER A 174 3.61 -4.03 -10.63
CA SER A 174 3.81 -3.16 -11.78
C SER A 174 3.22 -3.78 -13.05
N ASN A 175 3.43 -5.08 -13.21
CA ASN A 175 2.92 -5.78 -14.38
C ASN A 175 1.41 -5.69 -14.47
N SER A 176 0.75 -5.90 -13.33
CA SER A 176 -0.72 -5.83 -13.27
C SER A 176 -1.20 -4.45 -13.70
N LEU A 177 -0.39 -3.43 -13.40
CA LEU A 177 -0.72 -2.07 -13.77
C LEU A 177 -0.39 -1.79 -15.23
N LYS A 178 0.56 -2.56 -15.77
CA LYS A 178 0.98 -2.40 -17.16
C LYS A 178 0.13 -3.25 -18.10
N ASN A 179 -0.44 -4.32 -17.57
CA ASN A 179 -1.27 -5.22 -18.37
C ASN A 179 -2.75 -4.94 -18.14
N SER A 180 -3.10 -3.67 -18.03
CA SER A 180 -4.49 -3.28 -17.81
C SER A 180 -4.62 -1.76 -17.77
N THR A 181 -4.12 -1.16 -16.69
CA THR A 181 -4.18 0.28 -16.52
C THR A 181 -3.21 0.74 -15.44
PB GDP B . 6.22 2.84 9.58
O1B GDP B . 4.92 2.10 9.01
O2B GDP B . 6.96 3.70 8.46
O3B GDP B . 5.93 3.67 10.90
O3A GDP B . 7.24 1.66 10.00
PA GDP B . 8.82 1.86 9.79
O1A GDP B . 9.27 3.24 10.45
O2A GDP B . 9.17 1.72 8.24
O5' GDP B . 9.50 0.67 10.60
C5' GDP B . 8.97 0.24 11.86
C4' GDP B . 10.05 -0.47 12.65
O4' GDP B . 9.95 -1.89 12.41
C3' GDP B . 11.48 -0.10 12.28
O3' GDP B . 12.35 -0.21 13.40
C2' GDP B . 11.81 -1.09 11.18
O2' GDP B . 13.20 -1.37 11.14
C1' GDP B . 11.07 -2.33 11.68
N9 GDP B . 10.61 -3.21 10.60
C8 GDP B . 9.94 -2.83 9.46
N7 GDP B . 9.64 -3.83 8.68
C5 GDP B . 10.15 -4.93 9.35
C6 GDP B . 10.12 -6.31 8.99
O6 GDP B . 9.65 -6.83 7.98
N1 GDP B . 10.74 -7.10 9.95
C2 GDP B . 11.31 -6.63 11.10
N2 GDP B . 11.87 -7.55 11.92
N3 GDP B . 11.34 -5.36 11.45
C4 GDP B . 10.74 -4.57 10.53
H5' GDP B . 8.14 -0.44 11.69
H5'' GDP B . 8.63 1.11 12.42
H4' GDP B . 9.92 -0.18 13.71
H3' GDP B . 11.56 0.95 11.95
HO3' GDP B . 11.82 -0.48 14.14
H2' GDP B . 11.43 -0.75 10.22
HO2' GDP B . 13.63 -0.74 11.70
H1' GDP B . 11.68 -2.93 12.35
H8 GDP B . 9.68 -1.80 9.23
HN1 GDP B . 10.77 -8.10 9.78
HN21 GDP B . 12.30 -7.27 12.78
HN22 GDP B . 11.85 -8.52 11.65
C1 MYR A 1 13.53 5.50 -14.92
O1 MYR A 1 13.22 6.69 -15.04
C2 MYR A 1 12.73 4.57 -14.03
C3 MYR A 1 11.31 4.35 -14.53
C4 MYR A 1 10.34 4.15 -13.38
C5 MYR A 1 9.94 2.69 -13.24
C6 MYR A 1 10.44 2.10 -11.93
C7 MYR A 1 9.40 1.18 -11.29
C8 MYR A 1 8.67 1.88 -10.17
C9 MYR A 1 8.18 0.88 -9.12
C10 MYR A 1 7.06 1.47 -8.28
C11 MYR A 1 5.69 1.13 -8.84
C12 MYR A 1 5.15 -0.18 -8.28
C13 MYR A 1 3.64 -0.16 -8.17
C14 MYR A 1 2.93 -0.54 -9.45
H21 MYR A 1 12.69 5.00 -13.04
H22 MYR A 1 13.24 3.62 -13.99
H31 MYR A 1 11.30 3.47 -15.16
H32 MYR A 1 11.01 5.21 -15.10
H41 MYR A 1 9.45 4.75 -13.56
H42 MYR A 1 10.81 4.47 -12.46
H51 MYR A 1 10.34 2.12 -14.06
H52 MYR A 1 8.86 2.62 -13.26
H61 MYR A 1 10.67 2.90 -11.24
H62 MYR A 1 11.33 1.52 -12.13
H71 MYR A 1 9.89 0.30 -10.91
H72 MYR A 1 8.68 0.89 -12.05
H81 MYR A 1 7.82 2.40 -10.57
H82 MYR A 1 9.33 2.58 -9.69
H91 MYR A 1 9.00 0.61 -8.48
H92 MYR A 1 7.81 0.00 -9.63
H101 MYR A 1 7.17 2.53 -8.25
H102 MYR A 1 7.13 1.06 -7.27
H111 MYR A 1 5.77 1.03 -9.92
H112 MYR A 1 5.00 1.92 -8.61
H121 MYR A 1 5.58 -0.33 -7.30
H122 MYR A 1 5.45 -0.99 -8.93
H131 MYR A 1 3.32 0.84 -7.89
H132 MYR A 1 3.34 -0.86 -7.41
H141 MYR A 1 3.07 0.26 -10.18
H142 MYR A 1 1.88 -0.66 -9.25
H143 MYR A 1 3.34 -1.45 -9.83
N GLY A 2 14.56 4.96 -15.56
CA GLY A 2 15.40 5.76 -16.44
C GLY A 2 14.85 5.83 -17.85
N LEU A 3 15.19 6.89 -18.57
CA LEU A 3 14.74 7.07 -19.94
C LEU A 3 15.90 7.01 -20.92
N PHE A 4 17.04 7.54 -20.51
CA PHE A 4 18.24 7.54 -21.35
C PHE A 4 18.76 6.12 -21.56
N ALA A 5 19.84 6.00 -22.33
CA ALA A 5 20.44 4.70 -22.60
C ALA A 5 20.90 4.02 -21.31
N SER A 6 20.18 2.97 -20.92
CA SER A 6 20.52 2.24 -19.70
C SER A 6 19.58 1.07 -19.50
N LYS A 7 18.30 1.28 -19.79
CA LYS A 7 17.29 0.23 -19.64
C LYS A 7 15.96 0.67 -20.25
N LEU A 8 15.67 0.15 -21.45
CA LEU A 8 14.42 0.49 -22.14
C LEU A 8 13.30 -0.46 -21.72
N PHE A 9 13.26 -1.64 -22.33
CA PHE A 9 12.24 -2.63 -22.02
C PHE A 9 10.84 -2.09 -22.31
N SER A 10 10.35 -1.22 -21.42
CA SER A 10 9.03 -0.63 -21.58
C SER A 10 8.76 0.42 -20.51
N ASN A 11 8.80 1.69 -20.89
CA ASN A 11 8.58 2.78 -19.96
C ASN A 11 7.09 3.05 -19.78
N LEU A 12 6.35 2.03 -19.38
CA LEU A 12 4.91 2.14 -19.16
C LEU A 12 4.23 2.86 -20.32
N PHE A 13 3.72 2.09 -21.27
CA PHE A 13 3.04 2.66 -22.43
C PHE A 13 1.64 3.14 -22.06
N GLY A 14 0.95 2.36 -21.24
CA GLY A 14 -0.39 2.71 -20.81
C GLY A 14 -0.44 4.04 -20.08
N ASN A 15 -0.08 4.01 -18.80
CA ASN A 15 -0.08 5.22 -17.98
C ASN A 15 -1.50 5.79 -17.87
N LYS A 16 -2.48 4.91 -17.72
CA LYS A 16 -3.88 5.33 -17.61
C LYS A 16 -4.18 5.87 -16.21
N GLU A 17 -3.44 6.90 -15.80
CA GLU A 17 -3.64 7.52 -14.49
C GLU A 17 -3.55 6.49 -13.37
N MET A 18 -2.45 6.52 -12.63
CA MET A 18 -2.26 5.59 -11.52
C MET A 18 -1.56 6.29 -10.36
N ARG A 19 -2.09 6.14 -9.15
CA ARG A 19 -1.49 6.78 -7.98
C ARG A 19 -1.58 5.87 -6.76
N ILE A 20 -0.49 5.17 -6.47
CA ILE A 20 -0.45 4.23 -5.36
C ILE A 20 -0.11 4.92 -4.04
N LEU A 21 -0.93 4.66 -3.04
CA LEU A 21 -0.73 5.23 -1.72
C LEU A 21 -0.51 4.12 -0.70
N MET A 22 0.25 4.42 0.36
CA MET A 22 0.51 3.43 1.40
C MET A 22 -0.35 3.70 2.62
N VAL A 23 -1.33 2.83 2.84
CA VAL A 23 -2.22 2.98 3.98
C VAL A 23 -2.33 1.67 4.78
N GLY A 24 -2.79 1.79 6.01
CA GLY A 24 -2.93 0.63 6.87
C GLY A 24 -2.67 0.95 8.32
N LEU A 25 -2.41 -0.07 9.13
CA LEU A 25 -2.13 0.14 10.54
C LEU A 25 -0.79 0.84 10.73
N ASP A 26 -0.70 1.64 11.79
CA ASP A 26 0.53 2.36 12.08
C ASP A 26 1.63 1.38 12.46
N GLY A 27 2.87 1.72 12.11
CA GLY A 27 4.00 0.87 12.43
C GLY A 27 4.08 -0.36 11.54
N ALA A 28 3.16 -0.49 10.59
CA ALA A 28 3.17 -1.64 9.69
C ALA A 28 4.39 -1.63 8.78
N GLY A 29 5.09 -0.50 8.73
CA GLY A 29 6.27 -0.37 7.90
C GLY A 29 6.18 0.79 6.92
N LYS A 30 5.44 1.82 7.30
CA LYS A 30 5.28 3.00 6.46
C LYS A 30 6.60 3.74 6.31
N THR A 31 7.41 3.71 7.37
CA THR A 31 8.71 4.37 7.36
C THR A 31 9.74 3.53 6.61
N THR A 32 9.72 2.22 6.85
CA THR A 32 10.64 1.31 6.21
C THR A 32 10.42 1.28 4.69
N VAL A 33 9.16 1.19 4.29
CA VAL A 33 8.81 1.16 2.87
C VAL A 33 9.07 2.50 2.20
N LEU A 34 8.84 3.59 2.94
CA LEU A 34 9.05 4.93 2.37
C LEU A 34 10.47 5.05 1.82
N TYR A 35 11.45 4.67 2.63
CA TYR A 35 12.85 4.74 2.21
C TYR A 35 13.10 3.81 1.02
N LYS A 36 12.48 2.64 1.05
CA LYS A 36 12.65 1.66 -0.02
C LYS A 36 12.26 2.27 -1.37
N LEU A 37 11.27 3.16 -1.34
CA LEU A 37 10.80 3.82 -2.55
C LEU A 37 11.63 5.07 -2.85
N LYS A 38 12.14 5.70 -1.80
CA LYS A 38 12.95 6.90 -1.93
C LYS A 38 12.17 8.00 -2.64
N LEU A 39 12.18 7.95 -3.97
CA LEU A 39 11.46 8.94 -4.78
C LEU A 39 12.16 10.31 -4.77
N GLY A 40 13.20 10.45 -3.94
CA GLY A 40 13.90 11.72 -3.86
C GLY A 40 13.64 12.43 -2.54
N GLU A 41 12.51 13.13 -2.47
CA GLU A 41 12.15 13.86 -1.26
C GLU A 41 10.64 13.83 -1.06
N VAL A 42 10.21 13.79 0.20
CA VAL A 42 8.79 13.74 0.52
C VAL A 42 8.37 14.99 1.31
N ILE A 43 7.19 15.51 0.99
CA ILE A 43 6.68 16.69 1.67
C ILE A 43 5.94 16.31 2.94
N THR A 44 6.20 17.05 4.01
CA THR A 44 5.55 16.79 5.30
C THR A 44 4.46 17.81 5.59
N THR A 45 3.26 17.32 5.88
CA THR A 45 2.13 18.19 6.18
C THR A 45 1.25 17.60 7.28
N ILE A 46 0.61 18.48 8.04
CA ILE A 46 -0.26 18.05 9.13
C ILE A 46 -1.74 18.27 8.76
N PRO A 47 -2.50 17.19 8.56
CA PRO A 47 -3.92 17.27 8.20
C PRO A 47 -4.77 17.93 9.27
N THR A 48 -4.57 17.53 10.53
CA THR A 48 -5.34 18.09 11.64
C THR A 48 -4.73 17.70 12.99
N ILE A 49 -4.95 18.57 13.99
CA ILE A 49 -4.45 18.35 15.35
C ILE A 49 -3.06 17.71 15.37
N GLY A 50 -2.97 16.44 15.77
CA GLY A 50 -1.68 15.76 15.82
C GLY A 50 -1.57 14.62 14.84
N PHE A 51 -1.69 14.93 13.56
CA PHE A 51 -1.60 13.92 12.52
C PHE A 51 -0.51 14.30 11.51
N ASN A 52 0.03 13.30 10.83
CA ASN A 52 1.08 13.54 9.83
C ASN A 52 0.81 12.79 8.55
N VAL A 53 0.95 13.48 7.42
CA VAL A 53 0.74 12.87 6.12
C VAL A 53 1.86 13.26 5.15
N GLU A 54 2.29 12.29 4.35
CA GLU A 54 3.36 12.53 3.39
C GLU A 54 2.86 12.39 1.96
N THR A 55 3.33 13.27 1.08
CA THR A 55 2.93 13.25 -0.32
C THR A 55 4.14 13.34 -1.24
N VAL A 56 4.19 12.45 -2.22
CA VAL A 56 5.29 12.41 -3.17
C VAL A 56 4.80 12.15 -4.59
N GLN A 57 5.48 12.73 -5.57
CA GLN A 57 5.09 12.57 -6.97
C GLN A 57 6.21 11.91 -7.77
N TYR A 58 5.84 11.01 -8.67
CA TYR A 58 6.81 10.33 -9.51
C TYR A 58 6.78 10.86 -10.94
N LYS A 59 7.86 10.63 -11.68
CA LYS A 59 7.96 11.09 -13.06
C LYS A 59 6.76 10.68 -13.90
N ASN A 60 6.08 9.61 -13.50
CA ASN A 60 4.92 9.13 -14.24
C ASN A 60 3.93 8.38 -13.35
N ILE A 61 3.76 8.84 -12.11
CA ILE A 61 2.85 8.21 -11.18
C ILE A 61 2.85 8.92 -9.83
N SER A 62 1.68 9.04 -9.23
CA SER A 62 1.55 9.71 -7.93
C SER A 62 1.62 8.70 -6.79
N PHE A 63 2.13 9.14 -5.65
CA PHE A 63 2.25 8.28 -4.49
C PHE A 63 2.00 9.07 -3.21
N THR A 64 1.36 8.44 -2.23
CA THR A 64 1.06 9.11 -0.96
C THR A 64 0.91 8.09 0.18
N VAL A 65 1.61 8.34 1.28
CA VAL A 65 1.55 7.46 2.44
C VAL A 65 0.78 8.11 3.58
N TRP A 66 0.05 7.29 4.34
CA TRP A 66 -0.74 7.79 5.46
C TRP A 66 -1.30 6.64 6.29
N ASP A 67 -1.19 6.74 7.61
CA ASP A 67 -1.71 5.71 8.51
C ASP A 67 -3.22 5.84 8.67
N VAL A 68 -3.82 4.86 9.34
CA VAL A 68 -5.27 4.86 9.56
C VAL A 68 -5.66 3.88 10.65
N GLY A 69 -6.80 4.14 11.29
CA GLY A 69 -7.29 3.28 12.34
C GLY A 69 -8.54 3.85 13.00
N GLY A 70 -9.14 3.10 13.92
CA GLY A 70 -10.33 3.59 14.59
C GLY A 70 -10.05 4.83 15.41
N GLN A 71 -9.05 4.74 16.27
CA GLN A 71 -8.67 5.86 17.12
C GLN A 71 -8.41 7.12 16.29
N ASP A 72 -8.10 6.94 15.00
CA ASP A 72 -7.85 8.06 14.13
C ASP A 72 -9.14 8.78 13.75
N ARG A 73 -9.04 10.08 13.49
CA ARG A 73 -10.21 10.87 13.13
C ARG A 73 -10.09 11.38 11.69
N ILE A 74 -11.22 11.81 11.13
CA ILE A 74 -11.24 12.32 9.77
C ILE A 74 -11.59 13.81 9.74
N ARG A 75 -11.24 14.48 8.65
CA ARG A 75 -11.51 15.91 8.50
C ARG A 75 -12.16 16.20 7.16
N SER A 76 -11.42 15.92 6.08
CA SER A 76 -11.92 16.17 4.73
C SER A 76 -10.89 15.76 3.68
N LEU A 77 -9.62 15.98 4.00
CA LEU A 77 -8.53 15.63 3.09
C LEU A 77 -8.63 14.18 2.65
N TRP A 78 -9.12 13.32 3.54
CA TRP A 78 -9.26 11.91 3.24
C TRP A 78 -10.08 11.67 1.98
N ARG A 79 -10.99 12.60 1.68
CA ARG A 79 -11.84 12.46 0.49
C ARG A 79 -11.18 13.09 -0.74
N HIS A 80 -10.72 14.33 -0.59
CA HIS A 80 -10.08 15.05 -1.69
C HIS A 80 -8.77 14.40 -2.13
N TYR A 81 -8.26 13.45 -1.35
CA TYR A 81 -7.01 12.79 -1.69
C TYR A 81 -7.23 11.32 -2.03
N TYR A 82 -7.96 10.61 -1.19
CA TYR A 82 -8.20 9.19 -1.39
C TYR A 82 -8.82 8.89 -2.75
N ARG A 83 -9.84 9.65 -3.15
CA ARG A 83 -10.48 9.40 -4.44
C ARG A 83 -9.49 9.63 -5.58
N ASN A 84 -8.80 10.76 -5.53
CA ASN A 84 -7.85 11.13 -6.58
C ASN A 84 -6.79 10.04 -6.78
N THR A 85 -6.51 9.27 -5.74
CA THR A 85 -5.53 8.20 -5.83
C THR A 85 -6.04 7.07 -6.73
N GLU A 86 -5.15 6.48 -7.52
CA GLU A 86 -5.54 5.40 -8.41
C GLU A 86 -4.88 4.07 -8.02
N GLY A 87 -4.22 4.07 -6.86
CA GLY A 87 -3.55 2.86 -6.40
C GLY A 87 -3.75 2.64 -4.90
N VAL A 88 -4.00 1.40 -4.50
CA VAL A 88 -4.22 1.09 -3.09
C VAL A 88 -3.35 -0.08 -2.62
N ILE A 89 -2.31 0.25 -1.87
CA ILE A 89 -1.40 -0.77 -1.33
C ILE A 89 -1.49 -0.80 0.21
N PHE A 90 -2.05 -1.88 0.73
CA PHE A 90 -2.20 -2.03 2.18
C PHE A 90 -1.04 -2.84 2.77
N VAL A 91 -0.39 -2.29 3.79
CA VAL A 91 0.72 -2.97 4.43
C VAL A 91 0.47 -3.15 5.94
N VAL A 92 0.47 -4.40 6.37
CA VAL A 92 0.24 -4.71 7.78
C VAL A 92 1.46 -5.38 8.41
N ASP A 93 1.53 -5.39 9.73
CA ASP A 93 2.65 -6.00 10.44
C ASP A 93 2.42 -7.51 10.60
N SER A 94 3.32 -8.29 10.04
CA SER A 94 3.22 -9.74 10.10
C SER A 94 3.42 -10.27 11.51
N ASN A 95 4.18 -9.53 12.32
CA ASN A 95 4.45 -9.95 13.68
C ASN A 95 3.47 -9.29 14.66
N ASP A 96 2.44 -8.65 14.12
CA ASP A 96 1.44 -7.99 14.95
C ASP A 96 0.06 -8.62 14.74
N ARG A 97 -0.06 -9.88 15.13
CA ARG A 97 -1.33 -10.61 15.00
C ARG A 97 -2.41 -9.97 15.86
N SER A 98 -2.02 -9.56 17.07
CA SER A 98 -2.95 -8.94 18.00
C SER A 98 -3.62 -7.70 17.39
N ARG A 99 -3.03 -7.16 16.33
CA ARG A 99 -3.58 -5.99 15.66
C ARG A 99 -4.08 -6.31 14.26
N ILE A 100 -3.97 -7.57 13.86
CA ILE A 100 -4.41 -8.01 12.53
C ILE A 100 -5.89 -7.72 12.33
N GLY A 101 -6.66 -7.84 13.41
CA GLY A 101 -8.07 -7.55 13.34
C GLY A 101 -8.30 -6.09 13.06
N GLU A 102 -7.42 -5.27 13.63
CA GLU A 102 -7.50 -3.82 13.46
C GLU A 102 -7.14 -3.43 12.03
N ALA A 103 -6.17 -4.13 11.47
CA ALA A 103 -5.74 -3.88 10.11
C ALA A 103 -6.84 -4.24 9.13
N ARG A 104 -7.48 -5.37 9.35
CA ARG A 104 -8.55 -5.83 8.46
C ARG A 104 -9.76 -4.90 8.53
N GLU A 105 -10.08 -4.42 9.73
CA GLU A 105 -11.21 -3.54 9.92
C GLU A 105 -11.03 -2.23 9.15
N VAL A 106 -9.82 -1.68 9.23
CA VAL A 106 -9.52 -0.43 8.54
C VAL A 106 -9.56 -0.64 7.02
N MET A 107 -9.10 -1.81 6.59
CA MET A 107 -9.09 -2.14 5.16
C MET A 107 -10.51 -2.31 4.64
N GLN A 108 -11.33 -3.01 5.41
CA GLN A 108 -12.72 -3.27 5.05
C GLN A 108 -13.48 -1.96 4.78
N ARG A 109 -13.22 -0.96 5.61
CA ARG A 109 -13.87 0.33 5.46
C ARG A 109 -13.28 1.11 4.29
N MET A 110 -11.99 0.90 4.05
CA MET A 110 -11.31 1.58 2.96
C MET A 110 -11.81 1.12 1.59
N LEU A 111 -11.97 -0.19 1.45
CA LEU A 111 -12.45 -0.77 0.19
C LEU A 111 -13.93 -0.47 -0.04
N ASN A 112 -14.59 0.08 0.97
CA ASN A 112 -16.01 0.40 0.87
C ASN A 112 -16.22 1.71 0.11
N GLU A 113 -15.13 2.33 -0.35
CA GLU A 113 -15.22 3.59 -1.09
C GLU A 113 -15.72 3.34 -2.52
N ASP A 114 -16.95 3.74 -2.78
CA ASP A 114 -17.55 3.56 -4.11
C ASP A 114 -16.66 4.16 -5.20
N GLU A 115 -16.04 5.29 -4.89
CA GLU A 115 -15.15 5.97 -5.84
C GLU A 115 -13.82 5.23 -5.98
N LEU A 116 -13.58 4.29 -5.07
CA LEU A 116 -12.34 3.50 -5.08
C LEU A 116 -12.63 2.02 -5.30
N ARG A 117 -13.89 1.69 -5.60
CA ARG A 117 -14.30 0.31 -5.82
C ARG A 117 -13.54 -0.36 -6.97
N ASN A 118 -12.89 0.45 -7.82
CA ASN A 118 -12.15 -0.09 -8.95
C ASN A 118 -10.64 0.04 -8.75
N ALA A 119 -10.21 0.12 -7.49
CA ALA A 119 -8.80 0.26 -7.18
C ALA A 119 -8.13 -1.10 -6.98
N ALA A 120 -6.89 -1.21 -7.48
CA ALA A 120 -6.13 -2.44 -7.35
C ALA A 120 -5.52 -2.55 -5.95
N TRP A 121 -6.02 -3.49 -5.16
CA TRP A 121 -5.54 -3.67 -3.80
C TRP A 121 -4.36 -4.63 -3.72
N LEU A 122 -3.45 -4.34 -2.80
CA LEU A 122 -2.27 -5.17 -2.60
C LEU A 122 -1.95 -5.23 -1.11
N VAL A 123 -1.88 -6.43 -0.56
CA VAL A 123 -1.57 -6.60 0.85
C VAL A 123 -0.13 -7.03 1.04
N PHE A 124 0.70 -6.10 1.49
CA PHE A 124 2.11 -6.36 1.71
C PHE A 124 2.36 -6.77 3.15
N ALA A 125 2.88 -7.98 3.33
CA ALA A 125 3.22 -8.46 4.66
C ALA A 125 4.66 -8.08 4.96
N ASN A 126 4.88 -7.37 6.06
CA ASN A 126 6.23 -6.93 6.39
C ASN A 126 6.70 -7.46 7.73
N LYS A 127 7.66 -8.40 7.67
CA LYS A 127 8.27 -9.04 8.84
C LYS A 127 8.41 -10.52 8.64
N GLN A 128 8.63 -10.94 7.40
CA GLN A 128 8.76 -12.37 7.11
C GLN A 128 10.12 -12.92 7.55
N ASP A 129 11.06 -12.04 7.84
CA ASP A 129 12.38 -12.47 8.30
C ASP A 129 12.29 -12.96 9.74
N LEU A 130 11.33 -12.43 10.49
CA LEU A 130 11.14 -12.83 11.88
C LEU A 130 10.77 -14.32 11.96
N PRO A 131 11.38 -15.06 12.91
CA PRO A 131 11.11 -16.49 13.07
C PRO A 131 9.69 -16.76 13.55
N GLU A 132 9.10 -15.80 14.25
CA GLU A 132 7.75 -15.94 14.78
C GLU A 132 6.76 -15.09 14.00
N ALA A 133 7.06 -14.83 12.73
CA ALA A 133 6.20 -14.02 11.88
C ALA A 133 5.15 -14.88 11.17
N MET A 134 3.97 -14.31 10.96
CA MET A 134 2.89 -15.03 10.29
C MET A 134 3.10 -15.04 8.78
N SER A 135 2.63 -16.12 8.14
CA SER A 135 2.75 -16.27 6.70
C SER A 135 1.67 -15.47 5.98
N ALA A 136 1.94 -15.08 4.75
CA ALA A 136 0.97 -14.32 3.97
C ALA A 136 -0.35 -15.06 3.85
N ALA A 137 -0.28 -16.38 3.81
CA ALA A 137 -1.48 -17.20 3.69
C ALA A 137 -2.32 -17.13 4.97
N GLU A 138 -1.69 -17.36 6.11
CA GLU A 138 -2.39 -17.30 7.39
C GLU A 138 -2.80 -15.86 7.68
N ILE A 139 -1.98 -14.93 7.22
CA ILE A 139 -2.24 -13.51 7.42
C ILE A 139 -3.44 -13.07 6.58
N THR A 140 -3.44 -13.42 5.30
CA THR A 140 -4.52 -13.04 4.40
C THR A 140 -5.85 -13.57 4.89
N GLU A 141 -5.87 -14.78 5.43
CA GLU A 141 -7.09 -15.38 5.95
C GLU A 141 -7.46 -14.73 7.28
N LYS A 142 -6.45 -14.30 8.01
CA LYS A 142 -6.65 -13.66 9.31
C LYS A 142 -7.31 -12.30 9.16
N LEU A 143 -6.88 -11.54 8.15
CA LEU A 143 -7.44 -10.21 7.91
C LEU A 143 -8.73 -10.29 7.08
N GLY A 144 -9.23 -11.50 6.87
CA GLY A 144 -10.46 -11.65 6.11
C GLY A 144 -10.29 -11.28 4.65
N LEU A 145 -9.06 -11.35 4.16
CA LEU A 145 -8.77 -11.04 2.78
C LEU A 145 -9.40 -12.08 1.86
N HIS A 146 -9.64 -13.27 2.41
CA HIS A 146 -10.25 -14.34 1.64
C HIS A 146 -11.74 -14.13 1.52
N SER A 147 -12.31 -13.38 2.47
CA SER A 147 -13.74 -13.10 2.47
C SER A 147 -14.06 -11.92 1.57
N ILE A 148 -13.04 -11.35 0.94
CA ILE A 148 -13.24 -10.21 0.08
C ILE A 148 -13.20 -10.63 -1.39
N ARG A 149 -14.04 -10.00 -2.20
CA ARG A 149 -14.15 -10.34 -3.62
C ARG A 149 -12.77 -10.53 -4.26
N ASN A 150 -12.46 -11.78 -4.59
CA ASN A 150 -11.17 -12.12 -5.18
C ASN A 150 -11.00 -11.56 -6.59
N ARG A 151 -9.79 -11.04 -6.86
CA ARG A 151 -9.41 -10.50 -8.18
C ARG A 151 -8.58 -9.22 -8.05
N PRO A 152 -9.06 -8.22 -7.29
CA PRO A 152 -8.38 -6.94 -7.12
C PRO A 152 -7.29 -6.94 -6.05
N TRP A 153 -7.51 -7.66 -4.95
CA TRP A 153 -6.51 -7.69 -3.87
C TRP A 153 -5.69 -8.96 -3.88
N PHE A 154 -4.37 -8.80 -3.73
CA PHE A 154 -3.45 -9.92 -3.69
C PHE A 154 -2.59 -9.86 -2.43
N ILE A 155 -2.13 -11.01 -1.95
CA ILE A 155 -1.29 -11.06 -0.75
C ILE A 155 0.09 -11.62 -1.04
N GLN A 156 1.10 -11.02 -0.42
CA GLN A 156 2.48 -11.47 -0.61
C GLN A 156 3.32 -11.23 0.65
N ALA A 157 4.05 -12.26 1.07
CA ALA A 157 4.90 -12.17 2.25
C ALA A 157 6.26 -11.60 1.86
N THR A 158 6.80 -10.71 2.69
CA THR A 158 8.10 -10.12 2.41
C THR A 158 8.86 -9.75 3.68
N CYS A 159 10.10 -9.35 3.49
CA CYS A 159 10.96 -8.92 4.58
C CYS A 159 11.50 -7.54 4.22
N ALA A 160 10.99 -6.51 4.88
CA ALA A 160 11.39 -5.14 4.58
C ALA A 160 12.87 -4.87 4.85
N THR A 161 13.43 -5.52 5.85
CA THR A 161 14.83 -5.31 6.23
C THR A 161 15.82 -5.90 5.22
N SER A 162 15.67 -7.18 4.91
CA SER A 162 16.58 -7.85 3.98
C SER A 162 16.20 -7.55 2.52
N GLY A 163 15.05 -6.92 2.35
CA GLY A 163 14.57 -6.60 1.01
C GLY A 163 14.04 -7.82 0.28
N GLU A 164 14.02 -8.96 0.97
CA GLU A 164 13.55 -10.20 0.37
C GLU A 164 12.03 -10.19 0.22
N GLY A 165 11.57 -10.23 -1.02
CA GLY A 165 10.15 -10.23 -1.29
C GLY A 165 9.64 -8.86 -1.71
N LEU A 166 10.40 -7.81 -1.39
CA LEU A 166 10.01 -6.46 -1.76
C LEU A 166 10.04 -6.27 -3.27
N TYR A 167 11.13 -6.71 -3.89
CA TYR A 167 11.29 -6.60 -5.33
C TYR A 167 10.27 -7.46 -6.08
N GLU A 168 10.15 -8.72 -5.66
CA GLU A 168 9.22 -9.65 -6.30
C GLU A 168 7.76 -9.24 -6.06
N GLY A 169 7.52 -8.53 -4.97
CA GLY A 169 6.17 -8.09 -4.66
C GLY A 169 5.71 -6.95 -5.53
N LEU A 170 6.61 -6.00 -5.77
CA LEU A 170 6.30 -4.85 -6.60
C LEU A 170 6.30 -5.25 -8.07
N GLU A 171 7.33 -6.00 -8.46
CA GLU A 171 7.45 -6.46 -9.85
C GLU A 171 6.16 -7.15 -10.27
N TRP A 172 5.66 -8.03 -9.43
CA TRP A 172 4.42 -8.75 -9.71
C TRP A 172 3.26 -7.77 -9.82
N LEU A 173 3.21 -6.83 -8.87
CA LEU A 173 2.17 -5.82 -8.85
C LEU A 173 2.21 -4.98 -10.12
N SER A 174 3.42 -4.72 -10.62
CA SER A 174 3.59 -3.93 -11.83
C SER A 174 2.91 -4.59 -13.02
N ASN A 175 3.06 -5.91 -13.13
CA ASN A 175 2.46 -6.65 -14.22
C ASN A 175 0.94 -6.48 -14.24
N SER A 176 0.33 -6.65 -13.08
CA SER A 176 -1.12 -6.50 -12.96
C SER A 176 -1.55 -5.10 -13.39
N LEU A 177 -0.65 -4.14 -13.19
CA LEU A 177 -0.92 -2.75 -13.57
C LEU A 177 -0.69 -2.54 -15.06
N LYS A 178 0.13 -3.41 -15.66
CA LYS A 178 0.44 -3.31 -17.08
C LYS A 178 -0.59 -4.08 -17.92
N ASN A 179 -0.49 -5.39 -17.90
CA ASN A 179 -1.40 -6.25 -18.65
C ASN A 179 -1.21 -6.05 -20.15
N SER A 180 -1.72 -4.93 -20.67
CA SER A 180 -1.61 -4.63 -22.09
C SER A 180 -2.12 -3.23 -22.39
N THR A 181 -3.45 -3.08 -22.41
CA THR A 181 -4.06 -1.79 -22.68
C THR A 181 -4.71 -1.22 -21.42
PB GDP B . 5.12 3.14 10.27
O1B GDP B . 4.46 1.83 9.66
O2B GDP B . 5.76 4.08 9.16
O3B GDP B . 4.13 3.94 11.23
O3A GDP B . 6.33 2.66 11.22
PA GDP B . 7.52 1.74 10.65
O1A GDP B . 8.85 2.07 11.46
O2A GDP B . 7.66 1.92 9.07
O5' GDP B . 7.08 0.25 10.99
C5' GDP B . 7.97 -0.85 10.77
C4' GDP B . 8.95 -0.95 11.91
O4' GDP B . 9.40 -2.32 12.03
C3' GDP B . 10.24 -0.16 11.74
O3' GDP B . 10.86 0.10 13.01
C2' GDP B . 11.09 -1.09 10.88
O2' GDP B . 12.47 -0.95 11.18
C1' GDP B . 10.63 -2.47 11.35
N9 GDP B . 10.42 -3.41 10.25
C8 GDP B . 9.88 -3.14 9.02
N7 GDP B . 9.81 -4.19 8.25
C5 GDP B . 10.34 -5.22 9.01
C6 GDP B . 10.52 -6.59 8.71
O6 GDP B . 10.24 -7.19 7.66
N1 GDP B . 11.08 -7.28 9.77
C2 GDP B . 11.44 -6.73 10.98
N2 GDP B . 11.99 -7.55 11.88
N3 GDP B . 11.27 -5.44 11.28
C4 GDP B . 10.72 -4.76 10.25
H5' GDP B . 8.52 -0.69 9.85
H5'' GDP B . 7.40 -1.77 10.71
H4' GDP B . 8.45 -0.57 12.82
H3' GDP B . 10.07 0.81 11.28
HO3' GDP B . 10.68 -0.65 13.57
H2' GDP B . 10.86 -0.93 9.82
HO2' GDP B . 12.94 -1.48 10.54
H1' GDP B . 11.33 -2.92 12.05
H8 GDP B . 9.55 -2.16 8.72
HN1 GDP B . 11.23 -8.27 9.66
HN21 GDP B . 12.27 -7.20 12.78
HN22 GDP B . 12.12 -8.53 11.65
C1 MYR A 1 14.85 3.42 -8.92
O1 MYR A 1 14.52 4.60 -9.02
C2 MYR A 1 14.12 2.48 -7.98
C3 MYR A 1 12.62 2.43 -8.25
C4 MYR A 1 11.81 2.62 -6.98
C5 MYR A 1 10.32 2.52 -7.25
C6 MYR A 1 9.53 3.56 -6.46
C7 MYR A 1 8.19 3.02 -6.01
C8 MYR A 1 7.12 3.28 -7.05
C9 MYR A 1 5.74 2.88 -6.54
C10 MYR A 1 5.53 1.38 -6.62
C11 MYR A 1 5.30 0.92 -8.06
C12 MYR A 1 3.89 1.27 -8.53
C13 MYR A 1 3.54 0.54 -9.82
C14 MYR A 1 2.32 -0.34 -9.70
H21 MYR A 1 14.27 2.83 -6.96
H22 MYR A 1 14.53 1.49 -8.09
H31 MYR A 1 12.38 1.47 -8.68
H32 MYR A 1 12.37 3.22 -8.95
H41 MYR A 1 12.03 3.59 -6.57
H42 MYR A 1 12.08 1.85 -6.27
H51 MYR A 1 9.98 1.53 -6.98
H52 MYR A 1 10.14 2.69 -8.30
H61 MYR A 1 9.38 4.43 -7.07
H62 MYR A 1 10.11 3.83 -5.58
H71 MYR A 1 7.91 3.49 -5.08
H72 MYR A 1 8.27 1.95 -5.86
H81 MYR A 1 7.34 2.70 -7.94
H82 MYR A 1 7.11 4.33 -7.29
H91 MYR A 1 4.98 3.37 -7.14
H92 MYR A 1 5.64 3.19 -5.51
H101 MYR A 1 4.67 1.11 -6.03
H102 MYR A 1 6.41 0.88 -6.24
H111 MYR A 1 5.43 -0.15 -8.11
H112 MYR A 1 6.01 1.42 -8.70
H121 MYR A 1 3.83 2.33 -8.70
H122 MYR A 1 3.19 0.98 -7.76
H131 MYR A 1 4.38 -0.09 -10.10
H132 MYR A 1 3.37 1.28 -10.59
H141 MYR A 1 1.48 0.25 -9.36
H142 MYR A 1 2.51 -1.14 -9.02
H143 MYR A 1 2.08 -0.75 -10.67
N GLY A 2 15.86 2.89 -9.61
CA GLY A 2 16.62 3.69 -10.54
C GLY A 2 16.25 3.42 -11.98
N LEU A 3 15.49 4.33 -12.57
CA LEU A 3 15.06 4.20 -13.97
C LEU A 3 15.21 5.51 -14.72
N PHE A 4 16.27 6.25 -14.39
CA PHE A 4 16.52 7.53 -15.04
C PHE A 4 17.32 7.34 -16.33
N ALA A 5 16.79 7.86 -17.43
CA ALA A 5 17.45 7.75 -18.73
C ALA A 5 17.63 6.29 -19.12
N SER A 6 18.28 6.06 -20.26
CA SER A 6 18.53 4.71 -20.75
C SER A 6 17.22 4.00 -21.08
N LYS A 7 16.53 3.51 -20.06
CA LYS A 7 15.27 2.81 -20.25
C LYS A 7 14.09 3.71 -19.88
N LEU A 8 13.35 4.16 -20.89
CA LEU A 8 12.21 5.03 -20.67
C LEU A 8 11.40 5.18 -21.95
N PHE A 9 11.34 4.12 -22.75
CA PHE A 9 10.61 4.15 -24.00
C PHE A 9 9.15 3.75 -23.78
N SER A 10 8.94 2.56 -23.23
CA SER A 10 7.61 2.06 -22.97
C SER A 10 7.32 2.02 -21.47
N ASN A 11 6.23 2.68 -21.06
CA ASN A 11 5.85 2.72 -19.65
C ASN A 11 4.35 2.95 -19.52
N LEU A 12 3.63 1.90 -19.14
CA LEU A 12 2.18 1.99 -18.98
C LEU A 12 1.51 2.33 -20.30
N PHE A 13 0.22 2.00 -20.41
CA PHE A 13 -0.53 2.28 -21.63
C PHE A 13 -1.32 3.58 -21.50
N GLY A 14 -0.90 4.44 -20.57
CA GLY A 14 -1.58 5.71 -20.37
C GLY A 14 -1.94 5.94 -18.92
N ASN A 15 -1.20 6.84 -18.26
CA ASN A 15 -1.44 7.16 -16.87
C ASN A 15 -2.86 7.69 -16.67
N LYS A 16 -3.81 6.78 -16.46
CA LYS A 16 -5.20 7.15 -16.27
C LYS A 16 -5.45 7.67 -14.85
N GLU A 17 -4.68 8.68 -14.44
CA GLU A 17 -4.83 9.26 -13.11
C GLU A 17 -4.52 8.25 -12.01
N MET A 18 -3.70 7.25 -12.33
CA MET A 18 -3.32 6.23 -11.36
C MET A 18 -2.57 6.85 -10.18
N ARG A 19 -2.95 6.50 -8.96
CA ARG A 19 -2.29 7.04 -7.77
C ARG A 19 -2.38 6.09 -6.59
N ILE A 20 -1.29 5.38 -6.33
CA ILE A 20 -1.24 4.42 -5.24
C ILE A 20 -0.86 5.06 -3.91
N LEU A 21 -1.62 4.73 -2.87
CA LEU A 21 -1.37 5.24 -1.53
C LEU A 21 -1.05 4.09 -0.59
N MET A 22 -0.27 4.36 0.46
CA MET A 22 0.10 3.32 1.42
C MET A 22 -0.62 3.52 2.75
N VAL A 23 -1.45 2.54 3.10
CA VAL A 23 -2.20 2.59 4.35
C VAL A 23 -1.95 1.33 5.18
N GLY A 24 -2.11 1.45 6.49
CA GLY A 24 -1.90 0.32 7.37
C GLY A 24 -1.71 0.74 8.80
N LEU A 25 -1.51 -0.23 9.68
CA LEU A 25 -1.31 0.05 11.10
C LEU A 25 -0.01 0.83 11.31
N ASP A 26 0.03 1.64 12.34
CA ASP A 26 1.22 2.43 12.66
C ASP A 26 2.39 1.52 13.00
N GLY A 27 3.60 1.94 12.65
CA GLY A 27 4.77 1.14 12.95
C GLY A 27 4.85 -0.13 12.12
N ALA A 28 3.94 -0.29 11.16
CA ALA A 28 3.91 -1.48 10.32
C ALA A 28 5.18 -1.64 9.51
N GLY A 29 5.80 -0.51 9.15
CA GLY A 29 7.02 -0.56 8.37
C GLY A 29 7.00 0.37 7.18
N LYS A 30 6.28 1.48 7.31
CA LYS A 30 6.20 2.46 6.23
C LYS A 30 7.49 3.26 6.13
N THR A 31 8.20 3.36 7.25
CA THR A 31 9.47 4.08 7.30
C THR A 31 10.58 3.28 6.63
N THR A 32 10.66 2.00 6.97
CA THR A 32 11.69 1.13 6.40
C THR A 32 11.52 1.02 4.89
N VAL A 33 10.30 0.82 4.45
CA VAL A 33 10.00 0.70 3.03
C VAL A 33 10.25 2.02 2.30
N LEU A 34 9.95 3.13 2.97
CA LEU A 34 10.13 4.44 2.38
C LEU A 34 11.57 4.61 1.87
N TYR A 35 12.53 4.30 2.72
CA TYR A 35 13.93 4.41 2.34
C TYR A 35 14.27 3.48 1.20
N LYS A 36 13.72 2.26 1.26
CA LYS A 36 13.97 1.27 0.22
C LYS A 36 13.45 1.74 -1.14
N LEU A 37 12.32 2.43 -1.13
CA LEU A 37 11.73 2.95 -2.36
C LEU A 37 12.40 4.25 -2.80
N LYS A 38 13.24 4.80 -1.93
CA LYS A 38 13.94 6.05 -2.21
C LYS A 38 12.93 7.17 -2.42
N LEU A 39 12.43 7.30 -3.65
CA LEU A 39 11.45 8.33 -4.02
C LEU A 39 12.12 9.68 -4.28
N GLY A 40 13.23 9.93 -3.60
CA GLY A 40 13.93 11.19 -3.76
C GLY A 40 13.66 12.13 -2.61
N GLU A 41 12.58 12.90 -2.71
CA GLU A 41 12.21 13.84 -1.66
C GLU A 41 10.69 13.94 -1.54
N VAL A 42 10.15 13.45 -0.42
CA VAL A 42 8.71 13.48 -0.19
C VAL A 42 8.31 14.72 0.60
N ILE A 43 7.18 15.30 0.23
CA ILE A 43 6.68 16.50 0.91
C ILE A 43 5.86 16.13 2.12
N THR A 44 6.09 16.82 3.23
CA THR A 44 5.37 16.56 4.47
C THR A 44 4.38 17.67 4.78
N THR A 45 3.15 17.28 5.12
CA THR A 45 2.11 18.24 5.44
C THR A 45 1.22 17.72 6.56
N ILE A 46 0.76 18.63 7.42
CA ILE A 46 -0.09 18.26 8.54
C ILE A 46 -1.57 18.45 8.18
N PRO A 47 -2.33 17.35 8.05
CA PRO A 47 -3.76 17.41 7.71
C PRO A 47 -4.59 18.10 8.78
N THR A 48 -4.38 17.72 10.04
CA THR A 48 -5.12 18.32 11.15
C THR A 48 -4.47 17.98 12.50
N ILE A 49 -4.69 18.86 13.47
CA ILE A 49 -4.15 18.70 14.83
C ILE A 49 -2.73 18.10 14.82
N GLY A 50 -2.60 16.82 15.18
CA GLY A 50 -1.29 16.19 15.20
C GLY A 50 -1.20 14.98 14.30
N PHE A 51 -1.37 15.20 12.99
CA PHE A 51 -1.28 14.12 12.02
C PHE A 51 -0.24 14.43 10.96
N ASN A 52 0.24 13.40 10.26
CA ASN A 52 1.25 13.58 9.23
C ASN A 52 0.88 12.83 7.95
N VAL A 53 1.10 13.48 6.82
CA VAL A 53 0.80 12.88 5.52
C VAL A 53 1.93 13.14 4.53
N GLU A 54 2.24 12.14 3.71
CA GLU A 54 3.30 12.27 2.73
C GLU A 54 2.78 12.11 1.31
N THR A 55 3.31 12.92 0.39
CA THR A 55 2.89 12.86 -1.01
C THR A 55 4.11 12.97 -1.92
N VAL A 56 4.23 12.03 -2.86
CA VAL A 56 5.36 12.02 -3.78
C VAL A 56 4.90 11.91 -5.23
N GLN A 57 5.65 12.55 -6.12
CA GLN A 57 5.33 12.53 -7.55
C GLN A 57 6.46 11.91 -8.36
N TYR A 58 6.17 10.79 -9.01
CA TYR A 58 7.17 10.09 -9.82
C TYR A 58 6.74 10.02 -11.28
N LYS A 59 7.36 10.85 -12.12
CA LYS A 59 7.06 10.89 -13.55
C LYS A 59 5.62 11.37 -13.79
N ASN A 60 4.65 10.51 -13.46
CA ASN A 60 3.25 10.86 -13.65
C ASN A 60 2.37 10.21 -12.57
N ILE A 61 2.79 9.06 -12.07
CA ILE A 61 2.04 8.35 -11.04
C ILE A 61 2.15 9.06 -9.70
N SER A 62 1.03 9.21 -9.01
CA SER A 62 1.00 9.87 -7.71
C SER A 62 0.95 8.85 -6.58
N PHE A 63 1.50 9.22 -5.42
CA PHE A 63 1.51 8.34 -4.27
C PHE A 63 1.36 9.12 -2.97
N THR A 64 0.66 8.52 -2.01
CA THR A 64 0.44 9.16 -0.71
C THR A 64 0.29 8.11 0.39
N VAL A 65 0.97 8.34 1.51
CA VAL A 65 0.92 7.40 2.63
C VAL A 65 0.38 8.04 3.91
N TRP A 66 -0.25 7.23 4.75
CA TRP A 66 -0.81 7.70 6.02
C TRP A 66 -1.30 6.51 6.86
N ASP A 67 -1.18 6.65 8.18
CA ASP A 67 -1.61 5.59 9.10
C ASP A 67 -3.09 5.26 8.92
N VAL A 68 -3.54 4.21 9.60
CA VAL A 68 -4.93 3.78 9.52
C VAL A 68 -5.88 4.85 10.05
N GLY A 69 -5.53 5.43 11.19
CA GLY A 69 -6.35 6.47 11.78
C GLY A 69 -7.32 5.92 12.82
N GLY A 70 -7.81 4.71 12.58
CA GLY A 70 -8.73 4.07 13.49
C GLY A 70 -9.93 4.94 13.84
N GLN A 71 -9.75 5.82 14.83
CA GLN A 71 -10.81 6.71 15.27
C GLN A 71 -11.03 7.85 14.28
N ASP A 72 -10.01 8.16 13.48
CA ASP A 72 -10.10 9.22 12.49
C ASP A 72 -11.36 9.09 11.64
N ARG A 73 -12.05 10.21 11.44
CA ARG A 73 -13.27 10.21 10.65
C ARG A 73 -13.70 11.63 10.28
N ILE A 74 -13.93 12.45 11.30
CA ILE A 74 -14.35 13.84 11.09
C ILE A 74 -13.28 14.64 10.35
N ARG A 75 -13.47 14.82 9.05
CA ARG A 75 -12.53 15.58 8.23
C ARG A 75 -12.95 15.54 6.76
N SER A 76 -12.24 16.27 5.92
CA SER A 76 -12.55 16.32 4.49
C SER A 76 -11.33 16.04 3.62
N LEU A 77 -10.18 15.82 4.25
CA LEU A 77 -8.95 15.55 3.51
C LEU A 77 -8.94 14.13 2.96
N TRP A 78 -9.41 13.19 3.77
CA TRP A 78 -9.44 11.78 3.37
C TRP A 78 -10.33 11.57 2.15
N ARG A 79 -11.43 12.31 2.08
CA ARG A 79 -12.36 12.20 0.96
C ARG A 79 -11.78 12.83 -0.30
N HIS A 80 -11.09 13.94 -0.14
CA HIS A 80 -10.49 14.64 -1.27
C HIS A 80 -9.55 13.71 -2.04
N TYR A 81 -8.49 13.26 -1.39
CA TYR A 81 -7.53 12.36 -2.00
C TYR A 81 -8.17 11.02 -2.33
N TYR A 82 -9.29 10.72 -1.66
CA TYR A 82 -9.99 9.46 -1.88
C TYR A 82 -10.33 9.26 -3.34
N ARG A 83 -11.18 10.13 -3.89
CA ARG A 83 -11.55 10.02 -5.30
C ARG A 83 -10.31 10.17 -6.18
N ASN A 84 -9.51 11.19 -5.89
CA ASN A 84 -8.31 11.47 -6.67
C ASN A 84 -7.37 10.27 -6.72
N THR A 85 -7.20 9.59 -5.60
CA THR A 85 -6.32 8.43 -5.55
C THR A 85 -6.86 7.31 -6.44
N GLU A 86 -5.98 6.67 -7.20
CA GLU A 86 -6.38 5.60 -8.11
C GLU A 86 -5.68 4.29 -7.77
N GLY A 87 -5.03 4.25 -6.61
CA GLY A 87 -4.32 3.05 -6.20
C GLY A 87 -4.39 2.85 -4.69
N VAL A 88 -4.58 1.61 -4.26
CA VAL A 88 -4.68 1.32 -2.83
C VAL A 88 -3.80 0.14 -2.42
N ILE A 89 -2.79 0.42 -1.60
CA ILE A 89 -1.88 -0.61 -1.12
C ILE A 89 -1.88 -0.63 0.41
N PHE A 90 -2.24 -1.78 0.98
CA PHE A 90 -2.29 -1.92 2.43
C PHE A 90 -1.11 -2.75 2.95
N VAL A 91 -0.47 -2.25 4.01
CA VAL A 91 0.67 -2.94 4.60
C VAL A 91 0.48 -3.14 6.10
N VAL A 92 0.36 -4.39 6.51
CA VAL A 92 0.17 -4.73 7.92
C VAL A 92 1.41 -5.40 8.49
N ASP A 93 1.49 -5.49 9.82
CA ASP A 93 2.62 -6.11 10.49
C ASP A 93 2.39 -7.62 10.61
N SER A 94 3.30 -8.40 10.03
CA SER A 94 3.18 -9.84 10.06
C SER A 94 3.39 -10.40 11.47
N ASN A 95 4.12 -9.65 12.30
CA ASN A 95 4.36 -10.08 13.67
C ASN A 95 3.41 -9.40 14.64
N ASP A 96 2.42 -8.70 14.11
CA ASP A 96 1.43 -8.02 14.95
C ASP A 96 0.06 -8.67 14.81
N ARG A 97 -0.04 -9.92 15.27
CA ARG A 97 -1.30 -10.65 15.21
C ARG A 97 -2.36 -9.97 16.07
N SER A 98 -1.96 -9.57 17.27
CA SER A 98 -2.86 -8.92 18.21
C SER A 98 -3.52 -7.68 17.60
N ARG A 99 -2.89 -7.12 16.57
CA ARG A 99 -3.42 -5.93 15.91
C ARG A 99 -3.85 -6.22 14.47
N ILE A 100 -3.68 -7.47 14.04
CA ILE A 100 -4.04 -7.87 12.69
C ILE A 100 -5.52 -7.66 12.45
N GLY A 101 -6.32 -7.82 13.51
CA GLY A 101 -7.74 -7.61 13.40
C GLY A 101 -8.03 -6.13 13.26
N GLU A 102 -7.25 -5.33 13.97
CA GLU A 102 -7.40 -3.88 13.93
C GLU A 102 -7.08 -3.37 12.53
N ALA A 103 -6.11 -4.03 11.90
CA ALA A 103 -5.70 -3.67 10.55
C ALA A 103 -6.79 -4.04 9.55
N ARG A 104 -7.38 -5.22 9.77
CA ARG A 104 -8.45 -5.72 8.90
C ARG A 104 -9.65 -4.78 8.91
N GLU A 105 -9.99 -4.25 10.08
CA GLU A 105 -11.12 -3.34 10.21
C GLU A 105 -10.89 -2.07 9.42
N VAL A 106 -9.67 -1.54 9.51
CA VAL A 106 -9.33 -0.33 8.78
C VAL A 106 -9.37 -0.59 7.28
N MET A 107 -8.87 -1.75 6.88
CA MET A 107 -8.87 -2.14 5.47
C MET A 107 -10.29 -2.39 4.99
N GLN A 108 -11.10 -2.97 5.86
CA GLN A 108 -12.50 -3.29 5.54
C GLN A 108 -13.30 -2.02 5.26
N ARG A 109 -13.11 -1.01 6.10
CA ARG A 109 -13.81 0.26 5.94
C ARG A 109 -13.28 1.02 4.73
N MET A 110 -11.97 0.92 4.51
CA MET A 110 -11.33 1.61 3.38
C MET A 110 -11.80 1.03 2.05
N LEU A 111 -11.85 -0.29 1.96
CA LEU A 111 -12.27 -0.96 0.73
C LEU A 111 -13.75 -0.74 0.46
N ASN A 112 -14.48 -0.25 1.46
CA ASN A 112 -15.91 -0.01 1.31
C ASN A 112 -16.20 1.29 0.57
N GLU A 113 -15.14 1.94 0.06
CA GLU A 113 -15.30 3.18 -0.68
C GLU A 113 -15.73 2.92 -2.11
N ASP A 114 -16.96 3.30 -2.44
CA ASP A 114 -17.50 3.10 -3.79
C ASP A 114 -16.59 3.72 -4.84
N GLU A 115 -15.95 4.83 -4.48
CA GLU A 115 -15.03 5.53 -5.39
C GLU A 115 -13.74 4.74 -5.59
N LEU A 116 -13.54 3.72 -4.76
CA LEU A 116 -12.35 2.88 -4.85
C LEU A 116 -12.72 1.43 -5.13
N ARG A 117 -14.00 1.19 -5.43
CA ARG A 117 -14.48 -0.17 -5.71
C ARG A 117 -13.75 -0.78 -6.91
N ASN A 118 -13.17 0.07 -7.76
CA ASN A 118 -12.45 -0.41 -8.93
C ASN A 118 -10.95 -0.18 -8.80
N ALA A 119 -10.50 0.14 -7.59
CA ALA A 119 -9.09 0.38 -7.33
C ALA A 119 -8.32 -0.92 -7.12
N ALA A 120 -7.08 -0.95 -7.57
CA ALA A 120 -6.23 -2.13 -7.42
C ALA A 120 -5.72 -2.24 -6.00
N TRP A 121 -6.12 -3.29 -5.29
CA TRP A 121 -5.69 -3.49 -3.91
C TRP A 121 -4.56 -4.49 -3.80
N LEU A 122 -3.59 -4.19 -2.95
CA LEU A 122 -2.45 -5.08 -2.75
C LEU A 122 -1.99 -5.06 -1.30
N VAL A 123 -2.15 -6.18 -0.61
CA VAL A 123 -1.73 -6.28 0.79
C VAL A 123 -0.28 -6.74 0.85
N PHE A 124 0.49 -6.12 1.75
CA PHE A 124 1.90 -6.46 1.90
C PHE A 124 2.21 -6.86 3.33
N ALA A 125 2.84 -8.01 3.51
CA ALA A 125 3.22 -8.47 4.84
C ALA A 125 4.66 -8.06 5.13
N ASN A 126 4.86 -7.33 6.22
CA ASN A 126 6.20 -6.86 6.56
C ASN A 126 6.66 -7.42 7.90
N LYS A 127 7.65 -8.32 7.83
CA LYS A 127 8.27 -8.97 9.00
C LYS A 127 8.30 -10.48 8.83
N GLN A 128 8.49 -10.93 7.59
CA GLN A 128 8.54 -12.36 7.32
C GLN A 128 9.85 -12.99 7.76
N ASP A 129 10.82 -12.16 8.13
CA ASP A 129 12.12 -12.65 8.57
C ASP A 129 12.01 -13.22 9.99
N LEU A 130 10.98 -12.80 10.71
CA LEU A 130 10.74 -13.26 12.07
C LEU A 130 10.31 -14.74 12.06
N PRO A 131 10.89 -15.56 12.95
CA PRO A 131 10.54 -16.99 13.02
C PRO A 131 9.12 -17.22 13.51
N GLU A 132 8.49 -16.17 14.04
CA GLU A 132 7.13 -16.27 14.55
C GLU A 132 6.19 -15.33 13.79
N ALA A 133 6.56 -14.96 12.57
CA ALA A 133 5.75 -14.07 11.75
C ALA A 133 4.72 -14.86 10.95
N MET A 134 3.54 -14.28 10.77
CA MET A 134 2.47 -14.93 10.02
C MET A 134 2.74 -14.90 8.51
N SER A 135 2.33 -15.97 7.84
CA SER A 135 2.51 -16.08 6.39
C SER A 135 1.49 -15.24 5.65
N ALA A 136 1.84 -14.81 4.44
CA ALA A 136 0.94 -14.00 3.64
C ALA A 136 -0.39 -14.72 3.41
N ALA A 137 -0.32 -16.04 3.27
CA ALA A 137 -1.51 -16.85 3.04
C ALA A 137 -2.42 -16.82 4.26
N GLU A 138 -1.87 -17.09 5.43
CA GLU A 138 -2.65 -17.09 6.66
C GLU A 138 -3.07 -15.67 7.00
N ILE A 139 -2.21 -14.71 6.63
CA ILE A 139 -2.50 -13.30 6.87
C ILE A 139 -3.65 -12.82 6.01
N THR A 140 -3.60 -13.13 4.71
CA THR A 140 -4.65 -12.70 3.78
C THR A 140 -6.01 -13.21 4.22
N GLU A 141 -6.04 -14.43 4.73
CA GLU A 141 -7.28 -15.02 5.20
C GLU A 141 -7.70 -14.38 6.52
N LYS A 142 -6.71 -13.93 7.27
CA LYS A 142 -6.95 -13.29 8.56
C LYS A 142 -7.65 -11.95 8.38
N LEU A 143 -7.24 -11.20 7.37
CA LEU A 143 -7.82 -9.89 7.09
C LEU A 143 -9.14 -10.02 6.32
N GLY A 144 -9.64 -11.24 6.17
CA GLY A 144 -10.87 -11.45 5.45
C GLY A 144 -10.72 -11.13 3.98
N LEU A 145 -9.48 -11.19 3.49
CA LEU A 145 -9.21 -10.90 2.09
C LEU A 145 -9.85 -11.98 1.21
N HIS A 146 -10.09 -13.14 1.79
CA HIS A 146 -10.70 -14.24 1.05
C HIS A 146 -12.21 -14.03 0.91
N SER A 147 -12.78 -13.25 1.83
CA SER A 147 -14.20 -12.97 1.82
C SER A 147 -14.52 -11.80 0.87
N ILE A 148 -13.48 -11.25 0.25
CA ILE A 148 -13.66 -10.14 -0.66
C ILE A 148 -13.52 -10.60 -2.10
N ARG A 149 -14.32 -10.00 -2.99
CA ARG A 149 -14.31 -10.39 -4.40
C ARG A 149 -12.87 -10.54 -4.91
N ASN A 150 -12.48 -11.79 -5.17
CA ASN A 150 -11.13 -12.11 -5.63
C ASN A 150 -10.84 -11.59 -7.04
N ARG A 151 -9.60 -11.16 -7.25
CA ARG A 151 -9.10 -10.66 -8.53
C ARG A 151 -8.34 -9.33 -8.37
N PRO A 152 -8.92 -8.35 -7.65
CA PRO A 152 -8.31 -7.05 -7.46
C PRO A 152 -7.29 -7.00 -6.32
N TRP A 153 -7.51 -7.77 -5.25
CA TRP A 153 -6.58 -7.77 -4.12
C TRP A 153 -5.66 -8.98 -4.12
N PHE A 154 -4.37 -8.73 -3.89
CA PHE A 154 -3.37 -9.80 -3.84
C PHE A 154 -2.50 -9.62 -2.59
N ILE A 155 -1.98 -10.73 -2.06
CA ILE A 155 -1.13 -10.67 -0.87
C ILE A 155 0.27 -11.22 -1.13
N GLN A 156 1.25 -10.64 -0.46
CA GLN A 156 2.64 -11.06 -0.62
C GLN A 156 3.42 -10.92 0.69
N ALA A 157 4.13 -11.98 1.07
CA ALA A 157 4.93 -11.97 2.29
C ALA A 157 6.31 -11.41 2.00
N THR A 158 6.84 -10.59 2.89
CA THR A 158 8.15 -10.01 2.69
C THR A 158 8.90 -9.73 4.00
N CYS A 159 10.15 -9.30 3.84
CA CYS A 159 11.01 -8.93 4.95
C CYS A 159 11.57 -7.55 4.65
N ALA A 160 11.08 -6.54 5.36
CA ALA A 160 11.51 -5.16 5.11
C ALA A 160 13.00 -4.93 5.38
N THR A 161 13.55 -5.63 6.35
CA THR A 161 14.96 -5.45 6.73
C THR A 161 15.95 -6.02 5.71
N SER A 162 15.78 -7.29 5.36
CA SER A 162 16.67 -7.94 4.40
C SER A 162 16.31 -7.60 2.97
N GLY A 163 15.16 -6.97 2.79
CA GLY A 163 14.71 -6.62 1.45
C GLY A 163 14.19 -7.84 0.70
N GLU A 164 14.16 -8.98 1.36
CA GLU A 164 13.70 -10.22 0.76
C GLU A 164 12.19 -10.20 0.58
N GLY A 165 11.75 -10.22 -0.67
CA GLY A 165 10.33 -10.21 -0.94
C GLY A 165 9.83 -8.83 -1.35
N LEU A 166 10.59 -7.79 -1.00
CA LEU A 166 10.21 -6.43 -1.34
C LEU A 166 10.29 -6.20 -2.84
N TYR A 167 11.39 -6.62 -3.44
CA TYR A 167 11.58 -6.47 -4.88
C TYR A 167 10.58 -7.32 -5.66
N GLU A 168 10.45 -8.58 -5.28
CA GLU A 168 9.53 -9.49 -5.94
C GLU A 168 8.07 -9.06 -5.76
N GLY A 169 7.80 -8.36 -4.67
CA GLY A 169 6.44 -7.90 -4.41
C GLY A 169 6.05 -6.71 -5.25
N LEU A 170 6.98 -5.77 -5.41
CA LEU A 170 6.73 -4.57 -6.21
C LEU A 170 6.79 -4.92 -7.69
N GLU A 171 7.83 -5.65 -8.07
CA GLU A 171 8.00 -6.06 -9.46
C GLU A 171 6.73 -6.72 -9.97
N TRP A 172 6.19 -7.64 -9.17
CA TRP A 172 4.97 -8.34 -9.53
C TRP A 172 3.82 -7.34 -9.68
N LEU A 173 3.78 -6.38 -8.77
CA LEU A 173 2.75 -5.34 -8.79
C LEU A 173 2.80 -4.56 -10.10
N SER A 174 4.01 -4.33 -10.60
CA SER A 174 4.20 -3.60 -11.84
C SER A 174 3.56 -4.32 -13.03
N ASN A 175 3.78 -5.63 -13.10
CA ASN A 175 3.23 -6.44 -14.19
C ASN A 175 1.71 -6.35 -14.21
N SER A 176 1.09 -6.54 -13.05
CA SER A 176 -0.36 -6.48 -12.94
C SER A 176 -0.86 -5.10 -13.35
N LEU A 177 -0.06 -4.09 -13.05
CA LEU A 177 -0.40 -2.71 -13.39
C LEU A 177 -0.06 -2.41 -14.86
N LYS A 178 0.80 -3.23 -15.45
CA LYS A 178 1.22 -3.04 -16.83
C LYS A 178 0.27 -3.74 -17.82
N ASN A 179 -0.39 -4.79 -17.35
CA ASN A 179 -1.31 -5.54 -18.21
C ASN A 179 -2.75 -5.08 -18.00
N SER A 180 -3.31 -5.38 -16.83
CA SER A 180 -4.68 -5.01 -16.51
C SER A 180 -5.07 -5.49 -15.12
N THR A 181 -6.36 -5.41 -14.80
CA THR A 181 -6.85 -5.84 -13.50
C THR A 181 -7.52 -7.21 -13.60
PB GDP B . 6.26 2.80 10.63
O1B GDP B . 5.15 1.80 10.12
O2B GDP B . 7.02 3.53 9.42
O3B GDP B . 5.72 3.84 11.71
O3A GDP B . 7.37 1.91 11.38
PA GDP B . 8.92 2.07 11.00
O1A GDP B . 9.38 3.57 11.30
O2A GDP B . 9.14 1.59 9.50
O5' GDP B . 9.69 1.09 11.99
C5' GDP B . 9.88 -0.28 11.67
C4' GDP B . 10.64 -0.98 12.76
O4' GDP B . 10.04 -2.28 12.99
C3' GDP B . 12.11 -1.25 12.46
O3' GDP B . 12.94 -0.22 12.98
C2' GDP B . 12.37 -2.59 13.15
O2' GDP B . 12.57 -2.42 14.54
C1' GDP B . 11.03 -3.28 12.93
N9 GDP B . 10.92 -3.97 11.64
C8 GDP B . 10.73 -3.38 10.42
N7 GDP B . 10.66 -4.25 9.44
C5 GDP B . 10.82 -5.48 10.07
C6 GDP B . 10.84 -6.79 9.52
O6 GDP B . 10.72 -7.13 8.34
N1 GDP B . 11.03 -7.75 10.51
C2 GDP B . 11.18 -7.48 11.85
N2 GDP B . 11.36 -8.55 12.65
N3 GDP B . 11.16 -6.27 12.36
C4 GDP B . 10.98 -5.32 11.43
H5' GDP B . 10.44 -0.37 10.73
H5'' GDP B . 8.91 -0.77 11.55
H4' GDP B . 10.62 -0.33 13.65
H3' GDP B . 12.30 -1.28 11.40
HO3' GDP B . 13.82 -0.60 13.11
H2' GDP B . 13.19 -3.12 12.66
HO2' GDP B . 12.79 -3.27 14.90
H1' GDP B . 10.80 -4.00 13.72
H8 GDP B . 10.64 -2.31 10.27
HN1 GDP B . 11.04 -8.72 10.23
HN21 GDP B . 11.48 -8.42 13.64
HN22 GDP B . 11.36 -9.48 12.26
C1 MYR A 1 11.74 5.32 -13.12
O1 MYR A 1 11.41 6.50 -13.25
C2 MYR A 1 11.16 4.47 -12.00
C3 MYR A 1 9.66 4.26 -12.13
C4 MYR A 1 9.32 2.83 -12.53
C5 MYR A 1 9.27 1.93 -11.31
C6 MYR A 1 7.85 1.73 -10.81
C7 MYR A 1 7.60 2.49 -9.51
C8 MYR A 1 6.13 2.52 -9.15
C9 MYR A 1 5.91 2.33 -7.67
C10 MYR A 1 5.66 0.87 -7.31
C11 MYR A 1 4.25 0.44 -7.66
C12 MYR A 1 4.22 -0.42 -8.92
C13 MYR A 1 3.61 0.33 -10.09
C14 MYR A 1 2.27 -0.19 -10.53
H21 MYR A 1 11.35 4.96 -11.06
H22 MYR A 1 11.64 3.50 -12.02
H31 MYR A 1 9.28 4.93 -12.90
H32 MYR A 1 9.18 4.49 -11.19
H41 MYR A 1 10.08 2.47 -13.21
H42 MYR A 1 8.36 2.82 -13.01
H51 MYR A 1 9.86 2.36 -10.52
H52 MYR A 1 9.68 0.96 -11.58
H61 MYR A 1 7.67 0.68 -10.65
H62 MYR A 1 7.16 2.10 -11.56
H71 MYR A 1 7.97 3.50 -9.62
H72 MYR A 1 8.14 1.99 -8.72
H81 MYR A 1 5.62 1.73 -9.69
H82 MYR A 1 5.72 3.48 -9.46
H91 MYR A 1 5.05 2.92 -7.37
H92 MYR A 1 6.78 2.68 -7.13
H101 MYR A 1 5.83 0.74 -6.26
H102 MYR A 1 6.36 0.26 -7.87
H111 MYR A 1 3.64 1.32 -7.82
H112 MYR A 1 3.85 -0.13 -6.84
H121 MYR A 1 3.62 -1.30 -8.72
H122 MYR A 1 5.22 -0.71 -9.17
H131 MYR A 1 4.29 0.27 -10.94
H132 MYR A 1 3.48 1.37 -9.81
H141 MYR A 1 2.24 -1.27 -10.42
H142 MYR A 1 2.10 0.06 -11.57
H143 MYR A 1 1.49 0.25 -9.92
N GLY A 2 12.60 4.72 -13.92
CA GLY A 2 13.22 5.45 -15.03
C GLY A 2 14.72 5.37 -15.00
N LEU A 3 15.25 4.14 -14.89
CA LEU A 3 16.70 3.93 -14.86
C LEU A 3 17.25 3.76 -16.27
N PHE A 4 18.50 4.18 -16.46
CA PHE A 4 19.15 4.07 -17.75
C PHE A 4 19.71 2.67 -17.97
N ALA A 5 19.20 1.99 -19.00
CA ALA A 5 19.65 0.64 -19.31
C ALA A 5 19.81 0.45 -20.82
N SER A 6 18.72 0.62 -21.56
CA SER A 6 18.75 0.48 -23.00
C SER A 6 17.51 1.12 -23.64
N LYS A 7 16.33 0.70 -23.19
CA LYS A 7 15.09 1.23 -23.71
C LYS A 7 13.91 0.87 -22.80
N LEU A 8 12.92 1.74 -22.75
CA LEU A 8 11.74 1.53 -21.92
C LEU A 8 10.48 1.40 -22.77
N PHE A 9 9.99 0.18 -22.90
CA PHE A 9 8.79 -0.08 -23.69
C PHE A 9 7.53 0.26 -22.90
N SER A 10 7.52 -0.10 -21.62
CA SER A 10 6.38 0.17 -20.75
C SER A 10 6.14 1.66 -20.62
N ASN A 11 5.22 2.19 -21.42
CA ASN A 11 4.90 3.61 -21.37
C ASN A 11 3.39 3.84 -21.24
N LEU A 12 2.69 2.81 -20.76
CA LEU A 12 1.23 2.86 -20.58
C LEU A 12 0.74 4.29 -20.33
N PHE A 13 0.30 4.96 -21.40
CA PHE A 13 -0.18 6.33 -21.30
C PHE A 13 -1.69 6.39 -21.51
N GLY A 14 -2.38 5.31 -21.13
CA GLY A 14 -3.83 5.26 -21.29
C GLY A 14 -4.57 6.44 -20.69
N ASN A 15 -3.85 7.25 -19.90
CA ASN A 15 -4.43 8.44 -19.26
C ASN A 15 -4.97 8.11 -17.87
N LYS A 16 -5.04 6.82 -17.55
CA LYS A 16 -5.54 6.39 -16.25
C LYS A 16 -4.47 6.57 -15.18
N GLU A 17 -4.37 7.79 -14.65
CA GLU A 17 -3.39 8.12 -13.61
C GLU A 17 -3.40 7.07 -12.50
N MET A 18 -2.29 7.00 -11.76
CA MET A 18 -2.17 6.04 -10.67
C MET A 18 -1.59 6.71 -9.42
N ARG A 19 -2.26 6.52 -8.29
CA ARG A 19 -1.78 7.11 -7.04
C ARG A 19 -1.85 6.09 -5.92
N ILE A 20 -0.73 5.44 -5.67
CA ILE A 20 -0.65 4.40 -4.65
C ILE A 20 -0.51 4.99 -3.24
N LEU A 21 -1.53 4.73 -2.42
CA LEU A 21 -1.53 5.21 -1.04
C LEU A 21 -1.23 4.05 -0.09
N MET A 22 -0.50 4.34 0.98
CA MET A 22 -0.15 3.31 1.95
C MET A 22 -1.05 3.38 3.18
N VAL A 23 -1.93 2.39 3.32
CA VAL A 23 -2.85 2.33 4.44
C VAL A 23 -2.64 1.06 5.25
N GLY A 24 -2.80 1.17 6.56
CA GLY A 24 -2.62 0.01 7.42
C GLY A 24 -2.24 0.41 8.83
N LEU A 25 -1.84 -0.57 9.64
CA LEU A 25 -1.45 -0.31 11.01
C LEU A 25 -0.18 0.52 11.06
N ASP A 26 -0.14 1.49 11.96
CA ASP A 26 1.03 2.35 12.12
C ASP A 26 2.25 1.51 12.48
N GLY A 27 3.43 1.99 12.13
CA GLY A 27 4.65 1.26 12.43
C GLY A 27 4.78 -0.03 11.64
N ALA A 28 3.88 -0.26 10.69
CA ALA A 28 3.91 -1.47 9.87
C ALA A 28 5.14 -1.51 8.98
N GLY A 29 5.76 -0.35 8.76
CA GLY A 29 6.94 -0.29 7.92
C GLY A 29 6.83 0.75 6.83
N LYS A 30 6.05 1.81 7.08
CA LYS A 30 5.88 2.87 6.11
C LYS A 30 7.18 3.66 5.94
N THR A 31 7.99 3.66 6.99
CA THR A 31 9.27 4.37 6.97
C THR A 31 10.33 3.56 6.21
N THR A 32 10.32 2.25 6.42
CA THR A 32 11.27 1.37 5.76
C THR A 32 11.01 1.32 4.25
N VAL A 33 9.76 1.08 3.89
CA VAL A 33 9.38 1.00 2.48
C VAL A 33 9.59 2.34 1.77
N LEU A 34 9.33 3.43 2.48
CA LEU A 34 9.50 4.76 1.91
C LEU A 34 10.93 4.91 1.37
N TYR A 35 11.90 4.59 2.21
CA TYR A 35 13.31 4.69 1.81
C TYR A 35 13.57 3.84 0.57
N LYS A 36 12.96 2.65 0.51
CA LYS A 36 13.15 1.77 -0.63
C LYS A 36 12.80 2.47 -1.94
N LEU A 37 11.80 3.34 -1.87
CA LEU A 37 11.36 4.10 -3.04
C LEU A 37 12.19 5.38 -3.18
N LYS A 38 12.64 5.90 -2.06
CA LYS A 38 13.43 7.12 -2.03
C LYS A 38 12.64 8.30 -2.61
N LEU A 39 12.64 8.41 -3.93
CA LEU A 39 11.93 9.48 -4.62
C LEU A 39 12.63 10.84 -4.45
N GLY A 40 13.61 10.89 -3.54
CA GLY A 40 14.32 12.14 -3.31
C GLY A 40 14.05 12.69 -1.92
N GLU A 41 12.99 13.47 -1.79
CA GLU A 41 12.62 14.05 -0.50
C GLU A 41 11.10 14.14 -0.37
N VAL A 42 10.57 13.55 0.71
CA VAL A 42 9.14 13.55 0.96
C VAL A 42 8.70 14.85 1.62
N ILE A 43 7.54 15.36 1.20
CA ILE A 43 7.00 16.59 1.75
C ILE A 43 6.18 16.32 3.01
N THR A 44 6.44 17.10 4.05
CA THR A 44 5.73 16.95 5.32
C THR A 44 4.46 17.79 5.33
N THR A 45 3.32 17.13 5.19
CA THR A 45 2.04 17.81 5.18
C THR A 45 1.28 17.57 6.49
N ILE A 46 0.57 18.59 6.94
CA ILE A 46 -0.20 18.50 8.18
C ILE A 46 -1.69 18.60 7.89
N PRO A 47 -2.41 17.46 7.95
CA PRO A 47 -3.85 17.44 7.69
C PRO A 47 -4.66 18.18 8.73
N THR A 48 -4.43 17.87 10.01
CA THR A 48 -5.14 18.51 11.10
C THR A 48 -4.24 18.66 12.32
N ILE A 49 -4.46 19.75 13.07
CA ILE A 49 -3.69 20.09 14.26
C ILE A 49 -3.00 18.88 14.94
N GLY A 50 -3.70 17.75 15.03
CA GLY A 50 -3.11 16.59 15.68
C GLY A 50 -2.98 15.37 14.77
N PHE A 51 -2.61 15.61 13.51
CA PHE A 51 -2.45 14.53 12.55
C PHE A 51 -1.25 14.80 11.63
N ASN A 52 -0.64 13.74 11.12
CA ASN A 52 0.51 13.88 10.22
C ASN A 52 0.37 12.99 8.99
N VAL A 53 0.65 13.55 7.82
CA VAL A 53 0.57 12.80 6.57
C VAL A 53 1.77 13.08 5.67
N GLU A 54 2.22 12.05 4.96
CA GLU A 54 3.37 12.19 4.07
C GLU A 54 2.92 12.06 2.61
N THR A 55 3.48 12.89 1.75
CA THR A 55 3.14 12.88 0.33
C THR A 55 4.40 12.95 -0.54
N VAL A 56 4.50 12.05 -1.51
CA VAL A 56 5.65 12.00 -2.41
C VAL A 56 5.20 11.89 -3.86
N GLN A 57 5.96 12.52 -4.76
CA GLN A 57 5.66 12.48 -6.19
C GLN A 57 6.80 11.87 -6.97
N TYR A 58 6.47 11.01 -7.94
CA TYR A 58 7.48 10.36 -8.77
C TYR A 58 7.07 10.37 -10.23
N LYS A 59 7.58 11.36 -10.97
CA LYS A 59 7.28 11.50 -12.40
C LYS A 59 5.77 11.62 -12.63
N ASN A 60 5.09 10.48 -12.72
CA ASN A 60 3.64 10.47 -12.95
C ASN A 60 2.92 9.78 -11.80
N ILE A 61 3.51 8.73 -11.26
CA ILE A 61 2.92 7.99 -10.16
C ILE A 61 3.17 8.70 -8.84
N SER A 62 2.11 8.92 -8.08
CA SER A 62 2.22 9.60 -6.79
C SER A 62 1.98 8.63 -5.64
N PHE A 63 2.75 8.80 -4.56
CA PHE A 63 2.62 7.94 -3.39
C PHE A 63 2.38 8.76 -2.13
N THR A 64 1.58 8.23 -1.22
CA THR A 64 1.28 8.92 0.03
C THR A 64 0.95 7.93 1.14
N VAL A 65 1.57 8.13 2.31
CA VAL A 65 1.34 7.24 3.45
C VAL A 65 0.50 7.91 4.52
N TRP A 66 -0.28 7.11 5.25
CA TRP A 66 -1.14 7.62 6.32
C TRP A 66 -1.42 6.51 7.34
N ASP A 67 -1.14 6.80 8.61
CA ASP A 67 -1.37 5.85 9.68
C ASP A 67 -2.84 5.50 9.82
N VAL A 68 -3.17 4.22 9.60
CA VAL A 68 -4.54 3.73 9.70
C VAL A 68 -5.59 4.79 9.37
N GLY A 69 -5.87 4.96 8.07
CA GLY A 69 -6.86 5.93 7.65
C GLY A 69 -8.27 5.34 7.65
N GLY A 70 -8.50 4.39 8.55
CA GLY A 70 -9.80 3.74 8.65
C GLY A 70 -10.86 4.61 9.28
N GLN A 71 -10.66 5.92 9.29
CA GLN A 71 -11.63 6.85 9.87
C GLN A 71 -11.46 8.23 9.23
N ASP A 72 -10.96 8.25 7.99
CA ASP A 72 -10.73 9.50 7.26
C ASP A 72 -11.86 10.50 7.46
N ARG A 73 -11.53 11.66 8.00
CA ARG A 73 -12.52 12.71 8.24
C ARG A 73 -11.86 13.90 8.94
N ILE A 74 -11.61 14.97 8.18
CA ILE A 74 -10.98 16.17 8.74
C ILE A 74 -11.66 17.44 8.23
N ARG A 75 -11.96 17.48 6.92
CA ARG A 75 -12.61 18.64 6.33
C ARG A 75 -12.81 18.43 4.82
N SER A 76 -11.74 18.58 4.06
CA SER A 76 -11.83 18.41 2.60
C SER A 76 -10.54 17.84 2.02
N LEU A 77 -9.64 17.37 2.90
CA LEU A 77 -8.38 16.80 2.44
C LEU A 77 -8.60 15.42 1.84
N TRP A 78 -9.29 14.56 2.59
CA TRP A 78 -9.59 13.21 2.13
C TRP A 78 -10.27 13.22 0.76
N ARG A 79 -11.16 14.18 0.56
CA ARG A 79 -11.88 14.31 -0.71
C ARG A 79 -10.90 14.53 -1.87
N HIS A 80 -10.10 15.59 -1.75
CA HIS A 80 -9.13 15.93 -2.79
C HIS A 80 -8.30 14.71 -3.15
N TYR A 81 -7.78 14.03 -2.13
CA TYR A 81 -6.97 12.83 -2.34
C TYR A 81 -7.85 11.65 -2.76
N TYR A 82 -9.14 11.75 -2.46
CA TYR A 82 -10.08 10.69 -2.80
C TYR A 82 -10.03 10.42 -4.30
N ARG A 83 -10.54 11.35 -5.09
CA ARG A 83 -10.53 11.19 -6.54
C ARG A 83 -9.10 10.98 -7.04
N ASN A 84 -8.17 11.78 -6.51
CA ASN A 84 -6.77 11.71 -6.90
C ASN A 84 -6.19 10.31 -6.70
N THR A 85 -6.46 9.70 -5.55
CA THR A 85 -5.95 8.38 -5.25
C THR A 85 -6.40 7.36 -6.31
N GLU A 86 -5.44 6.75 -6.98
CA GLU A 86 -5.74 5.75 -8.01
C GLU A 86 -5.09 4.42 -7.67
N GLY A 87 -4.46 4.35 -6.50
CA GLY A 87 -3.79 3.14 -6.08
C GLY A 87 -3.99 2.87 -4.60
N VAL A 88 -4.39 1.64 -4.27
CA VAL A 88 -4.64 1.28 -2.88
C VAL A 88 -3.89 0.01 -2.48
N ILE A 89 -2.90 0.17 -1.60
CA ILE A 89 -2.10 -0.94 -1.11
C ILE A 89 -2.11 -0.97 0.41
N PHE A 90 -2.46 -2.11 0.98
CA PHE A 90 -2.51 -2.25 2.43
C PHE A 90 -1.28 -3.00 2.95
N VAL A 91 -0.58 -2.39 3.90
CA VAL A 91 0.60 -3.00 4.49
C VAL A 91 0.42 -3.20 5.99
N VAL A 92 0.39 -4.45 6.41
CA VAL A 92 0.20 -4.77 7.82
C VAL A 92 1.46 -5.41 8.42
N ASP A 93 1.54 -5.40 9.75
CA ASP A 93 2.69 -5.97 10.44
C ASP A 93 2.50 -7.47 10.63
N SER A 94 3.42 -8.26 10.08
CA SER A 94 3.34 -9.71 10.17
C SER A 94 3.71 -10.22 11.56
N ASN A 95 4.41 -9.40 12.33
CA ASN A 95 4.80 -9.79 13.68
C ASN A 95 3.89 -9.15 14.72
N ASP A 96 2.83 -8.48 14.26
CA ASP A 96 1.88 -7.83 15.16
C ASP A 96 0.49 -8.43 14.97
N ARG A 97 0.33 -9.68 15.39
CA ARG A 97 -0.96 -10.37 15.30
C ARG A 97 -2.00 -9.68 16.17
N SER A 98 -1.58 -9.26 17.35
CA SER A 98 -2.47 -8.59 18.29
C SER A 98 -3.16 -7.39 17.65
N ARG A 99 -2.58 -6.86 16.57
CA ARG A 99 -3.16 -5.72 15.88
C ARG A 99 -3.62 -6.09 14.47
N ILE A 100 -3.48 -7.36 14.11
CA ILE A 100 -3.89 -7.83 12.79
C ILE A 100 -5.37 -7.58 12.57
N GLY A 101 -6.15 -7.75 13.63
CA GLY A 101 -7.58 -7.51 13.53
C GLY A 101 -7.84 -6.04 13.34
N GLU A 102 -7.05 -5.22 14.02
CA GLU A 102 -7.17 -3.77 13.91
C GLU A 102 -6.93 -3.33 12.47
N ALA A 103 -6.02 -4.03 11.81
CA ALA A 103 -5.69 -3.75 10.43
C ALA A 103 -6.80 -4.23 9.51
N ARG A 104 -7.35 -5.40 9.83
CA ARG A 104 -8.44 -5.98 9.03
C ARG A 104 -9.64 -5.04 8.95
N GLU A 105 -9.95 -4.39 10.05
CA GLU A 105 -11.08 -3.46 10.11
C GLU A 105 -10.78 -2.20 9.32
N VAL A 106 -9.55 -1.73 9.44
CA VAL A 106 -9.12 -0.53 8.72
C VAL A 106 -9.16 -0.77 7.22
N MET A 107 -8.63 -1.92 6.80
CA MET A 107 -8.63 -2.25 5.38
C MET A 107 -10.05 -2.54 4.88
N GLN A 108 -10.85 -3.15 5.75
CA GLN A 108 -12.23 -3.49 5.40
C GLN A 108 -13.06 -2.23 5.18
N ARG A 109 -12.93 -1.27 6.09
CA ARG A 109 -13.66 -0.02 5.97
C ARG A 109 -13.28 0.69 4.68
N MET A 110 -12.00 0.67 4.36
CA MET A 110 -11.50 1.31 3.14
C MET A 110 -12.02 0.58 1.90
N LEU A 111 -12.04 -0.75 1.97
CA LEU A 111 -12.50 -1.56 0.85
C LEU A 111 -13.98 -1.31 0.54
N ASN A 112 -14.71 -0.76 1.53
CA ASN A 112 -16.12 -0.48 1.36
C ASN A 112 -16.36 0.81 0.57
N GLU A 113 -15.29 1.42 0.06
CA GLU A 113 -15.39 2.65 -0.70
C GLU A 113 -15.85 2.37 -2.13
N ASP A 114 -17.08 2.75 -2.45
CA ASP A 114 -17.64 2.54 -3.78
C ASP A 114 -16.72 3.13 -4.86
N GLU A 115 -16.09 4.24 -4.54
CA GLU A 115 -15.18 4.90 -5.47
C GLU A 115 -13.85 4.15 -5.59
N LEU A 116 -13.64 3.20 -4.69
CA LEU A 116 -12.42 2.40 -4.70
C LEU A 116 -12.72 0.97 -5.12
N ARG A 117 -13.96 0.71 -5.52
CA ARG A 117 -14.37 -0.63 -5.94
C ARG A 117 -13.72 -1.01 -7.28
N ASN A 118 -13.23 -0.02 -8.01
CA ASN A 118 -12.60 -0.26 -9.31
C ASN A 118 -11.07 -0.11 -9.22
N ALA A 119 -10.58 0.26 -8.05
CA ALA A 119 -9.15 0.44 -7.85
C ALA A 119 -8.45 -0.88 -7.53
N ALA A 120 -7.18 -0.98 -7.91
CA ALA A 120 -6.40 -2.19 -7.67
C ALA A 120 -6.00 -2.27 -6.21
N TRP A 121 -6.31 -3.40 -5.56
CA TRP A 121 -5.99 -3.59 -4.15
C TRP A 121 -4.89 -4.64 -3.97
N LEU A 122 -3.94 -4.35 -3.08
CA LEU A 122 -2.85 -5.28 -2.82
C LEU A 122 -2.51 -5.29 -1.33
N VAL A 123 -2.28 -6.48 -0.78
CA VAL A 123 -1.95 -6.61 0.62
C VAL A 123 -0.50 -7.02 0.80
N PHE A 124 0.32 -6.08 1.24
CA PHE A 124 1.74 -6.32 1.45
C PHE A 124 2.02 -6.72 2.90
N ALA A 125 2.61 -7.90 3.07
CA ALA A 125 2.97 -8.38 4.41
C ALA A 125 4.41 -8.02 4.70
N ASN A 126 4.66 -7.34 5.81
CA ASN A 126 6.02 -6.92 6.15
C ASN A 126 6.45 -7.42 7.52
N LYS A 127 7.39 -8.36 7.50
CA LYS A 127 7.99 -8.99 8.71
C LYS A 127 8.09 -10.49 8.54
N GLN A 128 8.30 -10.95 7.30
CA GLN A 128 8.39 -12.38 7.04
C GLN A 128 9.72 -12.97 7.50
N ASP A 129 10.68 -12.10 7.84
CA ASP A 129 11.98 -12.57 8.29
C ASP A 129 11.93 -12.94 9.77
N LEU A 130 10.93 -12.43 10.47
CA LEU A 130 10.76 -12.72 11.89
C LEU A 130 10.41 -14.20 12.10
N PRO A 131 11.14 -14.89 12.98
CA PRO A 131 10.91 -16.32 13.26
C PRO A 131 9.52 -16.59 13.80
N GLU A 132 8.92 -15.57 14.40
CA GLU A 132 7.58 -15.70 14.98
C GLU A 132 6.55 -14.92 14.15
N ALA A 133 6.85 -14.70 12.88
CA ALA A 133 5.95 -13.98 11.99
C ALA A 133 4.96 -14.92 11.33
N MET A 134 3.75 -14.43 11.06
CA MET A 134 2.72 -15.24 10.43
C MET A 134 2.96 -15.33 8.92
N SER A 135 2.59 -16.45 8.34
CA SER A 135 2.75 -16.67 6.91
C SER A 135 1.68 -15.94 6.13
N ALA A 136 2.00 -15.53 4.90
CA ALA A 136 1.04 -14.82 4.07
C ALA A 136 -0.30 -15.54 4.01
N ALA A 137 -0.25 -16.87 3.96
CA ALA A 137 -1.46 -17.67 3.91
C ALA A 137 -2.30 -17.47 5.17
N GLU A 138 -1.64 -17.48 6.33
CA GLU A 138 -2.33 -17.29 7.60
C GLU A 138 -2.86 -15.87 7.72
N ILE A 139 -2.10 -14.91 7.18
CA ILE A 139 -2.52 -13.51 7.24
C ILE A 139 -3.72 -13.31 6.35
N THR A 140 -3.69 -13.93 5.17
CA THR A 140 -4.78 -13.82 4.21
C THR A 140 -6.09 -14.27 4.83
N GLU A 141 -6.04 -15.34 5.60
CA GLU A 141 -7.22 -15.86 6.26
C GLU A 141 -7.59 -14.98 7.45
N LYS A 142 -6.57 -14.41 8.07
CA LYS A 142 -6.77 -13.55 9.24
C LYS A 142 -7.43 -12.23 8.87
N LEU A 143 -7.01 -11.64 7.75
CA LEU A 143 -7.59 -10.38 7.31
C LEU A 143 -8.87 -10.61 6.52
N GLY A 144 -9.30 -11.86 6.42
CA GLY A 144 -10.49 -12.15 5.68
C GLY A 144 -10.30 -11.92 4.20
N LEU A 145 -9.05 -12.01 3.75
CA LEU A 145 -8.74 -11.85 2.34
C LEU A 145 -9.50 -12.89 1.53
N HIS A 146 -9.77 -14.02 2.18
CA HIS A 146 -10.51 -15.10 1.53
C HIS A 146 -12.00 -14.76 1.47
N SER A 147 -12.44 -13.89 2.38
CA SER A 147 -13.83 -13.48 2.45
C SER A 147 -14.19 -12.52 1.33
N ILE A 148 -13.19 -12.05 0.59
CA ILE A 148 -13.47 -11.12 -0.50
C ILE A 148 -13.40 -11.82 -1.85
N ARG A 149 -14.30 -11.41 -2.74
CA ARG A 149 -14.35 -11.98 -4.08
C ARG A 149 -12.94 -12.10 -4.66
N ASN A 150 -12.74 -13.05 -5.57
CA ASN A 150 -11.43 -13.28 -6.15
C ASN A 150 -11.17 -12.30 -7.30
N ARG A 151 -9.96 -11.71 -7.28
CA ARG A 151 -9.52 -10.72 -8.30
C ARG A 151 -9.23 -9.35 -7.68
N PRO A 152 -10.10 -8.87 -6.76
CA PRO A 152 -9.92 -7.56 -6.11
C PRO A 152 -8.47 -7.28 -5.72
N TRP A 153 -7.91 -8.10 -4.82
CA TRP A 153 -6.54 -7.87 -4.38
C TRP A 153 -5.70 -9.14 -4.34
N PHE A 154 -4.39 -8.94 -4.24
CA PHE A 154 -3.44 -10.05 -4.17
C PHE A 154 -2.64 -9.94 -2.87
N ILE A 155 -2.14 -11.07 -2.39
CA ILE A 155 -1.37 -11.08 -1.14
C ILE A 155 0.03 -11.65 -1.37
N GLN A 156 1.02 -11.04 -0.72
CA GLN A 156 2.41 -11.49 -0.85
C GLN A 156 3.21 -11.25 0.42
N ALA A 157 3.95 -12.27 0.84
CA ALA A 157 4.78 -12.18 2.04
C ALA A 157 6.15 -11.62 1.68
N THR A 158 6.69 -10.75 2.54
CA THR A 158 8.00 -10.16 2.26
C THR A 158 8.77 -9.84 3.53
N CYS A 159 10.01 -9.40 3.33
CA CYS A 159 10.88 -9.02 4.42
C CYS A 159 11.42 -7.63 4.12
N ALA A 160 10.90 -6.62 4.79
CA ALA A 160 11.31 -5.24 4.53
C ALA A 160 12.79 -4.98 4.78
N THR A 161 13.36 -5.66 5.77
CA THR A 161 14.76 -5.45 6.13
C THR A 161 15.75 -6.03 5.12
N SER A 162 15.59 -7.31 4.79
CA SER A 162 16.49 -7.97 3.85
C SER A 162 16.12 -7.67 2.40
N GLY A 163 14.98 -7.02 2.21
CA GLY A 163 14.51 -6.71 0.87
C GLY A 163 13.99 -7.94 0.14
N GLU A 164 13.96 -9.07 0.83
CA GLU A 164 13.49 -10.31 0.25
C GLU A 164 11.99 -10.30 0.09
N GLY A 165 11.53 -10.35 -1.16
CA GLY A 165 10.11 -10.35 -1.43
C GLY A 165 9.61 -8.98 -1.86
N LEU A 166 10.38 -7.94 -1.53
CA LEU A 166 9.99 -6.59 -1.88
C LEU A 166 10.06 -6.37 -3.39
N TYR A 167 11.14 -6.85 -4.00
CA TYR A 167 11.33 -6.72 -5.44
C TYR A 167 10.28 -7.53 -6.21
N GLU A 168 10.07 -8.77 -5.80
CA GLU A 168 9.11 -9.65 -6.46
C GLU A 168 7.66 -9.17 -6.26
N GLY A 169 7.42 -8.46 -5.17
CA GLY A 169 6.07 -7.97 -4.90
C GLY A 169 5.66 -6.82 -5.80
N LEU A 170 6.60 -5.90 -6.03
CA LEU A 170 6.33 -4.76 -6.89
C LEU A 170 6.34 -5.19 -8.35
N GLU A 171 7.33 -6.00 -8.71
CA GLU A 171 7.45 -6.50 -10.07
C GLU A 171 6.13 -7.14 -10.50
N TRP A 172 5.58 -7.98 -9.63
CA TRP A 172 4.32 -8.65 -9.91
C TRP A 172 3.20 -7.63 -10.06
N LEU A 173 3.16 -6.67 -9.15
CA LEU A 173 2.15 -5.62 -9.17
C LEU A 173 2.24 -4.83 -10.47
N SER A 174 3.45 -4.61 -10.95
CA SER A 174 3.67 -3.87 -12.19
C SER A 174 3.01 -4.57 -13.37
N ASN A 175 3.14 -5.89 -13.41
CA ASN A 175 2.55 -6.68 -14.49
C ASN A 175 1.05 -6.47 -14.57
N SER A 176 0.40 -6.52 -13.41
CA SER A 176 -1.04 -6.33 -13.35
C SER A 176 -1.44 -4.93 -13.78
N LEU A 177 -0.56 -3.97 -13.55
CA LEU A 177 -0.82 -2.58 -13.91
C LEU A 177 -0.54 -2.33 -15.39
N LYS A 178 0.42 -3.07 -15.94
CA LYS A 178 0.78 -2.93 -17.35
C LYS A 178 -0.07 -3.86 -18.23
N ASN A 179 -0.09 -5.14 -17.90
CA ASN A 179 -0.85 -6.12 -18.66
C ASN A 179 -0.31 -6.23 -20.08
N SER A 180 0.02 -7.46 -20.49
CA SER A 180 0.55 -7.71 -21.82
C SER A 180 -0.03 -8.99 -22.41
N THR A 181 0.36 -10.12 -21.84
CA THR A 181 -0.13 -11.42 -22.32
C THR A 181 -1.30 -11.91 -21.46
PB GDP B . 5.72 3.15 10.04
O1B GDP B . 4.58 2.37 9.24
O2B GDP B . 6.52 4.17 9.12
O3B GDP B . 5.18 3.83 11.37
O3A GDP B . 6.77 2.03 10.50
PA GDP B . 8.35 2.27 10.28
O1A GDP B . 8.74 3.72 10.78
O2A GDP B . 8.71 1.96 8.75
O5' GDP B . 9.07 1.20 11.21
C5' GDP B . 9.68 0.04 10.65
C4' GDP B . 10.69 -0.54 11.62
O4' GDP B . 10.22 -1.83 12.07
C3' GDP B . 12.08 -0.77 11.04
O3' GDP B . 12.95 0.33 11.31
C2' GDP B . 12.54 -2.04 11.75
O2' GDP B . 13.02 -1.76 13.05
C1' GDP B . 11.23 -2.80 11.86
N9 GDP B . 10.89 -3.59 10.68
C8 GDP B . 10.42 -3.12 9.49
N7 GDP B . 10.20 -4.05 8.61
C5 GDP B . 10.55 -5.23 9.27
C6 GDP B . 10.52 -6.58 8.84
O6 GDP B . 10.17 -7.02 7.73
N1 GDP B . 10.96 -7.44 9.83
C2 GDP B . 11.38 -7.06 11.08
N2 GDP B . 11.77 -8.05 11.89
N3 GDP B . 11.41 -5.81 11.50
C4 GDP B . 10.98 -4.95 10.56
H5' GDP B . 10.20 0.30 9.72
H5'' GDP B . 8.93 -0.72 10.44
H4' GDP B . 10.81 0.19 12.43
H3' GDP B . 12.06 -0.88 9.96
HO3' GDP B . 13.85 0.00 11.27
H2' GDP B . 13.27 -2.58 11.14
HO2' GDP B . 13.57 -2.49 13.31
H1' GDP B . 11.21 -3.46 12.72
H8 GDP B . 10.24 -2.07 9.28
HN1 GDP B . 10.98 -8.43 9.62
HN21 GDP B . 12.09 -7.84 12.83
HN22 GDP B . 11.76 -9.01 11.57
C1 MYR A 1 12.10 3.60 -11.46
O1 MYR A 1 12.80 4.50 -11.93
C2 MYR A 1 10.68 3.37 -11.94
C3 MYR A 1 9.68 3.28 -10.80
C4 MYR A 1 9.28 4.64 -10.29
C5 MYR A 1 8.10 4.57 -9.33
C6 MYR A 1 8.02 5.79 -8.45
C7 MYR A 1 7.46 5.46 -7.07
C8 MYR A 1 5.94 5.38 -7.09
C9 MYR A 1 5.46 3.96 -7.39
C10 MYR A 1 5.61 3.07 -6.18
C11 MYR A 1 4.84 1.77 -6.35
C12 MYR A 1 5.35 0.97 -7.54
C13 MYR A 1 4.41 -0.17 -7.89
C14 MYR A 1 3.58 0.09 -9.13
H21 MYR A 1 10.66 2.45 -12.50
H22 MYR A 1 10.40 4.20 -12.58
H31 MYR A 1 10.12 2.72 -9.99
H32 MYR A 1 8.80 2.76 -11.15
H41 MYR A 1 9.00 5.27 -11.13
H42 MYR A 1 10.12 5.09 -9.78
H51 MYR A 1 8.23 3.69 -8.71
H52 MYR A 1 7.19 4.48 -9.90
H61 MYR A 1 7.37 6.52 -8.92
H62 MYR A 1 9.00 6.22 -8.33
H71 MYR A 1 7.76 6.23 -6.38
H72 MYR A 1 7.85 4.50 -6.76
H81 MYR A 1 5.57 6.05 -7.86
H82 MYR A 1 5.56 5.68 -6.13
H91 MYR A 1 6.05 3.56 -8.20
H92 MYR A 1 4.42 4.01 -7.67
H101 MYR A 1 5.22 3.59 -5.31
H102 MYR A 1 6.65 2.83 -6.03
H111 MYR A 1 3.79 2.00 -6.51
H112 MYR A 1 4.94 1.17 -5.46
H121 MYR A 1 6.32 0.57 -7.30
H122 MYR A 1 5.43 1.63 -8.39
H131 MYR A 1 3.74 -0.34 -7.07
H132 MYR A 1 5.00 -1.06 -8.06
H141 MYR A 1 4.06 0.84 -9.74
H142 MYR A 1 2.60 0.43 -8.84
H143 MYR A 1 3.48 -0.83 -9.70
N GLY A 2 12.54 2.77 -10.52
CA GLY A 2 13.88 2.90 -9.98
C GLY A 2 14.94 2.35 -10.92
N LEU A 3 15.97 3.14 -11.18
CA LEU A 3 17.05 2.73 -12.07
C LEU A 3 18.24 2.19 -11.28
N PHE A 4 18.96 3.09 -10.60
CA PHE A 4 20.11 2.71 -9.80
C PHE A 4 21.24 2.17 -10.68
N ALA A 5 21.02 0.97 -11.23
CA ALA A 5 22.02 0.34 -12.09
C ALA A 5 21.71 0.57 -13.56
N SER A 6 22.49 -0.05 -14.43
CA SER A 6 22.29 0.08 -15.87
C SER A 6 21.57 -1.14 -16.44
N LYS A 7 20.73 -1.76 -15.62
CA LYS A 7 19.98 -2.94 -16.05
C LYS A 7 18.55 -2.56 -16.42
N LEU A 8 17.88 -1.84 -15.53
CA LEU A 8 16.51 -1.41 -15.77
C LEU A 8 16.47 0.04 -16.23
N PHE A 9 15.86 0.27 -17.40
CA PHE A 9 15.76 1.62 -17.95
C PHE A 9 14.43 2.26 -17.57
N SER A 10 13.34 1.55 -17.83
CA SER A 10 12.01 2.06 -17.52
C SER A 10 11.01 0.92 -17.37
N ASN A 11 9.87 1.21 -16.74
CA ASN A 11 8.84 0.21 -16.53
C ASN A 11 7.45 0.86 -16.56
N LEU A 12 6.74 0.71 -17.68
CA LEU A 12 5.40 1.25 -17.84
C LEU A 12 5.05 1.41 -19.32
N PHE A 13 3.90 2.02 -19.59
CA PHE A 13 3.44 2.24 -20.95
C PHE A 13 2.61 3.52 -21.02
N GLY A 14 2.97 4.49 -20.20
CA GLY A 14 2.25 5.76 -20.17
C GLY A 14 1.61 6.02 -18.83
N ASN A 15 1.32 4.96 -18.08
CA ASN A 15 0.70 5.07 -16.77
C ASN A 15 -0.73 5.61 -16.87
N LYS A 16 -1.69 4.70 -16.87
CA LYS A 16 -3.10 5.08 -16.96
C LYS A 16 -3.61 5.62 -15.63
N GLU A 17 -3.00 6.72 -15.18
CA GLU A 17 -3.39 7.34 -13.91
C GLU A 17 -3.28 6.35 -12.76
N MET A 18 -2.22 6.46 -11.98
CA MET A 18 -1.99 5.57 -10.84
C MET A 18 -1.44 6.34 -9.65
N ARG A 19 -2.14 6.29 -8.53
CA ARG A 19 -1.69 6.97 -7.32
C ARG A 19 -1.93 6.10 -6.10
N ILE A 20 -0.88 5.42 -5.68
CA ILE A 20 -0.97 4.49 -4.56
C ILE A 20 -0.90 5.19 -3.21
N LEU A 21 -1.65 4.66 -2.25
CA LEU A 21 -1.68 5.20 -0.90
C LEU A 21 -1.43 4.09 0.12
N MET A 22 -0.75 4.42 1.20
CA MET A 22 -0.43 3.44 2.24
C MET A 22 -1.48 3.47 3.35
N VAL A 23 -2.23 2.38 3.47
CA VAL A 23 -3.25 2.27 4.50
C VAL A 23 -3.11 0.96 5.26
N GLY A 24 -3.37 0.99 6.56
CA GLY A 24 -3.25 -0.21 7.37
C GLY A 24 -2.87 0.12 8.80
N LEU A 25 -2.45 -0.90 9.55
CA LEU A 25 -2.05 -0.70 10.93
C LEU A 25 -0.71 0.03 11.02
N ASP A 26 -0.63 0.96 11.96
CA ASP A 26 0.61 1.72 12.16
C ASP A 26 1.76 0.78 12.50
N GLY A 27 2.96 1.17 12.11
CA GLY A 27 4.13 0.36 12.40
C GLY A 27 4.24 -0.85 11.48
N ALA A 28 3.35 -0.96 10.49
CA ALA A 28 3.38 -2.09 9.57
C ALA A 28 4.65 -2.09 8.73
N GLY A 29 5.32 -0.94 8.67
CA GLY A 29 6.55 -0.84 7.91
C GLY A 29 6.46 0.16 6.76
N LYS A 30 5.65 1.20 6.96
CA LYS A 30 5.48 2.24 5.94
C LYS A 30 6.72 3.13 5.87
N THR A 31 7.44 3.22 6.99
CA THR A 31 8.65 4.03 7.05
C THR A 31 9.82 3.35 6.36
N THR A 32 9.96 2.04 6.60
CA THR A 32 11.04 1.26 6.00
C THR A 32 10.85 1.12 4.50
N VAL A 33 9.61 0.84 4.08
CA VAL A 33 9.30 0.67 2.67
C VAL A 33 9.38 2.00 1.92
N LEU A 34 8.93 3.07 2.56
CA LEU A 34 8.95 4.39 1.94
C LEU A 34 10.37 4.74 1.48
N TYR A 35 11.33 4.59 2.40
CA TYR A 35 12.72 4.89 2.09
C TYR A 35 13.23 4.00 0.97
N LYS A 36 12.79 2.74 0.96
CA LYS A 36 13.21 1.80 -0.06
C LYS A 36 12.62 2.15 -1.43
N LEU A 37 11.38 2.62 -1.43
CA LEU A 37 10.69 2.99 -2.65
C LEU A 37 11.15 4.37 -3.15
N LYS A 38 11.97 5.05 -2.36
CA LYS A 38 12.46 6.37 -2.73
C LYS A 38 11.31 7.37 -2.81
N LEU A 39 10.58 7.33 -3.93
CA LEU A 39 9.45 8.22 -4.13
C LEU A 39 9.89 9.67 -4.27
N GLY A 40 10.48 10.00 -5.42
CA GLY A 40 10.95 11.35 -5.69
C GLY A 40 11.40 12.09 -4.45
N GLU A 41 10.64 13.11 -4.05
CA GLU A 41 10.96 13.90 -2.87
C GLU A 41 9.91 13.71 -1.78
N VAL A 42 10.30 13.04 -0.71
CA VAL A 42 9.39 12.80 0.40
C VAL A 42 9.06 14.12 1.11
N ILE A 43 7.86 14.64 0.85
CA ILE A 43 7.45 15.90 1.46
C ILE A 43 6.70 15.66 2.78
N THR A 44 7.04 16.46 3.79
CA THR A 44 6.40 16.35 5.10
C THR A 44 5.27 17.36 5.23
N THR A 45 4.05 16.86 5.38
CA THR A 45 2.88 17.72 5.52
C THR A 45 2.03 17.31 6.72
N ILE A 46 1.26 18.26 7.24
CA ILE A 46 0.39 18.00 8.38
C ILE A 46 -1.07 18.32 8.03
N PRO A 47 -1.93 17.29 7.95
CA PRO A 47 -3.34 17.48 7.60
C PRO A 47 -4.09 18.29 8.66
N THR A 48 -3.82 18.00 9.94
CA THR A 48 -4.48 18.71 11.02
C THR A 48 -3.78 18.46 12.36
N ILE A 49 -3.96 19.39 13.30
CA ILE A 49 -3.37 19.28 14.63
C ILE A 49 -1.95 18.70 14.59
N GLY A 50 -1.81 17.40 14.88
CA GLY A 50 -0.50 16.78 14.87
C GLY A 50 -0.47 15.46 14.13
N PHE A 51 -0.73 15.49 12.83
CA PHE A 51 -0.72 14.28 12.01
C PHE A 51 0.41 14.34 10.99
N ASN A 52 1.07 13.20 10.78
CA ASN A 52 2.18 13.13 9.84
C ASN A 52 1.80 12.34 8.59
N VAL A 53 1.96 12.97 7.43
CA VAL A 53 1.64 12.32 6.16
C VAL A 53 2.73 12.58 5.13
N GLU A 54 3.01 11.58 4.30
CA GLU A 54 4.02 11.70 3.26
C GLU A 54 3.37 11.82 1.89
N THR A 55 3.69 12.90 1.18
CA THR A 55 3.14 13.13 -0.16
C THR A 55 4.25 13.26 -1.18
N VAL A 56 4.20 12.44 -2.22
CA VAL A 56 5.20 12.45 -3.26
C VAL A 56 4.58 12.49 -4.65
N GLN A 57 5.19 13.26 -5.55
CA GLN A 57 4.70 13.40 -6.92
C GLN A 57 5.74 12.92 -7.92
N TYR A 58 5.38 11.93 -8.71
CA TYR A 58 6.29 11.38 -9.72
C TYR A 58 5.58 11.21 -11.05
N LYS A 59 5.86 12.12 -11.99
CA LYS A 59 5.25 12.11 -13.32
C LYS A 59 3.82 11.55 -13.30
N ASN A 60 2.88 12.38 -12.90
CA ASN A 60 1.47 11.98 -12.82
C ASN A 60 1.21 11.12 -11.59
N ILE A 61 1.95 10.01 -11.47
CA ILE A 61 1.80 9.10 -10.34
C ILE A 61 1.86 9.85 -9.01
N SER A 62 1.09 9.39 -8.03
CA SER A 62 1.07 10.01 -6.72
C SER A 62 1.17 8.97 -5.61
N PHE A 63 1.66 9.42 -4.45
CA PHE A 63 1.82 8.53 -3.30
C PHE A 63 1.54 9.26 -1.99
N THR A 64 0.65 8.69 -1.19
CA THR A 64 0.30 9.28 0.11
C THR A 64 0.45 8.25 1.22
N VAL A 65 0.98 8.67 2.36
CA VAL A 65 1.20 7.77 3.48
C VAL A 65 0.64 8.32 4.79
N TRP A 66 0.22 7.41 5.68
CA TRP A 66 -0.30 7.80 6.98
C TRP A 66 -0.67 6.57 7.80
N ASP A 67 -0.55 6.68 9.12
CA ASP A 67 -0.87 5.57 10.03
C ASP A 67 -2.37 5.45 10.23
N VAL A 68 -2.94 4.30 9.86
CA VAL A 68 -4.38 4.07 9.99
C VAL A 68 -5.18 5.35 9.83
N GLY A 69 -5.20 5.88 8.61
CA GLY A 69 -5.91 7.11 8.35
C GLY A 69 -7.27 6.89 7.72
N GLY A 70 -7.77 5.66 7.75
CA GLY A 70 -9.07 5.36 7.17
C GLY A 70 -10.22 5.96 7.97
N GLN A 71 -10.17 7.27 8.18
CA GLN A 71 -11.21 7.98 8.93
C GLN A 71 -10.82 9.44 9.17
N ASP A 72 -9.99 9.98 8.29
CA ASP A 72 -9.55 11.37 8.40
C ASP A 72 -10.75 12.32 8.33
N ARG A 73 -11.20 12.79 9.49
CA ARG A 73 -12.33 13.70 9.55
C ARG A 73 -11.88 15.09 10.00
N ILE A 74 -11.70 15.98 9.03
CA ILE A 74 -11.27 17.35 9.32
C ILE A 74 -11.83 18.34 8.30
N ARG A 75 -11.83 17.94 7.03
CA ARG A 75 -12.34 18.79 5.97
C ARG A 75 -12.48 18.01 4.66
N SER A 76 -12.55 18.72 3.54
CA SER A 76 -12.69 18.06 2.24
C SER A 76 -11.31 17.82 1.60
N LEU A 77 -10.27 17.80 2.41
CA LEU A 77 -8.91 17.57 1.93
C LEU A 77 -8.72 16.11 1.52
N TRP A 78 -9.04 15.21 2.44
CA TRP A 78 -8.90 13.78 2.18
C TRP A 78 -9.86 13.33 1.08
N ARG A 79 -11.03 13.97 1.03
CA ARG A 79 -12.05 13.65 0.03
C ARG A 79 -11.48 13.84 -1.38
N HIS A 80 -10.87 14.99 -1.62
CA HIS A 80 -10.29 15.28 -2.93
C HIS A 80 -9.26 14.23 -3.32
N TYR A 81 -8.27 14.03 -2.47
CA TYR A 81 -7.22 13.05 -2.74
C TYR A 81 -7.81 11.64 -2.82
N TYR A 82 -8.91 11.42 -2.11
CA TYR A 82 -9.54 10.11 -2.10
C TYR A 82 -9.88 9.65 -3.52
N ARG A 83 -10.78 10.35 -4.19
CA ARG A 83 -11.16 9.99 -5.55
C ARG A 83 -9.94 10.05 -6.46
N ASN A 84 -9.14 11.11 -6.32
CA ASN A 84 -7.96 11.31 -7.14
C ASN A 84 -7.00 10.14 -7.09
N THR A 85 -6.87 9.49 -5.93
CA THR A 85 -5.97 8.35 -5.79
C THR A 85 -6.37 7.24 -6.76
N GLU A 86 -5.36 6.60 -7.38
CA GLU A 86 -5.63 5.53 -8.33
C GLU A 86 -4.98 4.22 -7.87
N GLY A 87 -4.42 4.23 -6.67
CA GLY A 87 -3.77 3.04 -6.15
C GLY A 87 -4.06 2.81 -4.68
N VAL A 88 -4.22 1.54 -4.29
CA VAL A 88 -4.49 1.22 -2.90
C VAL A 88 -3.68 0.01 -2.44
N ILE A 89 -2.67 0.26 -1.61
CA ILE A 89 -1.82 -0.79 -1.09
C ILE A 89 -1.89 -0.84 0.43
N PHE A 90 -2.23 -2.01 0.97
CA PHE A 90 -2.34 -2.18 2.42
C PHE A 90 -1.16 -2.96 2.97
N VAL A 91 -0.54 -2.42 4.02
CA VAL A 91 0.60 -3.07 4.65
C VAL A 91 0.33 -3.32 6.14
N VAL A 92 0.41 -4.58 6.54
CA VAL A 92 0.17 -4.96 7.93
C VAL A 92 1.41 -5.62 8.54
N ASP A 93 1.46 -5.68 9.86
CA ASP A 93 2.60 -6.28 10.56
C ASP A 93 2.38 -7.78 10.76
N SER A 94 3.34 -8.56 10.33
CA SER A 94 3.26 -10.01 10.43
C SER A 94 3.55 -10.49 11.86
N ASN A 95 4.06 -9.58 12.68
CA ASN A 95 4.36 -9.93 14.07
C ASN A 95 3.33 -9.34 15.03
N ASP A 96 2.32 -8.67 14.48
CA ASP A 96 1.27 -8.08 15.32
C ASP A 96 -0.09 -8.73 15.06
N ARG A 97 -0.20 -10.00 15.45
CA ARG A 97 -1.44 -10.75 15.28
C ARG A 97 -2.56 -10.13 16.12
N SER A 98 -2.20 -9.71 17.33
CA SER A 98 -3.18 -9.11 18.24
C SER A 98 -3.88 -7.92 17.60
N ARG A 99 -3.28 -7.36 16.56
CA ARG A 99 -3.88 -6.20 15.88
C ARG A 99 -4.31 -6.57 14.45
N ILE A 100 -4.14 -7.83 14.07
CA ILE A 100 -4.51 -8.30 12.74
C ILE A 100 -5.97 -7.97 12.45
N GLY A 101 -6.79 -8.04 13.50
CA GLY A 101 -8.19 -7.70 13.34
C GLY A 101 -8.36 -6.22 13.10
N GLU A 102 -7.49 -5.45 13.75
CA GLU A 102 -7.50 -4.00 13.62
C GLU A 102 -7.03 -3.60 12.23
N ALA A 103 -6.07 -4.37 11.71
CA ALA A 103 -5.53 -4.11 10.39
C ALA A 103 -6.57 -4.42 9.32
N ARG A 104 -7.25 -5.54 9.47
CA ARG A 104 -8.27 -5.95 8.50
C ARG A 104 -9.45 -4.98 8.49
N GLU A 105 -9.78 -4.43 9.66
CA GLU A 105 -10.89 -3.50 9.78
C GLU A 105 -10.61 -2.21 9.02
N VAL A 106 -9.40 -1.68 9.17
CA VAL A 106 -9.03 -0.46 8.47
C VAL A 106 -8.97 -0.70 6.97
N MET A 107 -8.46 -1.86 6.58
CA MET A 107 -8.36 -2.23 5.17
C MET A 107 -9.76 -2.47 4.60
N GLN A 108 -10.61 -3.13 5.37
CA GLN A 108 -11.97 -3.44 4.95
C GLN A 108 -12.80 -2.16 4.79
N ARG A 109 -12.66 -1.26 5.75
CA ARG A 109 -13.40 0.00 5.71
C ARG A 109 -12.94 0.85 4.53
N MET A 110 -11.63 0.82 4.28
CA MET A 110 -11.05 1.59 3.17
C MET A 110 -11.50 1.03 1.83
N LEU A 111 -11.64 -0.29 1.76
CA LEU A 111 -12.05 -0.96 0.54
C LEU A 111 -13.52 -0.72 0.23
N ASN A 112 -14.27 -0.22 1.21
CA ASN A 112 -15.69 0.06 1.04
C ASN A 112 -15.91 1.41 0.37
N GLU A 113 -14.82 2.08 -0.01
CA GLU A 113 -14.91 3.38 -0.67
C GLU A 113 -15.21 3.22 -2.17
N ASP A 114 -16.35 3.75 -2.58
CA ASP A 114 -16.79 3.67 -3.97
C ASP A 114 -15.81 4.37 -4.93
N GLU A 115 -15.20 5.46 -4.48
CA GLU A 115 -14.26 6.22 -5.29
C GLU A 115 -13.00 5.42 -5.62
N LEU A 116 -12.82 4.29 -4.96
CA LEU A 116 -11.67 3.45 -5.20
C LEU A 116 -12.06 1.97 -5.21
N ARG A 117 -13.35 1.70 -5.34
CA ARG A 117 -13.86 0.32 -5.36
C ARG A 117 -13.20 -0.49 -6.48
N ASN A 118 -12.63 0.20 -7.47
CA ASN A 118 -11.98 -0.47 -8.58
C ASN A 118 -10.46 -0.26 -8.54
N ALA A 119 -9.96 0.21 -7.41
CA ALA A 119 -8.53 0.46 -7.24
C ALA A 119 -7.77 -0.86 -7.07
N ALA A 120 -6.53 -0.89 -7.56
CA ALA A 120 -5.70 -2.07 -7.46
C ALA A 120 -5.29 -2.32 -6.01
N TRP A 121 -5.93 -3.31 -5.39
CA TRP A 121 -5.64 -3.64 -4.00
C TRP A 121 -4.55 -4.69 -3.89
N LEU A 122 -3.53 -4.38 -3.12
CA LEU A 122 -2.43 -5.32 -2.93
C LEU A 122 -1.90 -5.25 -1.49
N VAL A 123 -2.10 -6.33 -0.74
CA VAL A 123 -1.65 -6.39 0.64
C VAL A 123 -0.22 -6.91 0.70
N PHE A 124 0.56 -6.36 1.62
CA PHE A 124 1.95 -6.77 1.80
C PHE A 124 2.21 -7.15 3.25
N ALA A 125 2.79 -8.32 3.45
CA ALA A 125 3.14 -8.77 4.78
C ALA A 125 4.56 -8.32 5.09
N ASN A 126 4.72 -7.52 6.13
CA ASN A 126 6.03 -7.01 6.49
C ASN A 126 6.47 -7.50 7.86
N LYS A 127 7.46 -8.39 7.84
CA LYS A 127 8.06 -9.00 9.04
C LYS A 127 8.27 -10.49 8.84
N GLN A 128 8.55 -10.90 7.61
CA GLN A 128 8.76 -12.32 7.33
C GLN A 128 10.09 -12.81 7.85
N ASP A 129 10.99 -11.88 8.15
CA ASP A 129 12.30 -12.25 8.68
C ASP A 129 12.16 -12.79 10.10
N LEU A 130 11.09 -12.39 10.77
CA LEU A 130 10.82 -12.84 12.14
C LEU A 130 10.47 -14.32 12.14
N PRO A 131 11.04 -15.09 13.09
CA PRO A 131 10.79 -16.53 13.20
C PRO A 131 9.36 -16.85 13.62
N GLU A 132 8.73 -15.91 14.32
CA GLU A 132 7.36 -16.09 14.79
C GLU A 132 6.38 -15.22 14.01
N ALA A 133 6.75 -14.88 12.77
CA ALA A 133 5.90 -14.06 11.93
C ALA A 133 4.90 -14.90 11.16
N MET A 134 3.71 -14.35 10.94
CA MET A 134 2.66 -15.05 10.22
C MET A 134 2.91 -15.06 8.71
N SER A 135 2.47 -16.13 8.06
CA SER A 135 2.64 -16.26 6.62
C SER A 135 1.53 -15.55 5.87
N ALA A 136 1.82 -15.12 4.64
CA ALA A 136 0.82 -14.43 3.84
C ALA A 136 -0.47 -15.23 3.73
N ALA A 137 -0.33 -16.56 3.73
CA ALA A 137 -1.48 -17.44 3.62
C ALA A 137 -2.34 -17.38 4.87
N GLU A 138 -1.73 -17.52 6.04
CA GLU A 138 -2.46 -17.45 7.30
C GLU A 138 -2.95 -16.03 7.54
N ILE A 139 -2.17 -15.06 7.10
CA ILE A 139 -2.53 -13.66 7.25
C ILE A 139 -3.74 -13.35 6.39
N THR A 140 -3.73 -13.84 5.15
CA THR A 140 -4.82 -13.61 4.22
C THR A 140 -6.14 -14.12 4.79
N GLU A 141 -6.07 -15.27 5.45
CA GLU A 141 -7.27 -15.87 6.05
C GLU A 141 -7.66 -15.14 7.33
N LYS A 142 -6.65 -14.67 8.06
CA LYS A 142 -6.88 -13.96 9.31
C LYS A 142 -7.54 -12.61 9.09
N LEU A 143 -7.09 -11.89 8.08
CA LEU A 143 -7.65 -10.58 7.78
C LEU A 143 -8.89 -10.68 6.88
N GLY A 144 -9.35 -11.90 6.66
CA GLY A 144 -10.53 -12.11 5.84
C GLY A 144 -10.31 -11.79 4.38
N LEU A 145 -9.05 -11.86 3.93
CA LEU A 145 -8.73 -11.61 2.54
C LEU A 145 -9.31 -12.72 1.66
N HIS A 146 -9.62 -13.86 2.28
CA HIS A 146 -10.19 -14.99 1.57
C HIS A 146 -11.66 -14.75 1.25
N SER A 147 -12.29 -13.89 2.05
CA SER A 147 -13.70 -13.59 1.88
C SER A 147 -13.91 -12.43 0.90
N ILE A 148 -12.83 -11.92 0.34
CA ILE A 148 -12.95 -10.81 -0.59
C ILE A 148 -12.84 -11.28 -2.04
N ARG A 149 -13.68 -10.67 -2.88
CA ARG A 149 -13.70 -11.03 -4.30
C ARG A 149 -12.28 -11.15 -4.84
N ASN A 150 -11.94 -12.34 -5.32
CA ASN A 150 -10.60 -12.63 -5.82
C ASN A 150 -10.31 -11.95 -7.16
N ARG A 151 -9.08 -11.44 -7.28
CA ARG A 151 -8.57 -10.75 -8.49
C ARG A 151 -8.11 -9.34 -8.15
N PRO A 152 -8.93 -8.56 -7.44
CA PRO A 152 -8.60 -7.19 -7.05
C PRO A 152 -7.54 -7.12 -5.95
N TRP A 153 -7.60 -8.05 -5.00
CA TRP A 153 -6.64 -8.06 -3.90
C TRP A 153 -5.55 -9.12 -4.10
N PHE A 154 -4.33 -8.76 -3.70
CA PHE A 154 -3.19 -9.67 -3.81
C PHE A 154 -2.39 -9.66 -2.51
N ILE A 155 -1.97 -10.84 -2.05
CA ILE A 155 -1.20 -10.95 -0.81
C ILE A 155 0.23 -11.45 -1.09
N GLN A 156 1.20 -10.81 -0.46
CA GLN A 156 2.60 -11.18 -0.62
C GLN A 156 3.38 -11.04 0.68
N ALA A 157 4.09 -12.10 1.07
CA ALA A 157 4.89 -12.08 2.29
C ALA A 157 6.28 -11.55 2.00
N THR A 158 6.78 -10.66 2.85
CA THR A 158 8.10 -10.10 2.65
C THR A 158 8.77 -9.72 3.97
N CYS A 159 10.02 -9.30 3.87
CA CYS A 159 10.78 -8.86 5.02
C CYS A 159 11.42 -7.53 4.66
N ALA A 160 10.95 -6.46 5.29
CA ALA A 160 11.43 -5.11 5.00
C ALA A 160 12.92 -4.91 5.30
N THR A 161 13.43 -5.63 6.29
CA THR A 161 14.83 -5.48 6.70
C THR A 161 15.83 -6.04 5.68
N SER A 162 15.64 -7.30 5.31
CA SER A 162 16.56 -7.94 4.35
C SER A 162 16.19 -7.58 2.91
N GLY A 163 15.04 -6.95 2.73
CA GLY A 163 14.59 -6.60 1.40
C GLY A 163 14.06 -7.79 0.62
N GLU A 164 14.04 -8.96 1.27
CA GLU A 164 13.57 -10.18 0.63
C GLU A 164 12.05 -10.16 0.50
N GLY A 165 11.58 -10.15 -0.74
CA GLY A 165 10.15 -10.13 -0.99
C GLY A 165 9.67 -8.76 -1.40
N LEU A 166 10.42 -7.72 -1.04
CA LEU A 166 10.05 -6.35 -1.39
C LEU A 166 10.14 -6.14 -2.90
N TYR A 167 11.25 -6.59 -3.49
CA TYR A 167 11.47 -6.46 -4.92
C TYR A 167 10.47 -7.29 -5.72
N GLU A 168 10.32 -8.56 -5.32
CA GLU A 168 9.40 -9.47 -6.00
C GLU A 168 7.95 -9.00 -5.88
N GLY A 169 7.65 -8.26 -4.82
CA GLY A 169 6.30 -7.76 -4.62
C GLY A 169 6.00 -6.59 -5.53
N LEU A 170 7.01 -5.75 -5.75
CA LEU A 170 6.85 -4.60 -6.62
C LEU A 170 6.86 -5.04 -8.07
N GLU A 171 7.83 -5.88 -8.42
CA GLU A 171 7.94 -6.39 -9.78
C GLU A 171 6.63 -7.03 -10.23
N TRP A 172 6.07 -7.87 -9.36
CA TRP A 172 4.82 -8.54 -9.65
C TRP A 172 3.68 -7.52 -9.79
N LEU A 173 3.63 -6.57 -8.86
CA LEU A 173 2.61 -5.54 -8.88
C LEU A 173 2.71 -4.70 -10.15
N SER A 174 3.94 -4.46 -10.59
CA SER A 174 4.17 -3.67 -11.79
C SER A 174 3.55 -4.34 -13.01
N ASN A 175 3.71 -5.66 -13.12
CA ASN A 175 3.16 -6.40 -14.25
C ASN A 175 1.65 -6.26 -14.33
N SER A 176 0.99 -6.43 -13.19
CA SER A 176 -0.46 -6.31 -13.12
C SER A 176 -0.90 -4.91 -13.55
N LEU A 177 -0.05 -3.92 -13.23
CA LEU A 177 -0.33 -2.54 -13.58
C LEU A 177 0.05 -2.26 -15.04
N LYS A 178 0.98 -3.07 -15.56
CA LYS A 178 1.43 -2.92 -16.94
C LYS A 178 0.57 -3.73 -17.89
N ASN A 179 0.73 -5.05 -17.85
CA ASN A 179 -0.04 -5.95 -18.72
C ASN A 179 0.29 -7.41 -18.41
N SER A 180 -0.74 -8.24 -18.39
CA SER A 180 -0.57 -9.67 -18.12
C SER A 180 0.02 -9.88 -16.72
N THR A 181 0.34 -11.13 -16.40
CA THR A 181 0.90 -11.46 -15.10
C THR A 181 1.87 -12.65 -15.22
PB GDP B . 5.90 2.20 10.33
O1B GDP B . 4.80 1.31 9.60
O2B GDP B . 6.66 3.17 9.33
O3B GDP B . 5.31 2.96 11.61
O3A GDP B . 7.00 1.18 10.90
PA GDP B . 8.54 1.37 10.52
O1A GDP B . 9.09 2.72 11.18
O2A GDP B . 8.70 1.31 8.93
O5' GDP B . 9.29 0.13 11.18
C5' GDP B . 8.96 -0.32 12.49
C4' GDP B . 10.16 -0.95 13.15
O4' GDP B . 10.21 -2.35 12.78
C3' GDP B . 11.51 -0.38 12.72
O3' GDP B . 12.48 -0.49 13.75
C2' GDP B . 11.86 -1.23 11.50
O2' GDP B . 13.27 -1.33 11.35
C1' GDP B . 11.32 -2.59 11.93
N9 GDP B . 10.87 -3.42 10.81
C8 GDP B . 10.26 -2.99 9.66
N7 GDP B . 9.97 -3.97 8.84
C5 GDP B . 10.41 -5.11 9.50
C6 GDP B . 10.36 -6.46 9.10
O6 GDP B . 9.92 -6.96 8.06
N1 GDP B . 10.92 -7.30 10.07
C2 GDP B . 11.46 -6.88 11.26
N2 GDP B . 11.95 -7.83 12.06
N3 GDP B . 11.50 -5.61 11.64
C4 GDP B . 10.97 -4.78 10.71
H5' GDP B . 8.15 -1.05 12.44
H5'' GDP B . 8.64 0.53 13.09
H4' GDP B . 10.09 -0.78 14.22
H3' GDP B . 11.44 0.69 12.47
HO3' GDP B . 13.35 -0.53 13.32
H2' GDP B . 11.37 -0.86 10.61
HO2' GDP B . 13.64 -1.54 12.20
H1' GDP B . 12.04 -3.17 12.51
H8 GDP B . 10.05 -1.95 9.45
HN1 GDP B . 10.93 -8.29 9.88
HN21 GDP B . 12.35 -7.58 12.95
HN22 GDP B . 11.91 -8.81 11.78
C1 MYR A 1 15.44 4.49 -10.67
O1 MYR A 1 15.06 5.65 -10.78
C2 MYR A 1 14.47 3.33 -10.81
C3 MYR A 1 13.51 3.24 -9.64
C4 MYR A 1 12.16 3.87 -9.98
C5 MYR A 1 11.18 2.84 -10.52
C6 MYR A 1 10.19 2.40 -9.45
C7 MYR A 1 9.02 3.36 -9.35
C8 MYR A 1 7.69 2.61 -9.41
C9 MYR A 1 7.30 2.06 -8.04
C10 MYR A 1 7.05 0.56 -8.11
C11 MYR A 1 5.57 0.24 -8.17
C12 MYR A 1 4.98 0.00 -6.79
C13 MYR A 1 3.55 0.49 -6.69
C14 MYR A 1 2.52 -0.51 -7.18
H21 MYR A 1 15.04 2.40 -10.86
H22 MYR A 1 13.91 3.46 -11.72
H31 MYR A 1 13.93 3.74 -8.80
H32 MYR A 1 13.34 2.19 -9.40
H41 MYR A 1 12.32 4.64 -10.72
H42 MYR A 1 11.75 4.31 -9.08
H51 MYR A 1 11.72 1.99 -10.87
H52 MYR A 1 10.63 3.29 -11.34
H61 MYR A 1 10.70 2.37 -8.49
H62 MYR A 1 9.83 1.42 -9.70
H71 MYR A 1 9.06 4.06 -10.16
H72 MYR A 1 9.07 3.89 -8.41
H81 MYR A 1 7.77 1.80 -10.11
H82 MYR A 1 6.92 3.31 -9.73
H91 MYR A 1 6.39 2.54 -7.71
H92 MYR A 1 8.09 2.25 -7.34
H101 MYR A 1 7.47 0.10 -7.23
H102 MYR A 1 7.53 0.16 -9.00
H111 MYR A 1 5.42 -0.64 -8.78
H112 MYR A 1 5.05 1.07 -8.63
H121 MYR A 1 5.58 0.52 -6.06
H122 MYR A 1 5.01 -1.06 -6.58
H131 MYR A 1 3.45 1.39 -7.29
H132 MYR A 1 3.34 0.72 -5.66
H141 MYR A 1 3.00 -1.22 -7.83
H142 MYR A 1 1.75 0.01 -7.72
H143 MYR A 1 2.10 -1.02 -6.33
N GLY A 2 16.71 4.17 -10.43
CA GLY A 2 17.73 5.20 -10.29
C GLY A 2 17.66 6.25 -11.37
N LEU A 3 18.36 7.36 -11.17
CA LEU A 3 18.38 8.46 -12.13
C LEU A 3 18.99 8.00 -13.45
N PHE A 4 20.02 7.16 -13.37
CA PHE A 4 20.69 6.65 -14.56
C PHE A 4 19.73 5.90 -15.46
N ALA A 5 19.30 4.72 -15.01
CA ALA A 5 18.37 3.90 -15.79
C ALA A 5 17.52 3.03 -14.87
N SER A 6 16.67 2.20 -15.47
CA SER A 6 15.80 1.31 -14.71
C SER A 6 16.35 -0.11 -14.72
N LYS A 7 15.60 -1.03 -14.11
CA LYS A 7 16.01 -2.43 -14.05
C LYS A 7 15.75 -3.13 -15.38
N LEU A 8 14.81 -2.59 -16.15
CA LEU A 8 14.47 -3.18 -17.45
C LEU A 8 13.92 -4.59 -17.28
N PHE A 9 13.25 -4.83 -16.15
CA PHE A 9 12.67 -6.13 -15.87
C PHE A 9 11.24 -5.99 -15.36
N SER A 10 10.55 -4.94 -15.82
CA SER A 10 9.18 -4.69 -15.40
C SER A 10 8.33 -4.19 -16.56
N ASN A 11 8.92 -3.30 -17.37
CA ASN A 11 8.21 -2.74 -18.52
C ASN A 11 7.02 -1.90 -18.06
N LEU A 12 7.15 -1.27 -16.90
CA LEU A 12 6.09 -0.45 -16.36
C LEU A 12 6.01 0.89 -17.10
N PHE A 13 4.83 1.23 -17.59
CA PHE A 13 4.63 2.48 -18.31
C PHE A 13 3.20 3.01 -18.14
N GLY A 14 2.39 2.94 -19.20
CA GLY A 14 1.02 3.43 -19.11
C GLY A 14 0.94 4.82 -18.51
N ASN A 15 -0.28 5.33 -18.33
CA ASN A 15 -0.46 6.66 -17.76
C ASN A 15 -1.93 7.03 -17.60
N LYS A 16 -2.79 6.03 -17.43
CA LYS A 16 -4.22 6.27 -17.27
C LYS A 16 -4.56 6.63 -15.82
N GLU A 17 -3.86 7.63 -15.28
CA GLU A 17 -4.09 8.07 -13.91
C GLU A 17 -3.80 6.95 -12.91
N MET A 18 -2.70 7.09 -12.18
CA MET A 18 -2.30 6.11 -11.18
C MET A 18 -1.67 6.78 -9.98
N ARG A 19 -2.18 6.47 -8.78
CA ARG A 19 -1.63 7.07 -7.56
C ARG A 19 -1.73 6.09 -6.40
N ILE A 20 -0.63 5.41 -6.12
CA ILE A 20 -0.59 4.41 -5.06
C ILE A 20 -0.42 5.05 -3.68
N LEU A 21 -1.00 4.39 -2.68
CA LEU A 21 -0.92 4.87 -1.30
C LEU A 21 -0.68 3.70 -0.35
N MET A 22 -0.03 3.97 0.77
CA MET A 22 0.26 2.93 1.76
C MET A 22 -0.42 3.25 3.09
N VAL A 23 -1.45 2.48 3.42
CA VAL A 23 -2.18 2.67 4.66
C VAL A 23 -2.02 1.49 5.59
N GLY A 24 -2.27 1.71 6.88
CA GLY A 24 -2.14 0.64 7.86
C GLY A 24 -1.87 1.16 9.25
N LEU A 25 -1.56 0.24 10.16
CA LEU A 25 -1.29 0.60 11.55
C LEU A 25 0.00 1.40 11.66
N ASP A 26 0.07 2.27 12.65
CA ASP A 26 1.26 3.08 12.87
C ASP A 26 2.48 2.21 13.14
N GLY A 27 3.65 2.71 12.77
CA GLY A 27 4.88 1.96 12.98
C GLY A 27 4.88 0.58 12.33
N ALA A 28 3.88 0.31 11.50
CA ALA A 28 3.78 -0.99 10.84
C ALA A 28 5.01 -1.30 9.99
N GLY A 29 5.56 -0.27 9.37
CA GLY A 29 6.73 -0.45 8.53
C GLY A 29 6.58 0.24 7.19
N LYS A 30 5.84 1.32 7.16
CA LYS A 30 5.63 2.08 5.94
C LYS A 30 6.89 2.85 5.57
N THR A 31 7.47 3.50 6.56
CA THR A 31 8.69 4.27 6.35
C THR A 31 9.81 3.38 5.82
N THR A 32 9.79 2.11 6.21
CA THR A 32 10.80 1.17 5.77
C THR A 32 10.66 0.90 4.27
N VAL A 33 9.44 0.59 3.84
CA VAL A 33 9.18 0.31 2.44
C VAL A 33 9.31 1.59 1.61
N LEU A 34 8.91 2.71 2.21
CA LEU A 34 8.99 4.01 1.53
C LEU A 34 10.41 4.27 1.06
N TYR A 35 11.38 3.99 1.94
CA TYR A 35 12.78 4.19 1.60
C TYR A 35 13.20 3.25 0.47
N LYS A 36 12.72 2.01 0.52
CA LYS A 36 13.05 1.04 -0.51
C LYS A 36 12.67 1.57 -1.90
N LEU A 37 11.66 2.43 -1.93
CA LEU A 37 11.19 3.03 -3.18
C LEU A 37 12.00 4.28 -3.52
N LYS A 38 12.62 4.87 -2.50
CA LYS A 38 13.43 6.07 -2.66
C LYS A 38 12.56 7.25 -3.10
N LEU A 39 12.31 7.34 -4.40
CA LEU A 39 11.49 8.43 -4.97
C LEU A 39 12.22 9.77 -4.91
N GLY A 40 13.26 9.87 -4.10
CA GLY A 40 14.01 11.12 -3.99
C GLY A 40 13.78 11.79 -2.65
N GLU A 41 12.68 12.53 -2.54
CA GLU A 41 12.33 13.22 -1.31
C GLU A 41 10.82 13.24 -1.11
N VAL A 42 10.38 13.37 0.15
CA VAL A 42 8.96 13.39 0.46
C VAL A 42 8.56 14.72 1.08
N ILE A 43 7.40 15.22 0.69
CA ILE A 43 6.90 16.49 1.21
C ILE A 43 6.13 16.28 2.51
N THR A 44 6.39 17.13 3.49
CA THR A 44 5.73 17.05 4.78
C THR A 44 4.49 17.94 4.81
N THR A 45 3.32 17.33 4.72
CA THR A 45 2.06 18.08 4.73
C THR A 45 1.29 17.82 6.02
N ILE A 46 0.61 18.86 6.50
CA ILE A 46 -0.18 18.75 7.71
C ILE A 46 -1.68 18.88 7.40
N PRO A 47 -2.43 17.76 7.47
CA PRO A 47 -3.87 17.76 7.18
C PRO A 47 -4.68 18.48 8.26
N THR A 48 -4.42 18.15 9.52
CA THR A 48 -5.12 18.78 10.63
C THR A 48 -4.19 18.99 11.82
N ILE A 49 -4.43 20.07 12.56
CA ILE A 49 -3.62 20.43 13.72
C ILE A 49 -2.96 19.25 14.43
N GLY A 50 -3.68 18.12 14.53
CA GLY A 50 -3.12 16.96 15.21
C GLY A 50 -3.00 15.72 14.32
N PHE A 51 -2.62 15.92 13.06
CA PHE A 51 -2.46 14.82 12.12
C PHE A 51 -1.27 15.07 11.20
N ASN A 52 -0.71 14.00 10.66
CA ASN A 52 0.44 14.11 9.77
C ASN A 52 0.25 13.24 8.52
N VAL A 53 0.51 13.82 7.36
CA VAL A 53 0.38 13.11 6.09
C VAL A 53 1.56 13.40 5.18
N GLU A 54 1.99 12.40 4.41
CA GLU A 54 3.10 12.56 3.49
C GLU A 54 2.65 12.37 2.05
N THR A 55 3.25 13.14 1.14
CA THR A 55 2.90 13.06 -0.27
C THR A 55 4.13 13.25 -1.15
N VAL A 56 4.27 12.39 -2.15
CA VAL A 56 5.41 12.47 -3.06
C VAL A 56 4.95 12.36 -4.52
N GLN A 57 5.66 13.05 -5.41
CA GLN A 57 5.33 13.03 -6.83
C GLN A 57 6.48 12.49 -7.66
N TYR A 58 6.22 11.42 -8.41
CA TYR A 58 7.23 10.80 -9.25
C TYR A 58 6.79 10.79 -10.71
N LYS A 59 7.23 11.79 -11.46
CA LYS A 59 6.87 11.91 -12.88
C LYS A 59 5.38 12.12 -13.06
N ASN A 60 4.60 11.08 -12.79
CA ASN A 60 3.15 11.16 -12.92
C ASN A 60 2.45 10.39 -11.80
N ILE A 61 3.06 9.29 -11.38
CA ILE A 61 2.49 8.47 -10.31
C ILE A 61 2.58 9.19 -8.97
N SER A 62 1.48 9.22 -8.24
CA SER A 62 1.44 9.87 -6.93
C SER A 62 1.52 8.85 -5.81
N PHE A 63 2.12 9.24 -4.69
CA PHE A 63 2.26 8.37 -3.54
C PHE A 63 1.95 9.10 -2.25
N THR A 64 0.99 8.58 -1.48
CA THR A 64 0.59 9.19 -0.23
C THR A 64 0.44 8.15 0.88
N VAL A 65 1.06 8.43 2.04
CA VAL A 65 1.01 7.50 3.17
C VAL A 65 0.34 8.15 4.39
N TRP A 66 -0.35 7.32 5.18
CA TRP A 66 -1.03 7.79 6.38
C TRP A 66 -1.52 6.62 7.22
N ASP A 67 -1.58 6.80 8.53
CA ASP A 67 -2.02 5.76 9.45
C ASP A 67 -3.37 5.18 9.04
N VAL A 68 -3.82 4.14 9.75
CA VAL A 68 -5.09 3.49 9.47
C VAL A 68 -6.21 4.51 9.29
N GLY A 69 -6.53 4.82 8.03
CA GLY A 69 -7.58 5.77 7.74
C GLY A 69 -8.89 5.44 8.43
N GLY A 70 -9.66 4.53 7.83
CA GLY A 70 -10.94 4.13 8.41
C GLY A 70 -11.97 5.24 8.41
N GLN A 71 -11.63 6.36 9.04
CA GLN A 71 -12.52 7.51 9.12
C GLN A 71 -11.74 8.81 9.14
N ASP A 72 -10.61 8.80 9.83
CA ASP A 72 -9.77 9.99 9.93
C ASP A 72 -10.53 11.15 10.56
N ARG A 73 -9.91 12.32 10.61
CA ARG A 73 -10.53 13.50 11.18
C ARG A 73 -10.51 14.66 10.18
N ILE A 74 -10.58 14.33 8.90
CA ILE A 74 -10.56 15.35 7.85
C ILE A 74 -11.87 15.33 7.05
N ARG A 75 -12.06 16.34 6.21
CA ARG A 75 -13.27 16.43 5.39
C ARG A 75 -12.93 16.66 3.92
N SER A 76 -12.03 17.59 3.66
CA SER A 76 -11.63 17.92 2.30
C SER A 76 -10.32 17.25 1.92
N LEU A 77 -9.35 17.29 2.83
CA LEU A 77 -8.05 16.70 2.58
C LEU A 77 -8.16 15.29 2.01
N TRP A 78 -8.74 14.37 2.79
CA TRP A 78 -8.91 13.00 2.36
C TRP A 78 -9.77 12.91 1.10
N ARG A 79 -10.83 13.69 1.05
CA ARG A 79 -11.73 13.70 -0.10
C ARG A 79 -10.97 13.94 -1.40
N HIS A 80 -10.19 15.01 -1.44
CA HIS A 80 -9.41 15.35 -2.61
C HIS A 80 -8.50 14.20 -3.02
N TYR A 81 -7.65 13.77 -2.10
CA TYR A 81 -6.72 12.67 -2.36
C TYR A 81 -7.48 11.38 -2.63
N TYR A 82 -8.70 11.28 -2.09
CA TYR A 82 -9.51 10.09 -2.27
C TYR A 82 -9.70 9.79 -3.76
N ARG A 83 -10.46 10.63 -4.45
CA ARG A 83 -10.68 10.43 -5.88
C ARG A 83 -9.34 10.45 -6.62
N ASN A 84 -8.50 11.41 -6.26
CA ASN A 84 -7.19 11.57 -6.90
C ASN A 84 -6.37 10.29 -6.80
N THR A 85 -6.51 9.57 -5.69
CA THR A 85 -5.78 8.33 -5.49
C THR A 85 -6.25 7.27 -6.48
N GLU A 86 -5.29 6.64 -7.17
CA GLU A 86 -5.63 5.61 -8.15
C GLU A 86 -4.96 4.29 -7.79
N GLY A 87 -4.38 4.22 -6.60
CA GLY A 87 -3.70 3.02 -6.15
C GLY A 87 -3.81 2.83 -4.65
N VAL A 88 -4.10 1.61 -4.22
CA VAL A 88 -4.25 1.32 -2.80
C VAL A 88 -3.43 0.10 -2.37
N ILE A 89 -2.39 0.35 -1.57
CA ILE A 89 -1.54 -0.72 -1.07
C ILE A 89 -1.57 -0.73 0.45
N PHE A 90 -1.86 -1.89 1.03
CA PHE A 90 -1.93 -2.02 2.48
C PHE A 90 -0.77 -2.85 3.02
N VAL A 91 -0.19 -2.40 4.12
CA VAL A 91 0.93 -3.09 4.74
C VAL A 91 0.65 -3.36 6.22
N VAL A 92 0.57 -4.63 6.58
CA VAL A 92 0.31 -5.01 7.96
C VAL A 92 1.54 -5.65 8.60
N ASP A 93 1.56 -5.71 9.92
CA ASP A 93 2.68 -6.29 10.65
C ASP A 93 2.53 -7.82 10.74
N SER A 94 3.50 -8.53 10.20
CA SER A 94 3.49 -9.99 10.20
C SER A 94 3.85 -10.55 11.56
N ASN A 95 4.23 -9.68 12.49
CA ASN A 95 4.59 -10.11 13.83
C ASN A 95 3.58 -9.58 14.83
N ASP A 96 2.53 -8.93 14.32
CA ASP A 96 1.48 -8.37 15.18
C ASP A 96 0.13 -9.01 14.86
N ARG A 97 0.00 -10.30 15.14
CA ARG A 97 -1.24 -11.03 14.90
C ARG A 97 -2.36 -10.47 15.76
N SER A 98 -1.99 -10.01 16.96
CA SER A 98 -2.96 -9.45 17.89
C SER A 98 -3.65 -8.22 17.29
N ARG A 99 -3.05 -7.65 16.24
CA ARG A 99 -3.62 -6.47 15.59
C ARG A 99 -4.08 -6.78 14.16
N ILE A 100 -3.88 -8.02 13.72
CA ILE A 100 -4.27 -8.43 12.38
C ILE A 100 -5.74 -8.17 12.14
N GLY A 101 -6.55 -8.38 13.18
CA GLY A 101 -7.96 -8.13 13.07
C GLY A 101 -8.22 -6.65 12.87
N GLU A 102 -7.39 -5.84 13.52
CA GLU A 102 -7.50 -4.40 13.44
C GLU A 102 -7.10 -3.92 12.05
N ALA A 103 -6.06 -4.55 11.51
CA ALA A 103 -5.57 -4.21 10.18
C ALA A 103 -6.63 -4.51 9.12
N ARG A 104 -7.25 -5.67 9.24
CA ARG A 104 -8.28 -6.08 8.29
C ARG A 104 -9.50 -5.16 8.37
N GLU A 105 -9.84 -4.72 9.58
CA GLU A 105 -11.00 -3.85 9.78
C GLU A 105 -10.80 -2.51 9.07
N VAL A 106 -9.62 -1.93 9.22
CA VAL A 106 -9.33 -0.65 8.59
C VAL A 106 -9.35 -0.80 7.07
N MET A 107 -8.83 -1.93 6.59
CA MET A 107 -8.80 -2.22 5.16
C MET A 107 -10.21 -2.45 4.62
N GLN A 108 -11.00 -3.17 5.41
CA GLN A 108 -12.38 -3.50 5.02
C GLN A 108 -13.19 -2.23 4.84
N ARG A 109 -13.04 -1.31 5.77
CA ARG A 109 -13.76 -0.04 5.70
C ARG A 109 -13.38 0.70 4.43
N MET A 110 -12.10 0.66 4.10
CA MET A 110 -11.60 1.32 2.90
C MET A 110 -12.13 0.63 1.65
N LEU A 111 -12.18 -0.69 1.68
CA LEU A 111 -12.65 -1.48 0.56
C LEU A 111 -14.11 -1.18 0.22
N ASN A 112 -14.87 -0.66 1.17
CA ASN A 112 -16.27 -0.36 0.91
C ASN A 112 -16.45 1.03 0.30
N GLU A 113 -15.35 1.67 -0.09
CA GLU A 113 -15.40 3.00 -0.70
C GLU A 113 -15.82 2.91 -2.17
N ASP A 114 -17.05 3.34 -2.45
CA ASP A 114 -17.57 3.30 -3.81
C ASP A 114 -16.63 4.01 -4.80
N GLU A 115 -16.02 5.09 -4.35
CA GLU A 115 -15.10 5.85 -5.19
C GLU A 115 -13.79 5.09 -5.41
N LEU A 116 -13.60 4.02 -4.64
CA LEU A 116 -12.39 3.20 -4.76
C LEU A 116 -12.74 1.76 -5.13
N ARG A 117 -14.01 1.51 -5.45
CA ARG A 117 -14.46 0.17 -5.80
C ARG A 117 -13.67 -0.41 -6.97
N ASN A 118 -13.04 0.46 -7.76
CA ASN A 118 -12.25 0.00 -8.90
C ASN A 118 -10.77 0.26 -8.69
N ALA A 119 -10.36 0.41 -7.43
CA ALA A 119 -8.97 0.67 -7.10
C ALA A 119 -8.20 -0.63 -6.91
N ALA A 120 -6.94 -0.63 -7.34
CA ALA A 120 -6.09 -1.80 -7.20
C ALA A 120 -5.63 -1.97 -5.75
N TRP A 121 -5.99 -3.10 -5.15
CA TRP A 121 -5.61 -3.35 -3.76
C TRP A 121 -4.54 -4.44 -3.64
N LEU A 122 -3.61 -4.21 -2.73
CA LEU A 122 -2.53 -5.17 -2.51
C LEU A 122 -2.22 -5.29 -1.02
N VAL A 123 -1.98 -6.51 -0.58
CA VAL A 123 -1.67 -6.76 0.82
C VAL A 123 -0.22 -7.17 0.99
N PHE A 124 0.59 -6.25 1.49
CA PHE A 124 2.00 -6.49 1.70
C PHE A 124 2.26 -6.98 3.12
N ALA A 125 2.85 -8.16 3.24
CA ALA A 125 3.18 -8.71 4.54
C ALA A 125 4.59 -8.28 4.90
N ASN A 126 4.75 -7.65 6.05
CA ASN A 126 6.07 -7.17 6.45
C ASN A 126 6.52 -7.76 7.78
N LYS A 127 7.51 -8.64 7.69
CA LYS A 127 8.12 -9.32 8.84
C LYS A 127 8.24 -10.82 8.61
N GLN A 128 8.49 -11.20 7.36
CA GLN A 128 8.61 -12.61 7.03
C GLN A 128 9.95 -13.19 7.51
N ASP A 129 10.86 -12.30 7.94
CA ASP A 129 12.16 -12.75 8.43
C ASP A 129 12.05 -13.26 9.86
N LEU A 130 11.02 -12.81 10.58
CA LEU A 130 10.80 -13.23 11.95
C LEU A 130 10.43 -14.72 12.00
N PRO A 131 11.14 -15.52 12.82
CA PRO A 131 10.87 -16.96 12.95
C PRO A 131 9.48 -17.26 13.48
N GLU A 132 8.85 -16.27 14.10
CA GLU A 132 7.51 -16.45 14.66
C GLU A 132 6.49 -15.56 13.94
N ALA A 133 6.81 -15.16 12.71
CA ALA A 133 5.91 -14.32 11.94
C ALA A 133 4.92 -15.15 11.12
N MET A 134 3.72 -14.63 10.94
CA MET A 134 2.69 -15.34 10.18
C MET A 134 2.97 -15.30 8.69
N SER A 135 2.56 -16.35 7.99
CA SER A 135 2.78 -16.45 6.55
C SER A 135 1.64 -15.79 5.79
N ALA A 136 1.92 -15.33 4.58
CA ALA A 136 0.91 -14.67 3.76
C ALA A 136 -0.35 -15.52 3.67
N ALA A 137 -0.18 -16.83 3.62
CA ALA A 137 -1.32 -17.74 3.54
C ALA A 137 -2.19 -17.66 4.78
N GLU A 138 -1.56 -17.76 5.95
CA GLU A 138 -2.30 -17.70 7.21
C GLU A 138 -2.83 -16.28 7.43
N ILE A 139 -2.08 -15.29 6.96
CA ILE A 139 -2.49 -13.91 7.08
C ILE A 139 -3.70 -13.64 6.19
N THR A 140 -3.66 -14.19 4.99
CA THR A 140 -4.74 -14.04 4.03
C THR A 140 -6.05 -14.56 4.62
N GLU A 141 -5.98 -15.72 5.25
CA GLU A 141 -7.15 -16.33 5.85
C GLU A 141 -7.54 -15.64 7.16
N LYS A 142 -6.52 -15.23 7.92
CA LYS A 142 -6.73 -14.59 9.21
C LYS A 142 -7.35 -13.21 9.08
N LEU A 143 -6.91 -12.43 8.09
CA LEU A 143 -7.43 -11.09 7.89
C LEU A 143 -8.73 -11.09 7.09
N GLY A 144 -9.27 -12.29 6.85
CA GLY A 144 -10.51 -12.40 6.11
C GLY A 144 -10.33 -12.07 4.65
N LEU A 145 -9.09 -12.15 4.17
CA LEU A 145 -8.80 -11.89 2.77
C LEU A 145 -9.64 -12.81 1.90
N HIS A 146 -9.98 -13.97 2.45
CA HIS A 146 -10.79 -14.94 1.73
C HIS A 146 -12.25 -14.52 1.71
N SER A 147 -12.62 -13.69 2.70
CA SER A 147 -13.99 -13.21 2.80
C SER A 147 -14.31 -12.18 1.73
N ILE A 148 -13.28 -11.68 1.04
CA ILE A 148 -13.51 -10.69 -0.01
C ILE A 148 -13.53 -11.34 -1.40
N ARG A 149 -14.55 -10.98 -2.18
CA ARG A 149 -14.68 -11.50 -3.53
C ARG A 149 -13.34 -11.42 -4.24
N ASN A 150 -12.72 -12.56 -4.49
CA ASN A 150 -11.39 -12.64 -5.13
C ASN A 150 -11.26 -11.74 -6.35
N ARG A 151 -10.09 -11.08 -6.44
CA ARG A 151 -9.70 -10.17 -7.55
C ARG A 151 -9.25 -8.80 -7.05
N PRO A 152 -9.86 -8.26 -5.97
CA PRO A 152 -9.51 -6.94 -5.44
C PRO A 152 -8.06 -6.82 -4.97
N TRP A 153 -7.70 -7.53 -3.90
CA TRP A 153 -6.34 -7.45 -3.39
C TRP A 153 -5.60 -8.78 -3.42
N PHE A 154 -4.29 -8.68 -3.62
CA PHE A 154 -3.40 -9.85 -3.66
C PHE A 154 -2.56 -9.92 -2.39
N ILE A 155 -2.04 -11.11 -2.06
CA ILE A 155 -1.22 -11.27 -0.86
C ILE A 155 0.20 -11.71 -1.21
N GLN A 156 1.17 -11.12 -0.52
CA GLN A 156 2.57 -11.45 -0.75
C GLN A 156 3.40 -11.28 0.53
N ALA A 157 4.16 -12.31 0.88
CA ALA A 157 5.01 -12.28 2.07
C ALA A 157 6.37 -11.69 1.73
N THR A 158 6.89 -10.83 2.60
CA THR A 158 8.20 -10.22 2.37
C THR A 158 8.93 -9.90 3.66
N CYS A 159 10.17 -9.44 3.51
CA CYS A 159 11.00 -9.05 4.64
C CYS A 159 11.49 -7.64 4.37
N ALA A 160 10.92 -6.67 5.07
CA ALA A 160 11.27 -5.26 4.86
C ALA A 160 12.73 -4.96 5.21
N THR A 161 13.27 -5.66 6.20
CA THR A 161 14.64 -5.42 6.64
C THR A 161 15.70 -5.90 5.64
N SER A 162 15.61 -7.17 5.24
CA SER A 162 16.57 -7.74 4.30
C SER A 162 16.23 -7.38 2.86
N GLY A 163 15.06 -6.78 2.68
CA GLY A 163 14.62 -6.41 1.35
C GLY A 163 14.17 -7.61 0.53
N GLU A 164 14.19 -8.79 1.15
CA GLU A 164 13.79 -10.02 0.48
C GLU A 164 12.28 -10.07 0.29
N GLY A 165 11.86 -10.06 -0.98
CA GLY A 165 10.44 -10.11 -1.28
C GLY A 165 9.88 -8.74 -1.64
N LEU A 166 10.59 -7.68 -1.25
CA LEU A 166 10.14 -6.32 -1.56
C LEU A 166 10.20 -6.05 -3.06
N TYR A 167 11.29 -6.47 -3.68
CA TYR A 167 11.49 -6.28 -5.12
C TYR A 167 10.48 -7.08 -5.94
N GLU A 168 10.35 -8.36 -5.60
CA GLU A 168 9.43 -9.25 -6.32
C GLU A 168 7.98 -8.80 -6.16
N GLY A 169 7.69 -8.12 -5.06
CA GLY A 169 6.33 -7.66 -4.81
C GLY A 169 5.95 -6.46 -5.65
N LEU A 170 6.84 -5.48 -5.70
CA LEU A 170 6.60 -4.27 -6.47
C LEU A 170 6.64 -4.59 -7.96
N GLU A 171 7.67 -5.32 -8.38
CA GLU A 171 7.80 -5.71 -9.78
C GLU A 171 6.52 -6.39 -10.26
N TRP A 172 6.03 -7.31 -9.44
CA TRP A 172 4.81 -8.04 -9.77
C TRP A 172 3.63 -7.08 -9.88
N LEU A 173 3.54 -6.18 -8.90
CA LEU A 173 2.47 -5.19 -8.87
C LEU A 173 2.50 -4.31 -10.13
N SER A 174 3.71 -4.02 -10.60
CA SER A 174 3.88 -3.19 -11.79
C SER A 174 3.21 -3.84 -13.00
N ASN A 175 3.39 -5.15 -13.14
CA ASN A 175 2.80 -5.88 -14.26
C ASN A 175 1.29 -5.75 -14.26
N SER A 176 0.69 -5.94 -13.10
CA SER A 176 -0.76 -5.84 -12.96
C SER A 176 -1.22 -4.42 -13.26
N LEU A 177 -0.39 -3.45 -12.93
CA LEU A 177 -0.70 -2.04 -13.17
C LEU A 177 -0.41 -1.67 -14.62
N LYS A 178 0.50 -2.42 -15.25
CA LYS A 178 0.86 -2.17 -16.64
C LYS A 178 -0.05 -2.93 -17.60
N ASN A 179 0.08 -4.25 -17.62
CA ASN A 179 -0.74 -5.09 -18.49
C ASN A 179 -1.97 -5.60 -17.75
N SER A 180 -3.08 -5.71 -18.47
CA SER A 180 -4.33 -6.19 -17.89
C SER A 180 -4.43 -7.71 -18.02
N THR A 181 -4.31 -8.40 -16.90
CA THR A 181 -4.40 -9.86 -16.88
C THR A 181 -4.94 -10.36 -15.55
PB GDP B . 6.17 3.10 10.22
O1B GDP B . 4.91 2.24 9.79
O2B GDP B . 6.94 3.73 8.96
O3B GDP B . 5.81 4.20 11.31
O3A GDP B . 7.19 2.08 10.92
PA GDP B . 8.69 1.94 10.35
O1A GDP B . 9.56 3.16 10.87
O2A GDP B . 8.63 1.78 8.77
O5' GDP B . 9.25 0.60 11.00
C5' GDP B . 8.38 -0.48 11.34
C4' GDP B . 8.89 -1.20 12.57
O4' GDP B . 8.82 -2.63 12.34
C3' GDP B . 10.37 -0.94 12.91
O3' GDP B . 10.61 -1.11 14.30
C2' GDP B . 11.09 -1.98 12.06
O2' GDP B . 12.30 -2.37 12.67
C1' GDP B . 10.12 -3.15 12.13
N9 GDP B . 10.09 -3.95 10.90
C8 GDP B . 9.76 -3.51 9.64
N7 GDP B . 9.82 -4.46 8.73
C5 GDP B . 10.21 -5.58 9.44
C6 GDP B . 10.43 -6.91 9.00
O6 GDP B . 10.34 -7.37 7.85
N1 GDP B . 10.80 -7.75 10.05
C2 GDP B . 10.94 -7.36 11.36
N2 GDP B . 11.32 -8.31 12.22
N3 GDP B . 10.74 -6.12 11.78
C4 GDP B . 10.37 -5.29 10.78
H5' GDP B . 8.33 -1.18 10.51
H5'' GDP B . 7.39 -0.09 11.55
H4' GDP B . 8.31 -0.86 13.43
H3' GDP B . 10.66 0.08 12.68
HO3' GDP B . 11.37 -1.69 14.38
H2' GDP B . 11.22 -1.61 11.04
HO2' GDP B . 12.29 -3.33 12.74
H1' GDP B . 10.34 -3.82 12.95
H8 GDP B . 9.49 -2.49 9.42
HN1 GDP B . 10.98 -8.72 9.83
HN21 GDP B . 11.44 -8.08 13.20
HN22 GDP B . 11.47 -9.25 11.89
C1 MYR A 1 11.84 4.04 -13.81
O1 MYR A 1 12.03 3.20 -14.67
C2 MYR A 1 10.46 4.61 -13.53
C3 MYR A 1 9.39 3.53 -13.48
C4 MYR A 1 8.84 3.36 -12.06
C5 MYR A 1 8.18 2.00 -11.89
C6 MYR A 1 9.10 1.02 -11.19
C7 MYR A 1 8.33 -0.07 -10.47
C8 MYR A 1 7.77 0.41 -9.14
C9 MYR A 1 6.76 -0.57 -8.57
C10 MYR A 1 6.48 -0.28 -7.10
C11 MYR A 1 5.51 0.87 -6.93
C12 MYR A 1 4.10 0.48 -7.32
C13 MYR A 1 3.76 0.98 -8.72
C14 MYR A 1 3.31 -0.12 -9.66
H21 MYR A 1 10.20 5.29 -14.33
H22 MYR A 1 10.47 5.13 -12.59
H31 MYR A 1 9.83 2.59 -13.79
H32 MYR A 1 8.59 3.79 -14.14
H41 MYR A 1 8.11 4.13 -11.89
H42 MYR A 1 9.65 3.46 -11.36
H51 MYR A 1 7.92 1.60 -12.86
H52 MYR A 1 7.28 2.12 -11.29
H61 MYR A 1 9.70 1.56 -10.45
H62 MYR A 1 9.75 0.56 -11.91
H71 MYR A 1 8.98 -0.91 -10.30
H72 MYR A 1 7.50 -0.38 -11.10
H81 MYR A 1 7.30 1.37 -9.28
H82 MYR A 1 8.59 0.51 -8.43
H91 MYR A 1 7.14 -1.57 -8.67
H92 MYR A 1 5.83 -0.47 -9.12
H101 MYR A 1 7.41 -0.04 -6.61
H102 MYR A 1 6.06 -1.17 -6.65
H111 MYR A 1 5.84 1.70 -7.53
H112 MYR A 1 5.50 1.18 -5.89
H121 MYR A 1 3.40 0.91 -6.62
H122 MYR A 1 4.01 -0.59 -7.30
H131 MYR A 1 4.63 1.45 -9.14
H132 MYR A 1 2.96 1.71 -8.64
H141 MYR A 1 3.49 0.20 -10.69
H142 MYR A 1 2.25 -0.30 -9.53
H143 MYR A 1 3.86 -1.02 -9.46
N GLY A 2 12.83 4.54 -13.05
CA GLY A 2 14.19 4.08 -13.21
C GLY A 2 14.69 4.25 -14.64
N LEU A 3 14.18 5.28 -15.31
CA LEU A 3 14.58 5.56 -16.69
C LEU A 3 15.65 6.66 -16.73
N PHE A 4 16.83 6.32 -17.25
CA PHE A 4 17.92 7.27 -17.35
C PHE A 4 19.06 6.70 -18.17
N ALA A 5 19.38 5.42 -17.93
CA ALA A 5 20.46 4.75 -18.64
C ALA A 5 20.08 4.50 -20.10
N SER A 6 18.99 3.75 -20.30
CA SER A 6 18.53 3.44 -21.64
C SER A 6 17.04 3.07 -21.62
N LYS A 7 16.45 3.01 -22.80
CA LYS A 7 15.03 2.67 -22.93
C LYS A 7 14.80 1.69 -24.08
N LEU A 8 14.35 0.49 -23.75
CA LEU A 8 14.09 -0.54 -24.75
C LEU A 8 12.68 -1.08 -24.62
N PHE A 9 12.40 -1.76 -23.49
CA PHE A 9 11.08 -2.33 -23.25
C PHE A 9 10.58 -1.96 -21.86
N SER A 10 11.43 -2.15 -20.86
CA SER A 10 11.07 -1.84 -19.48
C SER A 10 10.76 -0.35 -19.32
N ASN A 11 9.51 -0.05 -19.04
CA ASN A 11 9.07 1.34 -18.86
C ASN A 11 7.60 1.41 -18.48
N LEU A 12 6.79 0.55 -19.10
CA LEU A 12 5.35 0.51 -18.85
C LEU A 12 4.62 1.50 -19.76
N PHE A 13 4.24 1.04 -20.94
CA PHE A 13 3.55 1.88 -21.91
C PHE A 13 2.21 2.37 -21.35
N GLY A 14 1.66 1.65 -20.38
CA GLY A 14 0.39 2.05 -19.79
C GLY A 14 0.52 3.27 -18.90
N ASN A 15 -0.60 3.94 -18.65
CA ASN A 15 -0.61 5.13 -17.81
C ASN A 15 -2.03 5.66 -17.64
N LYS A 16 -2.97 4.76 -17.40
CA LYS A 16 -4.36 5.15 -17.20
C LYS A 16 -4.61 5.63 -15.78
N GLU A 17 -3.84 6.63 -15.36
CA GLU A 17 -3.97 7.19 -14.02
C GLU A 17 -3.66 6.14 -12.97
N MET A 18 -2.53 6.33 -12.28
CA MET A 18 -2.10 5.40 -11.24
C MET A 18 -1.43 6.13 -10.08
N ARG A 19 -2.03 6.03 -8.89
CA ARG A 19 -1.46 6.69 -7.71
C ARG A 19 -1.52 5.75 -6.52
N ILE A 20 -0.41 5.08 -6.26
CA ILE A 20 -0.32 4.11 -5.17
C ILE A 20 -0.13 4.78 -3.82
N LEU A 21 -1.03 4.46 -2.90
CA LEU A 21 -0.97 5.00 -1.54
C LEU A 21 -0.72 3.90 -0.52
N MET A 22 0.01 4.22 0.54
CA MET A 22 0.31 3.26 1.58
C MET A 22 -0.60 3.47 2.79
N VAL A 23 -1.52 2.54 3.00
CA VAL A 23 -2.46 2.63 4.12
C VAL A 23 -2.36 1.40 5.01
N GLY A 24 -2.66 1.59 6.30
CA GLY A 24 -2.62 0.50 7.24
C GLY A 24 -2.39 0.96 8.66
N LEU A 25 -2.14 0.02 9.56
CA LEU A 25 -1.91 0.34 10.96
C LEU A 25 -0.55 1.01 11.15
N ASP A 26 -0.43 1.81 12.19
CA ASP A 26 0.83 2.49 12.48
C ASP A 26 1.91 1.48 12.87
N GLY A 27 3.14 1.75 12.46
CA GLY A 27 4.24 0.87 12.80
C GLY A 27 4.28 -0.38 11.93
N ALA A 28 3.34 -0.52 11.01
CA ALA A 28 3.30 -1.68 10.13
C ALA A 28 4.51 -1.72 9.21
N GLY A 29 5.16 -0.58 9.03
CA GLY A 29 6.34 -0.51 8.17
C GLY A 29 6.23 0.57 7.11
N LYS A 30 5.49 1.62 7.43
CA LYS A 30 5.33 2.74 6.50
C LYS A 30 6.65 3.50 6.33
N THR A 31 7.48 3.44 7.36
CA THR A 31 8.78 4.11 7.34
C THR A 31 9.80 3.32 6.52
N THR A 32 9.84 2.02 6.75
CA THR A 32 10.76 1.15 6.03
C THR A 32 10.42 1.10 4.55
N VAL A 33 9.14 0.89 4.26
CA VAL A 33 8.68 0.82 2.88
C VAL A 33 8.88 2.15 2.15
N LEU A 34 8.69 3.25 2.87
CA LEU A 34 8.87 4.58 2.28
C LEU A 34 10.25 4.69 1.66
N TYR A 35 11.27 4.35 2.44
CA TYR A 35 12.65 4.41 1.96
C TYR A 35 12.84 3.53 0.72
N LYS A 36 12.18 2.38 0.71
CA LYS A 36 12.27 1.47 -0.42
C LYS A 36 11.72 2.11 -1.70
N LEU A 37 10.57 2.75 -1.57
CA LEU A 37 9.94 3.40 -2.71
C LEU A 37 10.71 4.65 -3.13
N LYS A 38 11.66 5.07 -2.30
CA LYS A 38 12.46 6.26 -2.60
C LYS A 38 11.61 7.53 -2.49
N LEU A 39 10.82 7.80 -3.53
CA LEU A 39 9.96 8.98 -3.54
C LEU A 39 10.78 10.25 -3.34
N GLY A 40 11.72 10.49 -4.27
CA GLY A 40 12.58 11.68 -4.22
C GLY A 40 12.48 12.46 -2.92
N GLU A 41 11.66 13.51 -2.91
CA GLU A 41 11.46 14.33 -1.73
C GLU A 41 9.98 14.47 -1.44
N VAL A 42 9.53 13.86 -0.34
CA VAL A 42 8.13 13.90 0.05
C VAL A 42 7.83 15.08 0.96
N ILE A 43 6.67 15.70 0.75
CA ILE A 43 6.27 16.84 1.57
C ILE A 43 5.56 16.37 2.83
N THR A 44 5.91 16.98 3.96
CA THR A 44 5.34 16.61 5.25
C THR A 44 4.22 17.56 5.65
N THR A 45 3.10 16.98 6.06
CA THR A 45 1.95 17.76 6.50
C THR A 45 1.33 17.15 7.76
N ILE A 46 1.25 17.95 8.82
CA ILE A 46 0.68 17.49 10.08
C ILE A 46 -0.54 18.29 10.49
N PRO A 47 -1.68 18.07 9.81
CA PRO A 47 -2.92 18.78 10.10
C PRO A 47 -3.72 18.11 11.22
N THR A 48 -3.68 16.79 11.24
CA THR A 48 -4.40 16.02 12.26
C THR A 48 -3.54 15.78 13.49
N ILE A 49 -3.61 16.70 14.44
CA ILE A 49 -2.84 16.61 15.68
C ILE A 49 -2.83 15.17 16.22
N GLY A 50 -1.65 14.57 16.27
CA GLY A 50 -1.53 13.21 16.76
C GLY A 50 -1.24 12.21 15.65
N PHE A 51 -1.18 12.69 14.41
CA PHE A 51 -0.91 11.82 13.27
C PHE A 51 -0.01 12.51 12.26
N ASN A 52 0.51 11.74 11.31
CA ASN A 52 1.38 12.28 10.27
C ASN A 52 0.97 11.76 8.90
N VAL A 53 0.90 12.67 7.92
CA VAL A 53 0.51 12.29 6.56
C VAL A 53 1.47 12.89 5.53
N GLU A 54 2.00 12.04 4.67
CA GLU A 54 2.94 12.46 3.64
C GLU A 54 2.33 12.32 2.24
N THR A 55 2.78 13.14 1.31
CA THR A 55 2.27 13.09 -0.06
C THR A 55 3.39 13.30 -1.07
N VAL A 56 3.43 12.46 -2.09
CA VAL A 56 4.46 12.53 -3.12
C VAL A 56 3.85 12.55 -4.52
N GLN A 57 4.51 13.27 -5.43
CA GLN A 57 4.05 13.37 -6.81
C GLN A 57 5.10 12.83 -7.78
N TYR A 58 4.71 11.82 -8.55
CA TYR A 58 5.61 11.21 -9.53
C TYR A 58 5.30 11.70 -10.93
N LYS A 59 6.30 11.63 -11.80
CA LYS A 59 6.16 12.07 -13.20
C LYS A 59 4.82 11.64 -13.80
N ASN A 60 4.65 10.35 -14.03
CA ASN A 60 3.42 9.82 -14.62
C ASN A 60 2.56 9.11 -13.58
N ILE A 61 2.85 9.32 -12.30
CA ILE A 61 2.10 8.69 -11.22
C ILE A 61 2.25 9.46 -9.92
N SER A 62 1.63 8.97 -8.86
CA SER A 62 1.71 9.63 -7.56
C SER A 62 1.72 8.61 -6.42
N PHE A 63 2.25 9.04 -5.28
CA PHE A 63 2.32 8.18 -4.10
C PHE A 63 1.95 8.96 -2.84
N THR A 64 1.00 8.43 -2.07
CA THR A 64 0.56 9.08 -0.85
C THR A 64 0.44 8.09 0.29
N VAL A 65 1.16 8.34 1.38
CA VAL A 65 1.13 7.45 2.54
C VAL A 65 0.45 8.11 3.73
N TRP A 66 -0.17 7.28 4.58
CA TRP A 66 -0.86 7.77 5.77
C TRP A 66 -1.36 6.61 6.63
N ASP A 67 -1.34 6.79 7.94
CA ASP A 67 -1.79 5.76 8.87
C ASP A 67 -3.26 5.42 8.60
N VAL A 68 -3.82 4.51 9.40
CA VAL A 68 -5.22 4.10 9.25
C VAL A 68 -6.13 5.31 9.02
N GLY A 69 -6.33 5.67 7.76
CA GLY A 69 -7.19 6.80 7.42
C GLY A 69 -8.54 6.76 8.12
N GLY A 70 -9.44 5.92 7.60
CA GLY A 70 -10.78 5.79 8.16
C GLY A 70 -10.93 6.49 9.50
N GLN A 71 -10.30 5.93 10.54
CA GLN A 71 -10.38 6.51 11.87
C GLN A 71 -9.57 7.80 11.97
N ASP A 72 -9.83 8.73 11.06
CA ASP A 72 -9.13 10.01 11.05
C ASP A 72 -9.98 11.10 11.70
N ARG A 73 -9.62 12.36 11.47
CA ARG A 73 -10.35 13.48 12.04
C ARG A 73 -10.79 14.47 10.96
N ILE A 74 -9.82 15.23 10.46
CA ILE A 74 -10.09 16.23 9.41
C ILE A 74 -10.68 15.56 8.18
N ARG A 75 -11.41 16.35 7.38
CA ARG A 75 -12.03 15.85 6.16
C ARG A 75 -12.02 16.92 5.07
N SER A 76 -11.10 16.77 4.13
CA SER A 76 -10.98 17.72 3.03
C SER A 76 -9.88 17.30 2.06
N LEU A 77 -8.63 17.44 2.50
CA LEU A 77 -7.48 17.08 1.68
C LEU A 77 -7.58 15.62 1.24
N TRP A 78 -8.08 14.77 2.13
CA TRP A 78 -8.23 13.35 1.84
C TRP A 78 -9.15 13.13 0.64
N ARG A 79 -10.24 13.88 0.61
CA ARG A 79 -11.20 13.77 -0.48
C ARG A 79 -10.54 14.02 -1.84
N HIS A 80 -9.84 15.15 -1.93
CA HIS A 80 -9.14 15.51 -3.17
C HIS A 80 -8.27 14.37 -3.66
N TYR A 81 -7.36 13.91 -2.82
CA TYR A 81 -6.46 12.82 -3.17
C TYR A 81 -7.23 11.49 -3.26
N TYR A 82 -8.40 11.43 -2.61
CA TYR A 82 -9.21 10.22 -2.62
C TYR A 82 -9.50 9.78 -4.04
N ARG A 83 -10.32 10.55 -4.74
CA ARG A 83 -10.66 10.23 -6.12
C ARG A 83 -9.39 10.19 -6.98
N ASN A 84 -8.54 11.19 -6.78
CA ASN A 84 -7.30 11.31 -7.55
C ASN A 84 -6.43 10.06 -7.46
N THR A 85 -6.33 9.47 -6.27
CA THR A 85 -5.52 8.27 -6.10
C THR A 85 -6.02 7.14 -7.00
N GLU A 86 -5.10 6.40 -7.60
CA GLU A 86 -5.46 5.30 -8.49
C GLU A 86 -4.81 3.99 -8.05
N GLY A 87 -4.15 4.01 -6.90
CA GLY A 87 -3.48 2.84 -6.41
C GLY A 87 -3.64 2.68 -4.92
N VAL A 88 -3.83 1.44 -4.46
CA VAL A 88 -3.99 1.18 -3.03
C VAL A 88 -3.20 -0.03 -2.57
N ILE A 89 -2.12 0.22 -1.84
CA ILE A 89 -1.27 -0.84 -1.33
C ILE A 89 -1.32 -0.85 0.20
N PHE A 90 -1.82 -1.95 0.75
CA PHE A 90 -1.93 -2.09 2.20
C PHE A 90 -0.77 -2.89 2.77
N VAL A 91 -0.13 -2.34 3.80
CA VAL A 91 1.00 -3.01 4.43
C VAL A 91 0.77 -3.14 5.93
N VAL A 92 0.64 -4.38 6.40
CA VAL A 92 0.41 -4.65 7.81
C VAL A 92 1.63 -5.31 8.46
N ASP A 93 1.69 -5.29 9.78
CA ASP A 93 2.80 -5.90 10.50
C ASP A 93 2.54 -7.38 10.72
N SER A 94 3.41 -8.21 10.16
CA SER A 94 3.28 -9.67 10.28
C SER A 94 3.56 -10.13 11.70
N ASN A 95 4.33 -9.35 12.45
CA ASN A 95 4.65 -9.71 13.83
C ASN A 95 3.69 -9.03 14.79
N ASP A 96 2.64 -8.40 14.27
CA ASP A 96 1.66 -7.72 15.11
C ASP A 96 0.27 -8.31 14.88
N ARG A 97 0.10 -9.56 15.27
CA ARG A 97 -1.19 -10.25 15.12
C ARG A 97 -2.24 -9.56 15.97
N SER A 98 -1.82 -9.06 17.13
CA SER A 98 -2.72 -8.37 18.04
C SER A 98 -3.41 -7.19 17.36
N ARG A 99 -2.83 -6.72 16.26
CA ARG A 99 -3.41 -5.59 15.54
C ARG A 99 -3.96 -6.01 14.18
N ILE A 100 -3.85 -7.30 13.87
CA ILE A 100 -4.34 -7.83 12.60
C ILE A 100 -5.82 -7.53 12.43
N GLY A 101 -6.57 -7.61 13.53
CA GLY A 101 -7.97 -7.31 13.48
C GLY A 101 -8.19 -5.85 13.19
N GLU A 102 -7.31 -5.02 13.74
CA GLU A 102 -7.38 -3.58 13.56
C GLU A 102 -7.02 -3.22 12.12
N ALA A 103 -6.04 -3.94 11.57
CA ALA A 103 -5.61 -3.71 10.21
C ALA A 103 -6.72 -4.05 9.23
N ARG A 104 -7.37 -5.18 9.48
CA ARG A 104 -8.45 -5.63 8.61
C ARG A 104 -9.63 -4.64 8.61
N GLU A 105 -9.89 -4.03 9.76
CA GLU A 105 -10.99 -3.07 9.89
C GLU A 105 -10.77 -1.84 9.03
N VAL A 106 -9.56 -1.31 9.05
CA VAL A 106 -9.25 -0.14 8.25
C VAL A 106 -9.32 -0.48 6.76
N MET A 107 -8.89 -1.68 6.42
CA MET A 107 -8.92 -2.15 5.03
C MET A 107 -10.36 -2.37 4.57
N GLN A 108 -11.14 -3.02 5.42
CA GLN A 108 -12.55 -3.32 5.12
C GLN A 108 -13.35 -2.05 4.85
N ARG A 109 -13.16 -1.04 5.68
CA ARG A 109 -13.88 0.22 5.51
C ARG A 109 -13.32 1.02 4.35
N MET A 110 -12.02 0.88 4.13
CA MET A 110 -11.34 1.58 3.04
C MET A 110 -11.80 1.05 1.68
N LEU A 111 -11.91 -0.26 1.57
CA LEU A 111 -12.34 -0.89 0.32
C LEU A 111 -13.83 -0.67 0.07
N ASN A 112 -14.53 -0.12 1.05
CA ASN A 112 -15.96 0.15 0.92
C ASN A 112 -16.21 1.46 0.17
N GLU A 113 -15.15 2.10 -0.32
CA GLU A 113 -15.27 3.35 -1.05
C GLU A 113 -15.74 3.10 -2.49
N ASP A 114 -16.96 3.54 -2.78
CA ASP A 114 -17.53 3.37 -4.12
C ASP A 114 -16.60 3.91 -5.20
N GLU A 115 -15.93 5.01 -4.89
CA GLU A 115 -15.01 5.65 -5.83
C GLU A 115 -13.72 4.85 -5.98
N LEU A 116 -13.51 3.90 -5.08
CA LEU A 116 -12.31 3.06 -5.11
C LEU A 116 -12.66 1.61 -5.39
N ARG A 117 -13.93 1.34 -5.67
CA ARG A 117 -14.39 -0.01 -5.96
C ARG A 117 -13.64 -0.62 -7.15
N ASN A 118 -13.06 0.24 -7.99
CA ASN A 118 -12.33 -0.23 -9.17
C ASN A 118 -10.82 -0.06 -8.97
N ALA A 119 -10.39 0.07 -7.71
CA ALA A 119 -8.99 0.24 -7.41
C ALA A 119 -8.31 -1.10 -7.13
N ALA A 120 -7.07 -1.24 -7.60
CA ALA A 120 -6.30 -2.46 -7.39
C ALA A 120 -5.67 -2.47 -6.01
N TRP A 121 -6.02 -3.49 -5.21
CA TRP A 121 -5.47 -3.61 -3.86
C TRP A 121 -4.41 -4.69 -3.77
N LEU A 122 -3.38 -4.41 -3.00
CA LEU A 122 -2.29 -5.37 -2.81
C LEU A 122 -1.75 -5.28 -1.40
N VAL A 123 -1.94 -6.35 -0.63
CA VAL A 123 -1.46 -6.38 0.75
C VAL A 123 -0.03 -6.87 0.81
N PHE A 124 0.76 -6.26 1.67
CA PHE A 124 2.15 -6.62 1.83
C PHE A 124 2.46 -6.97 3.27
N ALA A 125 3.01 -8.15 3.49
CA ALA A 125 3.39 -8.59 4.83
C ALA A 125 4.81 -8.12 5.12
N ASN A 126 4.99 -7.40 6.21
CA ASN A 126 6.31 -6.88 6.56
C ASN A 126 6.78 -7.37 7.92
N LYS A 127 7.77 -8.27 7.89
CA LYS A 127 8.39 -8.87 9.09
C LYS A 127 8.60 -10.36 8.90
N GLN A 128 8.82 -10.79 7.67
CA GLN A 128 9.03 -12.22 7.40
C GLN A 128 10.39 -12.71 7.89
N ASP A 129 11.31 -11.79 8.14
CA ASP A 129 12.63 -12.17 8.62
C ASP A 129 12.53 -12.74 10.03
N LEU A 130 11.44 -12.39 10.72
CA LEU A 130 11.20 -12.87 12.08
C LEU A 130 10.64 -14.30 12.04
N PRO A 131 11.15 -15.19 12.91
CA PRO A 131 10.69 -16.58 12.96
C PRO A 131 9.29 -16.74 13.57
N GLU A 132 8.70 -15.63 14.01
CA GLU A 132 7.38 -15.66 14.61
C GLU A 132 6.40 -14.78 13.83
N ALA A 133 6.71 -14.49 12.58
CA ALA A 133 5.85 -13.66 11.73
C ALA A 133 4.80 -14.49 11.03
N MET A 134 3.61 -13.93 10.85
CA MET A 134 2.51 -14.62 10.19
C MET A 134 2.79 -14.78 8.70
N SER A 135 2.37 -15.92 8.15
CA SER A 135 2.56 -16.20 6.73
C SER A 135 1.50 -15.47 5.91
N ALA A 136 1.79 -15.20 4.65
CA ALA A 136 0.84 -14.51 3.78
C ALA A 136 -0.50 -15.23 3.74
N ALA A 137 -0.45 -16.56 3.71
CA ALA A 137 -1.67 -17.36 3.66
C ALA A 137 -2.50 -17.20 4.92
N GLU A 138 -1.87 -17.35 6.08
CA GLU A 138 -2.57 -17.22 7.34
C GLU A 138 -3.00 -15.78 7.56
N ILE A 139 -2.22 -14.85 7.04
CA ILE A 139 -2.52 -13.42 7.16
C ILE A 139 -3.75 -13.08 6.32
N THR A 140 -3.81 -13.62 5.11
CA THR A 140 -4.94 -13.36 4.22
C THR A 140 -6.25 -13.77 4.87
N GLU A 141 -6.22 -14.90 5.57
CA GLU A 141 -7.41 -15.40 6.24
C GLU A 141 -7.71 -14.59 7.50
N LYS A 142 -6.66 -14.15 8.18
CA LYS A 142 -6.79 -13.40 9.41
C LYS A 142 -7.47 -12.05 9.21
N LEU A 143 -7.07 -11.33 8.16
CA LEU A 143 -7.65 -10.01 7.91
C LEU A 143 -8.90 -10.10 7.01
N GLY A 144 -9.33 -11.33 6.74
CA GLY A 144 -10.52 -11.54 5.94
C GLY A 144 -10.33 -11.25 4.47
N LEU A 145 -9.12 -11.43 3.97
CA LEU A 145 -8.84 -11.21 2.56
C LEU A 145 -9.58 -12.26 1.75
N HIS A 146 -9.84 -13.40 2.39
CA HIS A 146 -10.54 -14.48 1.72
C HIS A 146 -12.04 -14.20 1.65
N SER A 147 -12.51 -13.37 2.57
CA SER A 147 -13.92 -13.02 2.63
C SER A 147 -14.23 -11.87 1.68
N ILE A 148 -13.20 -11.36 1.00
CA ILE A 148 -13.38 -10.26 0.08
C ILE A 148 -13.32 -10.76 -1.37
N ARG A 149 -14.18 -10.19 -2.20
CA ARG A 149 -14.26 -10.63 -3.61
C ARG A 149 -12.87 -10.80 -4.22
N ASN A 150 -12.50 -12.07 -4.46
CA ASN A 150 -11.19 -12.40 -5.01
C ASN A 150 -11.01 -11.90 -6.44
N ARG A 151 -9.79 -11.38 -6.71
CA ARG A 151 -9.40 -10.87 -8.03
C ARG A 151 -8.55 -9.60 -7.93
N PRO A 152 -9.05 -8.57 -7.22
CA PRO A 152 -8.36 -7.29 -7.09
C PRO A 152 -7.29 -7.25 -6.00
N TRP A 153 -7.48 -8.00 -4.91
CA TRP A 153 -6.51 -7.97 -3.81
C TRP A 153 -5.58 -9.19 -3.82
N PHE A 154 -4.29 -8.91 -3.65
CA PHE A 154 -3.27 -9.96 -3.60
C PHE A 154 -2.45 -9.83 -2.33
N ILE A 155 -1.96 -10.95 -1.81
CA ILE A 155 -1.16 -10.94 -0.59
C ILE A 155 0.24 -11.50 -0.83
N GLN A 156 1.25 -10.87 -0.23
CA GLN A 156 2.62 -11.32 -0.37
C GLN A 156 3.44 -11.06 0.89
N ALA A 157 4.17 -12.09 1.33
CA ALA A 157 5.01 -11.97 2.51
C ALA A 157 6.38 -11.44 2.13
N THR A 158 6.95 -10.58 2.97
CA THR A 158 8.26 -10.02 2.66
C THR A 158 9.05 -9.69 3.93
N CYS A 159 10.29 -9.28 3.71
CA CYS A 159 11.19 -8.87 4.77
C CYS A 159 11.74 -7.51 4.39
N ALA A 160 11.26 -6.47 5.07
CA ALA A 160 11.66 -5.11 4.74
C ALA A 160 13.16 -4.85 4.94
N THR A 161 13.76 -5.49 5.93
CA THR A 161 15.18 -5.28 6.25
C THR A 161 16.12 -5.89 5.21
N SER A 162 15.94 -7.18 4.90
CA SER A 162 16.81 -7.86 3.94
C SER A 162 16.38 -7.58 2.51
N GLY A 163 15.23 -6.93 2.35
CA GLY A 163 14.73 -6.64 1.02
C GLY A 163 14.17 -7.87 0.32
N GLU A 164 14.17 -8.99 1.05
CA GLU A 164 13.68 -10.25 0.50
C GLU A 164 12.16 -10.23 0.40
N GLY A 165 11.67 -10.31 -0.83
CA GLY A 165 10.24 -10.30 -1.04
C GLY A 165 9.73 -8.95 -1.49
N LEU A 166 10.50 -7.90 -1.22
CA LEU A 166 10.10 -6.55 -1.59
C LEU A 166 10.17 -6.36 -3.10
N TYR A 167 11.27 -6.81 -3.71
CA TYR A 167 11.45 -6.70 -5.15
C TYR A 167 10.43 -7.53 -5.92
N GLU A 168 10.30 -8.80 -5.54
CA GLU A 168 9.37 -9.70 -6.19
C GLU A 168 7.93 -9.29 -5.96
N GLY A 169 7.66 -8.61 -4.86
CA GLY A 169 6.31 -8.17 -4.56
C GLY A 169 5.87 -7.00 -5.40
N LEU A 170 6.76 -6.03 -5.58
CA LEU A 170 6.48 -4.85 -6.38
C LEU A 170 6.51 -5.20 -7.87
N GLU A 171 7.56 -5.91 -8.26
CA GLU A 171 7.71 -6.33 -9.66
C GLU A 171 6.45 -7.03 -10.14
N TRP A 172 5.96 -7.95 -9.32
CA TRP A 172 4.73 -8.69 -9.65
C TRP A 172 3.57 -7.72 -9.79
N LEU A 173 3.52 -6.76 -8.89
CA LEU A 173 2.46 -5.75 -8.89
C LEU A 173 2.52 -4.91 -10.17
N SER A 174 3.73 -4.64 -10.64
CA SER A 174 3.92 -3.85 -11.86
C SER A 174 3.28 -4.53 -13.06
N ASN A 175 3.46 -5.84 -13.16
CA ASN A 175 2.91 -6.61 -14.27
C ASN A 175 1.39 -6.48 -14.31
N SER A 176 0.76 -6.67 -13.17
CA SER A 176 -0.70 -6.58 -13.07
C SER A 176 -1.16 -5.18 -13.50
N LEU A 177 -0.31 -4.19 -13.25
CA LEU A 177 -0.61 -2.81 -13.62
C LEU A 177 -0.32 -2.58 -15.11
N LYS A 178 0.56 -3.42 -15.68
CA LYS A 178 0.93 -3.30 -17.08
C LYS A 178 -0.03 -4.08 -17.97
N ASN A 179 -0.64 -5.12 -17.42
CA ASN A 179 -1.57 -5.95 -18.18
C ASN A 179 -3.01 -5.68 -17.75
N SER A 180 -3.65 -4.74 -18.43
CA SER A 180 -5.03 -4.38 -18.13
C SER A 180 -5.76 -3.92 -19.38
N THR A 181 -6.16 -4.88 -20.21
CA THR A 181 -6.88 -4.57 -21.45
C THR A 181 -8.31 -5.06 -21.39
PB GDP B . 5.57 2.65 10.55
O1B GDP B . 4.43 1.80 9.82
O2B GDP B . 6.32 3.64 9.56
O3B GDP B . 5.04 3.39 11.86
O3A GDP B . 6.67 1.59 11.05
PA GDP B . 8.21 1.78 10.65
O1A GDP B . 8.71 3.20 11.17
O2A GDP B . 8.38 1.54 9.08
O5' GDP B . 8.99 0.63 11.44
C5' GDP B . 10.38 0.41 11.21
C4' GDP B . 10.97 -0.38 12.35
O4' GDP B . 10.64 -1.79 12.17
C3' GDP B . 12.49 -0.34 12.44
O3' GDP B . 12.95 -0.50 13.78
C2' GDP B . 12.91 -1.50 11.55
O2' GDP B . 14.15 -2.05 11.97
C1' GDP B . 11.81 -2.51 11.85
N9 GDP B . 11.50 -3.39 10.72
C8 GDP B . 11.19 -3.01 9.43
N7 GDP B . 10.96 -4.02 8.65
C5 GDP B . 11.12 -5.14 9.45
C6 GDP B . 11.00 -6.52 9.15
O6 GDP B . 10.71 -7.05 8.07
N1 GDP B . 11.24 -7.31 10.27
C2 GDP B . 11.58 -6.84 11.52
N2 GDP B . 11.78 -7.76 12.46
N3 GDP B . 11.70 -5.55 11.81
C4 GDP B . 11.46 -4.77 10.75
H5' GDP B . 10.90 1.35 11.11
H5'' GDP B . 10.51 -0.16 10.29
H4' GDP B . 10.59 0.04 13.28
H3' GDP B . 12.89 0.62 12.10
HO3' GDP B . 12.19 -0.79 14.30
H2' GDP B . 12.92 -1.21 10.50
HO2' GDP B . 14.53 -1.44 12.61
H1' GDP B . 12.04 -3.14 12.71
H8 GDP B . 11.15 -1.99 9.12
HN1 GDP B . 11.18 -8.31 10.16
HN21 GDP B . 12.02 -7.48 13.39
HN22 GDP B . 11.69 -8.75 12.23
C1 MYR A 1 11.46 1.38 -10.67
O1 MYR A 1 11.67 0.17 -10.56
C2 MYR A 1 10.04 1.90 -10.80
C3 MYR A 1 9.39 2.18 -9.46
C4 MYR A 1 8.15 3.04 -9.60
C5 MYR A 1 8.07 4.09 -8.49
C6 MYR A 1 7.68 3.46 -7.17
C7 MYR A 1 6.21 3.07 -7.12
C8 MYR A 1 5.96 1.95 -6.13
C9 MYR A 1 6.48 0.62 -6.63
C10 MYR A 1 5.46 -0.08 -7.52
C11 MYR A 1 5.83 0.02 -9.00
C12 MYR A 1 4.97 1.05 -9.72
C13 MYR A 1 3.90 0.40 -10.56
C14 MYR A 1 2.83 -0.29 -9.76
H21 MYR A 1 9.45 1.17 -11.32
H22 MYR A 1 10.06 2.82 -11.37
H31 MYR A 1 10.10 2.70 -8.82
H32 MYR A 1 9.12 1.25 -8.99
H41 MYR A 1 7.28 2.41 -9.55
H42 MYR A 1 8.18 3.55 -10.56
H51 MYR A 1 7.31 4.82 -8.77
H52 MYR A 1 9.02 4.58 -8.40
H61 MYR A 1 7.88 4.18 -6.37
H62 MYR A 1 8.28 2.58 -7.01
H71 MYR A 1 5.91 2.75 -8.11
H72 MYR A 1 5.64 3.93 -6.84
H81 MYR A 1 4.89 1.87 -5.96
H82 MYR A 1 6.46 2.19 -5.20
H91 MYR A 1 6.71 -0.02 -5.79
H92 MYR A 1 7.38 0.79 -7.22
H101 MYR A 1 4.49 0.38 -7.37
H102 MYR A 1 5.42 -1.13 -7.25
H111 MYR A 1 5.68 -0.94 -9.47
H112 MYR A 1 6.86 0.31 -9.08
H121 MYR A 1 5.61 1.65 -10.35
H122 MYR A 1 4.50 1.69 -8.97
H131 MYR A 1 4.37 -0.33 -11.21
H132 MYR A 1 3.42 1.16 -11.17
H141 MYR A 1 2.16 -0.83 -10.42
H142 MYR A 1 2.26 0.44 -9.20
H143 MYR A 1 3.29 -0.98 -9.06
N GLY A 2 12.42 2.29 -10.68
CA GLY A 2 13.82 1.90 -10.57
C GLY A 2 14.31 1.11 -11.77
N LEU A 3 15.48 0.52 -11.66
CA LEU A 3 16.06 -0.26 -12.74
C LEU A 3 16.25 0.60 -13.98
N PHE A 4 17.47 1.11 -14.17
CA PHE A 4 17.78 1.95 -15.32
C PHE A 4 18.11 1.10 -16.54
N ALA A 5 17.52 1.45 -17.67
CA ALA A 5 17.75 0.72 -18.91
C ALA A 5 17.30 -0.74 -18.78
N SER A 6 16.15 -1.06 -19.35
CA SER A 6 15.62 -2.41 -19.29
C SER A 6 14.54 -2.62 -20.36
N LYS A 7 13.54 -1.74 -20.36
CA LYS A 7 12.45 -1.83 -21.32
C LYS A 7 12.30 -0.51 -22.08
N LEU A 8 11.44 -0.53 -23.09
CA LEU A 8 11.20 0.66 -23.91
C LEU A 8 10.33 1.66 -23.16
N PHE A 9 10.85 2.17 -22.05
CA PHE A 9 10.12 3.14 -21.24
C PHE A 9 8.80 2.55 -20.75
N SER A 10 8.02 3.38 -20.04
CA SER A 10 6.74 2.93 -19.52
C SER A 10 5.64 3.10 -20.56
N ASN A 11 5.05 1.97 -20.96
CA ASN A 11 3.98 1.99 -21.96
C ASN A 11 2.61 2.20 -21.31
N LEU A 12 2.58 2.25 -19.98
CA LEU A 12 1.34 2.43 -19.23
C LEU A 12 0.44 3.48 -19.88
N PHE A 13 -0.53 3.01 -20.68
CA PHE A 13 -1.45 3.90 -21.36
C PHE A 13 -2.89 3.42 -21.18
N GLY A 14 -3.12 2.62 -20.14
CA GLY A 14 -4.45 2.10 -19.87
C GLY A 14 -5.25 3.01 -18.97
N ASN A 15 -4.75 3.24 -17.76
CA ASN A 15 -5.42 4.09 -16.80
C ASN A 15 -4.69 5.42 -16.64
N LYS A 16 -5.25 6.47 -17.26
CA LYS A 16 -4.66 7.82 -17.22
C LYS A 16 -4.02 8.12 -15.87
N GLU A 17 -2.74 7.77 -15.76
CA GLU A 17 -1.99 8.00 -14.54
C GLU A 17 -2.58 7.26 -13.35
N MET A 18 -1.73 6.89 -12.40
CA MET A 18 -2.15 6.19 -11.20
C MET A 18 -1.55 6.84 -9.97
N ARG A 19 -2.11 6.56 -8.79
CA ARG A 19 -1.60 7.14 -7.55
C ARG A 19 -1.79 6.18 -6.38
N ILE A 20 -0.73 5.45 -6.07
CA ILE A 20 -0.78 4.47 -4.98
C ILE A 20 -0.47 5.11 -3.63
N LEU A 21 -1.36 4.88 -2.67
CA LEU A 21 -1.18 5.42 -1.33
C LEU A 21 -0.78 4.30 -0.36
N MET A 22 0.09 4.62 0.60
CA MET A 22 0.53 3.64 1.57
C MET A 22 -0.36 3.65 2.81
N VAL A 23 -1.14 2.59 2.98
CA VAL A 23 -2.03 2.47 4.13
C VAL A 23 -1.70 1.24 4.96
N GLY A 24 -1.79 1.35 6.27
CA GLY A 24 -1.49 0.23 7.14
C GLY A 24 -1.30 0.66 8.58
N LEU A 25 -1.06 -0.31 9.45
CA LEU A 25 -0.86 -0.04 10.88
C LEU A 25 0.38 0.81 11.09
N ASP A 26 0.36 1.64 12.13
CA ASP A 26 1.49 2.50 12.45
C ASP A 26 2.73 1.66 12.76
N GLY A 27 3.90 2.19 12.43
CA GLY A 27 5.14 1.47 12.69
C GLY A 27 5.20 0.12 11.99
N ALA A 28 4.25 -0.13 11.08
CA ALA A 28 4.20 -1.40 10.37
C ALA A 28 5.47 -1.64 9.56
N GLY A 29 6.04 -0.57 9.03
CA GLY A 29 7.26 -0.70 8.24
C GLY A 29 7.25 0.20 7.02
N LYS A 30 6.59 1.34 7.13
CA LYS A 30 6.52 2.29 6.02
C LYS A 30 7.86 2.98 5.86
N THR A 31 8.46 3.37 6.97
CA THR A 31 9.75 4.04 6.96
C THR A 31 10.80 3.21 6.23
N THR A 32 10.73 1.89 6.40
CA THR A 32 11.68 0.99 5.77
C THR A 32 11.50 0.98 4.25
N VAL A 33 10.25 0.79 3.82
CA VAL A 33 9.93 0.76 2.40
C VAL A 33 10.15 2.12 1.76
N LEU A 34 9.85 3.18 2.51
CA LEU A 34 10.02 4.54 2.01
C LEU A 34 11.45 4.75 1.52
N TYR A 35 12.41 4.39 2.35
CA TYR A 35 13.81 4.53 2.01
C TYR A 35 14.14 3.72 0.75
N LYS A 36 13.54 2.53 0.65
CA LYS A 36 13.77 1.66 -0.51
C LYS A 36 13.23 2.31 -1.78
N LEU A 37 12.01 2.84 -1.70
CA LEU A 37 11.38 3.48 -2.85
C LEU A 37 12.02 4.83 -3.14
N LYS A 38 12.84 5.32 -2.20
CA LYS A 38 13.53 6.61 -2.34
C LYS A 38 12.60 7.69 -2.90
N LEU A 39 12.50 7.74 -4.22
CA LEU A 39 11.66 8.71 -4.92
C LEU A 39 12.26 10.12 -4.88
N GLY A 40 13.25 10.33 -4.02
CA GLY A 40 13.87 11.64 -3.91
C GLY A 40 13.57 12.33 -2.59
N GLU A 41 12.51 13.12 -2.58
CA GLU A 41 12.11 13.84 -1.37
C GLU A 41 10.59 13.95 -1.29
N VAL A 42 9.99 13.30 -0.30
CA VAL A 42 8.55 13.32 -0.11
C VAL A 42 8.11 14.56 0.65
N ILE A 43 6.99 15.13 0.24
CA ILE A 43 6.45 16.33 0.89
C ILE A 43 5.54 15.94 2.05
N THR A 44 5.74 16.61 3.18
CA THR A 44 4.94 16.34 4.37
C THR A 44 4.20 17.60 4.82
N THR A 45 2.94 17.44 5.23
CA THR A 45 2.13 18.56 5.67
C THR A 45 1.05 18.10 6.65
N ILE A 46 0.60 19.02 7.50
CA ILE A 46 -0.43 18.72 8.48
C ILE A 46 -1.82 19.10 7.97
N PRO A 47 -2.71 18.12 7.74
CA PRO A 47 -4.06 18.37 7.25
C PRO A 47 -4.96 19.01 8.31
N THR A 48 -4.79 18.60 9.56
CA THR A 48 -5.58 19.12 10.66
C THR A 48 -4.98 18.71 12.00
N ILE A 49 -5.25 19.52 13.03
CA ILE A 49 -4.75 19.26 14.38
C ILE A 49 -3.34 18.65 14.37
N GLY A 50 -3.23 17.34 14.62
CA GLY A 50 -1.94 16.69 14.64
C GLY A 50 -1.87 15.49 13.72
N PHE A 51 -2.05 15.73 12.42
CA PHE A 51 -2.00 14.66 11.43
C PHE A 51 -0.80 14.83 10.50
N ASN A 52 -0.25 13.72 10.05
CA ASN A 52 0.92 13.76 9.16
C ASN A 52 0.67 12.93 7.90
N VAL A 53 0.56 13.62 6.77
CA VAL A 53 0.34 12.96 5.48
C VAL A 53 1.52 13.18 4.55
N GLU A 54 1.85 12.17 3.75
CA GLU A 54 2.96 12.28 2.82
C GLU A 54 2.47 12.15 1.38
N THR A 55 3.17 12.81 0.46
CA THR A 55 2.82 12.77 -0.96
C THR A 55 4.05 13.01 -1.83
N VAL A 56 4.21 12.20 -2.86
CA VAL A 56 5.35 12.32 -3.76
C VAL A 56 4.91 12.35 -5.23
N GLN A 57 5.65 13.10 -6.03
CA GLN A 57 5.35 13.21 -7.45
C GLN A 57 6.50 12.69 -8.31
N TYR A 58 6.23 11.63 -9.06
CA TYR A 58 7.24 11.02 -9.91
C TYR A 58 6.73 10.85 -11.34
N LYS A 59 7.34 11.56 -12.28
CA LYS A 59 6.96 11.50 -13.70
C LYS A 59 5.43 11.51 -13.87
N ASN A 60 4.83 10.33 -13.92
CA ASN A 60 3.38 10.22 -14.09
C ASN A 60 2.78 9.27 -13.05
N ILE A 61 3.21 9.41 -11.82
CA ILE A 61 2.70 8.56 -10.74
C ILE A 61 2.84 9.26 -9.39
N SER A 62 1.79 9.18 -8.57
CA SER A 62 1.79 9.82 -7.26
C SER A 62 1.77 8.77 -6.14
N PHE A 63 2.40 9.11 -5.02
CA PHE A 63 2.46 8.20 -3.87
C PHE A 63 2.24 8.98 -2.58
N THR A 64 1.26 8.54 -1.79
CA THR A 64 0.95 9.21 -0.52
C THR A 64 0.71 8.18 0.58
N VAL A 65 1.34 8.39 1.74
CA VAL A 65 1.19 7.48 2.86
C VAL A 65 0.24 8.03 3.93
N TRP A 66 -0.43 7.13 4.64
CA TRP A 66 -1.37 7.50 5.68
C TRP A 66 -1.71 6.30 6.56
N ASP A 67 -1.49 6.43 7.87
CA ASP A 67 -1.76 5.35 8.81
C ASP A 67 -3.23 4.93 8.75
N VAL A 68 -3.57 3.85 9.46
CA VAL A 68 -4.93 3.34 9.47
C VAL A 68 -5.92 4.37 10.03
N GLY A 69 -5.57 4.94 11.18
CA GLY A 69 -6.44 5.94 11.79
C GLY A 69 -7.37 5.32 12.83
N GLY A 70 -7.79 4.09 12.58
CA GLY A 70 -8.67 3.38 13.51
C GLY A 70 -10.06 3.99 13.60
N GLN A 71 -10.20 5.26 13.24
CA GLN A 71 -11.49 5.94 13.30
C GLN A 71 -11.38 7.35 12.71
N ASP A 72 -10.22 7.97 12.86
CA ASP A 72 -9.99 9.32 12.34
C ASP A 72 -10.75 10.35 13.18
N ARG A 73 -10.75 11.59 12.70
CA ARG A 73 -11.44 12.68 13.39
C ARG A 73 -12.55 13.25 12.54
N ILE A 74 -12.17 13.90 11.44
CA ILE A 74 -13.14 14.50 10.53
C ILE A 74 -12.96 13.99 9.10
N ARG A 75 -14.00 14.12 8.29
CA ARG A 75 -13.96 13.67 6.90
C ARG A 75 -14.02 14.86 5.95
N SER A 76 -12.96 15.04 5.15
CA SER A 76 -12.90 16.14 4.19
C SER A 76 -11.54 16.16 3.48
N LEU A 77 -10.46 16.08 4.24
CA LEU A 77 -9.11 16.12 3.68
C LEU A 77 -8.69 14.74 3.17
N TRP A 78 -8.79 13.73 4.03
CA TRP A 78 -8.41 12.37 3.66
C TRP A 78 -9.42 11.77 2.69
N ARG A 79 -10.62 12.31 2.67
CA ARG A 79 -11.67 11.83 1.78
C ARG A 79 -11.45 12.34 0.35
N HIS A 80 -11.30 13.65 0.22
CA HIS A 80 -11.09 14.28 -1.08
C HIS A 80 -9.89 13.64 -1.77
N TYR A 81 -8.78 13.51 -1.05
CA TYR A 81 -7.57 12.91 -1.60
C TYR A 81 -7.81 11.45 -1.96
N TYR A 82 -8.66 10.78 -1.19
CA TYR A 82 -8.94 9.37 -1.40
C TYR A 82 -9.42 9.10 -2.83
N ARG A 83 -10.42 9.85 -3.29
CA ARG A 83 -10.93 9.65 -4.64
C ARG A 83 -9.83 9.91 -5.67
N ASN A 84 -9.14 11.03 -5.51
CA ASN A 84 -8.08 11.42 -6.44
C ASN A 84 -7.01 10.33 -6.58
N THR A 85 -6.85 9.52 -5.55
CA THR A 85 -5.87 8.44 -5.60
C THR A 85 -6.29 7.39 -6.62
N GLU A 86 -5.32 6.83 -7.34
CA GLU A 86 -5.61 5.81 -8.34
C GLU A 86 -4.97 4.47 -7.97
N GLY A 87 -4.39 4.40 -6.77
CA GLY A 87 -3.75 3.18 -6.32
C GLY A 87 -3.94 2.93 -4.84
N VAL A 88 -3.82 1.68 -4.42
CA VAL A 88 -4.00 1.34 -3.02
C VAL A 88 -3.11 0.17 -2.61
N ILE A 89 -2.05 0.47 -1.87
CA ILE A 89 -1.14 -0.57 -1.40
C ILE A 89 -1.21 -0.67 0.13
N PHE A 90 -1.71 -1.79 0.61
CA PHE A 90 -1.86 -2.01 2.05
C PHE A 90 -0.74 -2.88 2.59
N VAL A 91 -0.16 -2.46 3.71
CA VAL A 91 0.91 -3.21 4.35
C VAL A 91 0.57 -3.46 5.82
N VAL A 92 0.44 -4.72 6.18
CA VAL A 92 0.12 -5.10 7.55
C VAL A 92 1.30 -5.78 8.23
N ASP A 93 1.28 -5.79 9.56
CA ASP A 93 2.36 -6.41 10.33
C ASP A 93 2.16 -7.92 10.40
N SER A 94 3.12 -8.66 9.86
CA SER A 94 3.05 -10.11 9.84
C SER A 94 3.31 -10.70 11.23
N ASN A 95 3.80 -9.88 12.15
CA ASN A 95 4.08 -10.34 13.50
C ASN A 95 3.13 -9.70 14.51
N ASP A 96 2.15 -8.94 14.00
CA ASP A 96 1.18 -8.27 14.87
C ASP A 96 -0.24 -8.79 14.59
N ARG A 97 -0.46 -10.06 14.90
CA ARG A 97 -1.77 -10.68 14.72
C ARG A 97 -2.81 -10.02 15.61
N SER A 98 -2.39 -9.69 16.83
CA SER A 98 -3.26 -9.05 17.81
C SER A 98 -3.94 -7.82 17.23
N ARG A 99 -3.32 -7.22 16.20
CA ARG A 99 -3.89 -6.03 15.57
C ARG A 99 -4.41 -6.33 14.17
N ILE A 100 -4.29 -7.59 13.74
CA ILE A 100 -4.75 -8.00 12.42
C ILE A 100 -6.22 -7.63 12.22
N GLY A 101 -7.01 -7.73 13.28
CA GLY A 101 -8.40 -7.36 13.19
C GLY A 101 -8.53 -5.87 13.02
N GLU A 102 -7.64 -5.14 13.68
CA GLU A 102 -7.63 -3.69 13.60
C GLU A 102 -7.22 -3.25 12.21
N ALA A 103 -6.31 -4.02 11.62
CA ALA A 103 -5.83 -3.74 10.27
C ALA A 103 -6.88 -4.10 9.24
N ARG A 104 -7.50 -5.28 9.39
CA ARG A 104 -8.51 -5.72 8.45
C ARG A 104 -9.75 -4.83 8.49
N GLU A 105 -10.12 -4.37 9.68
CA GLU A 105 -11.29 -3.51 9.83
C GLU A 105 -11.09 -2.17 9.12
N VAL A 106 -9.90 -1.60 9.28
CA VAL A 106 -9.58 -0.33 8.65
C VAL A 106 -9.47 -0.51 7.14
N MET A 107 -8.87 -1.61 6.72
CA MET A 107 -8.71 -1.91 5.29
C MET A 107 -10.06 -2.21 4.64
N GLN A 108 -10.88 -2.99 5.34
CA GLN A 108 -12.20 -3.38 4.85
C GLN A 108 -13.16 -2.21 4.87
N ARG A 109 -13.15 -1.46 5.97
CA ARG A 109 -14.03 -0.30 6.11
C ARG A 109 -13.74 0.72 5.02
N MET A 110 -12.46 0.94 4.76
CA MET A 110 -12.05 1.89 3.73
C MET A 110 -12.41 1.38 2.34
N LEU A 111 -12.41 0.06 2.18
CA LEU A 111 -12.74 -0.56 0.90
C LEU A 111 -14.22 -0.37 0.56
N ASN A 112 -15.00 0.04 1.55
CA ASN A 112 -16.44 0.24 1.35
C ASN A 112 -16.73 1.56 0.62
N GLU A 113 -15.68 2.22 0.13
CA GLU A 113 -15.84 3.47 -0.59
C GLU A 113 -16.25 3.22 -2.04
N ASP A 114 -17.49 3.57 -2.36
CA ASP A 114 -18.01 3.37 -3.72
C ASP A 114 -17.10 4.04 -4.75
N GLU A 115 -16.49 5.15 -4.38
CA GLU A 115 -15.60 5.89 -5.26
C GLU A 115 -14.27 5.15 -5.43
N LEU A 116 -14.04 4.15 -4.59
CA LEU A 116 -12.81 3.37 -4.65
C LEU A 116 -13.10 1.93 -5.09
N ARG A 117 -14.35 1.67 -5.49
CA ARG A 117 -14.75 0.33 -5.93
C ARG A 117 -13.91 -0.15 -7.10
N ASN A 118 -13.28 0.77 -7.82
CA ASN A 118 -12.45 0.39 -8.97
C ASN A 118 -10.96 0.55 -8.65
N ALA A 119 -10.63 0.50 -7.37
CA ALA A 119 -9.24 0.62 -6.94
C ALA A 119 -8.56 -0.74 -6.79
N ALA A 120 -7.31 -0.82 -7.25
CA ALA A 120 -6.55 -2.04 -7.15
C ALA A 120 -5.80 -2.10 -5.83
N TRP A 121 -6.14 -3.07 -4.99
CA TRP A 121 -5.51 -3.20 -3.68
C TRP A 121 -4.52 -4.36 -3.65
N LEU A 122 -3.44 -4.18 -2.89
CA LEU A 122 -2.42 -5.21 -2.77
C LEU A 122 -1.87 -5.24 -1.35
N VAL A 123 -2.05 -6.37 -0.68
CA VAL A 123 -1.58 -6.52 0.69
C VAL A 123 -0.14 -7.01 0.72
N PHE A 124 0.62 -6.50 1.67
CA PHE A 124 2.01 -6.89 1.81
C PHE A 124 2.29 -7.31 3.25
N ALA A 125 2.90 -8.47 3.41
CA ALA A 125 3.26 -8.97 4.72
C ALA A 125 4.68 -8.54 5.05
N ASN A 126 4.85 -7.78 6.12
CA ASN A 126 6.18 -7.31 6.48
C ASN A 126 6.63 -7.90 7.82
N LYS A 127 7.61 -8.79 7.73
CA LYS A 127 8.21 -9.47 8.89
C LYS A 127 8.32 -10.97 8.65
N GLN A 128 8.52 -11.36 7.40
CA GLN A 128 8.63 -12.78 7.07
C GLN A 128 9.96 -13.34 7.53
N ASP A 129 10.88 -12.47 7.92
CA ASP A 129 12.19 -12.90 8.39
C ASP A 129 12.10 -13.43 9.82
N LEU A 130 11.07 -12.99 10.54
CA LEU A 130 10.85 -13.42 11.92
C LEU A 130 10.43 -14.89 11.96
N PRO A 131 11.06 -15.71 12.83
CA PRO A 131 10.74 -17.14 12.95
C PRO A 131 9.39 -17.39 13.61
N GLU A 132 8.77 -16.32 14.11
CA GLU A 132 7.47 -16.43 14.77
C GLU A 132 6.42 -15.58 14.07
N ALA A 133 6.79 -15.03 12.91
CA ALA A 133 5.88 -14.20 12.15
C ALA A 133 4.88 -15.04 11.35
N MET A 134 3.68 -14.50 11.15
CA MET A 134 2.65 -15.21 10.41
C MET A 134 2.89 -15.13 8.91
N SER A 135 2.43 -16.15 8.19
CA SER A 135 2.59 -16.20 6.75
C SER A 135 1.51 -15.38 6.06
N ALA A 136 1.80 -14.86 4.88
CA ALA A 136 0.84 -14.07 4.14
C ALA A 136 -0.46 -14.85 3.92
N ALA A 137 -0.32 -16.16 3.76
CA ALA A 137 -1.48 -17.02 3.53
C ALA A 137 -2.37 -17.08 4.77
N GLU A 138 -1.77 -17.35 5.92
CA GLU A 138 -2.54 -17.42 7.17
C GLU A 138 -3.01 -16.03 7.55
N ILE A 139 -2.21 -15.03 7.22
CA ILE A 139 -2.54 -13.65 7.51
C ILE A 139 -3.75 -13.22 6.68
N THR A 140 -3.74 -13.58 5.39
CA THR A 140 -4.85 -13.23 4.50
C THR A 140 -6.15 -13.78 5.03
N GLU A 141 -6.11 -14.98 5.60
CA GLU A 141 -7.32 -15.59 6.14
C GLU A 141 -7.73 -14.91 7.44
N LYS A 142 -6.73 -14.49 8.21
CA LYS A 142 -6.98 -13.82 9.48
C LYS A 142 -7.58 -12.43 9.27
N LEU A 143 -7.07 -11.71 8.27
CA LEU A 143 -7.56 -10.37 7.99
C LEU A 143 -8.79 -10.40 7.07
N GLY A 144 -9.26 -11.61 6.75
CA GLY A 144 -10.42 -11.74 5.90
C GLY A 144 -10.13 -11.38 4.46
N LEU A 145 -8.85 -11.43 4.07
CA LEU A 145 -8.44 -11.14 2.71
C LEU A 145 -9.12 -12.09 1.75
N HIS A 146 -9.44 -13.28 2.26
CA HIS A 146 -10.11 -14.30 1.46
C HIS A 146 -11.59 -13.96 1.30
N SER A 147 -12.11 -13.19 2.25
CA SER A 147 -13.50 -12.77 2.22
C SER A 147 -13.77 -11.83 1.05
N ILE A 148 -12.71 -11.41 0.36
CA ILE A 148 -12.85 -10.52 -0.78
C ILE A 148 -12.86 -11.30 -2.10
N ARG A 149 -13.80 -10.96 -2.96
CA ARG A 149 -13.93 -11.62 -4.26
C ARG A 149 -12.55 -11.75 -4.93
N ASN A 150 -12.47 -12.57 -5.97
CA ASN A 150 -11.21 -12.79 -6.68
C ASN A 150 -10.98 -11.73 -7.76
N ARG A 151 -9.81 -11.08 -7.69
CA ARG A 151 -9.38 -10.02 -8.63
C ARG A 151 -9.07 -8.71 -7.89
N PRO A 152 -9.96 -8.28 -6.98
CA PRO A 152 -9.79 -7.04 -6.23
C PRO A 152 -8.36 -6.78 -5.77
N TRP A 153 -7.81 -7.68 -4.96
CA TRP A 153 -6.45 -7.48 -4.45
C TRP A 153 -5.63 -8.77 -4.44
N PHE A 154 -4.35 -8.63 -4.07
CA PHE A 154 -3.44 -9.76 -3.99
C PHE A 154 -2.61 -9.71 -2.70
N ILE A 155 -2.11 -10.85 -2.26
CA ILE A 155 -1.31 -10.93 -1.04
C ILE A 155 0.12 -11.41 -1.34
N GLN A 156 1.09 -10.86 -0.60
CA GLN A 156 2.49 -11.22 -0.77
C GLN A 156 3.26 -11.12 0.55
N ALA A 157 3.98 -12.19 0.89
CA ALA A 157 4.78 -12.22 2.11
C ALA A 157 6.17 -11.66 1.86
N THR A 158 6.67 -10.83 2.77
CA THR A 158 8.00 -10.25 2.62
C THR A 158 8.67 -9.96 3.95
N CYS A 159 9.93 -9.54 3.87
CA CYS A 159 10.69 -9.16 5.04
C CYS A 159 11.33 -7.81 4.75
N ALA A 160 10.84 -6.78 5.42
CA ALA A 160 11.33 -5.42 5.20
C ALA A 160 12.81 -5.23 5.53
N THR A 161 13.33 -6.02 6.46
CA THR A 161 14.72 -5.88 6.88
C THR A 161 15.73 -6.38 5.84
N SER A 162 15.58 -7.62 5.41
CA SER A 162 16.50 -8.21 4.43
C SER A 162 16.15 -7.82 3.01
N GLY A 163 14.97 -7.21 2.83
CA GLY A 163 14.52 -6.81 1.52
C GLY A 163 14.06 -7.99 0.69
N GLU A 164 14.03 -9.17 1.31
CA GLU A 164 13.60 -10.39 0.61
C GLU A 164 12.10 -10.40 0.46
N GLY A 165 11.64 -10.36 -0.79
CA GLY A 165 10.22 -10.35 -1.05
C GLY A 165 9.73 -8.97 -1.43
N LEU A 166 10.46 -7.94 -1.03
CA LEU A 166 10.08 -6.57 -1.33
C LEU A 166 10.22 -6.29 -2.82
N TYR A 167 11.35 -6.70 -3.40
CA TYR A 167 11.59 -6.51 -4.82
C TYR A 167 10.62 -7.32 -5.66
N GLU A 168 10.49 -8.60 -5.33
CA GLU A 168 9.60 -9.50 -6.05
C GLU A 168 8.13 -9.08 -5.89
N GLY A 169 7.81 -8.45 -4.77
CA GLY A 169 6.45 -8.02 -4.52
C GLY A 169 6.08 -6.81 -5.36
N LEU A 170 6.97 -5.83 -5.40
CA LEU A 170 6.73 -4.63 -6.18
C LEU A 170 6.82 -4.95 -7.66
N GLU A 171 7.85 -5.69 -8.05
CA GLU A 171 8.04 -6.09 -9.44
C GLU A 171 6.76 -6.75 -9.95
N TRP A 172 6.23 -7.67 -9.15
CA TRP A 172 5.01 -8.38 -9.51
C TRP A 172 3.84 -7.39 -9.61
N LEU A 173 3.75 -6.53 -8.61
CA LEU A 173 2.69 -5.52 -8.57
C LEU A 173 2.76 -4.63 -9.80
N SER A 174 3.97 -4.33 -10.25
CA SER A 174 4.16 -3.49 -11.43
C SER A 174 3.54 -4.12 -12.66
N ASN A 175 3.72 -5.43 -12.82
CA ASN A 175 3.17 -6.15 -13.96
C ASN A 175 1.65 -6.03 -14.02
N SER A 176 1.00 -6.24 -12.89
CA SER A 176 -0.45 -6.16 -12.81
C SER A 176 -0.93 -4.75 -13.10
N LEU A 177 -0.18 -3.76 -12.64
CA LEU A 177 -0.51 -2.36 -12.87
C LEU A 177 -0.08 -1.92 -14.27
N LYS A 178 0.93 -2.61 -14.81
CA LYS A 178 1.45 -2.30 -16.14
C LYS A 178 0.70 -3.06 -17.23
N ASN A 179 0.89 -4.37 -17.25
CA ASN A 179 0.24 -5.22 -18.25
C ASN A 179 0.77 -4.92 -19.65
N SER A 180 0.25 -3.86 -20.26
CA SER A 180 0.67 -3.47 -21.60
C SER A 180 -0.07 -2.21 -22.06
N THR A 181 -1.32 -2.40 -22.49
CA THR A 181 -2.13 -1.29 -22.96
C THR A 181 -3.56 -1.38 -22.41
PB GDP B . 6.43 3.01 10.09
O1B GDP B . 5.19 2.29 9.39
O2B GDP B . 7.30 3.84 9.05
O3B GDP B . 5.98 3.90 11.34
O3A GDP B . 7.37 1.85 10.66
PA GDP B . 8.97 1.95 10.53
O1A GDP B . 9.42 3.43 10.89
O2A GDP B . 9.41 1.46 9.08
O5' GDP B . 9.54 0.95 11.62
C5' GDP B . 9.48 -0.46 11.43
C4' GDP B . 9.74 -1.18 12.74
O4' GDP B . 9.40 -2.57 12.58
C3' GDP B . 11.20 -1.20 13.18
O3' GDP B . 11.31 -1.35 14.59
C2' GDP B . 11.77 -2.39 12.41
O2' GDP B . 12.82 -2.99 13.13
C1' GDP B . 10.57 -3.34 12.42
N9 GDP B . 10.45 -4.12 11.18
C8 GDP B . 10.10 -3.65 9.94
N7 GDP B . 10.07 -4.56 9.03
C5 GDP B . 10.41 -5.73 9.70
C6 GDP B . 10.54 -7.06 9.23
O6 GDP B . 10.38 -7.49 8.09
N1 GDP B . 10.90 -7.93 10.25
C2 GDP B . 11.12 -7.57 11.55
N2 GDP B . 11.48 -8.56 12.39
N3 GDP B . 11.01 -6.34 12.01
C4 GDP B . 10.65 -5.47 11.04
H5' GDP B . 10.22 -0.77 10.69
H5'' GDP B . 8.48 -0.74 11.07
H4' GDP B . 9.18 -0.66 13.52
H3' GDP B . 11.70 -0.26 12.94
HO3' GDP B . 12.23 -1.55 14.78
H2' GDP B . 12.05 -2.10 11.40
HO2' GDP B . 12.84 -2.60 14.01
H1' GDP B . 10.61 -4.05 13.26
H8 GDP B . 9.89 -2.60 9.75
HN1 GDP B . 11.02 -8.90 10.02
HN21 GDP B . 11.65 -8.37 13.36
HN22 GDP B . 11.56 -9.51 12.04
#